data_8ZOD
#
_entry.id   8ZOD
#
_cell.length_a   1.00
_cell.length_b   1.00
_cell.length_c   1.00
_cell.angle_alpha   90.00
_cell.angle_beta   90.00
_cell.angle_gamma   90.00
#
_symmetry.space_group_name_H-M   'P 1'
#
loop_
_entity.id
_entity.type
_entity.pdbx_description
1 polymer VCPI-5
2 polymer VCPI-4
3 polymer VCPI-3
4 polymer VCPI-2
5 polymer VCPI-1
6 polymer 'Photosystem I P700 chlorophyll a apoprotein A1'
7 polymer 'Photosystem I P700 chlorophyll a apoprotein A2'
8 polymer 'Photosystem I reaction center subunit II'
9 polymer 'Photosystem I reaction center subunit IV'
10 polymer 'Photosystem I reaction center subunit III'
11 polymer 'Photosystem I reaction center subunit VIII'
12 polymer 'Photosystem I reaction center subunit IX'
13 polymer 'PSI subunit V'
14 polymer PsaM
15 polymer PsaS
16 polymer 'Photosystem I iron-sulfur center'
17 non-polymer "(3S,5R,6S,3'S,5'R,6'S)-5,6,5',6'-DIEPOXY-5,6,5',6'- TETRAHYDRO-BETA,BETA-CAROTENE-3,3'-DIOL"
18 non-polymer (1~{R},3~{S})-6-[(3~{E},5~{E},7~{E},9~{E},11~{E},13~{E},15~{Z},17~{E})-16-(hydroxymethyl)-3,7,12-trimethyl-18-[(1~{S},4~{S},6~{R})-2,2,6-trimethyl-4-oxidanyl-7-oxabicyclo[4.1.0]heptan-1-yl]octadeca-1,3,5,7,9,11,13,15,17-nonaenylidene]-1,5,5-trimethyl-cyclohexane-1,3-diol
19 non-polymer 'CHLOROPHYLL A'
20 non-polymer 1,2-DI-O-ACYL-3-O-[6-DEOXY-6-SULFO-ALPHA-D-GLUCOPYRANOSYL]-SN-GLYCEROL
21 non-polymer 'DIGALACTOSYL DIACYL GLYCEROL (DGDG)'
22 non-polymer 1,2-DISTEAROYL-MONOGALACTOSYL-DIGLYCERIDE
23 non-polymer '[(2~{Z},4~{E},6~{E},8~{E},10~{E},12~{E},14~{E})-17-[(4~{S},6~{R})-4-acetyloxy-2,2,6-trimethyl-6-oxidanyl-cyclohexylidene]-6,11,15-trimethyl-2-[(~{E})-2-[(1~{S},4~{S},6~{R})-2,2,6-trimethyl-4-oxidanyl-7-oxabicyclo[4.1.0]heptan-1-yl]ethenyl]heptadeca-2,4,6,8,10,12,14,16-octaenyl] octanoate'
24 non-polymer PHYLLOQUINONE
25 non-polymer 1,2-DIPALMITOYL-PHOSPHATIDYL-GLYCEROLE
26 non-polymer BETA-CAROTENE
27 non-polymer 'IRON/SULFUR CLUSTER'
#
loop_
_entity_poly.entity_id
_entity_poly.type
_entity_poly.pdbx_seq_one_letter_code
_entity_poly.pdbx_strand_id
1 'polypeptide(L)'
;MFRKLALALLCSSAVAFQVPAPLTRGSVRLHAEGKPAAPPAAAPPAAAPAAAAPAAAAPAAAAVKPPPPPPPPKVFSKSV
PFLLKPAGLDGMVGDVGFDPLGFATFIDIRWLREAELKNGRVAMLAFLGFIVQEFIRLPGDLYSEPNGVKAFFQVGPQPL
LQIFLFCGFLEFNMHKGKLTQVDMFEDGKREPGNFGFDPLGFGKDPAKRERYALAELKNGRLAMIAIGGLVHHALVTGHA
TFSS
;
5
2 'polypeptide(L)'
;MKLLSFACLLGAATAFVPSMPTTTRTRGAVRMMAEKSKAVPFLPRPAALDGSVVGDVGFDPVGFTSWLPLSYLQEAEIKH
CRIAMLATLGWIVADFVHLPGAVHEVSSLAAHDVAVKSGALAQILIWTSIAEAISVIAISQMLEGSGRQPGDFKFDPLNF
AKDEKSLKKMQLSELKNGRLAMLAFSGIVTQAALTGHAFPYM
;
4
3 'polypeptide(L)'
;MKISFALAALLPCAAAFVAPAIPSVTSSTGTAAARGRTVMMAERSKSLPFLMKPKNLDGSMAGDVGFDPLGLSEINDVGV
DLYWLREAELKHCRLGMMAAAGILFVEILGPAPGFPAGKSQMDVFWKVYAEKPSLIGASLAAIAILEVISGVATTQGRQN
GDRAPGDYNFDPLGFGKDPAKFKDLQLKEVKNGRLAMIAAAGMILQGVSTHQGALENLSG
;
3
4 'polypeptide(L)'
;MRSITIVLAATAALSSAFVMPSTPKAPATQLSVKSKAVPFLEAPKALDGSLPADVGFDPLGLSDIGFDFTYLMVPTKWDE
SRTGLSALKWFREAEIKHGRFAMLAVLGWVAVDMGLRLPVAKYAGYNAVQAHDVFVKSGDMTVGLLAIGFLEVVMGAAIY
EMSKGSDRAAGEFSFDPLGLGKDPSKYARYQVSEIKNGRLAMLAFGGIATQAVLTNSGFPYYQ
;
2
5 'polypeptide(L)'
;MVGIHKTLLVAAVTMASVSAFVPPAPAAPRTRGVMKMGLDGMIGSSAPFKNFDPLGFAAKADQKTLNKYRESELKHGRVA
MLAVLGWIVQEFWHPLYDGKLSSNPLKALTEVPLIGWAQIFVAINVIEYLQNKIKELPGYRPGDYLGTWEWVEQSDEGWD
SYQTKELNNGRLAMVAIAGLIVQDLITGQAALEQITAGNTGVFSGLGK
;
1
6 'polypeptide(L)'
;MSTTRKSTIVDFNPVETSFEKWAKPGQFSRTLAKGPKTTTWIWNLHADAHDFDIQTNSLQEVSRKIFSAHFGQLAVIFLW
LSGMHFHGAYFSNYSAWLTNPTSTKPSAQIVWPIVGQEVLNADVGGNFQGIQITSGFFQLWRAEGITSEVELYWTAVGGL
VASFLMLFAGWFHYHKAAPKLEWFQNVESMLNHHLAGLLGLGSLSWAGHQIHIALPINKLLDLGVSPEEIPLPYEFILNR
DLIAQLYPSFNKGLTPFFTLNWGEYSDFLTFKGGLNPVTGGLWLTDTAHHHLAIAVLFIVAGHMYKTNWFLGHSIKTILE
AHKGPFTGEGHKGLYEVLTTSWHAQLAINLALFGSLSIIVAHHMYAMPPYPYIAIDYPTQLSLFTHHVWIGGFCIVGGAA
HGAIFFVRDYNAANNYNNLIDRVIRHRDAIISHLNWVCIFLGCHSFGLYVHNDTMRALGRSQDLFSDNAIALKPIFAQFI
QNLHTLAPGSTAPNALTTVSYAFGGDVISVGSKIAMMPISLGTADFLVHHIHAFTIHVTVLILLKGVLYSRNSRLIPDKA
NLGFRFPCDGPGRGGTCQVSAWDHVFLGLFWMYNSISIVIFHFSWKMQSDVWGTVSPTGAVSHITGGNFAQSSITINGWL
RDFLWSQAAQVVQSYGSSLSAYGLIFLGAHFIWAFSLMFLFSGRGYWQELIESIVWAHNKLKVAPSIQPRALSITQGRAV
GVAHYLLGGIGTTWAFFLARIISVG
;
a
7 'polypeptide(L)'
;MVYKFPKFSKALAEDPSTRRIWYGIATAHDFESHDAMTESKLYQKIFASHFGHIAIIFLWTAGNLFHVAWQGNFEAWILN
PLKVRPIAHAIWDPHFGQAAYKAFLKTSSPANLALSGVYEWWYTIGMRTNNDLYQGSFFLILLSSLLLFAGWLHLQPSFR
PSLDWFKANEYRLNHHLSGLFGVSSLAWTGHLVHVAIPESRGIHVGWDNFLTVLPHPEGLTPFFSGNWKAYAQNPDTASH
IFGSGEGSGTAILTFLGGFHPQTKSLWLTDMAHHHLAIAVLFIVAGHMYRTNWLIGHQMKLILEAHRPPGGRLGIGHIGL
YETITNSLHFQLGLALAALGVATSLTAQHMYALPPYAFLASNFPTQAALYTHHQYIAGFLMVGAFAHGAIFFVRDYDPAV
NTRNGEKNVLARMLEHKEAIISHLSWVSLFLGFHTLGIYVHNDVVVAFGQPEKQILVEPLFAEWIQAASGKTLYNFDLLL
ASSNSPASVASSQLWLPGWLSAINDGKNSLFLPIGPGDFLVHHAIALGLHTTTLILVKGALDARGSKLMPDKKDFGYSFP
CDGPGRGGTCDISAWDAFYLAMFWMLNTIGWVTFYWHWKHLTLWQGNQVQFNESSNYIMGWLRDYLWLNSSPLINGYNPF
GMNSLSVWAWMFLFGHLVWATGFMFLISWRGYWQELIETIVWAHERTPLANLVRWKDKPVALSIVQARLVGLAHFTIGYV
LTYAAFVIASTIGKLGY
;
b
8 'polypeptide(L)'
;MNLKLKQSDFPKFEGSTGGWLSAAKNEEKYVIIWTSKDASLFEMPTGGTAKMNAGNNVAYFARKEQCLALGSQLRGFKIT
NYKIFRIYPPLDITLLHPFDGVFPEKVNQGRSPVGKRDASIGGNPNPASLKFQSNT
;
d
9 'polypeptide(L)' MIQKGSTVRILRKESYWYNESGTVVVVDQSKVRYPVLVRFTKVNYAGTNTNNFGLNEVEEVVTKKSS e
10 'polypeptide(L)'
;MTKIVKFAFLPLLTFLGLPMISNADIGGLNPCKDSEVFQKRLAKTVKKLENRLKKYEEGTPPQIAIQQQITQTKQRFTRY
ADSNLLCGNDGLPHLITDGRWSHGSEFLLPSILFLYISGWIGWVGRKYIRTVGQTSNPTEKEIIIDVPLAISIMTSGFLW
PFAAWQEFLSGDLIASDETITTSPK
;
f
11 'polypeptide(L)' MSLDLLPSFFVPLVGLVLPLFSIIGLFLYIEKENREVFDPTTYKF i
12 'polypeptide(L)' MKDFLKYLSTAPVLLTAWLTFTAGFVIEINRFYPDALTFPF j
13 'polypeptide(L)'
;MVSFIKPYRQDPFVGHLATPITTSAFTRAYLKVLPAYRPGLTPLSRGAEIGFTHGYFLIGPFYTYGPLRSVEFSLTSLAA
GLLAAITLLLILTVGLSIYGQVTYDVYDNALIVKLVRQMVGSERTQDLPQIKGTSELDTVLGWQKFSEGFFSGGLIGSIV
AAVGIALYSTYL
;
l
14 'polypeptide(L)' MIYDSQVYIALVIAVVASVLAIRLGATLYN m
15 'polypeptide(L)'
;(UNK)(UNK)(UNK)(UNK)(UNK)(UNK)(UNK)(UNK)(UNK)(UNK)(UNK)(UNK)(UNK)(UNK)(UNK)(UNK)
(UNK)(UNK)(UNK)(UNK)(UNK)(UNK)(UNK)(UNK)(UNK)(UNK)(UNK)(UNK)(UNK)(UNK)(UNK)(UNK)
(UNK)(UNK)(UNK)(UNK)(UNK)(UNK)(UNK)(UNK)(UNK)(UNK)(UNK)(UNK)(UNK)(UNK)(UNK)(UNK)
(UNK)(UNK)(UNK)(UNK)(UNK)(UNK)(UNK)
;
g
16 'polypeptide(L)'
;MSHTVKIYDTCIGCTQCVRACPTDVLEMVPWDGCKAGQIASAPRTEDCVGCKRCETACPTDFLSVRVYLGGETTRSLGLA
Y
;
c
#
# COMPACT_ATOMS: atom_id res chain seq x y z
N LYS A 74 15.78 49.18 -31.94
CA LYS A 74 14.40 48.78 -31.74
C LYS A 74 13.45 49.88 -32.23
N VAL A 75 12.29 49.47 -32.73
CA VAL A 75 11.36 50.41 -33.36
C VAL A 75 10.39 51.00 -32.34
N PHE A 76 9.76 50.14 -31.53
CA PHE A 76 8.75 50.51 -30.55
C PHE A 76 7.45 50.92 -31.24
N SER A 77 6.32 50.54 -30.66
CA SER A 77 5.03 50.77 -31.30
C SER A 77 4.66 52.25 -31.30
N LYS A 78 3.82 52.63 -32.26
CA LYS A 78 3.34 54.01 -32.35
C LYS A 78 2.18 54.25 -31.40
N SER A 79 1.30 53.26 -31.24
CA SER A 79 0.19 53.41 -30.30
C SER A 79 0.68 53.29 -28.86
N VAL A 80 1.24 52.14 -28.51
CA VAL A 80 1.80 51.92 -27.18
C VAL A 80 3.29 52.22 -27.26
N PRO A 81 3.72 53.44 -26.90
CA PRO A 81 5.11 53.84 -27.21
C PRO A 81 6.17 53.14 -26.38
N PHE A 82 5.80 52.52 -25.26
CA PHE A 82 6.76 51.83 -24.42
C PHE A 82 6.86 50.34 -24.73
N LEU A 83 6.21 49.88 -25.80
CA LEU A 83 6.23 48.49 -26.20
C LEU A 83 6.84 48.35 -27.58
N LEU A 84 7.50 47.22 -27.81
CA LEU A 84 8.08 46.94 -29.12
C LEU A 84 6.99 46.80 -30.16
N LYS A 85 7.34 47.13 -31.40
CA LYS A 85 6.37 47.09 -32.49
C LYS A 85 5.91 45.66 -32.73
N PRO A 86 4.60 45.38 -32.69
CA PRO A 86 4.13 44.03 -32.95
C PRO A 86 4.35 43.62 -34.39
N ALA A 87 4.46 42.31 -34.60
CA ALA A 87 4.72 41.74 -35.92
C ALA A 87 3.43 41.24 -36.56
N GLY A 88 3.46 41.16 -37.89
CA GLY A 88 2.35 40.63 -38.65
C GLY A 88 1.25 41.61 -39.00
N LEU A 89 1.38 42.88 -38.63
CA LEU A 89 0.36 43.88 -38.91
C LEU A 89 0.73 44.80 -40.07
N ASP A 90 1.87 44.56 -40.74
CA ASP A 90 2.48 45.58 -41.59
C ASP A 90 1.51 46.06 -42.67
N GLY A 91 1.12 45.19 -43.57
CA GLY A 91 0.30 45.60 -44.70
C GLY A 91 -1.18 45.60 -44.42
N MET A 92 -1.65 46.43 -43.49
CA MET A 92 -3.04 46.46 -43.11
C MET A 92 -3.55 47.90 -43.18
N VAL A 93 -4.87 48.06 -43.11
CA VAL A 93 -5.52 49.34 -43.31
C VAL A 93 -5.95 49.97 -41.98
N GLY A 94 -5.46 49.44 -40.86
CA GLY A 94 -5.75 50.04 -39.58
C GLY A 94 -4.55 49.98 -38.64
N ASP A 95 -3.38 49.74 -39.22
CA ASP A 95 -2.17 49.53 -38.42
C ASP A 95 -1.80 50.80 -37.67
N VAL A 96 -1.95 50.77 -36.35
CA VAL A 96 -1.33 51.74 -35.47
C VAL A 96 -0.36 51.07 -34.52
N GLY A 97 -0.01 49.81 -34.77
CA GLY A 97 0.90 49.08 -33.91
C GLY A 97 0.30 48.65 -32.60
N PHE A 98 -1.02 48.48 -32.53
CA PHE A 98 -1.71 48.13 -31.30
C PHE A 98 -1.90 46.62 -31.24
N ASP A 99 -1.01 45.94 -30.54
CA ASP A 99 -1.15 44.53 -30.23
C ASP A 99 -0.25 44.16 -29.06
N PRO A 100 -0.52 44.70 -27.86
CA PRO A 100 0.36 44.37 -26.71
C PRO A 100 0.39 42.90 -26.36
N LEU A 101 -0.74 42.21 -26.52
CA LEU A 101 -0.80 40.79 -26.19
C LEU A 101 -0.34 39.89 -27.32
N GLY A 102 -0.01 40.47 -28.48
CA GLY A 102 0.51 39.68 -29.59
C GLY A 102 -0.47 38.65 -30.12
N PHE A 103 -1.75 39.00 -30.20
CA PHE A 103 -2.75 38.08 -30.73
C PHE A 103 -2.50 37.74 -32.19
N ALA A 104 -1.84 38.62 -32.93
CA ALA A 104 -1.53 38.35 -34.34
C ALA A 104 -0.40 37.35 -34.51
N THR A 105 0.31 36.98 -33.44
CA THR A 105 1.42 36.04 -33.57
C THR A 105 0.95 34.60 -33.55
N PHE A 106 -0.03 34.28 -32.70
CA PHE A 106 -0.53 32.91 -32.60
C PHE A 106 -1.92 32.74 -33.22
N ILE A 107 -2.44 33.78 -33.87
CA ILE A 107 -3.68 33.68 -34.65
C ILE A 107 -3.44 34.35 -36.00
N ASP A 108 -3.99 33.76 -37.04
CA ASP A 108 -3.81 34.30 -38.39
C ASP A 108 -4.34 35.73 -38.47
N ILE A 109 -3.52 36.62 -39.03
CA ILE A 109 -3.91 38.03 -39.09
C ILE A 109 -5.09 38.23 -40.05
N ARG A 110 -5.15 37.45 -41.13
CA ARG A 110 -6.29 37.55 -42.04
C ARG A 110 -7.59 37.16 -41.34
N TRP A 111 -7.56 36.06 -40.58
CA TRP A 111 -8.74 35.66 -39.83
C TRP A 111 -9.10 36.70 -38.78
N LEU A 112 -8.08 37.29 -38.14
CA LEU A 112 -8.34 38.31 -37.13
C LEU A 112 -9.01 39.53 -37.75
N ARG A 113 -8.56 39.95 -38.93
CA ARG A 113 -9.20 41.10 -39.58
C ARG A 113 -10.61 40.75 -40.03
N GLU A 114 -10.81 39.54 -40.57
CA GLU A 114 -12.15 39.13 -40.96
C GLU A 114 -13.09 39.16 -39.76
N ALA A 115 -12.63 38.63 -38.63
CA ALA A 115 -13.44 38.61 -37.42
C ALA A 115 -13.70 40.02 -36.89
N GLU A 116 -12.68 40.89 -36.92
CA GLU A 116 -12.87 42.26 -36.48
C GLU A 116 -13.89 42.98 -37.34
N LEU A 117 -13.79 42.82 -38.66
CA LEU A 117 -14.72 43.49 -39.56
C LEU A 117 -16.13 42.96 -39.37
N LYS A 118 -16.29 41.64 -39.24
CA LYS A 118 -17.64 41.09 -39.07
C LYS A 118 -18.24 41.53 -37.73
N ASN A 119 -17.45 41.46 -36.66
CA ASN A 119 -17.95 41.92 -35.36
C ASN A 119 -18.31 43.39 -35.41
N GLY A 120 -17.50 44.21 -36.07
CA GLY A 120 -17.81 45.62 -36.18
C GLY A 120 -19.09 45.88 -36.95
N ARG A 121 -19.25 45.22 -38.10
CA ARG A 121 -20.45 45.42 -38.90
C ARG A 121 -21.70 44.97 -38.14
N VAL A 122 -21.62 43.82 -37.47
CA VAL A 122 -22.75 43.33 -36.69
C VAL A 122 -23.07 44.31 -35.56
N ALA A 123 -22.04 44.84 -34.92
CA ALA A 123 -22.27 45.80 -33.83
C ALA A 123 -22.89 47.09 -34.33
N MET A 124 -22.45 47.59 -35.49
CA MET A 124 -23.06 48.78 -36.07
C MET A 124 -24.53 48.54 -36.40
N LEU A 125 -24.83 47.41 -37.05
CA LEU A 125 -26.23 47.12 -37.36
C LEU A 125 -27.05 46.98 -36.09
N ALA A 126 -26.47 46.40 -35.04
CA ALA A 126 -27.21 46.18 -33.81
C ALA A 126 -27.44 47.48 -33.05
N PHE A 127 -26.46 48.40 -33.09
CA PHE A 127 -26.66 49.71 -32.47
C PHE A 127 -27.75 50.50 -33.19
N LEU A 128 -27.70 50.50 -34.52
CA LEU A 128 -28.78 51.13 -35.29
C LEU A 128 -30.12 50.46 -34.98
N GLY A 129 -30.10 49.14 -34.79
CA GLY A 129 -31.31 48.43 -34.44
C GLY A 129 -31.88 48.88 -33.10
N PHE A 130 -31.00 49.05 -32.10
CA PHE A 130 -31.46 49.62 -30.82
C PHE A 130 -32.15 50.94 -31.04
N ILE A 131 -31.46 51.87 -31.70
CA ILE A 131 -31.97 53.24 -31.77
C ILE A 131 -33.29 53.27 -32.52
N VAL A 132 -33.40 52.47 -33.59
CA VAL A 132 -34.65 52.43 -34.35
C VAL A 132 -35.75 51.72 -33.57
N GLN A 133 -35.41 50.62 -32.89
CA GLN A 133 -36.41 49.83 -32.17
C GLN A 133 -37.06 50.66 -31.07
N GLU A 134 -36.27 51.39 -30.29
CA GLU A 134 -36.86 52.18 -29.23
C GLU A 134 -37.70 53.32 -29.79
N PHE A 135 -37.38 53.79 -31.00
CA PHE A 135 -38.11 54.88 -31.64
C PHE A 135 -39.31 54.38 -32.45
N ILE A 136 -39.07 53.53 -33.45
CA ILE A 136 -40.08 53.24 -34.47
C ILE A 136 -40.94 52.04 -34.10
N ARG A 137 -40.32 50.87 -33.98
CA ARG A 137 -41.01 49.60 -33.72
C ARG A 137 -41.96 49.23 -34.86
N LEU A 138 -42.43 47.97 -34.86
CA LEU A 138 -43.36 47.44 -35.84
C LEU A 138 -44.76 47.33 -35.24
N PRO A 139 -45.80 47.38 -36.06
CA PRO A 139 -47.15 47.12 -35.55
C PRO A 139 -47.28 45.68 -35.06
N GLY A 140 -48.10 45.51 -34.03
CA GLY A 140 -48.32 44.19 -33.46
C GLY A 140 -48.03 44.13 -31.97
N ASP A 141 -48.66 43.19 -31.27
CA ASP A 141 -48.45 43.06 -29.83
C ASP A 141 -47.04 42.58 -29.50
N LEU A 142 -46.50 41.67 -30.32
CA LEU A 142 -45.16 41.15 -30.07
C LEU A 142 -44.11 42.24 -30.16
N TYR A 143 -44.22 43.11 -31.16
CA TYR A 143 -43.22 44.14 -31.42
C TYR A 143 -43.63 45.45 -30.77
N SER A 144 -43.64 45.45 -29.44
CA SER A 144 -44.10 46.61 -28.68
C SER A 144 -43.23 46.89 -27.47
N GLU A 145 -41.96 46.49 -27.51
CA GLU A 145 -41.07 46.73 -26.38
C GLU A 145 -39.99 47.74 -26.76
N PRO A 146 -39.99 48.95 -26.20
CA PRO A 146 -38.91 49.90 -26.50
C PRO A 146 -37.54 49.43 -26.04
N ASN A 147 -37.47 48.51 -25.07
CA ASN A 147 -36.21 48.00 -24.56
C ASN A 147 -35.76 46.81 -25.39
N GLY A 148 -34.54 46.89 -25.93
CA GLY A 148 -34.05 45.81 -26.78
C GLY A 148 -33.89 44.50 -26.02
N VAL A 149 -33.38 44.56 -24.80
CA VAL A 149 -33.16 43.35 -24.02
C VAL A 149 -34.48 42.65 -23.73
N LYS A 150 -35.50 43.42 -23.32
CA LYS A 150 -36.81 42.83 -23.08
C LYS A 150 -37.50 42.45 -24.39
N ALA A 151 -37.22 43.17 -25.47
CA ALA A 151 -37.75 42.79 -26.77
C ALA A 151 -37.19 41.45 -27.23
N PHE A 152 -35.97 41.12 -26.84
CA PHE A 152 -35.40 39.82 -27.17
C PHE A 152 -36.24 38.68 -26.59
N PHE A 153 -36.87 38.91 -25.44
CA PHE A 153 -37.69 37.88 -24.80
C PHE A 153 -39.14 37.94 -25.22
N GLN A 154 -39.69 39.14 -25.38
CA GLN A 154 -41.09 39.27 -25.76
C GLN A 154 -41.34 38.74 -27.16
N VAL A 155 -40.39 38.96 -28.07
CA VAL A 155 -40.58 38.57 -29.46
C VAL A 155 -40.75 37.07 -29.62
N GLY A 156 -40.26 36.29 -28.66
CA GLY A 156 -40.39 34.85 -28.72
C GLY A 156 -39.27 34.20 -29.50
N PRO A 157 -39.21 32.87 -29.48
CA PRO A 157 -38.11 32.17 -30.15
C PRO A 157 -38.30 32.06 -31.66
N GLN A 158 -39.54 32.05 -32.12
CA GLN A 158 -39.81 31.86 -33.54
C GLN A 158 -39.21 32.96 -34.41
N PRO A 159 -39.43 34.25 -34.13
CA PRO A 159 -38.76 35.28 -34.96
C PRO A 159 -37.25 35.27 -34.84
N LEU A 160 -36.72 34.95 -33.66
CA LEU A 160 -35.27 34.95 -33.48
C LEU A 160 -34.61 33.79 -34.22
N LEU A 161 -35.22 32.61 -34.18
CA LEU A 161 -34.65 31.46 -34.86
C LEU A 161 -34.63 31.65 -36.37
N GLN A 162 -35.62 32.36 -36.92
CA GLN A 162 -35.59 32.68 -38.34
C GLN A 162 -34.43 33.60 -38.68
N ILE A 163 -34.15 34.58 -37.81
CA ILE A 163 -32.98 35.43 -38.01
C ILE A 163 -31.71 34.61 -37.93
N PHE A 164 -31.65 33.67 -36.98
CA PHE A 164 -30.48 32.80 -36.86
C PHE A 164 -30.25 31.99 -38.12
N LEU A 165 -31.32 31.39 -38.66
CA LEU A 165 -31.19 30.58 -39.86
C LEU A 165 -30.85 31.42 -41.08
N PHE A 166 -31.42 32.62 -41.18
CA PHE A 166 -31.09 33.50 -42.30
C PHE A 166 -29.64 33.95 -42.23
N CYS A 167 -29.15 34.27 -41.03
CA CYS A 167 -27.75 34.63 -40.87
C CYS A 167 -26.85 33.46 -41.21
N GLY A 168 -27.27 32.23 -40.87
CA GLY A 168 -26.51 31.07 -41.27
C GLY A 168 -26.45 30.87 -42.77
N PHE A 169 -27.59 31.04 -43.44
CA PHE A 169 -27.63 30.97 -44.90
C PHE A 169 -26.70 32.02 -45.51
N LEU A 170 -26.75 33.24 -44.98
CA LEU A 170 -25.86 34.29 -45.46
C LEU A 170 -24.40 33.89 -45.25
N GLU A 171 -24.06 33.39 -44.06
CA GLU A 171 -22.68 32.99 -43.79
C GLU A 171 -22.21 31.94 -44.78
N PHE A 172 -23.04 30.92 -45.03
CA PHE A 172 -22.67 29.87 -45.96
C PHE A 172 -22.44 30.42 -47.36
N ASN A 173 -23.37 31.23 -47.87
CA ASN A 173 -23.28 31.64 -49.28
C ASN A 173 -22.22 32.72 -49.49
N MET A 174 -21.97 33.58 -48.49
CA MET A 174 -20.99 34.65 -48.66
C MET A 174 -19.56 34.13 -48.61
N HIS A 175 -19.27 33.14 -47.77
CA HIS A 175 -17.94 32.56 -47.73
C HIS A 175 -17.78 31.37 -48.65
N LYS A 176 -18.86 30.94 -49.31
CA LYS A 176 -18.82 29.86 -50.30
C LYS A 176 -18.24 28.58 -49.71
N GLY A 177 -18.88 28.12 -48.64
CA GLY A 177 -18.51 26.86 -48.01
C GLY A 177 -17.41 26.91 -46.97
N LYS A 178 -16.27 27.52 -47.30
CA LYS A 178 -15.14 27.60 -46.39
C LYS A 178 -15.48 28.60 -45.29
N LEU A 179 -15.90 28.09 -44.13
CA LEU A 179 -16.39 28.94 -43.05
C LEU A 179 -15.52 28.92 -41.79
N THR A 180 -14.56 28.01 -41.70
CA THR A 180 -13.83 27.81 -40.45
C THR A 180 -12.47 28.48 -40.51
N GLN A 181 -11.81 28.52 -39.34
CA GLN A 181 -10.51 29.16 -39.25
C GLN A 181 -9.46 28.43 -40.07
N VAL A 182 -9.55 27.10 -40.14
CA VAL A 182 -8.57 26.33 -40.89
C VAL A 182 -8.93 26.28 -42.38
N ASP A 183 -10.22 26.37 -42.72
CA ASP A 183 -10.63 26.27 -44.11
C ASP A 183 -10.52 27.60 -44.83
N MET A 184 -10.97 28.68 -44.20
CA MET A 184 -10.84 30.00 -44.79
C MET A 184 -9.37 30.39 -44.88
N PHE A 185 -9.01 31.10 -45.94
CA PHE A 185 -7.64 31.55 -46.20
C PHE A 185 -6.67 30.40 -46.40
N GLU A 186 -7.17 29.17 -46.55
CA GLU A 186 -6.28 28.05 -46.84
C GLU A 186 -5.66 28.19 -48.22
N ASP A 187 -6.45 28.63 -49.20
CA ASP A 187 -5.96 28.86 -50.56
C ASP A 187 -5.55 30.30 -50.79
N GLY A 188 -5.63 31.17 -49.79
CA GLY A 188 -5.36 32.58 -50.02
C GLY A 188 -6.44 33.21 -50.87
N LYS A 189 -6.00 34.09 -51.78
CA LYS A 189 -6.85 34.80 -52.74
C LYS A 189 -8.16 35.28 -52.13
N ARG A 190 -8.08 35.81 -50.91
CA ARG A 190 -9.27 36.25 -50.19
C ARG A 190 -8.88 37.41 -49.28
N GLU A 191 -9.16 38.63 -49.72
CA GLU A 191 -8.87 39.80 -48.91
C GLU A 191 -9.77 39.79 -47.69
N PRO A 192 -9.23 39.95 -46.48
CA PRO A 192 -10.05 39.86 -45.27
C PRO A 192 -11.17 40.90 -45.28
N GLY A 193 -12.40 40.42 -45.11
CA GLY A 193 -13.57 41.27 -45.10
C GLY A 193 -14.11 41.65 -46.46
N ASN A 194 -13.52 41.14 -47.55
CA ASN A 194 -13.90 41.52 -48.91
C ASN A 194 -14.92 40.52 -49.45
N PHE A 195 -16.19 40.84 -49.27
CA PHE A 195 -17.28 40.05 -49.84
C PHE A 195 -17.67 40.52 -51.24
N GLY A 196 -17.07 41.58 -51.74
CA GLY A 196 -17.48 42.12 -53.02
C GLY A 196 -18.78 42.87 -53.00
N PHE A 197 -19.34 43.11 -51.81
CA PHE A 197 -20.64 43.77 -51.69
C PHE A 197 -20.48 45.26 -51.88
N ASP A 198 -20.95 45.77 -53.02
CA ASP A 198 -20.87 47.18 -53.34
C ASP A 198 -21.87 47.54 -54.43
N PRO A 199 -23.18 47.42 -54.16
CA PRO A 199 -24.15 47.72 -55.23
C PRO A 199 -24.25 49.20 -55.55
N LEU A 200 -24.16 50.07 -54.54
CA LEU A 200 -24.29 51.51 -54.78
C LEU A 200 -23.06 52.10 -55.44
N GLY A 201 -21.98 51.35 -55.56
CA GLY A 201 -20.82 51.79 -56.29
C GLY A 201 -19.84 52.67 -55.53
N PHE A 202 -20.07 52.90 -54.24
CA PHE A 202 -19.13 53.67 -53.44
C PHE A 202 -17.84 52.87 -53.28
N GLY A 203 -16.73 53.38 -53.80
CA GLY A 203 -15.48 52.67 -53.69
C GLY A 203 -14.81 52.40 -55.02
N LYS A 204 -15.38 52.93 -56.11
CA LYS A 204 -14.73 52.80 -57.41
C LYS A 204 -13.41 53.54 -57.43
N ASP A 205 -13.36 54.73 -56.84
CA ASP A 205 -12.11 55.49 -56.78
C ASP A 205 -11.20 54.88 -55.73
N PRO A 206 -9.99 54.44 -56.09
CA PRO A 206 -9.10 53.83 -55.09
C PRO A 206 -8.52 54.84 -54.11
N ALA A 207 -8.55 56.13 -54.42
CA ALA A 207 -7.98 57.14 -53.53
C ALA A 207 -8.75 57.19 -52.20
N LYS A 208 -10.07 57.21 -52.27
CA LYS A 208 -10.91 57.24 -51.08
C LYS A 208 -11.18 55.86 -50.51
N ARG A 209 -10.74 54.80 -51.18
CA ARG A 209 -11.00 53.45 -50.71
C ARG A 209 -10.31 53.16 -49.38
N GLU A 210 -9.05 53.59 -49.25
CA GLU A 210 -8.33 53.38 -48.00
C GLU A 210 -8.97 54.15 -46.86
N ARG A 211 -9.38 55.39 -47.11
CA ARG A 211 -10.05 56.18 -46.09
C ARG A 211 -11.37 55.52 -45.69
N TYR A 212 -12.12 55.00 -46.66
CA TYR A 212 -13.37 54.32 -46.34
C TYR A 212 -13.12 53.07 -45.51
N ALA A 213 -12.07 52.32 -45.82
CA ALA A 213 -11.74 51.13 -45.04
C ALA A 213 -11.38 51.49 -43.61
N LEU A 214 -10.56 52.53 -43.44
CA LEU A 214 -10.20 52.95 -42.08
C LEU A 214 -11.42 53.46 -41.32
N ALA A 215 -12.29 54.21 -41.99
CA ALA A 215 -13.51 54.69 -41.35
C ALA A 215 -14.40 53.54 -40.93
N GLU A 216 -14.53 52.53 -41.79
CA GLU A 216 -15.34 51.36 -41.44
C GLU A 216 -14.76 50.64 -40.23
N LEU A 217 -13.43 50.49 -40.19
CA LEU A 217 -12.82 49.81 -39.06
C LEU A 217 -13.05 50.58 -37.75
N LYS A 218 -12.82 51.90 -37.78
CA LYS A 218 -12.99 52.71 -36.58
C LYS A 218 -14.44 52.73 -36.12
N ASN A 219 -15.37 52.85 -37.07
CA ASN A 219 -16.78 52.84 -36.73
C ASN A 219 -17.20 51.48 -36.16
N GLY A 220 -16.65 50.40 -36.71
CA GLY A 220 -16.94 49.08 -36.17
C GLY A 220 -16.47 48.91 -34.75
N ARG A 221 -15.24 49.37 -34.45
CA ARG A 221 -14.73 49.26 -33.08
C ARG A 221 -15.57 50.12 -32.12
N LEU A 222 -15.86 51.35 -32.53
CA LEU A 222 -16.71 52.22 -31.70
C LEU A 222 -18.07 51.60 -31.48
N ALA A 223 -18.61 50.91 -32.50
CA ALA A 223 -19.92 50.30 -32.38
C ALA A 223 -19.87 49.05 -31.51
N MET A 224 -18.76 48.33 -31.49
CA MET A 224 -18.62 47.23 -30.53
C MET A 224 -18.68 47.77 -29.10
N ILE A 225 -17.91 48.83 -28.83
CA ILE A 225 -17.95 49.41 -27.50
C ILE A 225 -19.35 49.92 -27.16
N ALA A 226 -19.99 50.58 -28.11
CA ALA A 226 -21.32 51.15 -27.88
C ALA A 226 -22.39 50.07 -27.76
N ILE A 227 -22.25 48.97 -28.49
CA ILE A 227 -23.24 47.90 -28.39
C ILE A 227 -23.16 47.26 -27.01
N GLY A 228 -21.95 47.04 -26.51
CA GLY A 228 -21.83 46.59 -25.13
C GLY A 228 -22.42 47.59 -24.15
N GLY A 229 -22.15 48.87 -24.37
CA GLY A 229 -22.67 49.89 -23.46
C GLY A 229 -24.18 49.91 -23.42
N LEU A 230 -24.82 49.88 -24.59
CA LEU A 230 -26.27 49.93 -24.64
C LEU A 230 -26.90 48.69 -24.01
N VAL A 231 -26.34 47.51 -24.33
CA VAL A 231 -26.89 46.28 -23.77
C VAL A 231 -26.79 46.31 -22.25
N HIS A 232 -25.66 46.77 -21.72
CA HIS A 232 -25.50 46.76 -20.27
C HIS A 232 -26.27 47.88 -19.59
N HIS A 233 -26.52 49.00 -20.29
CA HIS A 233 -27.42 50.01 -19.75
C HIS A 233 -28.83 49.45 -19.60
N ALA A 234 -29.30 48.72 -20.61
CA ALA A 234 -30.63 48.13 -20.52
C ALA A 234 -30.72 47.12 -19.40
N LEU A 235 -29.61 46.45 -19.07
CA LEU A 235 -29.62 45.44 -18.02
C LEU A 235 -29.63 46.06 -16.63
N VAL A 236 -28.90 47.17 -16.43
CA VAL A 236 -28.80 47.76 -15.10
C VAL A 236 -29.93 48.73 -14.79
N THR A 237 -30.63 49.24 -15.81
CA THR A 237 -31.74 50.16 -15.61
C THR A 237 -33.07 49.52 -15.97
N GLY A 238 -33.21 49.01 -17.19
CA GLY A 238 -34.37 48.26 -17.61
C GLY A 238 -35.35 49.02 -18.48
N HIS A 239 -35.27 50.35 -18.52
CA HIS A 239 -36.29 51.10 -19.26
C HIS A 239 -35.98 51.16 -20.76
N ALA A 240 -34.91 51.84 -21.14
CA ALA A 240 -34.57 52.09 -22.54
C ALA A 240 -33.20 52.76 -22.59
N THR A 241 -32.79 53.18 -23.78
CA THR A 241 -31.58 53.96 -23.97
C THR A 241 -31.86 55.47 -24.00
N PHE A 242 -32.90 55.88 -24.72
CA PHE A 242 -33.24 57.30 -24.87
C PHE A 242 -32.09 58.09 -25.48
N GLU B 35 33.66 49.63 -3.40
CA GLU B 35 33.96 49.44 -1.99
C GLU B 35 33.50 50.64 -1.17
N LYS B 36 33.02 50.39 0.04
CA LYS B 36 32.61 51.43 0.98
C LYS B 36 31.50 52.30 0.38
N SER B 37 30.34 51.68 0.22
CA SER B 37 29.17 52.32 -0.37
C SER B 37 28.91 53.68 0.27
N LYS B 38 28.32 54.59 -0.51
CA LYS B 38 28.15 55.96 -0.08
C LYS B 38 27.21 56.06 1.12
N ALA B 39 26.05 55.40 1.04
CA ALA B 39 25.06 55.49 2.10
C ALA B 39 25.63 54.95 3.40
N VAL B 40 25.91 53.65 3.46
CA VAL B 40 26.49 53.06 4.65
C VAL B 40 28.01 53.04 4.46
N PRO B 41 28.74 53.98 5.06
CA PRO B 41 30.18 54.08 4.74
C PRO B 41 31.01 52.92 5.24
N PHE B 42 30.52 52.15 6.21
CA PHE B 42 31.26 51.00 6.72
C PHE B 42 30.86 49.68 6.06
N LEU B 43 29.88 49.72 5.15
CA LEU B 43 29.50 48.53 4.42
C LEU B 43 30.10 48.56 3.02
N PRO B 44 30.42 47.39 2.45
CA PRO B 44 30.92 47.36 1.08
C PRO B 44 29.85 47.77 0.09
N ARG B 45 30.31 48.24 -1.07
CA ARG B 45 29.39 48.58 -2.14
C ARG B 45 28.61 47.34 -2.56
N PRO B 46 27.30 47.47 -2.81
CA PRO B 46 26.48 46.28 -3.08
C PRO B 46 26.88 45.48 -4.31
N ALA B 47 27.90 45.94 -5.04
CA ALA B 47 28.52 45.27 -6.17
C ALA B 47 27.60 45.17 -7.39
N ALA B 48 26.36 45.62 -7.29
CA ALA B 48 25.45 45.68 -8.43
C ALA B 48 24.98 47.09 -8.73
N LEU B 49 25.33 48.07 -7.89
CA LEU B 49 24.92 49.45 -8.04
C LEU B 49 26.19 50.30 -8.05
N ASP B 50 26.80 50.48 -9.22
CA ASP B 50 28.06 51.21 -9.25
C ASP B 50 27.83 52.73 -9.24
N GLY B 51 27.37 53.29 -10.35
CA GLY B 51 26.86 54.64 -10.35
C GLY B 51 25.74 54.92 -11.32
N SER B 52 25.46 53.97 -12.22
CA SER B 52 24.67 54.26 -13.41
C SER B 52 23.18 53.99 -13.22
N VAL B 53 22.63 54.48 -12.12
CA VAL B 53 21.19 54.43 -11.86
C VAL B 53 20.82 55.70 -11.11
N VAL B 54 19.66 56.27 -11.46
CA VAL B 54 19.17 57.44 -10.75
C VAL B 54 18.78 57.04 -9.33
N GLY B 55 19.14 57.88 -8.36
CA GLY B 55 18.89 57.57 -6.96
C GLY B 55 19.68 56.38 -6.45
N ASP B 56 20.96 56.31 -6.79
CA ASP B 56 21.84 55.19 -6.42
C ASP B 56 22.88 55.71 -5.43
N VAL B 57 22.57 55.61 -4.15
CA VAL B 57 23.51 55.93 -3.10
C VAL B 57 24.17 54.68 -2.53
N GLY B 58 24.07 53.56 -3.23
CA GLY B 58 24.65 52.31 -2.77
C GLY B 58 24.02 51.75 -1.52
N PHE B 59 22.68 51.82 -1.42
CA PHE B 59 21.97 51.33 -0.25
C PHE B 59 21.34 49.99 -0.57
N ASP B 60 22.03 48.91 -0.20
CA ASP B 60 21.49 47.56 -0.27
C ASP B 60 22.23 46.68 0.72
N PRO B 61 22.06 46.92 2.03
CA PRO B 61 22.82 46.13 3.02
C PRO B 61 22.54 44.64 2.96
N VAL B 62 21.30 44.24 2.69
CA VAL B 62 20.93 42.82 2.73
C VAL B 62 21.05 42.22 1.34
N GLY B 63 21.62 42.98 0.40
CA GLY B 63 21.95 42.45 -0.91
C GLY B 63 20.79 41.91 -1.72
N PHE B 64 19.70 42.66 -1.79
CA PHE B 64 18.58 42.24 -2.62
C PHE B 64 18.95 42.21 -4.10
N THR B 65 19.86 43.09 -4.52
CA THR B 65 20.29 43.15 -5.91
C THR B 65 21.25 42.01 -6.28
N SER B 66 21.72 41.23 -5.30
CA SER B 66 22.67 40.16 -5.59
C SER B 66 21.99 38.92 -6.17
N TRP B 67 20.67 38.80 -6.03
CA TRP B 67 19.95 37.63 -6.56
C TRP B 67 18.67 38.01 -7.29
N LEU B 68 18.43 39.30 -7.52
CA LEU B 68 17.29 39.75 -8.30
C LEU B 68 17.74 40.73 -9.36
N PRO B 69 17.06 40.76 -10.51
CA PRO B 69 17.44 41.72 -11.55
C PRO B 69 17.30 43.15 -11.07
N LEU B 70 18.25 43.99 -11.46
CA LEU B 70 18.21 45.39 -11.04
C LEU B 70 17.03 46.12 -11.70
N SER B 71 16.76 45.83 -12.96
CA SER B 71 15.64 46.48 -13.64
C SER B 71 14.32 46.11 -12.99
N TYR B 72 14.17 44.86 -12.58
CA TYR B 72 12.94 44.42 -11.92
C TYR B 72 12.72 45.18 -10.62
N LEU B 73 13.77 45.28 -9.80
CA LEU B 73 13.65 46.00 -8.53
C LEU B 73 13.39 47.48 -8.76
N GLN B 74 14.04 48.08 -9.76
CA GLN B 74 13.80 49.49 -10.07
C GLN B 74 12.35 49.72 -10.48
N GLU B 75 11.81 48.83 -11.33
CA GLU B 75 10.42 48.96 -11.74
C GLU B 75 9.49 48.83 -10.55
N ALA B 76 9.76 47.86 -9.66
CA ALA B 76 8.93 47.69 -8.48
C ALA B 76 8.98 48.92 -7.58
N GLU B 77 10.17 49.49 -7.39
CA GLU B 77 10.31 50.67 -6.54
C GLU B 77 9.56 51.86 -7.13
N ILE B 78 9.68 52.07 -8.45
CA ILE B 78 9.02 53.21 -9.07
C ILE B 78 7.51 53.04 -9.04
N LYS B 79 7.02 51.80 -9.27
CA LYS B 79 5.59 51.54 -9.17
C LYS B 79 5.08 51.82 -7.76
N HIS B 80 5.82 51.37 -6.75
CA HIS B 80 5.43 51.65 -5.37
C HIS B 80 5.43 53.16 -5.10
N CYS B 81 6.43 53.86 -5.62
CA CYS B 81 6.52 55.30 -5.41
C CYS B 81 5.28 56.00 -5.96
N ARG B 82 4.92 55.70 -7.22
CA ARG B 82 3.78 56.35 -7.83
C ARG B 82 2.48 55.98 -7.13
N ILE B 83 2.30 54.70 -6.82
CA ILE B 83 1.07 54.25 -6.17
C ILE B 83 0.91 54.93 -4.82
N ALA B 84 1.99 54.99 -4.04
CA ALA B 84 1.89 55.56 -2.71
C ALA B 84 1.76 57.08 -2.74
N MET B 85 2.33 57.73 -3.75
CA MET B 85 2.11 59.17 -3.88
C MET B 85 0.63 59.45 -4.14
N LEU B 86 0.05 58.74 -5.10
CA LEU B 86 -1.38 58.90 -5.36
C LEU B 86 -2.19 58.56 -4.12
N ALA B 87 -1.80 57.52 -3.38
CA ALA B 87 -2.55 57.09 -2.22
C ALA B 87 -2.49 58.10 -1.08
N THR B 88 -1.31 58.66 -0.82
CA THR B 88 -1.18 59.66 0.23
C THR B 88 -2.00 60.90 -0.12
N LEU B 89 -1.88 61.38 -1.36
CA LEU B 89 -2.66 62.55 -1.76
C LEU B 89 -4.15 62.26 -1.65
N GLY B 90 -4.58 61.08 -2.08
CA GLY B 90 -5.99 60.75 -2.02
C GLY B 90 -6.52 60.61 -0.60
N TRP B 91 -5.75 59.96 0.27
CA TRP B 91 -6.15 59.84 1.67
C TRP B 91 -6.32 61.21 2.30
N ILE B 92 -5.31 62.08 2.14
CA ILE B 92 -5.37 63.41 2.76
C ILE B 92 -6.52 64.22 2.17
N VAL B 93 -6.70 64.18 0.85
CA VAL B 93 -7.74 65.00 0.22
C VAL B 93 -9.13 64.49 0.59
N ALA B 94 -9.35 63.18 0.49
CA ALA B 94 -10.65 62.61 0.81
C ALA B 94 -11.00 62.76 2.28
N ASP B 95 -10.09 63.07 3.15
CA ASP B 95 -10.50 63.32 4.52
C ASP B 95 -10.92 64.76 4.61
N PHE B 96 -10.70 65.53 3.57
CA PHE B 96 -11.17 66.91 3.55
C PHE B 96 -12.37 67.08 2.62
N VAL B 97 -12.23 66.70 1.36
CA VAL B 97 -13.25 66.92 0.35
C VAL B 97 -13.90 65.59 0.02
N HIS B 98 -15.23 65.57 -0.06
CA HIS B 98 -15.98 64.37 -0.36
C HIS B 98 -16.75 64.57 -1.66
N LEU B 99 -16.82 63.51 -2.47
CA LEU B 99 -17.67 63.53 -3.65
C LEU B 99 -19.13 63.60 -3.22
N PRO B 100 -20.00 64.20 -4.04
CA PRO B 100 -21.43 64.24 -3.69
C PRO B 100 -21.99 62.84 -3.55
N GLY B 101 -22.87 62.67 -2.56
CA GLY B 101 -23.45 61.37 -2.29
C GLY B 101 -23.24 60.91 -0.86
N ALA B 102 -24.16 60.07 -0.37
CA ALA B 102 -24.06 59.59 1.01
C ALA B 102 -22.96 58.55 1.18
N VAL B 103 -22.63 57.81 0.10
CA VAL B 103 -21.62 56.77 0.21
C VAL B 103 -20.24 57.38 0.42
N HIS B 104 -20.00 58.59 -0.07
CA HIS B 104 -18.71 59.25 0.04
C HIS B 104 -18.57 60.08 1.31
N GLU B 105 -19.35 59.78 2.34
CA GLU B 105 -19.37 60.55 3.58
C GLU B 105 -18.74 59.77 4.73
N VAL B 106 -17.65 59.06 4.45
CA VAL B 106 -16.92 58.29 5.45
C VAL B 106 -15.47 58.72 5.43
N SER B 107 -14.78 58.44 6.54
CA SER B 107 -13.36 58.73 6.62
C SER B 107 -12.58 57.76 5.73
N SER B 108 -11.36 58.19 5.34
CA SER B 108 -10.53 57.35 4.48
C SER B 108 -10.20 56.02 5.15
N LEU B 109 -10.14 55.99 6.49
CA LEU B 109 -9.87 54.75 7.19
C LEU B 109 -11.00 53.75 6.98
N ALA B 110 -12.24 54.21 7.02
CA ALA B 110 -13.40 53.36 6.83
C ALA B 110 -13.91 53.36 5.39
N ALA B 111 -13.23 54.07 4.49
CA ALA B 111 -13.71 54.17 3.12
C ALA B 111 -13.51 52.89 2.33
N HIS B 112 -12.58 52.01 2.75
CA HIS B 112 -12.33 50.80 1.98
C HIS B 112 -13.53 49.86 2.00
N ASP B 113 -14.13 49.65 3.17
CA ASP B 113 -15.26 48.73 3.26
C ASP B 113 -16.51 49.31 2.61
N VAL B 114 -16.64 50.64 2.56
CA VAL B 114 -17.78 51.26 1.90
C VAL B 114 -17.59 51.24 0.38
N ALA B 115 -16.39 51.60 -0.09
CA ALA B 115 -16.15 51.65 -1.52
C ALA B 115 -16.19 50.26 -2.16
N VAL B 116 -15.72 49.24 -1.45
CA VAL B 116 -15.78 47.88 -2.00
C VAL B 116 -17.21 47.40 -2.11
N LYS B 117 -18.08 47.80 -1.17
CA LYS B 117 -19.48 47.38 -1.23
C LYS B 117 -20.22 48.10 -2.35
N SER B 118 -19.95 49.39 -2.52
CA SER B 118 -20.61 50.16 -3.58
C SER B 118 -20.09 49.82 -4.97
N GLY B 119 -19.01 49.07 -5.07
CA GLY B 119 -18.40 48.79 -6.36
C GLY B 119 -17.47 49.86 -6.88
N ALA B 120 -17.19 50.89 -6.08
CA ALA B 120 -16.28 51.93 -6.51
C ALA B 120 -14.87 51.39 -6.72
N LEU B 121 -14.41 50.54 -5.81
CA LEU B 121 -13.08 49.96 -5.95
C LEU B 121 -13.02 48.89 -7.03
N ALA B 122 -14.17 48.37 -7.46
CA ALA B 122 -14.17 47.39 -8.53
C ALA B 122 -13.72 48.01 -9.84
N GLN B 123 -14.17 49.24 -10.13
CA GLN B 123 -13.74 49.91 -11.35
C GLN B 123 -12.25 50.17 -11.35
N ILE B 124 -11.73 50.65 -10.22
CA ILE B 124 -10.30 50.88 -10.09
C ILE B 124 -9.54 49.57 -10.26
N LEU B 125 -10.07 48.48 -9.69
CA LEU B 125 -9.44 47.19 -9.85
C LEU B 125 -9.41 46.75 -11.30
N ILE B 126 -10.50 46.95 -12.03
CA ILE B 126 -10.57 46.53 -13.44
C ILE B 126 -9.53 47.29 -14.26
N TRP B 127 -9.52 48.62 -14.14
CA TRP B 127 -8.62 49.40 -14.97
C TRP B 127 -7.17 49.23 -14.54
N THR B 128 -6.92 49.08 -13.24
CA THR B 128 -5.58 48.79 -12.77
C THR B 128 -5.10 47.43 -13.26
N SER B 129 -6.00 46.45 -13.33
CA SER B 129 -5.63 45.14 -13.86
C SER B 129 -5.30 45.21 -15.34
N ILE B 130 -6.04 46.01 -16.11
CA ILE B 130 -5.70 46.21 -17.52
C ILE B 130 -4.31 46.82 -17.64
N ALA B 131 -4.07 47.90 -16.88
CA ALA B 131 -2.77 48.55 -16.90
C ALA B 131 -1.66 47.60 -16.47
N GLU B 132 -1.94 46.73 -15.50
CA GLU B 132 -0.93 45.82 -14.99
C GLU B 132 -0.68 44.65 -15.93
N ALA B 133 -1.65 44.25 -16.74
CA ALA B 133 -1.37 43.27 -17.78
C ALA B 133 -0.48 43.87 -18.87
N ILE B 134 -0.80 45.10 -19.28
CA ILE B 134 0.10 45.78 -20.21
C ILE B 134 1.48 45.94 -19.57
N SER B 135 1.52 46.14 -18.25
CA SER B 135 2.78 46.19 -17.53
C SER B 135 3.50 44.85 -17.54
N VAL B 136 2.77 43.75 -17.43
CA VAL B 136 3.38 42.43 -17.54
C VAL B 136 4.12 42.33 -18.86
N ILE B 137 3.45 42.72 -19.94
CA ILE B 137 4.09 42.69 -21.26
C ILE B 137 5.32 43.59 -21.27
N ALA B 138 5.19 44.80 -20.73
CA ALA B 138 6.27 45.78 -20.79
C ALA B 138 7.49 45.33 -20.01
N ILE B 139 7.29 44.84 -18.78
CA ILE B 139 8.41 44.39 -17.96
C ILE B 139 9.05 43.15 -18.55
N SER B 140 8.25 42.25 -19.14
CA SER B 140 8.84 41.10 -19.82
C SER B 140 9.74 41.55 -20.97
N GLN B 141 9.25 42.49 -21.78
CA GLN B 141 10.06 42.96 -22.91
C GLN B 141 11.32 43.66 -22.41
N MET B 142 11.21 44.46 -21.35
CA MET B 142 12.37 45.14 -20.80
C MET B 142 13.41 44.14 -20.29
N LEU B 143 12.95 43.10 -19.59
CA LEU B 143 13.88 42.09 -19.09
C LEU B 143 14.52 41.29 -20.20
N GLU B 144 13.81 41.07 -21.31
CA GLU B 144 14.33 40.28 -22.42
C GLU B 144 14.90 41.15 -23.54
N GLY B 145 15.52 42.28 -23.19
CA GLY B 145 16.12 43.14 -24.19
C GLY B 145 15.41 44.48 -24.31
N SER B 146 14.80 44.73 -25.47
CA SER B 146 14.04 45.95 -25.72
C SER B 146 14.92 47.18 -25.54
N GLY B 147 14.88 47.77 -24.35
CA GLY B 147 15.62 48.98 -24.08
C GLY B 147 14.82 49.96 -23.24
N ARG B 148 13.60 49.56 -22.88
CA ARG B 148 12.74 50.38 -22.05
C ARG B 148 13.35 50.49 -20.66
N GLN B 149 13.58 51.73 -20.21
CA GLN B 149 14.09 51.95 -18.87
C GLN B 149 13.04 51.55 -17.84
N PRO B 150 13.46 51.07 -16.67
CA PRO B 150 12.49 50.69 -15.64
C PRO B 150 11.61 51.86 -15.24
N GLY B 151 10.30 51.64 -15.30
CA GLY B 151 9.34 52.68 -15.00
C GLY B 151 9.07 53.66 -16.11
N ASP B 152 9.73 53.51 -17.27
CA ASP B 152 9.58 54.43 -18.39
C ASP B 152 8.43 53.94 -19.26
N PHE B 153 7.26 54.53 -19.09
CA PHE B 153 6.11 54.28 -19.94
C PHE B 153 5.96 55.32 -21.04
N LYS B 154 6.94 56.21 -21.18
CA LYS B 154 6.95 57.29 -22.15
C LYS B 154 5.77 58.24 -22.01
N PHE B 155 5.06 58.17 -20.88
CA PHE B 155 3.92 59.06 -20.65
C PHE B 155 4.44 60.45 -20.33
N ASP B 156 4.26 61.38 -21.26
CA ASP B 156 4.78 62.73 -21.12
C ASP B 156 4.01 63.68 -22.03
N PRO B 157 2.75 64.01 -21.69
CA PRO B 157 1.98 64.94 -22.53
C PRO B 157 2.66 66.31 -22.60
N LEU B 158 2.87 66.92 -21.44
CA LEU B 158 3.80 68.03 -21.34
C LEU B 158 5.22 67.48 -21.42
N ASN B 159 6.20 68.38 -21.48
CA ASN B 159 7.58 67.92 -21.63
C ASN B 159 8.23 67.70 -20.26
N PHE B 160 8.44 68.80 -19.52
CA PHE B 160 8.97 68.74 -18.15
C PHE B 160 10.35 68.10 -18.10
N ALA B 161 10.84 67.61 -19.25
CA ALA B 161 12.13 66.94 -19.33
C ALA B 161 12.55 67.00 -20.80
N LYS B 162 13.45 67.91 -21.12
CA LYS B 162 13.85 68.16 -22.50
C LYS B 162 15.14 67.45 -22.90
N ASP B 163 16.12 67.41 -22.02
CA ASP B 163 17.39 66.75 -22.29
C ASP B 163 17.66 65.67 -21.26
N GLU B 164 18.85 65.07 -21.34
CA GLU B 164 19.23 64.02 -20.40
C GLU B 164 19.33 64.56 -18.97
N LYS B 165 19.91 65.74 -18.80
CA LYS B 165 20.12 66.30 -17.46
C LYS B 165 18.79 66.55 -16.75
N SER B 166 17.84 67.16 -17.46
CA SER B 166 16.52 67.42 -16.88
C SER B 166 15.83 66.11 -16.54
N LEU B 167 15.93 65.11 -17.42
CA LEU B 167 15.30 63.82 -17.16
C LEU B 167 15.91 63.16 -15.92
N LYS B 168 17.23 63.22 -15.77
CA LYS B 168 17.86 62.63 -14.59
C LYS B 168 17.45 63.35 -13.32
N LYS B 169 17.44 64.69 -13.35
CA LYS B 169 17.04 65.44 -12.17
C LYS B 169 15.59 65.14 -11.79
N MET B 170 14.71 65.05 -12.78
CA MET B 170 13.30 64.80 -12.47
C MET B 170 13.08 63.35 -12.05
N GLN B 171 13.89 62.41 -12.55
CA GLN B 171 13.82 61.05 -12.06
C GLN B 171 14.25 60.97 -10.60
N LEU B 172 15.31 61.70 -10.24
CA LEU B 172 15.73 61.72 -8.84
C LEU B 172 14.65 62.35 -7.96
N SER B 173 14.03 63.43 -8.44
CA SER B 173 12.94 64.05 -7.69
C SER B 173 11.78 63.09 -7.52
N GLU B 174 11.42 62.38 -8.59
CA GLU B 174 10.32 61.41 -8.51
C GLU B 174 10.64 60.30 -7.52
N LEU B 175 11.86 59.78 -7.55
CA LEU B 175 12.23 58.70 -6.63
C LEU B 175 12.21 59.17 -5.19
N LYS B 176 12.78 60.35 -4.91
CA LYS B 176 12.80 60.84 -3.54
C LYS B 176 11.40 61.14 -3.04
N ASN B 177 10.58 61.82 -3.86
CA ASN B 177 9.21 62.11 -3.47
C ASN B 177 8.41 60.83 -3.27
N GLY B 178 8.64 59.82 -4.11
CA GLY B 178 7.92 58.56 -3.95
C GLY B 178 8.30 57.82 -2.69
N ARG B 179 9.59 57.77 -2.37
CA ARG B 179 10.01 57.14 -1.11
C ARG B 179 9.42 57.88 0.08
N LEU B 180 9.46 59.21 0.05
CA LEU B 180 8.89 60.00 1.13
C LEU B 180 7.40 59.74 1.25
N ALA B 181 6.69 59.63 0.12
CA ALA B 181 5.26 59.40 0.16
C ALA B 181 4.93 57.97 0.62
N MET B 182 5.77 57.00 0.28
CA MET B 182 5.56 55.64 0.79
C MET B 182 5.65 55.63 2.32
N LEU B 183 6.72 56.23 2.86
CA LEU B 183 6.85 56.30 4.30
C LEU B 183 5.72 57.11 4.92
N ALA B 184 5.31 58.19 4.25
CA ALA B 184 4.25 59.05 4.77
C ALA B 184 2.91 58.33 4.81
N PHE B 185 2.58 57.58 3.75
CA PHE B 185 1.35 56.81 3.76
C PHE B 185 1.39 55.72 4.82
N SER B 186 2.56 55.09 4.99
CA SER B 186 2.71 54.11 6.06
C SER B 186 2.38 54.73 7.41
N GLY B 187 2.99 55.88 7.70
CA GLY B 187 2.73 56.55 8.97
C GLY B 187 1.28 56.98 9.10
N ILE B 188 0.70 57.51 8.02
CA ILE B 188 -0.68 57.98 8.06
C ILE B 188 -1.63 56.83 8.39
N VAL B 189 -1.47 55.71 7.70
CA VAL B 189 -2.36 54.57 7.93
C VAL B 189 -2.16 54.02 9.33
N THR B 190 -0.91 53.87 9.77
CA THR B 190 -0.68 53.31 11.10
C THR B 190 -1.25 54.21 12.19
N GLN B 191 -1.05 55.52 12.07
CA GLN B 191 -1.57 56.45 13.07
C GLN B 191 -3.10 56.49 13.05
N ALA B 192 -3.69 56.52 11.86
CA ALA B 192 -5.15 56.57 11.76
C ALA B 192 -5.78 55.31 12.33
N ALA B 193 -5.18 54.15 12.07
CA ALA B 193 -5.68 52.91 12.64
C ALA B 193 -5.51 52.88 14.15
N LEU B 194 -4.36 53.35 14.64
CA LEU B 194 -4.13 53.39 16.08
C LEU B 194 -5.11 54.35 16.75
N THR B 195 -5.20 55.58 16.25
CA THR B 195 -6.11 56.59 16.78
C THR B 195 -6.99 57.07 15.63
N GLY B 196 -8.29 56.86 15.76
CA GLY B 196 -9.22 57.22 14.71
C GLY B 196 -9.44 58.71 14.58
N HIS B 197 -8.37 59.45 14.32
CA HIS B 197 -8.44 60.91 14.24
C HIS B 197 -8.62 61.37 12.80
N ALA B 198 -8.92 62.66 12.65
CA ALA B 198 -9.06 63.29 11.34
C ALA B 198 -7.66 63.58 10.80
N PHE B 199 -7.58 64.40 9.73
CA PHE B 199 -6.33 64.64 9.00
C PHE B 199 -5.09 64.77 9.88
N PRO B 200 -5.09 65.53 10.99
CA PRO B 200 -3.95 65.42 11.89
C PRO B 200 -4.01 64.09 12.63
N TYR B 201 -3.18 63.14 12.22
CA TYR B 201 -3.24 61.78 12.75
C TYR B 201 -2.38 61.60 14.00
N MET B 202 -1.93 62.70 14.59
CA MET B 202 -1.21 62.65 15.85
C MET B 202 -2.10 62.09 16.94
N GLU C 43 56.60 36.12 27.00
CA GLU C 43 55.95 34.82 26.88
C GLU C 43 54.80 34.69 27.88
N ARG C 44 54.93 35.36 29.01
CA ARG C 44 53.89 35.36 30.03
C ARG C 44 52.96 36.55 29.82
N SER C 45 51.67 36.34 30.08
CA SER C 45 50.71 37.42 29.95
C SER C 45 51.00 38.52 30.97
N LYS C 46 50.89 39.77 30.53
CA LYS C 46 51.19 40.90 31.41
C LYS C 46 50.25 40.94 32.60
N SER C 47 48.95 40.73 32.37
CA SER C 47 48.00 40.76 33.47
C SER C 47 48.21 39.59 34.42
N LEU C 48 48.29 38.38 33.89
CA LEU C 48 48.44 37.18 34.71
C LEU C 48 49.83 36.61 34.52
N PRO C 49 50.78 36.91 35.41
CA PRO C 49 52.16 36.43 35.20
C PRO C 49 52.30 34.93 35.28
N PHE C 50 51.35 34.23 35.89
CA PHE C 50 51.38 32.77 35.97
C PHE C 50 50.79 32.09 34.74
N LEU C 51 50.45 32.87 33.72
CA LEU C 51 49.84 32.35 32.50
C LEU C 51 50.66 32.76 31.29
N MET C 52 50.77 31.86 30.32
CA MET C 52 51.47 32.18 29.09
C MET C 52 50.65 33.17 28.26
N LYS C 53 51.36 33.89 27.40
CA LYS C 53 50.72 34.94 26.61
C LYS C 53 49.70 34.32 25.66
N PRO C 54 48.45 34.79 25.67
CA PRO C 54 47.46 34.26 24.73
C PRO C 54 47.87 34.53 23.30
N LYS C 55 47.87 33.48 22.47
CA LYS C 55 48.51 33.54 21.17
C LYS C 55 47.89 34.61 20.27
N ASN C 56 46.57 34.75 20.30
CA ASN C 56 45.90 35.66 19.38
C ASN C 56 45.93 37.12 19.83
N LEU C 57 46.28 37.40 21.09
CA LEU C 57 46.30 38.76 21.62
C LEU C 57 47.77 39.18 21.76
N ASP C 58 48.31 39.82 20.74
CA ASP C 58 49.71 40.23 20.82
C ASP C 58 49.87 41.55 21.54
N GLY C 59 49.50 42.66 20.89
CA GLY C 59 49.39 43.93 21.58
C GLY C 59 48.40 44.90 20.95
N SER C 60 47.76 44.48 19.85
CA SER C 60 47.17 45.44 18.92
C SER C 60 45.95 46.13 19.51
N MET C 61 45.02 45.36 20.07
CA MET C 61 43.75 45.93 20.49
C MET C 61 43.91 46.75 21.76
N ALA C 62 43.18 47.86 21.83
CA ALA C 62 43.24 48.72 23.01
C ALA C 62 42.72 47.99 24.22
N GLY C 63 43.40 48.18 25.35
CA GLY C 63 43.06 47.47 26.56
C GLY C 63 43.64 46.08 26.67
N ASP C 64 44.53 45.70 25.77
CA ASP C 64 45.12 44.35 25.77
C ASP C 64 46.16 44.27 26.88
N VAL C 65 45.90 43.43 27.89
CA VAL C 65 46.85 43.12 28.93
C VAL C 65 47.10 41.62 29.04
N GLY C 66 46.60 40.85 28.08
CA GLY C 66 46.76 39.41 28.11
C GLY C 66 45.80 38.66 29.01
N PHE C 67 44.74 39.32 29.47
CA PHE C 67 43.78 38.68 30.38
C PHE C 67 42.82 37.82 29.56
N ASP C 68 43.29 36.62 29.20
CA ASP C 68 42.46 35.60 28.58
C ASP C 68 42.79 34.26 29.22
N PRO C 69 42.43 34.07 30.49
CA PRO C 69 42.78 32.81 31.17
C PRO C 69 42.18 31.58 30.52
N LEU C 70 40.96 31.70 29.99
CA LEU C 70 40.27 30.56 29.38
C LEU C 70 40.62 30.38 27.90
N GLY C 71 41.47 31.24 27.35
CA GLY C 71 41.85 31.12 25.96
C GLY C 71 40.70 31.27 24.99
N LEU C 72 39.73 32.13 25.31
CA LEU C 72 38.58 32.33 24.43
C LEU C 72 38.96 33.02 23.13
N SER C 73 40.08 33.73 23.10
CA SER C 73 40.51 34.41 21.88
C SER C 73 40.90 33.43 20.78
N GLU C 74 41.13 32.16 21.11
CA GLU C 74 41.54 31.16 20.15
C GLU C 74 40.35 30.41 19.54
N ILE C 75 39.12 30.79 19.88
CA ILE C 75 37.95 30.16 19.29
C ILE C 75 37.84 30.56 17.84
N ASN C 76 37.66 29.58 16.96
CA ASN C 76 37.53 29.81 15.53
C ASN C 76 36.39 28.96 14.96
N ASP C 77 35.24 28.98 15.63
CA ASP C 77 34.13 28.15 15.22
C ASP C 77 32.82 28.84 15.54
N VAL C 78 31.76 28.40 14.86
CA VAL C 78 30.40 28.92 14.99
C VAL C 78 30.47 30.41 14.66
N GLY C 79 31.23 30.74 13.62
CA GLY C 79 31.35 32.12 13.21
C GLY C 79 31.91 33.05 14.26
N VAL C 80 32.56 32.50 15.29
CA VAL C 80 33.10 33.28 16.39
C VAL C 80 34.62 33.20 16.32
N ASP C 81 35.27 34.36 16.28
CA ASP C 81 36.71 34.45 16.32
C ASP C 81 37.08 35.71 17.10
N LEU C 82 38.35 36.10 17.03
CA LEU C 82 38.80 37.29 17.75
C LEU C 82 38.09 38.54 17.22
N TYR C 83 37.85 38.61 15.91
CA TYR C 83 37.13 39.74 15.35
C TYR C 83 35.72 39.84 15.93
N TRP C 84 34.99 38.72 15.92
CA TRP C 84 33.63 38.72 16.44
C TRP C 84 33.60 39.01 17.93
N LEU C 85 34.54 38.43 18.68
CA LEU C 85 34.59 38.67 20.12
C LEU C 85 34.89 40.14 20.41
N ARG C 86 35.80 40.75 19.66
CA ARG C 86 36.11 42.16 19.86
C ARG C 86 34.93 43.05 19.48
N GLU C 87 34.23 42.73 18.40
CA GLU C 87 33.06 43.51 18.04
C GLU C 87 31.98 43.39 19.12
N ALA C 88 31.78 42.18 19.65
CA ALA C 88 30.81 42.00 20.74
C ALA C 88 31.23 42.77 21.98
N GLU C 89 32.53 42.76 22.30
CA GLU C 89 33.02 43.49 23.46
C GLU C 89 32.80 44.99 23.29
N LEU C 90 33.07 45.51 22.09
CA LEU C 90 32.89 46.95 21.86
C LEU C 90 31.42 47.34 21.90
N LYS C 91 30.54 46.51 21.30
CA LYS C 91 29.12 46.78 21.37
C LYS C 91 28.62 46.74 22.81
N HIS C 92 29.11 45.78 23.59
CA HIS C 92 28.75 45.71 25.00
C HIS C 92 29.25 46.94 25.75
N CYS C 93 30.48 47.38 25.45
CA CYS C 93 31.03 48.56 26.09
C CYS C 93 30.17 49.78 25.82
N ARG C 94 29.81 50.00 24.55
CA ARG C 94 29.01 51.16 24.20
C ARG C 94 27.61 51.08 24.81
N LEU C 95 26.99 49.89 24.76
CA LEU C 95 25.66 49.73 25.34
C LEU C 95 25.67 49.95 26.85
N GLY C 96 26.68 49.41 27.53
CA GLY C 96 26.79 49.61 28.97
C GLY C 96 27.04 51.07 29.33
N MET C 97 27.88 51.75 28.55
CA MET C 97 28.11 53.17 28.79
C MET C 97 26.82 53.96 28.65
N MET C 98 26.07 53.71 27.57
CA MET C 98 24.81 54.43 27.37
C MET C 98 23.82 54.12 28.49
N ALA C 99 23.72 52.84 28.88
CA ALA C 99 22.74 52.46 29.91
C ALA C 99 23.10 53.05 31.27
N ALA C 100 24.38 52.98 31.65
CA ALA C 100 24.79 53.54 32.93
C ALA C 100 24.59 55.06 32.95
N ALA C 101 24.95 55.73 31.85
CA ALA C 101 24.73 57.17 31.78
C ALA C 101 23.24 57.50 31.88
N GLY C 102 22.40 56.71 31.22
CA GLY C 102 20.96 56.96 31.29
C GLY C 102 20.40 56.78 32.68
N ILE C 103 20.79 55.69 33.35
CA ILE C 103 20.30 55.44 34.70
C ILE C 103 20.74 56.57 35.63
N LEU C 104 22.02 56.92 35.59
CA LEU C 104 22.52 57.97 36.48
C LEU C 104 21.86 59.31 36.17
N PHE C 105 21.70 59.63 34.89
CA PHE C 105 21.07 60.90 34.52
C PHE C 105 19.64 60.97 35.02
N VAL C 106 18.86 59.92 34.76
CA VAL C 106 17.45 59.94 35.15
C VAL C 106 17.32 59.96 36.68
N GLU C 107 18.21 59.26 37.38
CA GLU C 107 18.08 59.19 38.83
C GLU C 107 18.52 60.49 39.49
N ILE C 108 19.54 61.16 38.94
CA ILE C 108 20.07 62.37 39.56
C ILE C 108 19.24 63.58 39.14
N LEU C 109 19.19 63.86 37.84
CA LEU C 109 18.55 65.07 37.34
C LEU C 109 17.05 64.90 37.13
N GLY C 110 16.50 63.70 37.37
CA GLY C 110 15.09 63.47 37.22
C GLY C 110 14.72 63.19 35.78
N PRO C 111 13.50 62.72 35.56
CA PRO C 111 13.05 62.42 34.20
C PRO C 111 12.74 63.69 33.41
N ALA C 112 12.65 63.51 32.09
CA ALA C 112 12.24 64.58 31.21
C ALA C 112 10.78 64.93 31.45
N PRO C 113 10.35 66.14 31.09
CA PRO C 113 8.94 66.51 31.28
C PRO C 113 8.02 65.58 30.52
N GLY C 114 6.88 65.26 31.15
CA GLY C 114 5.93 64.35 30.57
C GLY C 114 6.25 62.88 30.72
N PHE C 115 7.32 62.53 31.42
CA PHE C 115 7.73 61.15 31.59
C PHE C 115 7.55 60.71 33.04
N PRO C 116 7.32 59.43 33.29
CA PRO C 116 7.07 58.97 34.66
C PRO C 116 8.32 59.05 35.53
N ALA C 117 8.08 59.09 36.84
CA ALA C 117 9.13 59.10 37.85
C ALA C 117 9.04 57.81 38.68
N GLY C 118 9.88 57.73 39.72
CA GLY C 118 9.87 56.57 40.59
C GLY C 118 11.24 56.17 41.08
N LYS C 119 12.28 56.63 40.39
CA LYS C 119 13.69 56.42 40.71
C LYS C 119 14.14 54.97 40.55
N SER C 120 13.24 54.05 40.23
CA SER C 120 13.60 52.65 39.96
C SER C 120 13.58 52.45 38.46
N GLN C 121 14.76 52.44 37.84
CA GLN C 121 14.84 52.43 36.39
C GLN C 121 14.39 51.09 35.81
N MET C 122 14.52 50.01 36.56
CA MET C 122 14.05 48.71 36.09
C MET C 122 12.54 48.57 36.18
N ASP C 123 11.87 49.42 36.96
CA ASP C 123 10.43 49.38 37.08
C ASP C 123 9.73 50.55 36.41
N VAL C 124 10.44 51.65 36.14
CA VAL C 124 9.84 52.77 35.43
C VAL C 124 9.64 52.45 33.96
N PHE C 125 10.35 51.43 33.44
CA PHE C 125 10.17 51.05 32.05
C PHE C 125 8.74 50.60 31.78
N TRP C 126 8.15 49.84 32.71
CA TRP C 126 6.79 49.38 32.52
C TRP C 126 5.79 50.52 32.64
N LYS C 127 6.15 51.59 33.37
CA LYS C 127 5.28 52.75 33.43
C LYS C 127 5.34 53.55 32.13
N VAL C 128 6.51 53.61 31.50
CA VAL C 128 6.61 54.25 30.19
C VAL C 128 5.87 53.44 29.14
N TYR C 129 6.04 52.11 29.16
CA TYR C 129 5.35 51.26 28.20
C TYR C 129 3.84 51.29 28.41
N ALA C 130 3.39 51.47 29.66
CA ALA C 130 1.96 51.51 29.94
C ALA C 130 1.29 52.74 29.36
N GLU C 131 2.04 53.81 29.11
CA GLU C 131 1.48 55.05 28.60
C GLU C 131 2.01 55.46 27.24
N LYS C 132 3.22 55.05 26.87
CA LYS C 132 3.81 55.36 25.57
C LYS C 132 4.38 54.09 24.96
N PRO C 133 3.52 53.12 24.62
CA PRO C 133 4.04 51.89 24.00
C PRO C 133 4.64 52.11 22.64
N SER C 134 4.13 53.10 21.89
CA SER C 134 4.63 53.35 20.54
C SER C 134 6.09 53.78 20.56
N LEU C 135 6.49 54.55 21.56
CA LEU C 135 7.89 54.96 21.69
C LEU C 135 8.79 53.74 21.86
N ILE C 136 8.40 52.82 22.75
CA ILE C 136 9.19 51.62 22.98
C ILE C 136 9.24 50.76 21.73
N GLY C 137 8.10 50.61 21.04
CA GLY C 137 8.09 49.80 19.84
C GLY C 137 8.95 50.38 18.72
N ALA C 138 8.86 51.70 18.52
CA ALA C 138 9.67 52.35 17.50
C ALA C 138 11.16 52.24 17.84
N SER C 139 11.51 52.42 19.11
CA SER C 139 12.90 52.27 19.50
C SER C 139 13.40 50.85 19.27
N LEU C 140 12.55 49.86 19.59
CA LEU C 140 12.93 48.47 19.36
C LEU C 140 13.12 48.18 17.88
N ALA C 141 12.21 48.68 17.03
CA ALA C 141 12.34 48.46 15.60
C ALA C 141 13.59 49.11 15.04
N ALA C 142 13.88 50.34 15.48
CA ALA C 142 15.09 51.03 15.04
C ALA C 142 16.34 50.25 15.46
N ILE C 143 16.37 49.81 16.72
CA ILE C 143 17.52 49.06 17.21
C ILE C 143 17.66 47.75 16.44
N ALA C 144 16.53 47.12 16.10
CA ALA C 144 16.58 45.87 15.33
C ALA C 144 17.19 46.09 13.96
N ILE C 145 16.76 47.16 13.27
CA ILE C 145 17.30 47.44 11.94
C ILE C 145 18.79 47.76 12.04
N LEU C 146 19.16 48.63 12.99
CA LEU C 146 20.56 48.97 13.17
C LEU C 146 21.41 47.76 13.54
N GLU C 147 20.84 46.81 14.29
CA GLU C 147 21.60 45.62 14.66
C GLU C 147 21.75 44.66 13.50
N VAL C 148 20.74 44.57 12.63
CA VAL C 148 20.89 43.78 11.41
C VAL C 148 22.00 44.37 10.55
N ILE C 149 22.01 45.70 10.42
CA ILE C 149 23.08 46.37 9.67
C ILE C 149 24.43 46.11 10.33
N SER C 150 24.47 46.15 11.66
CA SER C 150 25.72 45.94 12.38
C SER C 150 26.25 44.53 12.17
N GLY C 151 25.37 43.53 12.21
CA GLY C 151 25.81 42.17 11.97
C GLY C 151 26.29 41.96 10.55
N VAL C 152 25.59 42.53 9.57
CA VAL C 152 26.03 42.43 8.19
C VAL C 152 27.40 43.07 8.04
N ALA C 153 27.59 44.26 8.63
CA ALA C 153 28.88 44.95 8.55
C ALA C 153 29.97 44.15 9.22
N THR C 154 29.68 43.55 10.37
CA THR C 154 30.69 42.76 11.07
C THR C 154 31.12 41.57 10.23
N THR C 155 30.16 40.83 9.67
CA THR C 155 30.53 39.68 8.85
C THR C 155 31.28 40.09 7.59
N GLN C 156 30.85 41.17 6.93
CA GLN C 156 31.54 41.62 5.72
C GLN C 156 32.97 42.06 6.04
N GLY C 157 33.14 42.89 7.07
CA GLY C 157 34.48 43.32 7.44
C GLY C 157 35.38 42.19 7.88
N ARG C 158 34.79 41.16 8.50
CA ARG C 158 35.56 39.97 8.82
C ARG C 158 35.98 39.23 7.55
N GLN C 159 35.12 39.22 6.54
CA GLN C 159 35.40 38.46 5.32
C GLN C 159 36.48 39.13 4.48
N ASN C 160 36.20 40.34 3.98
CA ASN C 160 37.17 41.12 3.20
C ASN C 160 37.80 42.18 4.10
N GLY C 161 38.86 41.78 4.80
CA GLY C 161 39.36 42.62 5.88
C GLY C 161 39.74 44.01 5.44
N ASP C 162 38.85 44.96 5.74
CA ASP C 162 39.10 46.37 5.54
C ASP C 162 38.57 47.23 6.69
N ARG C 163 37.76 46.67 7.59
CA ARG C 163 37.13 47.40 8.67
C ARG C 163 37.55 46.79 10.00
N ALA C 164 38.09 47.63 10.88
CA ALA C 164 38.46 47.16 12.21
C ALA C 164 37.21 46.81 13.01
N PRO C 165 37.31 45.86 13.95
CA PRO C 165 36.13 45.50 14.75
C PRO C 165 35.61 46.69 15.54
N GLY C 166 34.28 46.85 15.52
CA GLY C 166 33.64 47.96 16.20
C GLY C 166 33.66 49.27 15.44
N ASP C 167 34.22 49.31 14.23
CA ASP C 167 34.33 50.53 13.46
C ASP C 167 33.06 50.74 12.64
N TYR C 168 32.44 51.91 12.80
CA TYR C 168 31.26 52.27 12.01
C TYR C 168 31.41 53.63 11.35
N ASN C 169 32.63 54.17 11.27
CA ASN C 169 32.90 55.46 10.64
C ASN C 169 32.07 56.57 11.25
N PHE C 170 31.80 56.49 12.54
CA PHE C 170 30.95 57.47 13.24
C PHE C 170 31.86 58.43 14.01
N ASP C 171 32.36 59.44 13.29
CA ASP C 171 33.12 60.54 13.90
C ASP C 171 32.62 61.85 13.31
N PRO C 172 31.37 62.23 13.58
CA PRO C 172 30.84 63.47 13.01
C PRO C 172 31.58 64.72 13.46
N LEU C 173 32.07 64.75 14.70
CA LEU C 173 32.75 65.92 15.23
C LEU C 173 34.26 65.86 15.04
N GLY C 174 34.78 64.80 14.43
CA GLY C 174 36.21 64.72 14.15
C GLY C 174 37.08 64.71 15.38
N PHE C 175 36.67 63.99 16.42
CA PHE C 175 37.46 63.91 17.65
C PHE C 175 38.61 62.92 17.56
N GLY C 176 38.64 62.08 16.53
CA GLY C 176 39.68 61.07 16.42
C GLY C 176 40.28 60.96 15.04
N LYS C 177 40.41 62.10 14.35
CA LYS C 177 40.95 62.10 13.00
C LYS C 177 42.41 61.66 12.99
N ASP C 178 43.27 62.40 13.69
CA ASP C 178 44.70 62.14 13.65
C ASP C 178 45.05 60.92 14.50
N PRO C 179 46.12 60.20 14.13
CA PRO C 179 46.62 59.12 15.00
C PRO C 179 47.36 59.67 16.21
N ALA C 180 47.81 58.78 17.08
CA ALA C 180 48.53 59.09 18.32
C ALA C 180 47.59 59.72 19.34
N LYS C 181 46.37 60.04 18.90
CA LYS C 181 45.25 60.32 19.77
C LYS C 181 44.14 59.29 19.62
N PHE C 182 44.07 58.64 18.46
CA PHE C 182 43.09 57.59 18.25
C PHE C 182 43.34 56.39 19.16
N LYS C 183 44.61 56.02 19.35
CA LYS C 183 44.93 54.92 20.25
C LYS C 183 44.54 55.25 21.69
N ASP C 184 44.83 56.48 22.13
CA ASP C 184 44.44 56.89 23.48
C ASP C 184 42.94 56.90 23.63
N LEU C 185 42.22 57.39 22.62
CA LEU C 185 40.76 57.40 22.68
C LEU C 185 40.20 55.99 22.70
N GLN C 186 40.80 55.08 21.93
CA GLN C 186 40.37 53.69 21.95
C GLN C 186 40.58 53.07 23.33
N LEU C 187 41.73 53.34 23.95
CA LEU C 187 41.98 52.81 25.29
C LEU C 187 40.98 53.38 26.30
N LYS C 188 40.72 54.69 26.22
CA LYS C 188 39.76 55.30 27.12
C LYS C 188 38.37 54.71 26.93
N GLU C 189 37.95 54.53 25.67
CA GLU C 189 36.64 53.97 25.39
C GLU C 189 36.53 52.54 25.91
N VAL C 190 37.58 51.73 25.70
CA VAL C 190 37.53 50.34 26.13
C VAL C 190 37.46 50.25 27.65
N LYS C 191 38.28 51.02 28.35
CA LYS C 191 38.28 50.97 29.81
C LYS C 191 36.95 51.47 30.38
N ASN C 192 36.47 52.61 29.87
CA ASN C 192 35.18 53.13 30.33
C ASN C 192 34.05 52.17 30.01
N GLY C 193 34.11 51.53 28.84
CA GLY C 193 33.05 50.61 28.47
C GLY C 193 33.03 49.36 29.32
N ARG C 194 34.20 48.82 29.68
CA ARG C 194 34.23 47.68 30.58
C ARG C 194 33.70 48.05 31.96
N LEU C 195 34.13 49.22 32.48
CA LEU C 195 33.63 49.66 33.77
C LEU C 195 32.11 49.87 33.73
N ALA C 196 31.61 50.44 32.64
CA ALA C 196 30.18 50.70 32.52
C ALA C 196 29.39 49.42 32.26
N MET C 197 30.01 48.44 31.61
CA MET C 197 29.40 47.10 31.51
C MET C 197 29.16 46.52 32.89
N ILE C 198 30.21 46.50 33.72
CA ILE C 198 30.06 45.98 35.06
C ILE C 198 29.02 46.77 35.83
N ALA C 199 29.08 48.11 35.71
CA ALA C 199 28.15 48.97 36.42
C ALA C 199 26.71 48.71 35.99
N ALA C 200 26.47 48.61 34.68
CA ALA C 200 25.11 48.44 34.18
C ALA C 200 24.55 47.07 34.55
N ALA C 201 25.38 46.04 34.51
CA ALA C 201 24.92 44.74 35.00
C ALA C 201 24.55 44.82 36.47
N GLY C 202 25.36 45.51 37.28
CA GLY C 202 25.04 45.68 38.68
C GLY C 202 23.74 46.43 38.88
N MET C 203 23.52 47.51 38.12
CA MET C 203 22.29 48.28 38.23
C MET C 203 21.08 47.44 37.85
N ILE C 204 21.21 46.64 36.78
CA ILE C 204 20.10 45.79 36.37
C ILE C 204 19.75 44.80 37.47
N LEU C 205 20.75 44.14 38.03
CA LEU C 205 20.48 43.16 39.08
C LEU C 205 19.90 43.83 40.33
N GLN C 206 20.45 44.99 40.70
CA GLN C 206 19.94 45.71 41.88
C GLN C 206 18.50 46.13 41.69
N GLY C 207 18.17 46.66 40.50
CA GLY C 207 16.80 47.07 40.25
C GLY C 207 15.83 45.90 40.22
N VAL C 208 16.27 44.76 39.66
CA VAL C 208 15.40 43.59 39.62
C VAL C 208 15.18 43.04 41.02
N SER C 209 16.23 42.99 41.84
CA SER C 209 16.10 42.36 43.15
C SER C 209 15.49 43.31 44.18
N THR C 210 16.19 44.42 44.47
CA THR C 210 15.76 45.33 45.53
C THR C 210 14.59 46.22 45.13
N HIS C 211 14.32 46.36 43.83
CA HIS C 211 13.22 47.19 43.33
C HIS C 211 13.36 48.64 43.80
N GLN C 212 14.60 49.12 43.88
CA GLN C 212 14.89 50.47 44.32
C GLN C 212 15.92 51.11 43.39
N GLY C 213 16.15 52.41 43.59
CA GLY C 213 17.09 53.12 42.76
C GLY C 213 18.52 52.73 43.03
N ALA C 214 19.39 53.08 42.08
CA ALA C 214 20.81 52.74 42.20
C ALA C 214 21.45 53.49 43.36
N LEU C 215 21.38 54.82 43.35
CA LEU C 215 21.88 55.60 44.47
C LEU C 215 21.04 55.38 45.72
N GLU C 216 19.79 54.94 45.58
CA GLU C 216 19.02 54.51 46.74
C GLU C 216 19.67 53.30 47.41
N ASN C 217 20.11 52.34 46.60
CA ASN C 217 20.89 51.22 47.14
C ASN C 217 22.23 51.70 47.67
N LEU C 218 22.79 52.75 47.09
CA LEU C 218 24.09 53.26 47.52
C LEU C 218 24.04 53.74 48.97
N SER C 219 22.97 54.43 49.35
CA SER C 219 22.84 54.96 50.69
C SER C 219 21.82 54.14 51.50
N SER D 35 63.81 6.43 53.23
CA SER D 35 63.15 7.70 53.49
C SER D 35 63.74 8.39 54.71
N LYS D 36 63.23 9.58 55.00
CA LYS D 36 63.60 10.32 56.21
C LYS D 36 62.51 10.27 57.28
N ALA D 37 61.32 9.77 56.93
CA ALA D 37 60.26 9.50 57.89
C ALA D 37 59.66 8.14 57.53
N VAL D 38 59.17 7.44 58.56
CA VAL D 38 58.73 6.05 58.43
C VAL D 38 59.88 5.25 57.81
N PRO D 39 60.96 5.02 58.55
CA PRO D 39 62.17 4.44 57.92
C PRO D 39 62.01 3.01 57.43
N PHE D 40 61.00 2.27 57.88
CA PHE D 40 60.84 0.90 57.42
C PHE D 40 60.17 0.81 56.05
N LEU D 41 59.78 1.93 55.47
CA LEU D 41 59.34 2.01 54.08
C LEU D 41 60.34 2.86 53.32
N GLU D 42 60.87 2.33 52.21
CA GLU D 42 61.95 3.00 51.50
C GLU D 42 61.51 4.37 50.97
N ALA D 43 60.55 4.37 50.05
CA ALA D 43 60.06 5.59 49.42
C ALA D 43 58.85 5.22 48.57
N PRO D 44 57.95 6.17 48.31
CA PRO D 44 56.80 5.88 47.43
C PRO D 44 57.24 5.40 46.06
N LYS D 45 57.95 6.27 45.34
CA LYS D 45 58.51 6.03 44.01
C LYS D 45 58.89 7.35 43.36
N ALA D 46 58.11 8.39 43.61
CA ALA D 46 58.28 9.68 42.96
C ALA D 46 58.75 10.78 43.91
N LEU D 47 58.84 10.50 45.20
CA LEU D 47 59.30 11.49 46.18
C LEU D 47 60.82 11.53 46.23
N ASP D 48 61.41 11.90 45.08
CA ASP D 48 62.86 11.98 45.00
C ASP D 48 63.42 13.11 45.86
N GLY D 49 62.73 14.25 45.89
CA GLY D 49 63.21 15.40 46.62
C GLY D 49 63.18 16.67 45.81
N SER D 50 62.67 16.57 44.57
CA SER D 50 62.57 17.73 43.69
C SER D 50 61.50 18.72 44.15
N LEU D 51 60.63 18.32 45.06
CA LEU D 51 59.61 19.22 45.59
C LEU D 51 60.01 19.70 46.98
N PRO D 52 59.74 20.97 47.29
CA PRO D 52 60.08 21.49 48.63
C PRO D 52 59.27 20.82 49.72
N ALA D 53 59.78 20.93 50.95
CA ALA D 53 59.15 20.35 52.14
C ALA D 53 59.01 18.84 52.02
N ASP D 54 59.94 18.21 51.30
CA ASP D 54 59.88 16.76 51.08
C ASP D 54 60.68 16.06 52.18
N VAL D 55 60.01 15.16 52.90
CA VAL D 55 60.67 14.28 53.86
C VAL D 55 60.48 12.82 53.49
N GLY D 56 59.58 12.49 52.57
CA GLY D 56 59.35 11.12 52.16
C GLY D 56 58.16 10.45 52.80
N PHE D 57 57.34 11.17 53.56
CA PHE D 57 56.22 10.58 54.27
C PHE D 57 55.06 10.40 53.30
N ASP D 58 54.83 9.14 52.90
CA ASP D 58 53.69 8.77 52.08
C ASP D 58 53.47 7.27 52.21
N PRO D 59 52.95 6.81 53.35
CA PRO D 59 52.84 5.35 53.57
C PRO D 59 51.96 4.64 52.55
N LEU D 60 50.89 5.29 52.10
CA LEU D 60 49.94 4.65 51.20
C LEU D 60 50.37 4.70 49.74
N GLY D 61 51.48 5.35 49.43
CA GLY D 61 51.92 5.46 48.05
C GLY D 61 50.94 6.18 47.17
N LEU D 62 50.34 7.26 47.66
CA LEU D 62 49.34 7.99 46.89
C LEU D 62 49.95 8.82 45.78
N SER D 63 51.26 9.07 45.82
CA SER D 63 51.94 9.89 44.84
C SER D 63 52.33 9.10 43.59
N ASP D 64 51.70 7.97 43.33
CA ASP D 64 52.02 7.14 42.18
C ASP D 64 50.80 6.80 41.33
N ILE D 65 49.65 7.42 41.59
CA ILE D 65 48.48 7.19 40.77
C ILE D 65 48.73 7.72 39.36
N GLY D 66 48.46 6.88 38.36
CA GLY D 66 48.69 7.28 36.98
C GLY D 66 47.67 8.24 36.41
N PHE D 67 46.58 8.49 37.14
CA PHE D 67 45.54 9.39 36.65
C PHE D 67 46.03 10.83 36.66
N ASP D 68 45.94 11.49 35.51
CA ASP D 68 46.26 12.91 35.40
C ASP D 68 45.03 13.70 35.83
N PHE D 69 45.10 14.29 37.02
CA PHE D 69 43.92 14.94 37.60
C PHE D 69 43.54 16.23 36.89
N THR D 70 44.38 16.73 35.99
CA THR D 70 43.95 17.85 35.15
C THR D 70 42.74 17.47 34.30
N TYR D 71 42.58 16.18 34.01
CA TYR D 71 41.41 15.71 33.28
C TYR D 71 40.13 15.83 34.10
N LEU D 72 40.23 16.04 35.42
CA LEU D 72 39.05 16.43 36.18
C LEU D 72 38.59 17.83 35.84
N MET D 73 39.49 18.66 35.30
CA MET D 73 39.13 20.00 34.86
C MET D 73 38.80 20.01 33.37
N VAL D 74 39.76 19.63 32.54
CA VAL D 74 39.53 19.48 31.10
C VAL D 74 39.35 17.99 30.82
N PRO D 75 38.12 17.51 30.69
CA PRO D 75 37.91 16.05 30.63
C PRO D 75 38.60 15.37 29.47
N THR D 76 38.80 16.06 28.35
CA THR D 76 39.47 15.50 27.20
C THR D 76 40.88 16.05 27.08
N LYS D 77 41.69 15.36 26.29
CA LYS D 77 43.05 15.82 26.02
C LYS D 77 43.03 17.22 25.40
N TRP D 78 42.01 17.52 24.60
CA TRP D 78 41.79 18.85 24.03
C TRP D 78 42.94 19.30 23.16
N ASP D 79 44.10 19.53 23.75
CA ASP D 79 45.28 20.00 23.03
C ASP D 79 46.18 18.82 22.69
N GLU D 80 46.75 18.85 21.48
CA GLU D 80 47.68 17.81 21.08
C GLU D 80 49.03 17.94 21.79
N SER D 81 49.31 19.11 22.37
CA SER D 81 50.54 19.31 23.13
C SER D 81 50.37 18.97 24.61
N ARG D 82 49.20 18.48 25.01
CA ARG D 82 48.96 18.15 26.41
C ARG D 82 49.68 16.85 26.76
N THR D 83 50.96 16.97 27.13
CA THR D 83 51.74 15.79 27.49
C THR D 83 51.17 15.12 28.74
N GLY D 84 50.73 15.92 29.71
CA GLY D 84 50.14 15.38 30.93
C GLY D 84 50.80 15.94 32.17
N LEU D 85 50.10 15.88 33.30
CA LEU D 85 50.61 16.37 34.57
C LEU D 85 50.66 15.20 35.55
N SER D 86 51.81 15.05 36.21
CA SER D 86 51.96 13.98 37.19
C SER D 86 51.02 14.22 38.37
N ALA D 87 50.54 13.11 38.95
CA ALA D 87 49.66 13.21 40.10
C ALA D 87 50.37 13.87 41.29
N LEU D 88 51.70 13.72 41.37
CA LEU D 88 52.44 14.33 42.46
C LEU D 88 52.38 15.86 42.39
N LYS D 89 52.54 16.43 41.19
CA LYS D 89 52.47 17.88 41.06
C LYS D 89 51.07 18.42 41.36
N TRP D 90 50.05 17.71 40.89
CA TRP D 90 48.67 18.09 41.22
C TRP D 90 48.44 18.03 42.72
N PHE D 91 48.97 16.99 43.38
CA PHE D 91 48.82 16.88 44.81
C PHE D 91 49.57 17.98 45.55
N ARG D 92 50.73 18.38 45.03
CA ARG D 92 51.46 19.49 45.65
C ARG D 92 50.68 20.80 45.51
N GLU D 93 50.11 21.05 44.34
CA GLU D 93 49.28 22.23 44.17
C GLU D 93 48.08 22.20 45.10
N ALA D 94 47.44 21.04 45.21
CA ALA D 94 46.28 20.90 46.10
C ALA D 94 46.68 21.10 47.56
N GLU D 95 47.84 20.59 47.96
CA GLU D 95 48.31 20.74 49.33
C GLU D 95 48.61 22.19 49.65
N ILE D 96 49.27 22.91 48.73
CA ILE D 96 49.54 24.32 48.95
C ILE D 96 48.25 25.12 49.05
N LYS D 97 47.31 24.84 48.15
CA LYS D 97 46.02 25.55 48.18
C LYS D 97 45.26 25.24 49.45
N HIS D 98 45.26 23.98 49.89
CA HIS D 98 44.62 23.60 51.13
C HIS D 98 45.26 24.31 52.31
N GLY D 99 46.58 24.41 52.32
CA GLY D 99 47.26 25.07 53.41
C GLY D 99 46.91 26.54 53.49
N ARG D 100 46.91 27.23 52.34
CA ARG D 100 46.55 28.64 52.34
C ARG D 100 45.10 28.84 52.79
N PHE D 101 44.19 28.00 52.28
CA PHE D 101 42.79 28.08 52.70
C PHE D 101 42.65 27.86 54.20
N ALA D 102 43.36 26.87 54.75
CA ALA D 102 43.24 26.55 56.16
C ALA D 102 43.83 27.65 57.04
N MET D 103 44.95 28.26 56.60
CA MET D 103 45.54 29.35 57.35
C MET D 103 44.58 30.54 57.43
N LEU D 104 44.03 30.94 56.28
CA LEU D 104 43.06 32.03 56.29
C LEU D 104 41.82 31.65 57.09
N ALA D 105 41.42 30.38 57.01
CA ALA D 105 40.21 29.93 57.72
C ALA D 105 40.40 29.98 59.23
N VAL D 106 41.55 29.51 59.72
CA VAL D 106 41.76 29.55 61.17
C VAL D 106 41.89 31.00 61.64
N LEU D 107 42.52 31.86 60.82
CA LEU D 107 42.56 33.27 61.17
C LEU D 107 41.15 33.85 61.31
N GLY D 108 40.29 33.55 60.35
CA GLY D 108 38.92 34.07 60.41
C GLY D 108 38.12 33.51 61.55
N TRP D 109 38.22 32.19 61.79
CA TRP D 109 37.46 31.56 62.86
C TRP D 109 37.92 32.06 64.22
N VAL D 110 39.23 32.25 64.41
CA VAL D 110 39.73 32.81 65.65
C VAL D 110 39.28 34.25 65.81
N ALA D 111 39.25 35.01 64.69
CA ALA D 111 38.83 36.41 64.77
C ALA D 111 37.38 36.54 65.25
N VAL D 112 36.48 35.71 64.71
CA VAL D 112 35.06 35.81 65.09
C VAL D 112 34.77 35.23 66.47
N ASP D 113 35.74 34.53 67.07
CA ASP D 113 35.57 34.08 68.45
C ASP D 113 35.86 35.21 69.43
N MET D 114 36.80 36.08 69.10
CA MET D 114 37.18 37.19 69.97
C MET D 114 36.52 38.51 69.54
N GLY D 115 35.41 38.45 68.83
CA GLY D 115 34.72 39.64 68.36
C GLY D 115 35.10 39.97 66.93
N LEU D 116 35.55 41.22 66.71
CA LEU D 116 36.11 41.64 65.43
C LEU D 116 35.10 41.42 64.30
N ARG D 117 34.02 42.19 64.35
CA ARG D 117 33.00 42.15 63.32
C ARG D 117 33.24 43.27 62.31
N LEU D 118 32.77 43.04 61.09
CA LEU D 118 32.99 44.00 60.01
C LEU D 118 32.24 45.30 60.32
N PRO D 119 32.84 46.46 60.01
CA PRO D 119 32.18 47.74 60.32
C PRO D 119 30.96 47.99 59.44
N VAL D 120 29.93 47.18 59.63
CA VAL D 120 28.70 47.28 58.86
C VAL D 120 27.62 46.53 59.63
N ALA D 121 26.37 46.80 59.31
CA ALA D 121 25.25 46.14 59.97
C ALA D 121 25.23 44.66 59.61
N LYS D 122 24.21 43.96 60.12
CA LYS D 122 23.86 42.58 59.79
C LYS D 122 24.96 41.58 60.13
N TYR D 123 26.05 42.04 60.74
CA TYR D 123 27.09 41.16 61.28
C TYR D 123 27.19 41.47 62.77
N ALA D 124 26.29 40.88 63.57
CA ALA D 124 26.23 41.24 65.00
C ALA D 124 27.19 40.43 65.86
N GLY D 125 26.88 39.16 66.10
CA GLY D 125 27.71 38.35 66.96
C GLY D 125 27.68 36.85 66.73
N TYR D 126 27.00 36.39 65.69
CA TYR D 126 26.50 35.02 65.69
C TYR D 126 27.60 33.99 65.47
N ASN D 127 28.60 33.99 66.36
CA ASN D 127 29.70 33.02 66.44
C ASN D 127 30.25 32.62 65.08
N ALA D 128 30.81 31.41 64.99
CA ALA D 128 31.24 30.83 63.74
C ALA D 128 30.52 29.54 63.38
N VAL D 129 29.96 28.85 64.38
CA VAL D 129 29.21 27.63 64.11
C VAL D 129 27.83 27.94 63.54
N GLN D 130 27.38 29.19 63.64
CA GLN D 130 26.07 29.58 63.13
C GLN D 130 26.13 30.76 62.16
N ALA D 131 27.23 31.50 62.09
CA ALA D 131 27.32 32.61 61.16
C ALA D 131 27.30 32.13 59.71
N HIS D 132 27.88 30.96 59.45
CA HIS D 132 27.91 30.43 58.09
C HIS D 132 26.50 30.29 57.52
N ASP D 133 25.61 29.65 58.26
CA ASP D 133 24.25 29.42 57.77
C ASP D 133 23.48 30.73 57.64
N VAL D 134 23.57 31.61 58.64
CA VAL D 134 22.79 32.85 58.61
C VAL D 134 23.27 33.75 57.47
N PHE D 135 24.55 33.67 57.11
CA PHE D 135 25.02 34.48 55.99
C PHE D 135 24.77 33.80 54.65
N VAL D 136 24.73 32.47 54.61
CA VAL D 136 24.25 31.79 53.42
C VAL D 136 22.81 32.20 53.13
N LYS D 137 22.03 32.35 54.20
CA LYS D 137 20.67 32.87 54.04
C LYS D 137 20.67 34.30 53.49
N SER D 138 21.57 35.14 53.98
CA SER D 138 21.56 36.55 53.61
C SER D 138 22.43 36.85 52.39
N GLY D 139 22.28 36.03 51.35
CA GLY D 139 22.69 36.36 50.01
C GLY D 139 24.11 36.84 49.74
N ASP D 140 25.00 36.81 50.74
CA ASP D 140 26.36 37.26 50.53
C ASP D 140 27.38 36.13 50.48
N MET D 141 27.08 34.99 51.10
CA MET D 141 27.92 33.82 50.89
C MET D 141 27.86 33.35 49.44
N THR D 142 26.73 33.58 48.76
CA THR D 142 26.68 33.31 47.32
C THR D 142 27.62 34.23 46.55
N VAL D 143 27.68 35.51 46.94
CA VAL D 143 28.62 36.43 46.30
C VAL D 143 30.05 35.99 46.55
N GLY D 144 30.35 35.58 47.78
CA GLY D 144 31.68 35.05 48.07
C GLY D 144 31.99 33.81 47.27
N LEU D 145 31.00 32.93 47.09
CA LEU D 145 31.18 31.75 46.26
C LEU D 145 31.52 32.14 44.83
N LEU D 146 30.80 33.13 44.29
CA LEU D 146 31.05 33.56 42.91
C LEU D 146 32.45 34.14 42.76
N ALA D 147 32.86 34.99 43.70
CA ALA D 147 34.18 35.62 43.60
C ALA D 147 35.30 34.60 43.75
N ILE D 148 35.18 33.72 44.75
CA ILE D 148 36.19 32.68 44.96
C ILE D 148 36.23 31.75 43.76
N GLY D 149 35.07 31.45 43.17
CA GLY D 149 35.06 30.61 41.99
C GLY D 149 35.72 31.26 40.79
N PHE D 150 35.53 32.58 40.65
CA PHE D 150 36.22 33.30 39.58
C PHE D 150 37.73 33.20 39.73
N LEU D 151 38.23 33.47 40.93
CA LEU D 151 39.67 33.37 41.17
C LEU D 151 40.16 31.93 40.98
N GLU D 152 39.37 30.96 41.45
CA GLU D 152 39.74 29.55 41.31
C GLU D 152 39.78 29.15 39.85
N VAL D 153 38.86 29.66 39.03
CA VAL D 153 38.86 29.31 37.61
C VAL D 153 40.09 29.89 36.92
N VAL D 154 40.46 31.13 37.25
CA VAL D 154 41.66 31.72 36.64
C VAL D 154 42.90 30.89 37.02
N MET D 155 43.06 30.59 38.31
CA MET D 155 44.25 29.87 38.73
C MET D 155 44.20 28.40 38.32
N GLY D 156 43.02 27.84 38.09
CA GLY D 156 42.94 26.51 37.53
C GLY D 156 43.28 26.49 36.05
N ALA D 157 43.01 27.59 35.34
CA ALA D 157 43.55 27.74 34.01
C ALA D 157 45.07 27.76 34.05
N ALA D 158 45.63 28.38 35.10
CA ALA D 158 47.08 28.29 35.30
C ALA D 158 47.53 26.84 35.49
N ILE D 159 46.79 26.07 36.30
CA ILE D 159 47.12 24.66 36.51
C ILE D 159 47.05 23.89 35.20
N TYR D 160 46.04 24.17 34.38
CA TYR D 160 45.89 23.49 33.10
C TYR D 160 47.03 23.83 32.16
N GLU D 161 47.48 25.08 32.16
CA GLU D 161 48.64 25.44 31.35
C GLU D 161 49.89 24.72 31.84
N MET D 162 50.02 24.57 33.16
CA MET D 162 51.12 23.77 33.71
C MET D 162 51.07 22.34 33.20
N SER D 163 49.87 21.75 33.14
CA SER D 163 49.72 20.43 32.57
C SER D 163 50.10 20.42 31.09
N LYS D 164 49.73 21.48 30.36
CA LYS D 164 50.12 21.62 28.96
C LYS D 164 51.63 21.66 28.81
N GLY D 165 52.34 22.13 29.83
CA GLY D 165 53.78 22.11 29.79
C GLY D 165 54.46 23.45 30.03
N SER D 166 53.76 24.36 30.70
CA SER D 166 54.38 25.61 31.10
C SER D 166 55.35 25.38 32.24
N ASP D 167 56.37 26.23 32.33
CA ASP D 167 57.40 26.09 33.35
C ASP D 167 56.89 26.41 34.76
N ARG D 168 55.68 26.95 34.89
CA ARG D 168 55.16 27.31 36.20
C ARG D 168 55.10 26.10 37.11
N ALA D 169 55.59 26.27 38.33
CA ALA D 169 55.57 25.20 39.33
C ALA D 169 54.26 25.24 40.13
N ALA D 170 53.99 24.15 40.84
CA ALA D 170 52.76 24.05 41.60
C ALA D 170 52.70 25.10 42.69
N GLY D 171 51.57 25.80 42.78
CA GLY D 171 51.38 26.82 43.78
C GLY D 171 52.06 28.14 43.51
N GLU D 172 52.73 28.28 42.35
CA GLU D 172 53.47 29.48 42.01
C GLU D 172 52.58 30.38 41.14
N PHE D 173 51.98 31.38 41.77
CA PHE D 173 51.20 32.38 41.07
C PHE D 173 51.95 33.69 40.89
N SER D 174 53.25 33.70 41.19
CA SER D 174 54.10 34.89 41.03
C SER D 174 53.55 36.08 41.80
N PHE D 175 52.99 35.81 42.98
CA PHE D 175 52.38 36.85 43.81
C PHE D 175 53.38 37.25 44.90
N ASP D 176 54.23 38.22 44.58
CA ASP D 176 55.16 38.80 45.55
C ASP D 176 55.10 40.32 45.45
N PRO D 177 54.01 40.93 45.90
CA PRO D 177 53.88 42.39 45.79
C PRO D 177 54.83 43.14 46.71
N LEU D 178 54.90 42.72 47.98
CA LEU D 178 55.78 43.39 48.93
C LEU D 178 57.25 43.07 48.69
N GLY D 179 57.54 41.98 47.98
CA GLY D 179 58.90 41.70 47.56
C GLY D 179 59.75 40.91 48.53
N LEU D 180 59.17 40.26 49.53
CA LEU D 180 59.95 39.41 50.43
C LEU D 180 60.08 37.99 49.87
N GLY D 181 60.43 37.90 48.59
CA GLY D 181 60.49 36.61 47.93
C GLY D 181 61.76 36.43 47.12
N LYS D 182 62.61 37.45 47.12
CA LYS D 182 63.90 37.36 46.45
C LYS D 182 64.86 36.59 47.35
N ASP D 183 66.16 36.61 47.02
CA ASP D 183 67.17 35.84 47.76
C ASP D 183 66.76 34.37 47.78
N PRO D 184 66.94 33.64 46.66
CA PRO D 184 66.42 32.26 46.52
C PRO D 184 66.44 31.39 47.77
N SER D 185 67.47 31.55 48.61
CA SER D 185 67.49 30.82 49.89
C SER D 185 66.28 31.21 50.74
N LYS D 186 65.98 32.51 50.80
CA LYS D 186 64.79 32.95 51.53
C LYS D 186 63.53 32.40 50.89
N TYR D 187 63.48 32.33 49.56
CA TYR D 187 62.31 31.79 48.89
C TYR D 187 62.10 30.31 49.24
N ALA D 188 63.18 29.53 49.26
CA ALA D 188 63.05 28.12 49.61
C ALA D 188 62.64 27.93 51.06
N ARG D 189 63.23 28.73 51.96
CA ARG D 189 62.85 28.65 53.37
C ARG D 189 61.39 29.03 53.56
N TYR D 190 60.94 30.09 52.89
CA TYR D 190 59.54 30.49 52.97
C TYR D 190 58.62 29.47 52.33
N GLN D 191 59.07 28.79 51.29
CA GLN D 191 58.30 27.68 50.72
C GLN D 191 58.04 26.63 51.79
N VAL D 192 59.12 26.00 52.27
CA VAL D 192 58.98 24.94 53.27
C VAL D 192 58.16 25.43 54.46
N SER D 193 58.35 26.70 54.83
CA SER D 193 57.57 27.29 55.91
C SER D 193 56.09 27.29 55.57
N GLU D 194 55.74 27.69 54.35
CA GLU D 194 54.35 27.78 53.95
C GLU D 194 53.69 26.41 53.94
N ILE D 195 54.37 25.40 53.39
CA ILE D 195 53.77 24.07 53.36
C ILE D 195 53.63 23.49 54.76
N LYS D 196 54.64 23.64 55.61
CA LYS D 196 54.53 23.12 56.98
C LYS D 196 53.43 23.85 57.76
N ASN D 197 53.36 25.18 57.62
CA ASN D 197 52.31 25.95 58.27
C ASN D 197 50.95 25.56 57.74
N GLY D 198 50.85 25.23 56.46
CA GLY D 198 49.59 24.80 55.90
C GLY D 198 49.13 23.47 56.44
N ARG D 199 50.06 22.53 56.61
CA ARG D 199 49.72 21.25 57.24
C ARG D 199 49.23 21.48 58.67
N LEU D 200 49.97 22.29 59.43
CA LEU D 200 49.58 22.59 60.80
C LEU D 200 48.20 23.25 60.83
N ALA D 201 47.95 24.17 59.91
CA ALA D 201 46.67 24.88 59.88
C ALA D 201 45.53 23.98 59.46
N MET D 202 45.77 23.04 58.54
CA MET D 202 44.75 22.06 58.19
C MET D 202 44.33 21.28 59.42
N LEU D 203 45.31 20.74 60.14
CA LEU D 203 44.99 19.94 61.33
C LEU D 203 44.34 20.79 62.40
N ALA D 204 44.83 22.02 62.59
CA ALA D 204 44.26 22.91 63.59
C ALA D 204 42.82 23.29 63.27
N PHE D 205 42.52 23.55 61.99
CA PHE D 205 41.15 23.84 61.62
C PHE D 205 40.26 22.63 61.80
N GLY D 206 40.76 21.43 61.47
CA GLY D 206 39.99 20.23 61.75
C GLY D 206 39.64 20.12 63.22
N GLY D 207 40.63 20.36 64.08
CA GLY D 207 40.36 20.33 65.51
C GLY D 207 39.37 21.39 65.95
N ILE D 208 39.55 22.63 65.46
CA ILE D 208 38.71 23.75 65.88
C ILE D 208 37.27 23.51 65.48
N ALA D 209 37.05 23.07 64.24
CA ALA D 209 35.70 22.78 63.79
C ALA D 209 35.11 21.57 64.49
N THR D 210 35.95 20.57 64.79
CA THR D 210 35.46 19.41 65.51
C THR D 210 35.16 19.73 66.97
N GLN D 211 36.06 20.48 67.63
CA GLN D 211 35.88 20.84 69.02
C GLN D 211 34.86 21.96 69.22
N ALA D 212 34.46 22.64 68.14
CA ALA D 212 33.67 23.87 68.25
C ALA D 212 34.38 24.90 69.12
N VAL D 213 35.71 24.89 69.08
CA VAL D 213 36.59 25.81 69.80
C VAL D 213 36.54 25.54 71.30
N LEU D 214 37.71 25.34 71.91
CA LEU D 214 37.84 25.24 73.36
C LEU D 214 38.74 26.31 73.95
N THR D 215 39.74 26.79 73.20
CA THR D 215 40.69 27.77 73.75
C THR D 215 40.08 29.15 73.87
N ASN D 216 39.06 29.48 73.07
CA ASN D 216 38.48 30.81 73.09
C ASN D 216 36.97 30.81 73.26
N SER D 217 36.32 29.65 73.30
CA SER D 217 34.87 29.57 73.44
C SER D 217 34.53 28.18 73.97
N GLY D 218 33.24 27.86 73.99
CA GLY D 218 32.79 26.58 74.51
C GLY D 218 32.11 25.70 73.48
N PHE D 219 32.01 24.41 73.78
CA PHE D 219 31.37 23.44 72.91
C PHE D 219 29.88 23.75 72.77
N LEU E 39 45.50 -23.92 39.79
CA LEU E 39 46.92 -23.70 40.09
C LEU E 39 47.80 -24.13 38.92
N ASP E 40 47.36 -23.79 37.72
CA ASP E 40 48.00 -24.18 36.46
C ASP E 40 47.84 -23.03 35.47
N GLY E 41 48.02 -23.33 34.20
CA GLY E 41 47.64 -22.39 33.15
C GLY E 41 46.14 -22.44 32.89
N MET E 42 45.40 -23.01 33.83
CA MET E 42 43.95 -23.12 33.71
C MET E 42 43.30 -21.75 33.78
N ILE E 43 42.11 -21.67 33.21
CA ILE E 43 41.32 -20.44 33.24
C ILE E 43 40.69 -20.28 34.61
N GLY E 44 40.64 -19.04 35.10
CA GLY E 44 40.02 -18.78 36.38
C GLY E 44 40.92 -18.04 37.35
N SER E 45 42.09 -17.64 36.89
CA SER E 45 43.05 -16.91 37.71
C SER E 45 42.81 -15.41 37.54
N SER E 46 42.40 -14.75 38.62
CA SER E 46 42.07 -13.34 38.61
C SER E 46 43.08 -12.53 39.42
N ALA E 47 42.92 -11.21 39.37
CA ALA E 47 43.90 -10.32 39.99
C ALA E 47 44.03 -10.48 41.51
N PRO E 48 42.96 -10.51 42.30
CA PRO E 48 43.15 -10.48 43.76
C PRO E 48 44.01 -11.61 44.30
N PHE E 49 43.86 -12.82 43.75
CA PHE E 49 44.66 -13.96 44.18
C PHE E 49 44.87 -14.85 42.95
N LYS E 50 46.00 -14.65 42.28
CA LYS E 50 46.30 -15.44 41.10
C LYS E 50 46.69 -16.85 41.50
N ASN E 51 46.11 -17.84 40.83
CA ASN E 51 46.35 -19.25 41.11
C ASN E 51 46.13 -19.55 42.59
N PHE E 52 44.90 -19.30 43.03
CA PHE E 52 44.54 -19.35 44.45
C PHE E 52 44.43 -20.81 44.87
N ASP E 53 45.54 -21.36 45.36
CA ASP E 53 45.57 -22.68 45.98
C ASP E 53 46.40 -22.60 47.25
N PRO E 54 45.92 -21.90 48.28
CA PRO E 54 46.71 -21.77 49.51
C PRO E 54 46.97 -23.10 50.21
N LEU E 55 46.05 -24.05 50.11
CA LEU E 55 46.20 -25.34 50.76
C LEU E 55 46.84 -26.39 49.85
N GLY E 56 47.22 -26.01 48.63
CA GLY E 56 47.95 -26.92 47.75
C GLY E 56 47.17 -28.14 47.33
N PHE E 57 45.87 -27.98 47.06
CA PHE E 57 45.08 -29.11 46.59
C PHE E 57 45.48 -29.53 45.18
N ALA E 58 45.93 -28.57 44.36
CA ALA E 58 46.26 -28.83 42.97
C ALA E 58 47.74 -29.08 42.72
N ALA E 59 48.61 -28.75 43.68
CA ALA E 59 50.04 -28.93 43.48
C ALA E 59 50.42 -30.39 43.34
N LYS E 60 49.63 -31.31 43.90
CA LYS E 60 49.92 -32.73 43.83
C LYS E 60 48.99 -33.51 42.93
N ALA E 61 47.84 -32.95 42.57
CA ALA E 61 46.87 -33.68 41.75
C ALA E 61 47.33 -33.75 40.30
N ASP E 62 46.93 -34.83 39.63
CA ASP E 62 47.22 -35.00 38.22
C ASP E 62 46.20 -34.24 37.38
N GLN E 63 46.24 -34.41 36.06
CA GLN E 63 45.34 -33.67 35.19
C GLN E 63 43.89 -34.14 35.36
N LYS E 64 43.68 -35.44 35.56
CA LYS E 64 42.32 -35.96 35.71
C LYS E 64 41.65 -35.42 36.97
N THR E 65 42.38 -35.39 38.09
CA THR E 65 41.81 -34.86 39.32
C THR E 65 41.53 -33.37 39.18
N LEU E 66 42.38 -32.65 38.46
CA LEU E 66 42.14 -31.22 38.26
C LEU E 66 40.94 -30.98 37.36
N ASN E 67 40.75 -31.82 36.35
CA ASN E 67 39.55 -31.73 35.53
C ASN E 67 38.30 -31.99 36.37
N LYS E 68 38.38 -32.98 37.27
CA LYS E 68 37.26 -33.24 38.18
C LYS E 68 37.00 -32.04 39.07
N TYR E 69 38.05 -31.41 39.59
CA TYR E 69 37.88 -30.24 40.44
C TYR E 69 37.24 -29.10 39.68
N ARG E 70 37.66 -28.87 38.43
CA ARG E 70 37.06 -27.81 37.63
C ARG E 70 35.60 -28.10 37.33
N GLU E 71 35.27 -29.36 37.02
CA GLU E 71 33.88 -29.73 36.80
C GLU E 71 33.04 -29.46 38.03
N SER E 72 33.54 -29.86 39.21
CA SER E 72 32.81 -29.63 40.44
C SER E 72 32.64 -28.15 40.72
N GLU E 73 33.70 -27.36 40.51
CA GLU E 73 33.60 -25.93 40.75
C GLU E 73 32.59 -25.27 39.83
N LEU E 74 32.62 -25.61 38.54
CA LEU E 74 31.69 -24.98 37.60
C LEU E 74 30.25 -25.40 37.88
N LYS E 75 30.03 -26.68 38.18
CA LYS E 75 28.67 -27.11 38.52
C LYS E 75 28.17 -26.43 39.77
N HIS E 76 29.01 -26.34 40.81
CA HIS E 76 28.62 -25.65 42.03
C HIS E 76 28.31 -24.19 41.76
N GLY E 77 29.15 -23.53 40.95
CA GLY E 77 28.93 -22.12 40.66
C GLY E 77 27.63 -21.88 39.92
N ARG E 78 27.35 -22.71 38.91
CA ARG E 78 26.12 -22.54 38.14
C ARG E 78 24.89 -22.80 39.01
N VAL E 79 24.92 -23.89 39.79
CA VAL E 79 23.81 -24.20 40.68
C VAL E 79 23.62 -23.08 41.70
N ALA E 80 24.72 -22.50 42.18
CA ALA E 80 24.63 -21.46 43.19
C ALA E 80 24.09 -20.15 42.61
N MET E 81 24.47 -19.82 41.38
CA MET E 81 23.89 -18.65 40.72
C MET E 81 22.39 -18.82 40.56
N LEU E 82 21.96 -20.00 40.09
CA LEU E 82 20.53 -20.26 39.98
C LEU E 82 19.87 -20.18 41.35
N ALA E 83 20.52 -20.72 42.38
CA ALA E 83 19.92 -20.75 43.71
C ALA E 83 19.77 -19.35 44.30
N VAL E 84 20.78 -18.49 44.12
CA VAL E 84 20.71 -17.13 44.64
C VAL E 84 19.60 -16.36 43.93
N LEU E 85 19.58 -16.44 42.59
CA LEU E 85 18.54 -15.73 41.84
C LEU E 85 17.16 -16.22 42.25
N GLY E 86 16.99 -17.54 42.39
CA GLY E 86 15.71 -18.07 42.83
C GLY E 86 15.35 -17.64 44.23
N TRP E 87 16.32 -17.64 45.14
CA TRP E 87 16.07 -17.19 46.50
C TRP E 87 15.47 -15.79 46.51
N ILE E 88 16.14 -14.85 45.85
CA ILE E 88 15.66 -13.47 45.87
C ILE E 88 14.30 -13.36 45.18
N VAL E 89 14.21 -13.89 43.95
CA VAL E 89 12.98 -13.70 43.16
C VAL E 89 11.79 -14.34 43.86
N GLN E 90 11.97 -15.57 44.37
CA GLN E 90 10.93 -16.22 45.17
C GLN E 90 10.54 -15.34 46.35
N GLU E 91 11.52 -14.69 46.99
CA GLU E 91 11.18 -13.86 48.13
C GLU E 91 10.26 -12.71 47.73
N PHE E 92 10.54 -12.03 46.62
CA PHE E 92 9.67 -10.92 46.25
C PHE E 92 8.75 -11.22 45.06
N TRP E 93 8.68 -12.48 44.61
CA TRP E 93 7.72 -12.83 43.56
C TRP E 93 7.55 -14.34 43.52
N HIS E 94 6.35 -14.83 43.83
CA HIS E 94 6.02 -16.24 43.71
C HIS E 94 4.66 -16.39 43.02
N PRO E 95 4.58 -16.08 41.73
CA PRO E 95 3.29 -16.14 41.03
C PRO E 95 2.69 -17.53 40.97
N LEU E 96 3.53 -18.57 40.90
CA LEU E 96 3.02 -19.93 40.70
C LEU E 96 2.35 -20.44 41.97
N TYR E 97 1.63 -21.56 41.80
CA TYR E 97 0.92 -22.23 42.89
C TYR E 97 -0.15 -21.33 43.51
N ASP E 98 -0.72 -20.45 42.70
CA ASP E 98 -1.79 -19.55 43.12
C ASP E 98 -1.42 -18.80 44.40
N GLY E 99 -0.31 -18.06 44.30
CA GLY E 99 0.26 -17.50 45.51
C GLY E 99 0.70 -18.62 46.44
N LYS E 100 0.34 -18.50 47.71
CA LYS E 100 0.70 -19.49 48.73
C LYS E 100 2.21 -19.72 48.67
N LEU E 101 2.67 -20.89 49.09
CA LEU E 101 4.08 -21.28 48.96
C LEU E 101 4.98 -20.20 49.56
N SER E 102 4.89 -20.09 50.89
CA SER E 102 5.40 -18.95 51.65
C SER E 102 6.72 -18.43 51.10
N SER E 103 6.82 -17.10 50.99
CA SER E 103 7.92 -16.47 50.30
C SER E 103 9.27 -16.78 50.92
N ASN E 104 9.31 -17.20 52.16
CA ASN E 104 10.57 -17.57 52.80
C ASN E 104 11.06 -18.89 52.23
N PRO E 105 12.23 -18.95 51.61
CA PRO E 105 12.79 -20.24 51.20
C PRO E 105 13.11 -21.09 52.43
N LEU E 106 13.36 -22.37 52.17
CA LEU E 106 13.54 -23.39 53.20
C LEU E 106 12.22 -23.66 53.93
N LYS E 107 11.19 -22.89 53.60
CA LYS E 107 9.82 -23.14 54.00
C LYS E 107 8.94 -23.58 52.83
N ALA E 108 9.11 -22.94 51.67
CA ALA E 108 8.49 -23.44 50.46
C ALA E 108 9.11 -24.75 49.99
N LEU E 109 10.31 -25.08 50.49
CA LEU E 109 10.92 -26.36 50.18
C LEU E 109 10.06 -27.52 50.65
N THR E 110 9.32 -27.32 51.75
CA THR E 110 8.43 -28.34 52.30
C THR E 110 6.97 -28.11 51.94
N GLU E 111 6.70 -27.22 50.98
CA GLU E 111 5.33 -26.92 50.56
C GLU E 111 5.05 -27.27 49.10
N VAL E 112 6.07 -27.50 48.28
CA VAL E 112 5.84 -27.91 46.90
C VAL E 112 5.14 -29.26 46.89
N PRO E 113 4.19 -29.51 45.97
CA PRO E 113 3.37 -30.73 46.03
C PRO E 113 4.10 -32.06 46.15
N LEU E 114 5.43 -32.04 46.04
CA LEU E 114 6.28 -33.22 46.21
C LEU E 114 6.15 -34.16 45.02
N ILE E 115 5.19 -33.88 44.15
CA ILE E 115 5.17 -34.49 42.82
C ILE E 115 5.76 -33.53 41.78
N GLY E 116 5.82 -32.23 42.08
CA GLY E 116 6.64 -31.33 41.29
C GLY E 116 8.11 -31.42 41.66
N TRP E 117 8.41 -31.81 42.90
CA TRP E 117 9.79 -32.08 43.27
C TRP E 117 10.34 -33.24 42.47
N ALA E 118 9.54 -34.29 42.28
CA ALA E 118 9.99 -35.46 41.55
C ALA E 118 10.32 -35.12 40.09
N GLN E 119 9.49 -34.27 39.48
CA GLN E 119 9.74 -33.90 38.08
C GLN E 119 10.99 -33.05 37.93
N ILE E 120 11.23 -32.13 38.87
CA ILE E 120 12.47 -31.36 38.84
C ILE E 120 13.67 -32.27 39.02
N PHE E 121 13.56 -33.23 39.95
CA PHE E 121 14.64 -34.18 40.18
C PHE E 121 14.93 -35.00 38.92
N VAL E 122 13.87 -35.48 38.26
CA VAL E 122 14.04 -36.29 37.06
C VAL E 122 14.62 -35.47 35.93
N ALA E 123 14.22 -34.20 35.81
CA ALA E 123 14.78 -33.34 34.77
C ALA E 123 16.26 -33.09 35.00
N ILE E 124 16.64 -32.80 36.25
CA ILE E 124 18.06 -32.61 36.57
C ILE E 124 18.83 -33.89 36.27
N ASN E 125 18.23 -35.04 36.59
CA ASN E 125 18.89 -36.32 36.35
C ASN E 125 19.10 -36.57 34.86
N VAL E 126 18.09 -36.28 34.04
CA VAL E 126 18.23 -36.46 32.60
C VAL E 126 19.28 -35.51 32.05
N ILE E 127 19.30 -34.27 32.55
CA ILE E 127 20.30 -33.31 32.11
C ILE E 127 21.70 -33.80 32.43
N GLU E 128 21.90 -34.36 33.62
CA GLU E 128 23.23 -34.83 34.00
C GLU E 128 23.59 -36.14 33.30
N TYR E 129 22.60 -36.96 32.93
CA TYR E 129 22.86 -38.09 32.05
C TYR E 129 23.37 -37.62 30.70
N LEU E 130 22.74 -36.58 30.16
CA LEU E 130 23.22 -36.00 28.91
C LEU E 130 24.62 -35.43 29.05
N GLN E 131 24.90 -34.78 30.19
CA GLN E 131 26.24 -34.26 30.45
C GLN E 131 27.26 -35.39 30.52
N ASN E 132 26.89 -36.51 31.16
CA ASN E 132 27.78 -37.67 31.20
C ASN E 132 28.05 -38.18 29.78
N LYS E 133 27.02 -38.23 28.94
CA LYS E 133 27.22 -38.64 27.56
C LYS E 133 28.14 -37.67 26.82
N ILE E 134 28.01 -36.37 27.11
CA ILE E 134 28.88 -35.36 26.51
C ILE E 134 30.33 -35.60 26.93
N LYS E 135 30.54 -35.99 28.19
CA LYS E 135 31.90 -36.10 28.73
C LYS E 135 32.76 -37.10 27.97
N GLU E 136 32.16 -38.03 27.24
CA GLU E 136 32.94 -39.00 26.46
C GLU E 136 33.15 -38.57 25.01
N LEU E 137 32.62 -37.40 24.62
CA LEU E 137 32.88 -36.91 23.27
C LEU E 137 34.35 -36.52 23.14
N PRO E 138 34.97 -36.76 21.99
CA PRO E 138 36.41 -36.47 21.84
C PRO E 138 36.68 -34.98 22.02
N GLY E 139 37.83 -34.69 22.64
CA GLY E 139 38.21 -33.31 22.87
C GLY E 139 37.44 -32.62 23.98
N TYR E 140 36.81 -33.39 24.86
CA TYR E 140 35.97 -32.80 25.91
C TYR E 140 36.83 -32.01 26.89
N ARG E 141 36.31 -30.84 27.30
CA ARG E 141 36.90 -29.99 28.32
C ARG E 141 36.06 -30.02 29.59
N PRO E 142 36.67 -29.87 30.78
CA PRO E 142 35.98 -30.20 32.04
C PRO E 142 34.57 -29.64 32.17
N GLY E 143 34.42 -28.32 32.14
CA GLY E 143 33.12 -27.72 32.30
C GLY E 143 32.38 -27.39 31.02
N ASP E 144 32.95 -27.73 29.88
CA ASP E 144 32.42 -27.32 28.58
C ASP E 144 31.37 -28.35 28.13
N TYR E 145 30.10 -28.03 28.33
CA TYR E 145 29.01 -28.86 27.83
C TYR E 145 28.41 -28.32 26.54
N LEU E 146 28.81 -27.12 26.12
CA LEU E 146 28.42 -26.59 24.81
C LEU E 146 29.33 -27.07 23.70
N GLY E 147 30.45 -27.72 24.03
CA GLY E 147 31.39 -28.15 23.02
C GLY E 147 32.11 -27.02 22.32
N THR E 148 32.49 -25.97 23.06
CA THR E 148 33.17 -24.84 22.46
C THR E 148 34.56 -25.20 21.94
N TRP E 149 35.11 -26.33 22.34
CA TRP E 149 36.39 -26.78 21.80
C TRP E 149 36.30 -27.07 20.31
N GLU E 150 35.10 -27.31 19.78
CA GLU E 150 34.94 -27.51 18.35
C GLU E 150 35.28 -26.26 17.57
N TRP E 151 34.86 -25.09 18.05
CA TRP E 151 35.13 -23.83 17.39
C TRP E 151 36.34 -23.11 17.95
N VAL E 152 36.60 -23.22 19.26
CA VAL E 152 37.64 -22.43 19.91
C VAL E 152 38.90 -23.30 19.95
N GLU E 153 39.71 -23.16 18.91
CA GLU E 153 41.11 -23.58 18.93
C GLU E 153 41.96 -22.32 18.94
N GLN E 154 43.02 -22.33 19.75
CA GLN E 154 43.82 -21.12 20.02
C GLN E 154 42.93 -20.03 20.60
N SER E 155 42.49 -20.29 21.83
CA SER E 155 41.61 -19.37 22.54
C SER E 155 42.22 -17.98 22.64
N ASP E 156 41.35 -16.97 22.68
CA ASP E 156 41.76 -15.58 22.77
C ASP E 156 41.85 -15.17 24.24
N GLU E 157 42.08 -13.87 24.48
CA GLU E 157 42.00 -13.35 25.83
C GLU E 157 40.58 -13.01 26.23
N GLY E 158 39.73 -12.68 25.26
CA GLY E 158 38.33 -12.44 25.56
C GLY E 158 37.60 -13.69 26.01
N TRP E 159 37.89 -14.82 25.37
CA TRP E 159 37.26 -16.08 25.76
C TRP E 159 37.70 -16.50 27.15
N ASP E 160 39.00 -16.40 27.43
CA ASP E 160 39.50 -16.71 28.77
C ASP E 160 38.92 -15.76 29.81
N SER E 161 38.83 -14.48 29.46
CA SER E 161 38.26 -13.51 30.40
C SER E 161 36.80 -13.79 30.69
N TYR E 162 36.03 -14.20 29.67
CA TYR E 162 34.62 -14.51 29.90
C TYR E 162 34.46 -15.78 30.73
N GLN E 163 35.31 -16.78 30.48
CA GLN E 163 35.27 -17.98 31.32
C GLN E 163 35.62 -17.65 32.77
N THR E 164 36.61 -16.78 32.96
CA THR E 164 36.96 -16.35 34.31
C THR E 164 35.82 -15.55 34.95
N LYS E 165 35.12 -14.75 34.15
CA LYS E 165 33.96 -14.01 34.66
C LYS E 165 32.89 -14.98 35.16
N GLU E 166 32.60 -16.01 34.37
CA GLU E 166 31.64 -17.01 34.79
C GLU E 166 32.08 -17.71 36.06
N LEU E 167 33.36 -18.08 36.14
CA LEU E 167 33.87 -18.76 37.33
C LEU E 167 33.78 -17.87 38.56
N ASN E 168 34.16 -16.60 38.43
CA ASN E 168 34.15 -15.70 39.58
C ASN E 168 32.73 -15.40 40.04
N ASN E 169 31.80 -15.20 39.09
CA ASN E 169 30.41 -15.03 39.46
C ASN E 169 29.86 -16.27 40.15
N GLY E 170 30.26 -17.46 39.67
CA GLY E 170 29.84 -18.67 40.33
C GLY E 170 30.37 -18.79 41.74
N ARG E 171 31.63 -18.40 41.96
CA ARG E 171 32.22 -18.45 43.30
C ARG E 171 31.51 -17.49 44.23
N LEU E 172 31.25 -16.26 43.75
CA LEU E 172 30.53 -15.29 44.57
C LEU E 172 29.14 -15.79 44.89
N ALA E 173 28.47 -16.44 43.93
CA ALA E 173 27.15 -16.98 44.18
C ALA E 173 27.20 -18.16 45.15
N MET E 174 28.26 -18.98 45.10
CA MET E 174 28.39 -20.05 46.09
C MET E 174 28.49 -19.48 47.50
N VAL E 175 29.35 -18.48 47.68
CA VAL E 175 29.46 -17.85 49.00
C VAL E 175 28.13 -17.23 49.40
N ALA E 176 27.46 -16.57 48.46
CA ALA E 176 26.20 -15.89 48.76
C ALA E 176 25.11 -16.87 49.16
N ILE E 177 25.01 -18.00 48.46
CA ILE E 177 23.95 -18.96 48.77
C ILE E 177 24.24 -19.67 50.08
N ALA E 178 25.52 -19.94 50.37
CA ALA E 178 25.86 -20.50 51.67
C ALA E 178 25.44 -19.53 52.78
N GLY E 179 25.76 -18.24 52.60
CA GLY E 179 25.34 -17.25 53.58
C GLY E 179 23.84 -17.14 53.70
N LEU E 180 23.13 -17.19 52.57
CA LEU E 180 21.67 -17.12 52.58
C LEU E 180 21.09 -18.26 53.41
N ILE E 181 21.51 -19.49 53.13
CA ILE E 181 20.97 -20.64 53.83
C ILE E 181 21.29 -20.57 55.32
N VAL E 182 22.53 -20.20 55.66
CA VAL E 182 22.92 -20.15 57.07
C VAL E 182 22.13 -19.07 57.80
N GLN E 183 21.99 -17.88 57.19
CA GLN E 183 21.24 -16.80 57.82
C GLN E 183 19.79 -17.18 58.02
N ASP E 184 19.17 -17.79 57.00
CA ASP E 184 17.77 -18.18 57.13
C ASP E 184 17.60 -19.27 58.18
N LEU E 185 18.62 -20.13 58.35
CA LEU E 185 18.53 -21.16 59.37
C LEU E 185 18.63 -20.57 60.77
N ILE E 186 19.61 -19.70 60.99
CA ILE E 186 19.85 -19.20 62.35
C ILE E 186 18.82 -18.15 62.76
N THR E 187 18.43 -17.28 61.83
CA THR E 187 17.52 -16.19 62.16
C THR E 187 16.06 -16.55 61.90
N GLY E 188 15.77 -17.25 60.82
CA GLY E 188 14.41 -17.58 60.45
C GLY E 188 13.79 -16.64 59.44
N GLN E 189 14.43 -15.53 59.13
CA GLN E 189 13.95 -14.58 58.14
C GLN E 189 14.69 -14.75 56.83
N ALA E 190 14.03 -14.35 55.75
CA ALA E 190 14.63 -14.45 54.42
C ALA E 190 15.54 -13.24 54.17
N ALA E 191 16.12 -13.19 52.98
CA ALA E 191 17.11 -12.17 52.64
C ALA E 191 16.54 -10.77 52.73
N LEU E 192 15.58 -10.45 51.85
CA LEU E 192 15.01 -9.11 51.82
C LEU E 192 14.15 -8.83 53.04
N GLU E 193 13.75 -9.85 53.79
CA GLU E 193 13.02 -9.63 55.04
C GLU E 193 13.96 -9.25 56.17
N GLN E 194 15.08 -9.98 56.29
CA GLN E 194 16.06 -9.65 57.32
C GLN E 194 16.70 -8.29 57.05
N ILE E 195 16.99 -7.99 55.78
CA ILE E 195 17.56 -6.70 55.44
C ILE E 195 16.58 -5.58 55.74
N THR E 196 15.30 -5.77 55.40
CA THR E 196 14.31 -4.72 55.59
C THR E 196 14.14 -4.39 57.08
N ALA E 197 14.03 -5.41 57.92
CA ALA E 197 13.88 -5.17 59.36
C ALA E 197 15.15 -4.54 59.93
N GLY E 198 16.31 -5.03 59.53
CA GLY E 198 17.57 -4.50 60.04
C GLY E 198 18.28 -5.48 60.94
N ASN E 199 18.03 -6.78 60.74
CA ASN E 199 18.66 -7.82 61.54
C ASN E 199 20.06 -8.14 60.98
N THR E 200 20.92 -7.13 61.05
CA THR E 200 22.28 -7.25 60.56
C THR E 200 23.29 -6.95 61.67
N LYS F 6 33.48 31.29 -2.29
CA LYS F 6 34.18 30.02 -2.36
C LYS F 6 34.17 29.34 -0.99
N SER F 7 32.99 29.17 -0.42
CA SER F 7 32.85 28.56 0.89
C SER F 7 33.22 27.08 0.82
N THR F 8 33.61 26.54 1.98
CA THR F 8 34.04 25.16 2.09
C THR F 8 32.89 24.19 2.32
N ILE F 9 31.65 24.68 2.38
CA ILE F 9 30.51 23.81 2.67
C ILE F 9 29.51 23.84 1.53
N VAL F 10 29.48 24.93 0.77
CA VAL F 10 28.47 25.12 -0.28
C VAL F 10 29.16 25.49 -1.59
N ASP F 11 28.44 25.22 -2.69
CA ASP F 11 28.83 25.65 -4.02
C ASP F 11 27.86 26.74 -4.46
N PHE F 12 28.41 27.83 -4.99
CA PHE F 12 27.60 29.01 -5.32
C PHE F 12 27.13 28.96 -6.76
N ASN F 13 25.85 29.23 -6.97
CA ASN F 13 25.23 29.23 -8.29
C ASN F 13 25.51 27.95 -9.08
N PRO F 14 25.12 26.79 -8.55
CA PRO F 14 25.38 25.55 -9.28
C PRO F 14 24.47 25.36 -10.48
N VAL F 15 23.18 25.66 -10.34
CA VAL F 15 22.18 25.46 -11.38
C VAL F 15 21.51 26.79 -11.67
N GLU F 16 21.39 27.13 -12.96
CA GLU F 16 20.75 28.36 -13.35
C GLU F 16 19.24 28.25 -13.24
N THR F 17 18.60 29.30 -12.72
CA THR F 17 17.15 29.36 -12.60
C THR F 17 16.58 29.70 -13.97
N SER F 18 16.09 28.69 -14.68
CA SER F 18 15.56 28.87 -16.03
C SER F 18 14.33 28.01 -16.23
N PHE F 19 13.45 28.48 -17.11
CA PHE F 19 12.25 27.75 -17.48
C PHE F 19 12.45 26.84 -18.69
N GLU F 20 13.67 26.79 -19.23
CA GLU F 20 13.90 26.01 -20.44
C GLU F 20 13.65 24.52 -20.21
N LYS F 21 14.11 23.99 -19.08
CA LYS F 21 13.92 22.57 -18.81
C LYS F 21 12.49 22.24 -18.40
N TRP F 22 11.69 23.23 -18.03
CA TRP F 22 10.28 22.99 -17.75
C TRP F 22 9.53 22.58 -19.01
N ALA F 23 9.99 23.05 -20.16
CA ALA F 23 9.35 22.77 -21.44
C ALA F 23 9.91 21.53 -22.11
N LYS F 24 10.80 20.80 -21.44
CA LYS F 24 11.39 19.57 -21.96
C LYS F 24 11.12 18.46 -20.95
N PRO F 25 9.92 17.86 -20.98
CA PRO F 25 9.61 16.80 -20.02
C PRO F 25 10.56 15.62 -20.18
N GLY F 26 10.91 15.02 -19.04
CA GLY F 26 11.83 13.89 -19.05
C GLY F 26 13.29 14.25 -19.23
N GLN F 27 13.64 15.53 -19.05
CA GLN F 27 15.03 15.94 -19.24
C GLN F 27 15.96 15.29 -18.23
N PHE F 28 15.44 14.92 -17.06
CA PHE F 28 16.29 14.35 -16.02
C PHE F 28 16.81 12.97 -16.40
N SER F 29 16.01 12.18 -17.11
CA SER F 29 16.38 10.82 -17.45
C SER F 29 17.12 10.76 -18.78
N ARG F 30 18.14 9.92 -18.83
CA ARG F 30 18.87 9.72 -20.08
C ARG F 30 18.00 9.03 -21.12
N THR F 31 17.10 8.14 -20.69
CA THR F 31 16.26 7.39 -21.62
C THR F 31 15.03 8.19 -22.04
N LEU F 32 14.43 8.94 -21.12
CA LEU F 32 13.21 9.68 -21.42
C LEU F 32 13.48 11.01 -22.11
N ALA F 33 14.73 11.47 -22.16
CA ALA F 33 15.00 12.79 -22.73
C ALA F 33 14.77 12.82 -24.23
N LYS F 34 14.88 11.67 -24.90
CA LYS F 34 14.72 11.65 -26.36
C LYS F 34 13.29 11.94 -26.80
N GLY F 35 12.32 11.83 -25.89
CA GLY F 35 10.94 12.12 -26.22
C GLY F 35 10.09 10.87 -26.28
N PRO F 36 8.78 11.04 -26.14
CA PRO F 36 7.88 9.88 -26.13
C PRO F 36 7.72 9.27 -27.51
N LYS F 37 7.73 7.95 -27.56
CA LYS F 37 7.34 7.19 -28.74
C LYS F 37 6.12 6.32 -28.51
N THR F 38 5.91 5.85 -27.28
CA THR F 38 4.71 5.12 -26.88
C THR F 38 4.18 5.75 -25.60
N THR F 39 2.95 5.36 -25.22
CA THR F 39 2.36 5.87 -23.99
C THR F 39 3.09 5.37 -22.75
N THR F 40 3.96 4.37 -22.87
CA THR F 40 4.76 3.95 -21.73
C THR F 40 5.70 5.06 -21.26
N TRP F 41 6.10 5.95 -22.17
CA TRP F 41 6.98 7.05 -21.80
C TRP F 41 6.31 7.95 -20.78
N ILE F 42 5.01 8.20 -20.93
CA ILE F 42 4.30 9.07 -20.01
C ILE F 42 4.33 8.50 -18.60
N TRP F 43 4.06 7.21 -18.46
CA TRP F 43 4.07 6.58 -17.14
C TRP F 43 5.49 6.51 -16.58
N ASN F 44 6.47 6.24 -17.44
CA ASN F 44 7.86 6.21 -16.98
C ASN F 44 8.32 7.58 -16.51
N LEU F 45 7.72 8.64 -17.06
CA LEU F 45 8.10 9.99 -16.66
C LEU F 45 7.80 10.24 -15.19
N HIS F 46 6.64 9.80 -14.71
CA HIS F 46 6.28 10.03 -13.31
C HIS F 46 6.90 8.98 -12.39
N ALA F 47 7.18 7.79 -12.89
CA ALA F 47 7.77 6.75 -12.06
C ALA F 47 9.25 7.00 -11.76
N ASP F 48 9.91 7.84 -12.54
CA ASP F 48 11.32 8.13 -12.36
C ASP F 48 11.57 9.57 -11.95
N ALA F 49 10.52 10.32 -11.60
CA ALA F 49 10.68 11.74 -11.31
C ALA F 49 11.56 11.96 -10.09
N HIS F 50 11.33 11.22 -9.03
CA HIS F 50 12.06 11.39 -7.78
C HIS F 50 13.14 10.34 -7.58
N ASP F 51 13.40 9.50 -8.59
CA ASP F 51 14.49 8.53 -8.52
C ASP F 51 15.78 9.23 -8.91
N PHE F 52 16.27 10.07 -7.99
CA PHE F 52 17.45 10.89 -8.27
C PHE F 52 18.72 10.06 -8.43
N ASP F 53 18.70 8.80 -7.99
CA ASP F 53 19.88 7.95 -8.13
C ASP F 53 20.20 7.67 -9.58
N ILE F 54 19.17 7.46 -10.42
CA ILE F 54 19.39 7.17 -11.84
C ILE F 54 19.48 8.43 -12.69
N GLN F 55 19.22 9.60 -12.12
CA GLN F 55 19.31 10.85 -12.87
C GLN F 55 20.71 11.43 -12.85
N THR F 56 21.49 11.18 -11.79
CA THR F 56 22.86 11.64 -11.70
C THR F 56 23.73 10.51 -11.17
N ASN F 57 25.01 10.56 -11.52
CA ASN F 57 25.99 9.58 -11.05
C ASN F 57 26.79 10.08 -9.86
N SER F 58 26.44 11.24 -9.32
CA SER F 58 27.17 11.85 -8.22
C SER F 58 26.29 11.88 -6.97
N LEU F 59 26.84 11.38 -5.85
CA LEU F 59 26.10 11.41 -4.59
C LEU F 59 25.81 12.85 -4.15
N GLN F 60 26.69 13.79 -4.50
CA GLN F 60 26.49 15.18 -4.14
C GLN F 60 25.23 15.74 -4.76
N GLU F 61 25.02 15.48 -6.06
CA GLU F 61 23.84 15.99 -6.74
C GLU F 61 22.57 15.37 -6.19
N VAL F 62 22.60 14.06 -5.91
CA VAL F 62 21.44 13.40 -5.32
C VAL F 62 21.13 14.01 -3.96
N SER F 63 22.16 14.26 -3.14
CA SER F 63 21.94 14.85 -1.83
C SER F 63 21.33 16.25 -1.94
N ARG F 64 21.82 17.05 -2.88
CA ARG F 64 21.27 18.40 -3.05
C ARG F 64 19.82 18.35 -3.50
N LYS F 65 19.51 17.45 -4.45
CA LYS F 65 18.13 17.29 -4.88
C LYS F 65 17.23 16.87 -3.73
N ILE F 66 17.72 15.94 -2.89
CA ILE F 66 16.95 15.47 -1.75
C ILE F 66 16.71 16.62 -0.77
N PHE F 67 17.72 17.44 -0.54
CA PHE F 67 17.61 18.57 0.39
C PHE F 67 16.56 19.56 -0.09
N SER F 68 16.60 19.91 -1.38
CA SER F 68 15.60 20.83 -1.91
C SER F 68 14.20 20.21 -1.93
N ALA F 69 14.11 18.89 -2.18
CA ALA F 69 12.81 18.22 -2.13
C ALA F 69 12.25 18.23 -0.72
N HIS F 70 13.11 18.08 0.29
CA HIS F 70 12.66 18.20 1.66
C HIS F 70 12.12 19.60 1.93
N PHE F 71 12.79 20.62 1.42
CA PHE F 71 12.28 21.97 1.59
C PHE F 71 10.92 22.15 0.93
N GLY F 72 10.75 21.62 -0.28
CA GLY F 72 9.45 21.69 -0.94
C GLY F 72 8.37 20.97 -0.16
N GLN F 73 8.69 19.81 0.40
CA GLN F 73 7.73 19.06 1.19
C GLN F 73 7.33 19.83 2.45
N LEU F 74 8.31 20.45 3.11
CA LEU F 74 7.99 21.23 4.31
C LEU F 74 7.17 22.46 3.95
N ALA F 75 7.42 23.06 2.79
CA ALA F 75 6.58 24.16 2.33
C ALA F 75 5.14 23.69 2.10
N VAL F 76 4.98 22.51 1.52
CA VAL F 76 3.64 21.96 1.31
C VAL F 76 2.95 21.72 2.65
N ILE F 77 3.68 21.17 3.62
CA ILE F 77 3.12 20.91 4.94
C ILE F 77 2.71 22.22 5.60
N PHE F 78 3.55 23.26 5.49
CA PHE F 78 3.22 24.56 6.07
C PHE F 78 2.00 25.16 5.41
N LEU F 79 1.87 25.01 4.08
CA LEU F 79 0.67 25.49 3.39
C LEU F 79 -0.57 24.75 3.87
N TRP F 80 -0.46 23.44 4.09
CA TRP F 80 -1.58 22.66 4.60
C TRP F 80 -1.98 23.12 6.00
N LEU F 81 -1.00 23.37 6.87
CA LEU F 81 -1.30 23.85 8.22
C LEU F 81 -1.92 25.24 8.18
N SER F 82 -1.41 26.11 7.28
CA SER F 82 -1.99 27.43 7.13
C SER F 82 -3.43 27.35 6.67
N GLY F 83 -3.73 26.41 5.75
CA GLY F 83 -5.10 26.22 5.34
C GLY F 83 -5.99 25.75 6.47
N MET F 84 -5.48 24.84 7.30
CA MET F 84 -6.27 24.37 8.44
C MET F 84 -6.58 25.51 9.39
N HIS F 85 -5.58 26.33 9.70
CA HIS F 85 -5.80 27.45 10.61
C HIS F 85 -6.73 28.49 10.00
N PHE F 86 -6.60 28.73 8.68
CA PHE F 86 -7.49 29.68 8.01
C PHE F 86 -8.93 29.19 8.04
N HIS F 87 -9.15 27.89 7.82
CA HIS F 87 -10.50 27.36 7.90
C HIS F 87 -11.05 27.45 9.32
N GLY F 88 -10.21 27.20 10.31
CA GLY F 88 -10.64 27.39 11.69
C GLY F 88 -11.01 28.84 11.98
N ALA F 89 -10.28 29.78 11.37
CA ALA F 89 -10.54 31.19 11.62
C ALA F 89 -11.81 31.67 10.93
N TYR F 90 -12.06 31.21 9.71
CA TYR F 90 -13.10 31.79 8.87
C TYR F 90 -14.32 30.92 8.67
N PHE F 91 -14.16 29.61 8.53
CA PHE F 91 -15.26 28.72 8.19
C PHE F 91 -15.50 27.69 9.29
N SER F 92 -15.44 28.12 10.55
CA SER F 92 -15.56 27.21 11.67
C SER F 92 -16.41 27.83 12.76
N ASN F 93 -16.86 26.98 13.69
CA ASN F 93 -17.60 27.38 14.87
C ASN F 93 -16.74 27.23 16.11
N TYR F 94 -15.46 27.57 15.99
CA TYR F 94 -14.53 27.38 17.10
C TYR F 94 -14.91 28.24 18.30
N SER F 95 -15.35 29.48 18.07
CA SER F 95 -15.75 30.33 19.18
C SER F 95 -16.95 29.75 19.90
N ALA F 96 -17.93 29.23 19.15
CA ALA F 96 -19.08 28.60 19.79
C ALA F 96 -18.69 27.31 20.51
N TRP F 97 -17.76 26.54 19.93
CA TRP F 97 -17.32 25.31 20.57
C TRP F 97 -16.55 25.58 21.85
N LEU F 98 -15.86 26.72 21.93
CA LEU F 98 -15.13 27.05 23.15
C LEU F 98 -16.06 27.21 24.33
N THR F 99 -17.21 27.85 24.12
CA THR F 99 -18.17 28.08 25.20
C THR F 99 -19.00 26.85 25.53
N ASN F 100 -18.99 25.82 24.69
CA ASN F 100 -19.77 24.60 24.91
C ASN F 100 -19.05 23.43 24.28
N PRO F 101 -17.90 23.03 24.84
CA PRO F 101 -17.13 21.93 24.24
C PRO F 101 -17.86 20.59 24.28
N THR F 102 -18.71 20.36 25.28
CA THR F 102 -19.34 19.06 25.47
C THR F 102 -20.65 18.90 24.71
N SER F 103 -21.18 19.98 24.11
CA SER F 103 -22.44 19.91 23.40
C SER F 103 -22.38 20.42 21.97
N THR F 104 -21.26 20.96 21.53
CA THR F 104 -21.10 21.46 20.17
C THR F 104 -20.10 20.58 19.44
N LYS F 105 -20.46 20.14 18.25
CA LYS F 105 -19.56 19.29 17.47
C LYS F 105 -18.63 20.16 16.63
N PRO F 106 -17.32 19.89 16.64
CA PRO F 106 -16.38 20.75 15.91
C PRO F 106 -16.59 20.66 14.40
N SER F 107 -16.76 21.81 13.77
CA SER F 107 -16.91 21.90 12.32
C SER F 107 -16.05 23.04 11.81
N ALA F 108 -15.29 22.80 10.75
CA ALA F 108 -14.41 23.81 10.19
C ALA F 108 -14.42 23.82 8.66
N GLN F 109 -15.47 23.31 8.03
CA GLN F 109 -15.57 23.31 6.58
C GLN F 109 -17.04 23.41 6.20
N ILE F 110 -17.41 24.53 5.58
CA ILE F 110 -18.77 24.71 5.08
C ILE F 110 -18.80 24.38 3.60
N VAL F 111 -19.95 23.92 3.13
CA VAL F 111 -20.11 23.40 1.77
C VAL F 111 -21.00 24.36 0.99
N TRP F 112 -20.56 24.71 -0.22
CA TRP F 112 -21.32 25.61 -1.06
C TRP F 112 -22.65 24.99 -1.46
N PRO F 113 -23.69 25.81 -1.63
CA PRO F 113 -25.01 25.29 -2.06
C PRO F 113 -25.14 25.10 -3.56
N ILE F 114 -24.61 23.97 -4.05
CA ILE F 114 -24.70 23.61 -5.45
C ILE F 114 -25.23 22.19 -5.54
N VAL F 115 -25.86 21.87 -6.67
CA VAL F 115 -26.40 20.56 -7.02
C VAL F 115 -27.01 19.83 -5.82
N GLY F 116 -27.56 20.58 -4.87
CA GLY F 116 -28.18 19.99 -3.71
C GLY F 116 -27.22 19.47 -2.66
N GLN F 117 -25.94 19.79 -2.77
CA GLN F 117 -24.94 19.28 -1.84
C GLN F 117 -24.95 20.00 -0.50
N GLU F 118 -25.77 21.04 -0.34
CA GLU F 118 -25.82 21.78 0.91
C GLU F 118 -26.37 20.96 2.06
N VAL F 119 -26.95 19.79 1.79
CA VAL F 119 -27.36 18.88 2.84
C VAL F 119 -26.17 18.42 3.68
N LEU F 120 -24.96 18.49 3.11
CA LEU F 120 -23.77 18.09 3.85
C LEU F 120 -23.47 19.03 5.01
N ASN F 121 -24.00 20.25 4.99
CA ASN F 121 -23.83 21.19 6.10
C ASN F 121 -24.69 20.70 7.26
N ALA F 122 -24.06 20.04 8.23
CA ALA F 122 -24.77 19.36 9.29
C ALA F 122 -25.13 20.32 10.42
N ASP F 123 -25.95 19.84 11.36
CA ASP F 123 -26.32 20.65 12.53
C ASP F 123 -25.30 20.40 13.62
N VAL F 124 -24.10 20.92 13.43
CA VAL F 124 -22.99 20.74 14.36
C VAL F 124 -23.17 21.54 15.64
N GLY F 125 -24.17 22.43 15.70
CA GLY F 125 -24.43 23.20 16.89
C GLY F 125 -23.72 24.55 16.88
N GLY F 126 -24.10 25.38 17.84
CA GLY F 126 -23.55 26.73 17.92
C GLY F 126 -23.95 27.63 16.77
N ASN F 127 -25.19 27.53 16.33
CA ASN F 127 -25.66 28.36 15.21
C ASN F 127 -24.69 28.25 14.04
N PHE F 128 -24.37 27.01 13.65
CA PHE F 128 -23.43 26.78 12.57
C PHE F 128 -23.89 25.59 11.74
N GLN F 129 -23.57 25.64 10.45
CA GLN F 129 -23.81 24.54 9.53
C GLN F 129 -22.52 24.22 8.80
N GLY F 130 -22.16 22.94 8.77
CA GLY F 130 -20.93 22.55 8.11
C GLY F 130 -20.65 21.07 8.35
N ILE F 131 -19.48 20.66 7.92
CA ILE F 131 -19.04 19.28 8.04
C ILE F 131 -18.34 19.10 9.38
N GLN F 132 -18.76 18.10 10.14
CA GLN F 132 -18.13 17.81 11.42
C GLN F 132 -16.68 17.39 11.21
N ILE F 133 -15.79 17.93 12.04
CA ILE F 133 -14.36 17.75 11.89
C ILE F 133 -13.89 16.71 12.89
N THR F 134 -13.17 15.71 12.41
CA THR F 134 -12.66 14.61 13.24
C THR F 134 -11.14 14.64 13.37
N SER F 135 -10.50 15.74 13.02
CA SER F 135 -9.05 15.87 13.13
C SER F 135 -8.62 16.44 14.48
N GLY F 136 -9.55 16.84 15.33
CA GLY F 136 -9.21 17.29 16.66
C GLY F 136 -8.48 18.61 16.72
N PHE F 137 -8.63 19.46 15.70
CA PHE F 137 -7.94 20.74 15.71
C PHE F 137 -8.49 21.66 16.79
N PHE F 138 -9.80 21.59 17.06
CA PHE F 138 -10.40 22.45 18.07
C PHE F 138 -9.80 22.16 19.44
N GLN F 139 -9.66 20.89 19.78
CA GLN F 139 -9.06 20.52 21.07
C GLN F 139 -7.59 20.92 21.13
N LEU F 140 -6.86 20.75 20.03
CA LEU F 140 -5.46 21.18 20.00
C LEU F 140 -5.34 22.68 20.17
N TRP F 141 -6.19 23.45 19.48
CA TRP F 141 -6.14 24.90 19.61
C TRP F 141 -6.51 25.34 21.02
N ARG F 142 -7.48 24.68 21.63
CA ARG F 142 -7.82 24.99 23.02
C ARG F 142 -6.66 24.68 23.95
N ALA F 143 -5.96 23.56 23.73
CA ALA F 143 -4.80 23.22 24.53
C ALA F 143 -3.67 24.23 24.31
N GLU F 144 -3.62 24.85 23.14
CA GLU F 144 -2.62 25.89 22.87
C GLU F 144 -2.98 27.21 23.52
N GLY F 145 -4.17 27.34 24.10
CA GLY F 145 -4.61 28.61 24.64
C GLY F 145 -5.26 29.54 23.64
N ILE F 146 -5.48 29.10 22.42
CA ILE F 146 -6.10 29.94 21.40
C ILE F 146 -7.58 30.08 21.74
N THR F 147 -7.99 31.30 22.10
CA THR F 147 -9.36 31.56 22.50
C THR F 147 -10.12 32.46 21.53
N SER F 148 -9.51 32.84 20.42
CA SER F 148 -10.14 33.71 19.45
C SER F 148 -9.80 33.26 18.04
N GLU F 149 -10.69 33.56 17.10
CA GLU F 149 -10.44 33.25 15.70
C GLU F 149 -9.42 34.18 15.06
N VAL F 150 -9.16 35.33 15.68
CA VAL F 150 -8.11 36.22 15.18
C VAL F 150 -6.75 35.55 15.30
N GLU F 151 -6.52 34.85 16.42
CA GLU F 151 -5.27 34.12 16.60
C GLU F 151 -5.12 33.03 15.56
N LEU F 152 -6.22 32.36 15.21
CA LEU F 152 -6.17 31.36 14.14
C LEU F 152 -5.82 32.00 12.80
N TYR F 153 -6.37 33.19 12.53
CA TYR F 153 -6.03 33.89 11.30
C TYR F 153 -4.56 34.26 11.26
N TRP F 154 -4.01 34.73 12.38
CA TRP F 154 -2.61 35.12 12.41
C TRP F 154 -1.71 33.89 12.30
N THR F 155 -2.11 32.76 12.89
CA THR F 155 -1.36 31.53 12.71
C THR F 155 -1.38 31.08 11.26
N ALA F 156 -2.52 31.25 10.58
CA ALA F 156 -2.59 30.92 9.16
C ALA F 156 -1.68 31.82 8.33
N VAL F 157 -1.64 33.11 8.65
CA VAL F 157 -0.76 34.03 7.95
C VAL F 157 0.70 33.65 8.17
N GLY F 158 1.05 33.32 9.41
CA GLY F 158 2.39 32.86 9.70
C GLY F 158 2.72 31.57 8.97
N GLY F 159 1.75 30.68 8.84
CA GLY F 159 1.97 29.45 8.08
C GLY F 159 2.22 29.72 6.61
N LEU F 160 1.47 30.66 6.02
CA LEU F 160 1.72 31.05 4.64
C LEU F 160 3.11 31.63 4.47
N VAL F 161 3.52 32.51 5.39
CA VAL F 161 4.85 33.10 5.32
C VAL F 161 5.92 32.02 5.45
N ALA F 162 5.71 31.08 6.37
CA ALA F 162 6.67 29.99 6.55
C ALA F 162 6.75 29.11 5.31
N SER F 163 5.61 28.83 4.68
CA SER F 163 5.62 28.03 3.46
C SER F 163 6.39 28.72 2.36
N PHE F 164 6.18 30.02 2.19
CA PHE F 164 6.98 30.77 1.21
C PHE F 164 8.46 30.72 1.56
N LEU F 165 8.78 30.82 2.86
CA LEU F 165 10.17 30.78 3.29
C LEU F 165 10.80 29.43 2.95
N MET F 166 10.07 28.34 3.14
CA MET F 166 10.63 27.03 2.82
C MET F 166 10.79 26.85 1.32
N LEU F 167 9.84 27.36 0.53
CA LEU F 167 10.01 27.34 -0.92
C LEU F 167 11.27 28.10 -1.34
N PHE F 168 11.46 29.30 -0.77
CA PHE F 168 12.64 30.08 -1.08
C PHE F 168 13.91 29.37 -0.64
N ALA F 169 13.86 28.68 0.50
CA ALA F 169 15.02 27.95 0.97
C ALA F 169 15.39 26.83 0.03
N GLY F 170 14.40 26.09 -0.46
CA GLY F 170 14.67 25.03 -1.41
C GLY F 170 15.27 25.57 -2.70
N TRP F 171 14.69 26.65 -3.23
CA TRP F 171 15.26 27.26 -4.43
C TRP F 171 16.68 27.74 -4.17
N PHE F 172 16.90 28.39 -3.03
CA PHE F 172 18.22 28.92 -2.71
C PHE F 172 19.26 27.81 -2.62
N HIS F 173 18.91 26.72 -1.95
CA HIS F 173 19.87 25.66 -1.72
C HIS F 173 19.97 24.67 -2.87
N TYR F 174 19.16 24.83 -3.92
CA TYR F 174 19.49 24.11 -5.15
C TYR F 174 20.16 24.98 -6.21
N HIS F 175 19.82 26.27 -6.28
CA HIS F 175 20.25 27.10 -7.40
C HIS F 175 21.27 28.18 -7.04
N LYS F 176 21.31 28.62 -5.78
CA LYS F 176 22.17 29.72 -5.38
C LYS F 176 23.32 29.29 -4.48
N ALA F 177 23.05 28.42 -3.50
CA ALA F 177 24.11 27.93 -2.61
C ALA F 177 23.75 26.50 -2.22
N ALA F 178 24.27 25.53 -2.98
CA ALA F 178 24.00 24.13 -2.72
C ALA F 178 25.10 23.53 -1.84
N PRO F 179 24.75 22.87 -0.74
CA PRO F 179 25.79 22.32 0.13
C PRO F 179 26.55 21.19 -0.53
N LYS F 180 27.78 20.99 -0.08
CA LYS F 180 28.64 19.96 -0.63
C LYS F 180 28.39 18.62 0.06
N LEU F 181 29.01 17.57 -0.48
CA LEU F 181 28.81 16.23 0.05
C LEU F 181 29.32 16.11 1.47
N GLU F 182 30.46 16.74 1.77
CA GLU F 182 31.03 16.67 3.11
C GLU F 182 30.09 17.30 4.13
N TRP F 183 29.37 18.35 3.75
CA TRP F 183 28.38 18.94 4.63
C TRP F 183 27.26 17.95 4.93
N PHE F 184 26.79 17.24 3.91
CA PHE F 184 25.72 16.28 4.11
C PHE F 184 26.18 15.08 4.94
N GLN F 185 27.45 14.71 4.83
CA GLN F 185 27.97 13.53 5.49
C GLN F 185 28.41 13.78 6.92
N ASN F 186 28.21 14.98 7.45
CA ASN F 186 28.48 15.28 8.86
C ASN F 186 27.33 14.75 9.71
N VAL F 187 27.26 13.42 9.78
CA VAL F 187 26.17 12.79 10.53
C VAL F 187 26.31 13.05 12.03
N GLU F 188 27.54 13.21 12.53
CA GLU F 188 27.72 13.55 13.93
C GLU F 188 27.16 14.93 14.23
N SER F 189 27.53 15.92 13.41
CA SER F 189 26.99 17.27 13.58
C SER F 189 25.48 17.30 13.38
N MET F 190 24.99 16.57 12.37
CA MET F 190 23.55 16.54 12.11
C MET F 190 22.79 15.94 13.29
N LEU F 191 23.31 14.85 13.85
CA LEU F 191 22.66 14.22 14.99
C LEU F 191 22.70 15.14 16.21
N ASN F 192 23.85 15.78 16.45
CA ASN F 192 23.96 16.72 17.56
C ASN F 192 22.92 17.82 17.44
N HIS F 193 22.79 18.38 16.24
CA HIS F 193 21.86 19.49 16.07
C HIS F 193 20.41 19.02 16.15
N HIS F 194 20.07 17.94 15.46
CA HIS F 194 18.69 17.45 15.49
C HIS F 194 18.28 17.02 16.89
N LEU F 195 19.23 16.55 17.71
CA LEU F 195 18.88 16.13 19.06
C LEU F 195 18.81 17.31 20.01
N ALA F 196 19.80 18.21 19.98
CA ALA F 196 19.76 19.35 20.88
C ALA F 196 18.84 20.43 20.33
N GLY F 197 19.24 21.07 19.23
CA GLY F 197 18.46 22.18 18.70
C GLY F 197 17.04 21.78 18.39
N LEU F 198 16.83 20.98 17.33
CA LEU F 198 15.47 20.68 16.90
C LEU F 198 14.65 20.11 18.05
N LEU F 199 14.97 18.91 18.51
CA LEU F 199 14.13 18.24 19.48
C LEU F 199 14.15 18.95 20.84
N GLY F 200 15.33 19.11 21.44
CA GLY F 200 15.40 19.66 22.78
C GLY F 200 14.92 21.10 22.85
N LEU F 201 15.39 21.96 21.93
CA LEU F 201 14.98 23.35 21.98
C LEU F 201 13.53 23.52 21.57
N GLY F 202 12.98 22.63 20.71
CA GLY F 202 11.55 22.68 20.45
C GLY F 202 10.75 22.30 21.67
N SER F 203 11.17 21.28 22.40
CA SER F 203 10.51 20.93 23.65
C SER F 203 10.62 22.06 24.66
N LEU F 204 11.77 22.71 24.73
CA LEU F 204 11.96 23.82 25.67
C LEU F 204 11.07 25.01 25.30
N SER F 205 11.03 25.36 24.02
CA SER F 205 10.19 26.46 23.58
C SER F 205 8.71 26.15 23.81
N TRP F 206 8.30 24.91 23.54
CA TRP F 206 6.90 24.56 23.78
C TRP F 206 6.58 24.53 25.27
N ALA F 207 7.52 24.10 26.10
CA ALA F 207 7.32 24.18 27.54
C ALA F 207 7.16 25.62 27.99
N GLY F 208 7.97 26.52 27.45
CA GLY F 208 7.82 27.93 27.75
C GLY F 208 6.46 28.46 27.35
N HIS F 209 6.03 28.12 26.13
CA HIS F 209 4.72 28.57 25.67
C HIS F 209 3.61 28.02 26.57
N GLN F 210 3.68 26.73 26.90
CA GLN F 210 2.66 26.13 27.74
C GLN F 210 2.61 26.84 29.09
N ILE F 211 3.76 27.00 29.73
CA ILE F 211 3.84 27.59 31.06
C ILE F 211 3.31 29.02 31.06
N HIS F 212 3.63 29.80 30.02
CA HIS F 212 3.29 31.21 30.06
C HIS F 212 1.97 31.56 29.37
N ILE F 213 1.43 30.68 28.54
CA ILE F 213 0.23 30.98 27.76
C ILE F 213 -0.81 29.90 27.99
N ALA F 214 -0.43 28.63 27.77
CA ALA F 214 -1.42 27.57 27.79
C ALA F 214 -1.85 27.23 29.22
N LEU F 215 -0.91 27.23 30.15
CA LEU F 215 -1.26 26.94 31.54
C LEU F 215 -2.24 27.95 32.13
N PRO F 216 -2.04 29.27 32.01
CA PRO F 216 -3.02 30.18 32.62
C PRO F 216 -4.33 30.24 31.86
N ILE F 217 -4.27 30.29 30.53
CA ILE F 217 -5.50 30.43 29.74
C ILE F 217 -6.39 29.22 29.92
N ASN F 218 -5.82 28.01 29.88
CA ASN F 218 -6.63 26.82 30.05
C ASN F 218 -7.14 26.67 31.47
N LYS F 219 -6.35 27.09 32.47
CA LYS F 219 -6.84 27.07 33.84
C LYS F 219 -8.02 28.00 34.01
N LEU F 220 -7.96 29.20 33.39
CA LEU F 220 -9.09 30.11 33.44
C LEU F 220 -10.30 29.54 32.70
N LEU F 221 -10.06 28.88 31.56
CA LEU F 221 -11.15 28.27 30.81
C LEU F 221 -11.84 27.18 31.62
N ASP F 222 -11.06 26.34 32.31
CA ASP F 222 -11.64 25.28 33.12
C ASP F 222 -12.36 25.85 34.35
N LEU F 223 -11.92 27.00 34.84
CA LEU F 223 -12.59 27.65 35.96
C LEU F 223 -13.94 28.24 35.58
N GLY F 224 -14.27 28.28 34.28
CA GLY F 224 -15.53 28.82 33.83
C GLY F 224 -15.45 30.22 33.27
N VAL F 225 -14.27 30.83 33.22
CA VAL F 225 -14.13 32.17 32.67
C VAL F 225 -14.35 32.11 31.16
N SER F 226 -15.23 32.97 30.66
CA SER F 226 -15.52 32.98 29.24
C SER F 226 -14.32 33.50 28.46
N PRO F 227 -14.14 33.07 27.21
CA PRO F 227 -12.95 33.47 26.44
C PRO F 227 -12.84 34.96 26.22
N GLU F 228 -13.96 35.71 26.27
CA GLU F 228 -13.90 37.14 25.99
C GLU F 228 -13.26 37.92 27.13
N GLU F 229 -13.49 37.50 28.38
CA GLU F 229 -12.91 38.17 29.53
C GLU F 229 -11.58 37.58 29.95
N ILE F 230 -11.10 36.54 29.27
CA ILE F 230 -9.76 36.04 29.52
C ILE F 230 -8.74 37.03 28.97
N PRO F 231 -7.69 37.37 29.70
CA PRO F 231 -6.71 38.35 29.19
C PRO F 231 -6.01 37.82 27.95
N LEU F 232 -5.57 38.77 27.12
CA LEU F 232 -4.81 38.40 25.93
C LEU F 232 -3.51 37.72 26.34
N PRO F 233 -3.02 36.78 25.53
CA PRO F 233 -1.87 35.97 25.98
C PRO F 233 -0.63 36.77 26.31
N TYR F 234 -0.38 37.89 25.62
CA TYR F 234 0.82 38.68 25.92
C TYR F 234 0.73 39.33 27.29
N GLU F 235 -0.48 39.56 27.80
CA GLU F 235 -0.63 40.16 29.12
C GLU F 235 -0.19 39.22 30.23
N PHE F 236 -0.15 37.91 29.97
CA PHE F 236 0.34 36.96 30.96
C PHE F 236 1.85 37.03 31.11
N ILE F 237 2.55 37.64 30.16
CA ILE F 237 3.99 37.81 30.21
C ILE F 237 4.38 39.17 30.78
N LEU F 238 3.73 40.23 30.29
CA LEU F 238 4.04 41.56 30.78
C LEU F 238 3.60 41.77 32.22
N ASN F 239 2.58 41.03 32.67
CA ASN F 239 2.05 41.15 34.02
C ASN F 239 2.27 39.84 34.75
N ARG F 240 3.19 39.85 35.72
CA ARG F 240 3.48 38.67 36.53
C ARG F 240 2.41 38.44 37.61
N ASP F 241 1.31 39.20 37.58
CA ASP F 241 0.25 39.04 38.56
C ASP F 241 -0.97 38.32 38.02
N LEU F 242 -1.15 38.28 36.69
CA LEU F 242 -2.24 37.53 36.10
C LEU F 242 -1.99 36.03 36.14
N ILE F 243 -0.72 35.61 36.21
CA ILE F 243 -0.37 34.20 36.21
C ILE F 243 -0.02 33.75 37.63
N ALA F 244 0.42 34.70 38.46
CA ALA F 244 0.72 34.39 39.84
C ALA F 244 -0.52 34.19 40.70
N GLN F 245 -1.70 34.55 40.20
CA GLN F 245 -2.93 34.25 40.93
C GLN F 245 -3.38 32.81 40.69
N LEU F 246 -3.26 32.34 39.45
CA LEU F 246 -3.60 30.95 39.15
C LEU F 246 -2.53 29.99 39.67
N TYR F 247 -1.26 30.34 39.52
CA TYR F 247 -0.14 29.55 39.99
C TYR F 247 0.72 30.43 40.89
N PRO F 248 0.50 30.41 42.21
CA PRO F 248 1.18 31.32 43.14
C PRO F 248 2.64 30.94 43.40
N SER F 249 3.37 30.63 42.34
CA SER F 249 4.79 30.38 42.40
C SER F 249 5.60 31.28 41.48
N PHE F 250 4.94 32.01 40.57
CA PHE F 250 5.64 32.98 39.73
C PHE F 250 6.06 34.21 40.52
N ASN F 251 5.51 34.41 41.71
CA ASN F 251 5.89 35.54 42.54
C ASN F 251 7.35 35.49 42.95
N LYS F 252 7.95 34.30 42.95
CA LYS F 252 9.37 34.15 43.26
C LYS F 252 10.26 34.33 42.04
N GLY F 253 9.69 34.48 40.85
CA GLY F 253 10.49 34.69 39.66
C GLY F 253 11.32 33.48 39.31
N LEU F 254 12.45 33.73 38.65
CA LEU F 254 13.38 32.69 38.26
C LEU F 254 14.44 32.40 39.31
N THR F 255 14.37 33.06 40.47
CA THR F 255 15.33 32.77 41.53
C THR F 255 15.31 31.31 41.98
N PRO F 256 14.16 30.65 42.19
CA PRO F 256 14.21 29.22 42.54
C PRO F 256 14.89 28.37 41.49
N PHE F 257 14.79 28.73 40.21
CA PHE F 257 15.44 27.96 39.16
C PHE F 257 16.97 28.06 39.28
N PHE F 258 17.50 29.27 39.43
CA PHE F 258 18.94 29.45 39.47
C PHE F 258 19.54 29.12 40.83
N THR F 259 18.73 29.01 41.88
CA THR F 259 19.20 28.61 43.18
C THR F 259 18.95 27.14 43.47
N LEU F 260 18.61 26.36 42.43
CA LEU F 260 18.36 24.93 42.51
C LEU F 260 17.21 24.57 43.43
N ASN F 261 16.38 25.54 43.81
CA ASN F 261 15.20 25.30 44.63
C ASN F 261 13.99 25.02 43.73
N TRP F 262 14.14 23.96 42.92
CA TRP F 262 13.13 23.62 41.93
C TRP F 262 11.83 23.12 42.54
N GLY F 263 11.82 22.83 43.85
CA GLY F 263 10.58 22.44 44.50
C GLY F 263 9.55 23.53 44.56
N GLU F 264 9.97 24.79 44.46
CA GLU F 264 9.02 25.90 44.49
C GLU F 264 8.10 25.89 43.28
N TYR F 265 8.57 25.37 42.15
CA TYR F 265 7.80 25.34 40.91
C TYR F 265 6.83 24.17 40.83
N SER F 266 6.55 23.50 41.94
CA SER F 266 5.61 22.40 41.94
C SER F 266 4.18 22.85 41.66
N ASP F 267 3.91 24.16 41.69
CA ASP F 267 2.58 24.66 41.39
C ASP F 267 2.18 24.37 39.95
N PHE F 268 3.10 24.62 39.00
CA PHE F 268 2.80 24.44 37.58
C PHE F 268 3.65 23.36 36.92
N LEU F 269 4.60 22.75 37.63
CA LEU F 269 5.34 21.60 37.13
C LEU F 269 4.99 20.43 38.05
N THR F 270 3.88 19.78 37.77
CA THR F 270 3.39 18.70 38.61
C THR F 270 3.72 17.34 38.01
N PHE F 271 3.48 16.31 38.79
CA PHE F 271 3.55 14.92 38.32
C PHE F 271 2.34 14.22 38.93
N LYS F 272 1.21 14.27 38.23
CA LYS F 272 -0.07 13.80 38.75
C LYS F 272 -0.54 12.51 38.10
N GLY F 273 -0.39 12.38 36.79
CA GLY F 273 -0.97 11.25 36.10
C GLY F 273 -2.48 11.42 35.97
N GLY F 274 -3.10 10.38 35.43
CA GLY F 274 -4.53 10.42 35.26
C GLY F 274 -4.96 11.48 34.26
N LEU F 275 -6.17 12.01 34.47
CA LEU F 275 -6.75 12.99 33.57
C LEU F 275 -7.36 14.13 34.38
N ASN F 276 -7.47 15.28 33.73
CA ASN F 276 -8.14 16.42 34.32
C ASN F 276 -9.63 16.10 34.45
N PRO F 277 -10.21 16.15 35.65
CA PRO F 277 -11.64 15.81 35.78
C PRO F 277 -12.56 16.79 35.07
N VAL F 278 -12.10 18.00 34.79
CA VAL F 278 -12.96 18.98 34.12
C VAL F 278 -13.01 18.73 32.62
N THR F 279 -11.84 18.54 32.01
CA THR F 279 -11.75 18.42 30.56
C THR F 279 -11.57 16.99 30.07
N GLY F 280 -11.13 16.08 30.93
CA GLY F 280 -10.89 14.71 30.52
C GLY F 280 -9.56 14.47 29.87
N GLY F 281 -8.74 15.50 29.68
CA GLY F 281 -7.42 15.37 29.11
C GLY F 281 -6.33 15.35 30.18
N LEU F 282 -5.10 15.19 29.71
CA LEU F 282 -3.96 15.20 30.62
C LEU F 282 -3.81 16.56 31.27
N TRP F 283 -3.33 16.56 32.51
CA TRP F 283 -3.04 17.81 33.20
C TRP F 283 -1.98 18.58 32.43
N LEU F 284 -2.30 19.82 32.05
CA LEU F 284 -1.36 20.61 31.28
C LEU F 284 -0.12 20.98 32.08
N THR F 285 -0.22 21.03 33.41
CA THR F 285 0.99 21.17 34.22
C THR F 285 1.89 19.95 34.04
N ASP F 286 1.30 18.76 34.03
CA ASP F 286 2.07 17.55 33.73
C ASP F 286 2.68 17.61 32.34
N THR F 287 1.93 18.13 31.37
CA THR F 287 2.44 18.24 30.01
C THR F 287 3.63 19.20 29.93
N ALA F 288 3.53 20.35 30.62
CA ALA F 288 4.63 21.31 30.62
C ALA F 288 5.86 20.73 31.30
N HIS F 289 5.67 20.05 32.43
CA HIS F 289 6.80 19.39 33.10
C HIS F 289 7.42 18.33 32.21
N HIS F 290 6.57 17.58 31.49
CA HIS F 290 7.06 16.56 30.58
C HIS F 290 7.92 17.17 29.48
N HIS F 291 7.43 18.26 28.88
CA HIS F 291 8.19 18.88 27.80
C HIS F 291 9.50 19.47 28.30
N LEU F 292 9.48 20.02 29.52
CA LEU F 292 10.72 20.53 30.11
C LEU F 292 11.73 19.41 30.30
N ALA F 293 11.29 18.28 30.87
CA ALA F 293 12.21 17.16 31.08
C ALA F 293 12.72 16.61 29.75
N ILE F 294 11.83 16.52 28.76
CA ILE F 294 12.23 16.06 27.44
C ILE F 294 13.25 17.00 26.82
N ALA F 295 13.05 18.30 26.99
CA ALA F 295 14.00 19.29 26.46
C ALA F 295 15.37 19.11 27.09
N VAL F 296 15.42 18.98 28.42
CA VAL F 296 16.70 18.81 29.09
C VAL F 296 17.38 17.52 28.63
N LEU F 297 16.61 16.43 28.55
CA LEU F 297 17.17 15.15 28.15
C LEU F 297 17.71 15.19 26.73
N PHE F 298 16.98 15.84 25.81
CA PHE F 298 17.42 15.87 24.42
C PHE F 298 18.59 16.81 24.23
N ILE F 299 18.62 17.94 24.95
CA ILE F 299 19.78 18.82 24.89
C ILE F 299 21.01 18.10 25.39
N VAL F 300 20.89 17.37 26.50
CA VAL F 300 22.02 16.58 27.00
C VAL F 300 22.44 15.55 25.96
N ALA F 301 21.46 14.85 25.37
CA ALA F 301 21.77 13.83 24.38
C ALA F 301 22.42 14.40 23.12
N GLY F 302 22.24 15.69 22.86
CA GLY F 302 22.85 16.29 21.69
C GLY F 302 24.34 16.52 21.80
N HIS F 303 24.89 16.47 23.01
CA HIS F 303 26.33 16.62 23.23
C HIS F 303 27.02 15.26 23.30
N MET F 304 26.82 14.40 22.29
CA MET F 304 27.35 13.06 22.32
C MET F 304 28.39 12.78 21.25
N TYR F 305 28.19 13.28 20.04
CA TYR F 305 29.03 12.92 18.90
C TYR F 305 30.04 14.02 18.62
N LYS F 306 31.26 13.59 18.26
CA LYS F 306 32.35 14.53 18.00
C LYS F 306 32.13 15.21 16.66
N THR F 307 32.07 16.54 16.66
CA THR F 307 31.80 17.30 15.45
C THR F 307 32.98 18.16 15.03
N ASN F 308 33.44 19.08 15.87
CA ASN F 308 34.48 20.02 15.48
C ASN F 308 35.54 20.25 16.55
N TRP F 309 35.40 19.68 17.73
CA TRP F 309 36.38 19.81 18.79
C TRP F 309 36.86 18.43 19.20
N PHE F 310 37.88 18.38 20.06
CA PHE F 310 38.33 17.12 20.64
C PHE F 310 37.40 16.79 21.81
N LEU F 311 36.17 16.41 21.47
CA LEU F 311 35.14 16.15 22.45
C LEU F 311 33.99 15.44 21.74
N GLY F 312 33.46 14.41 22.38
CA GLY F 312 32.36 13.65 21.83
C GLY F 312 32.80 12.31 21.27
N HIS F 313 31.84 11.63 20.67
CA HIS F 313 32.03 10.30 20.13
C HIS F 313 32.16 10.34 18.61
N SER F 314 32.86 9.35 18.07
CA SER F 314 32.85 9.05 16.65
C SER F 314 32.01 7.80 16.44
N ILE F 315 30.96 7.92 15.62
CA ILE F 315 30.06 6.79 15.40
C ILE F 315 30.81 5.63 14.75
N LYS F 316 31.83 5.94 13.95
CA LYS F 316 32.65 4.89 13.35
C LYS F 316 33.36 4.06 14.42
N THR F 317 33.94 4.72 15.42
CA THR F 317 34.64 4.00 16.46
C THR F 317 33.70 3.20 17.36
N ILE F 318 32.50 3.72 17.60
CA ILE F 318 31.53 2.99 18.41
C ILE F 318 31.09 1.72 17.70
N LEU F 319 30.73 1.83 16.42
CA LEU F 319 30.24 0.67 15.69
C LEU F 319 31.32 -0.39 15.52
N GLU F 320 32.54 0.03 15.19
CA GLU F 320 33.61 -0.92 14.91
C GLU F 320 34.05 -1.69 16.16
N ALA F 321 33.76 -1.17 17.35
CA ALA F 321 34.13 -1.86 18.58
C ALA F 321 33.08 -2.87 19.03
N HIS F 322 31.92 -2.92 18.38
CA HIS F 322 30.86 -3.82 18.77
C HIS F 322 30.87 -5.07 17.90
N LYS F 323 31.91 -5.87 18.10
CA LYS F 323 32.02 -7.19 17.49
C LYS F 323 31.60 -8.25 18.51
N GLY F 324 31.67 -9.50 18.10
CA GLY F 324 31.33 -10.59 18.99
C GLY F 324 31.69 -11.95 18.42
N PRO F 325 31.69 -12.97 19.28
CA PRO F 325 31.97 -14.33 18.80
C PRO F 325 30.98 -14.82 17.76
N PHE F 326 29.71 -14.43 17.88
CA PHE F 326 28.66 -14.89 16.99
C PHE F 326 28.48 -14.02 15.76
N THR F 327 29.09 -12.82 15.72
CA THR F 327 28.79 -11.85 14.68
C THR F 327 30.01 -11.41 13.88
N GLY F 328 31.13 -12.11 14.00
CA GLY F 328 32.27 -11.84 13.14
C GLY F 328 32.78 -10.42 13.31
N GLU F 329 32.82 -9.67 12.21
CA GLU F 329 33.31 -8.30 12.23
C GLU F 329 32.33 -7.34 12.89
N GLY F 330 31.11 -7.76 13.19
CA GLY F 330 30.18 -6.89 13.88
C GLY F 330 29.71 -5.75 12.99
N HIS F 331 29.70 -4.55 13.56
CA HIS F 331 29.17 -3.37 12.90
C HIS F 331 30.19 -2.64 12.06
N LYS F 332 31.30 -3.29 11.71
CA LYS F 332 32.30 -2.65 10.87
C LYS F 332 31.74 -2.46 9.47
N GLY F 333 31.84 -1.23 8.96
CA GLY F 333 31.31 -0.90 7.65
C GLY F 333 29.91 -0.34 7.65
N LEU F 334 29.19 -0.44 8.77
CA LEU F 334 27.84 0.13 8.84
C LEU F 334 27.86 1.64 8.75
N TYR F 335 28.90 2.29 9.29
CA TYR F 335 29.02 3.74 9.18
C TYR F 335 29.19 4.16 7.72
N GLU F 336 29.99 3.41 6.97
CA GLU F 336 30.14 3.71 5.54
C GLU F 336 28.85 3.44 4.78
N VAL F 337 28.08 2.45 5.20
CA VAL F 337 26.80 2.16 4.55
C VAL F 337 25.82 3.30 4.75
N LEU F 338 25.73 3.81 5.97
CA LEU F 338 24.73 4.80 6.31
C LEU F 338 25.16 6.23 5.99
N THR F 339 26.42 6.44 5.58
CA THR F 339 26.89 7.75 5.15
C THR F 339 27.09 7.85 3.65
N THR F 340 26.87 6.76 2.91
CA THR F 340 27.01 6.76 1.47
C THR F 340 25.77 6.28 0.74
N SER F 341 24.71 5.90 1.46
CA SER F 341 23.48 5.40 0.86
C SER F 341 22.30 6.13 1.49
N TRP F 342 21.59 6.90 0.66
CA TRP F 342 20.36 7.54 1.14
C TRP F 342 19.26 6.52 1.39
N HIS F 343 19.28 5.40 0.65
CA HIS F 343 18.21 4.42 0.77
C HIS F 343 18.25 3.71 2.13
N ALA F 344 19.46 3.43 2.64
CA ALA F 344 19.55 2.81 3.96
C ALA F 344 19.02 3.73 5.05
N GLN F 345 19.40 5.01 4.99
CA GLN F 345 18.87 5.99 5.93
C GLN F 345 17.36 6.09 5.82
N LEU F 346 16.84 6.10 4.59
CA LEU F 346 15.39 6.15 4.40
C LEU F 346 14.71 4.91 4.98
N ALA F 347 15.33 3.74 4.80
CA ALA F 347 14.76 2.51 5.36
C ALA F 347 14.65 2.61 6.88
N ILE F 348 15.76 2.95 7.55
CA ILE F 348 15.75 3.02 9.00
C ILE F 348 14.75 4.08 9.47
N ASN F 349 14.83 5.27 8.88
CA ASN F 349 14.00 6.38 9.33
C ASN F 349 12.52 6.10 9.10
N LEU F 350 12.17 5.52 7.95
CA LEU F 350 10.77 5.24 7.64
C LEU F 350 10.23 4.14 8.54
N ALA F 351 11.01 3.08 8.80
CA ALA F 351 10.54 2.03 9.68
C ALA F 351 10.31 2.55 11.09
N LEU F 352 11.30 3.25 11.64
CA LEU F 352 11.14 3.79 12.99
C LEU F 352 10.08 4.87 13.04
N PHE F 353 9.87 5.58 11.93
CA PHE F 353 8.88 6.65 11.87
C PHE F 353 7.47 6.09 11.87
N GLY F 354 7.24 5.02 11.11
CA GLY F 354 5.96 4.35 11.15
C GLY F 354 5.67 3.71 12.50
N SER F 355 6.70 3.07 13.09
CA SER F 355 6.52 2.52 14.43
C SER F 355 6.20 3.61 15.43
N LEU F 356 6.87 4.76 15.31
CA LEU F 356 6.57 5.89 16.18
C LEU F 356 5.16 6.40 15.98
N SER F 357 4.69 6.42 14.72
CA SER F 357 3.32 6.85 14.47
C SER F 357 2.32 5.92 15.13
N ILE F 358 2.56 4.61 15.07
CA ILE F 358 1.66 3.66 15.71
C ILE F 358 1.70 3.83 17.23
N ILE F 359 2.89 4.03 17.80
CA ILE F 359 3.02 4.28 19.23
C ILE F 359 2.27 5.54 19.63
N VAL F 360 2.38 6.59 18.81
CA VAL F 360 1.64 7.83 19.04
C VAL F 360 0.15 7.55 19.04
N ALA F 361 -0.32 6.78 18.06
CA ALA F 361 -1.73 6.45 17.98
C ALA F 361 -2.20 5.76 19.25
N HIS F 362 -1.40 4.82 19.76
CA HIS F 362 -1.78 4.12 20.99
C HIS F 362 -1.84 5.08 22.17
N HIS F 363 -0.77 5.85 22.38
CA HIS F 363 -0.70 6.72 23.55
C HIS F 363 -1.71 7.85 23.47
N MET F 364 -2.22 8.17 22.29
CA MET F 364 -3.22 9.22 22.15
C MET F 364 -4.51 8.88 22.88
N TYR F 365 -5.20 7.82 22.44
CA TYR F 365 -6.44 7.44 23.11
C TYR F 365 -6.16 6.91 24.50
N ALA F 366 -5.01 6.25 24.70
CA ALA F 366 -4.73 5.69 26.02
C ALA F 366 -4.68 6.79 27.08
N MET F 367 -4.03 7.90 26.78
CA MET F 367 -3.91 9.05 27.67
C MET F 367 -4.26 10.29 26.88
N PRO F 368 -5.53 10.66 26.82
CA PRO F 368 -5.95 11.80 26.01
C PRO F 368 -5.23 13.07 26.42
N PRO F 369 -4.44 13.66 25.53
CA PRO F 369 -3.62 14.82 25.89
C PRO F 369 -4.26 16.18 25.65
N TYR F 370 -5.49 16.22 25.14
CA TYR F 370 -6.12 17.49 24.83
C TYR F 370 -7.43 17.63 25.61
N PRO F 371 -7.81 18.85 25.96
CA PRO F 371 -9.09 19.05 26.67
C PRO F 371 -10.27 18.72 25.77
N TYR F 372 -11.22 17.97 26.33
CA TYR F 372 -12.47 17.62 25.65
C TYR F 372 -12.24 16.88 24.34
N ILE F 373 -11.17 16.09 24.28
CA ILE F 373 -10.92 15.23 23.14
C ILE F 373 -11.28 13.77 23.41
N ALA F 374 -11.25 13.34 24.68
CA ALA F 374 -11.63 11.97 25.01
C ALA F 374 -13.11 11.74 24.81
N ILE F 375 -13.94 12.76 25.05
CA ILE F 375 -15.38 12.62 24.87
C ILE F 375 -15.82 12.89 23.44
N ASP F 376 -14.91 13.33 22.57
CA ASP F 376 -15.20 13.44 21.14
C ASP F 376 -14.76 12.14 20.48
N TYR F 377 -15.65 11.16 20.53
CA TYR F 377 -15.35 9.83 20.00
C TYR F 377 -14.96 9.85 18.53
N PRO F 378 -15.61 10.61 17.63
CA PRO F 378 -15.13 10.64 16.24
C PRO F 378 -13.69 11.08 16.13
N THR F 379 -13.28 12.08 16.91
CA THR F 379 -11.90 12.55 16.85
C THR F 379 -10.92 11.46 17.30
N GLN F 380 -11.24 10.77 18.40
CA GLN F 380 -10.34 9.73 18.89
C GLN F 380 -10.22 8.60 17.88
N LEU F 381 -11.35 8.13 17.35
CA LEU F 381 -11.33 7.02 16.40
C LEU F 381 -10.55 7.43 15.15
N SER F 382 -10.82 8.62 14.62
CA SER F 382 -10.15 9.07 13.41
C SER F 382 -8.65 9.23 13.63
N LEU F 383 -8.26 9.81 14.76
CA LEU F 383 -6.84 10.01 15.04
C LEU F 383 -6.12 8.67 15.13
N PHE F 384 -6.68 7.73 15.89
CA PHE F 384 -6.05 6.43 16.01
C PHE F 384 -5.92 5.74 14.66
N THR F 385 -7.02 5.66 13.91
CA THR F 385 -6.99 4.94 12.64
C THR F 385 -6.03 5.59 11.66
N HIS F 386 -6.06 6.93 11.57
CA HIS F 386 -5.18 7.63 10.65
C HIS F 386 -3.71 7.40 11.00
N HIS F 387 -3.36 7.51 12.29
CA HIS F 387 -1.97 7.36 12.66
C HIS F 387 -1.48 5.93 12.48
N VAL F 388 -2.34 4.95 12.74
CA VAL F 388 -1.94 3.56 12.53
C VAL F 388 -1.76 3.29 11.04
N TRP F 389 -2.63 3.86 10.19
CA TRP F 389 -2.48 3.69 8.75
C TRP F 389 -1.18 4.31 8.26
N ILE F 390 -0.88 5.52 8.73
CA ILE F 390 0.37 6.18 8.35
C ILE F 390 1.56 5.36 8.80
N GLY F 391 1.49 4.80 10.01
CA GLY F 391 2.58 3.98 10.51
C GLY F 391 2.81 2.74 9.67
N GLY F 392 1.73 2.04 9.31
CA GLY F 392 1.87 0.87 8.48
C GLY F 392 2.46 1.18 7.11
N PHE F 393 1.97 2.27 6.49
CA PHE F 393 2.51 2.66 5.20
C PHE F 393 3.99 3.00 5.31
N CYS F 394 4.38 3.74 6.35
CA CYS F 394 5.77 4.14 6.50
C CYS F 394 6.66 2.93 6.77
N ILE F 395 6.15 1.93 7.50
CA ILE F 395 6.95 0.73 7.76
C ILE F 395 7.16 -0.04 6.46
N VAL F 396 6.11 -0.18 5.64
CA VAL F 396 6.27 -0.85 4.36
C VAL F 396 7.27 -0.08 3.49
N GLY F 397 7.24 1.25 3.56
CA GLY F 397 8.20 2.04 2.81
C GLY F 397 9.63 1.85 3.28
N GLY F 398 9.82 1.74 4.59
CA GLY F 398 11.15 1.45 5.12
C GLY F 398 11.67 0.11 4.63
N ALA F 399 10.80 -0.91 4.60
CA ALA F 399 11.21 -2.20 4.05
C ALA F 399 11.55 -2.08 2.57
N ALA F 400 10.75 -1.32 1.82
CA ALA F 400 11.00 -1.13 0.40
C ALA F 400 12.35 -0.50 0.16
N HIS F 401 12.69 0.53 0.94
CA HIS F 401 13.94 1.22 0.71
C HIS F 401 15.14 0.44 1.25
N GLY F 402 14.93 -0.42 2.24
CA GLY F 402 15.98 -1.38 2.58
C GLY F 402 16.28 -2.31 1.42
N ALA F 403 15.23 -2.81 0.77
CA ALA F 403 15.43 -3.65 -0.41
C ALA F 403 16.11 -2.87 -1.53
N ILE F 404 15.73 -1.61 -1.72
CA ILE F 404 16.36 -0.78 -2.75
C ILE F 404 17.84 -0.59 -2.45
N PHE F 405 18.19 -0.33 -1.19
CA PHE F 405 19.60 -0.23 -0.82
C PHE F 405 20.34 -1.52 -1.13
N PHE F 406 19.74 -2.66 -0.78
CA PHE F 406 20.41 -3.93 -1.03
C PHE F 406 20.65 -4.14 -2.53
N VAL F 407 19.68 -3.78 -3.36
CA VAL F 407 19.83 -3.98 -4.80
C VAL F 407 20.88 -3.03 -5.36
N ARG F 408 20.81 -1.74 -5.00
CA ARG F 408 21.57 -0.69 -5.67
C ARG F 408 22.86 -0.34 -4.93
N ASP F 409 22.75 0.09 -3.68
CA ASP F 409 23.86 0.71 -2.97
C ASP F 409 24.67 -0.26 -2.14
N TYR F 410 24.36 -1.56 -2.18
CA TYR F 410 25.09 -2.53 -1.38
C TYR F 410 26.36 -2.95 -2.10
N ASN F 411 27.50 -2.80 -1.42
CA ASN F 411 28.79 -3.22 -1.95
C ASN F 411 29.27 -4.43 -1.16
N ALA F 412 29.45 -5.54 -1.87
CA ALA F 412 29.87 -6.78 -1.21
C ALA F 412 31.27 -6.66 -0.63
N ALA F 413 32.18 -5.99 -1.35
CA ALA F 413 33.56 -5.87 -0.89
C ALA F 413 33.64 -5.08 0.41
N ASN F 414 32.89 -3.98 0.51
CA ASN F 414 32.94 -3.13 1.70
C ASN F 414 32.25 -3.75 2.90
N ASN F 415 31.54 -4.86 2.73
CA ASN F 415 30.79 -5.47 3.82
C ASN F 415 31.21 -6.91 4.02
N TYR F 416 32.52 -7.17 4.07
CA TYR F 416 33.03 -8.51 4.23
C TYR F 416 32.90 -8.96 5.68
N ASN F 417 32.09 -10.00 5.92
CA ASN F 417 31.94 -10.65 7.21
C ASN F 417 31.38 -9.71 8.29
N ASN F 418 30.68 -8.65 7.89
CA ASN F 418 30.01 -7.79 8.86
C ASN F 418 28.60 -8.30 9.10
N LEU F 419 27.77 -7.51 9.78
CA LEU F 419 26.43 -7.97 10.13
C LEU F 419 25.58 -8.18 8.88
N ILE F 420 25.66 -7.27 7.92
CA ILE F 420 24.86 -7.40 6.70
C ILE F 420 25.24 -8.66 5.95
N ASP F 421 26.54 -8.92 5.81
CA ASP F 421 27.01 -10.11 5.13
C ASP F 421 26.53 -11.37 5.83
N ARG F 422 26.67 -11.42 7.15
CA ARG F 422 26.29 -12.61 7.88
C ARG F 422 24.79 -12.85 7.86
N VAL F 423 23.99 -11.79 7.77
CA VAL F 423 22.55 -11.96 7.65
C VAL F 423 22.20 -12.59 6.30
N ILE F 424 22.81 -12.11 5.22
CA ILE F 424 22.57 -12.70 3.90
C ILE F 424 23.04 -14.13 3.85
N ARG F 425 24.12 -14.45 4.56
CA ARG F 425 24.70 -15.79 4.49
C ARG F 425 23.79 -16.86 5.10
N HIS F 426 22.90 -16.49 6.00
CA HIS F 426 21.96 -17.44 6.58
C HIS F 426 20.51 -16.99 6.41
N ARG F 427 20.23 -16.30 5.30
CA ARG F 427 18.87 -15.82 5.04
C ARG F 427 17.88 -16.97 5.00
N ASP F 428 18.31 -18.14 4.55
CA ASP F 428 17.43 -19.29 4.48
C ASP F 428 16.89 -19.61 5.85
N ALA F 429 17.77 -19.73 6.83
CA ALA F 429 17.34 -20.08 8.18
C ALA F 429 16.34 -19.07 8.72
N ILE F 430 16.63 -17.78 8.54
CA ILE F 430 15.73 -16.73 9.02
C ILE F 430 14.37 -16.87 8.37
N ILE F 431 14.34 -17.00 7.04
CA ILE F 431 13.07 -17.01 6.33
C ILE F 431 12.29 -18.30 6.62
N SER F 432 12.98 -19.43 6.74
CA SER F 432 12.29 -20.68 7.03
C SER F 432 11.68 -20.66 8.44
N HIS F 433 12.43 -20.15 9.42
CA HIS F 433 11.87 -20.11 10.77
C HIS F 433 10.77 -19.08 10.89
N LEU F 434 10.87 -17.96 10.17
CA LEU F 434 9.79 -16.98 10.13
C LEU F 434 8.57 -17.56 9.45
N ASN F 435 8.76 -18.38 8.42
CA ASN F 435 7.66 -19.10 7.78
C ASN F 435 6.98 -20.02 8.77
N TRP F 436 7.77 -20.79 9.52
CA TRP F 436 7.18 -21.70 10.51
C TRP F 436 6.41 -20.92 11.57
N VAL F 437 6.96 -19.81 12.04
CA VAL F 437 6.29 -18.99 13.04
C VAL F 437 4.99 -18.43 12.49
N CYS F 438 5.01 -17.97 11.24
CA CYS F 438 3.80 -17.44 10.64
C CYS F 438 2.73 -18.51 10.52
N ILE F 439 3.12 -19.72 10.10
CA ILE F 439 2.15 -20.80 9.99
C ILE F 439 1.60 -21.16 11.36
N PHE F 440 2.47 -21.24 12.37
CA PHE F 440 2.03 -21.56 13.73
C PHE F 440 1.04 -20.52 14.24
N LEU F 441 1.39 -19.25 14.11
CA LEU F 441 0.53 -18.18 14.62
C LEU F 441 -0.79 -18.11 13.88
N GLY F 442 -0.75 -18.24 12.55
CA GLY F 442 -1.99 -18.20 11.78
C GLY F 442 -2.88 -19.39 12.07
N CYS F 443 -2.33 -20.60 11.95
CA CYS F 443 -3.05 -21.80 12.38
C CYS F 443 -3.73 -21.58 13.71
N HIS F 444 -2.96 -21.19 14.72
CA HIS F 444 -3.54 -21.06 16.07
C HIS F 444 -4.58 -19.95 16.12
N SER F 445 -4.18 -18.71 15.92
CA SER F 445 -5.16 -17.65 16.09
C SER F 445 -6.40 -17.88 15.24
N PHE F 446 -6.23 -17.99 13.93
CA PHE F 446 -7.39 -18.04 13.06
C PHE F 446 -8.16 -19.34 13.24
N GLY F 447 -7.48 -20.46 13.52
CA GLY F 447 -8.19 -21.72 13.65
C GLY F 447 -8.91 -21.84 14.97
N LEU F 448 -8.49 -21.02 15.92
CA LEU F 448 -9.22 -20.97 17.17
C LEU F 448 -10.47 -20.17 16.84
N TYR F 449 -10.32 -19.11 16.03
CA TYR F 449 -11.53 -18.39 15.61
C TYR F 449 -12.50 -19.31 14.87
N VAL F 450 -11.98 -20.12 13.94
CA VAL F 450 -12.84 -21.01 13.15
C VAL F 450 -13.41 -22.13 13.99
N HIS F 451 -12.65 -22.62 14.97
CA HIS F 451 -13.15 -23.61 15.91
C HIS F 451 -14.30 -23.05 16.72
N ASN F 452 -14.16 -21.81 17.20
CA ASN F 452 -15.26 -21.17 17.89
C ASN F 452 -16.48 -21.07 16.98
N ASP F 453 -16.26 -20.69 15.72
CA ASP F 453 -17.37 -20.53 14.78
C ASP F 453 -18.09 -21.85 14.52
N THR F 454 -17.32 -22.92 14.32
CA THR F 454 -17.94 -24.22 14.01
C THR F 454 -18.55 -24.86 15.26
N MET F 455 -18.00 -24.60 16.45
CA MET F 455 -18.64 -25.08 17.66
C MET F 455 -19.96 -24.37 17.90
N ARG F 456 -20.01 -23.06 17.66
CA ARG F 456 -21.26 -22.33 17.79
C ARG F 456 -22.27 -22.78 16.75
N ALA F 457 -21.81 -23.03 15.52
CA ALA F 457 -22.72 -23.47 14.47
C ALA F 457 -23.26 -24.88 14.73
N LEU F 458 -22.52 -25.70 15.47
CA LEU F 458 -22.94 -27.05 15.80
C LEU F 458 -23.70 -27.14 17.11
N GLY F 459 -23.99 -26.01 17.74
CA GLY F 459 -24.74 -26.03 18.98
C GLY F 459 -23.97 -26.53 20.17
N ARG F 460 -22.64 -26.43 20.14
CA ARG F 460 -21.79 -26.83 21.26
C ARG F 460 -21.15 -25.58 21.82
N SER F 461 -21.87 -24.90 22.71
CA SER F 461 -21.40 -23.63 23.26
C SER F 461 -20.33 -23.80 24.31
N GLN F 462 -20.22 -24.98 24.92
CA GLN F 462 -19.22 -25.24 25.96
C GLN F 462 -17.88 -25.67 25.39
N ASP F 463 -17.78 -25.84 24.09
CA ASP F 463 -16.54 -26.25 23.44
C ASP F 463 -15.80 -25.09 22.79
N LEU F 464 -16.27 -23.86 22.99
CA LEU F 464 -15.64 -22.70 22.39
C LEU F 464 -14.39 -22.29 23.16
N PHE F 465 -13.62 -21.39 22.56
CA PHE F 465 -12.51 -20.74 23.27
C PHE F 465 -12.98 -19.40 23.84
N SER F 466 -13.93 -19.49 24.76
CA SER F 466 -14.60 -18.33 25.35
C SER F 466 -14.30 -18.26 26.84
N ASP F 467 -14.85 -17.23 27.49
CA ASP F 467 -14.66 -17.06 28.92
C ASP F 467 -15.49 -18.06 29.70
N ASN F 468 -16.71 -18.34 29.25
CA ASN F 468 -17.58 -19.35 29.86
C ASN F 468 -17.32 -20.74 29.31
N ALA F 469 -16.14 -20.97 28.75
CA ALA F 469 -15.76 -22.20 28.08
C ALA F 469 -14.25 -22.35 28.28
N ILE F 470 -13.61 -23.15 27.41
CA ILE F 470 -12.15 -23.19 27.41
C ILE F 470 -11.64 -21.76 27.34
N ALA F 471 -10.95 -21.32 28.38
CA ALA F 471 -10.60 -19.91 28.55
C ALA F 471 -9.11 -19.72 28.37
N LEU F 472 -8.74 -18.72 27.60
CA LEU F 472 -7.34 -18.36 27.36
C LEU F 472 -7.15 -16.95 27.94
N LYS F 473 -6.86 -16.89 29.23
CA LYS F 473 -6.74 -15.60 29.90
C LYS F 473 -5.38 -14.99 29.60
N PRO F 474 -5.33 -13.76 29.10
CA PRO F 474 -4.03 -13.09 28.93
C PRO F 474 -3.43 -12.69 30.25
N ILE F 475 -2.87 -13.66 30.98
CA ILE F 475 -2.40 -13.40 32.34
C ILE F 475 -1.22 -12.45 32.35
N PHE F 476 -0.35 -12.51 31.34
CA PHE F 476 0.82 -11.64 31.31
C PHE F 476 0.42 -10.18 31.19
N ALA F 477 -0.57 -9.89 30.35
CA ALA F 477 -1.00 -8.51 30.17
C ALA F 477 -1.78 -8.02 31.39
N GLN F 478 -2.55 -8.89 32.03
CA GLN F 478 -3.26 -8.50 33.23
C GLN F 478 -2.29 -8.23 34.38
N PHE F 479 -1.20 -8.99 34.45
CA PHE F 479 -0.17 -8.72 35.44
C PHE F 479 0.43 -7.33 35.25
N ILE F 480 0.70 -6.96 34.00
CA ILE F 480 1.23 -5.62 33.72
C ILE F 480 0.20 -4.56 34.07
N GLN F 481 -1.07 -4.80 33.75
CA GLN F 481 -2.12 -3.85 34.11
C GLN F 481 -2.17 -3.65 35.62
N ASN F 482 -2.07 -4.73 36.39
CA ASN F 482 -2.05 -4.62 37.84
C ASN F 482 -0.82 -3.85 38.31
N LEU F 483 0.33 -4.06 37.68
CA LEU F 483 1.54 -3.38 38.10
C LEU F 483 1.44 -1.87 37.90
N HIS F 484 0.76 -1.44 36.82
CA HIS F 484 0.66 -0.02 36.55
C HIS F 484 -0.32 0.67 37.49
N THR F 485 -1.46 0.02 37.78
CA THR F 485 -2.43 0.63 38.67
C THR F 485 -1.93 0.68 40.11
N LEU F 486 -0.92 -0.11 40.46
CA LEU F 486 -0.27 -0.04 41.76
C LEU F 486 0.97 0.83 41.77
N ALA F 487 1.40 1.33 40.60
CA ALA F 487 2.62 2.12 40.53
C ALA F 487 2.57 3.39 41.37
N PRO F 488 1.51 4.21 41.34
CA PRO F 488 1.51 5.43 42.16
C PRO F 488 1.57 5.10 43.64
N GLY F 489 2.66 5.52 44.28
CA GLY F 489 2.87 5.30 45.69
C GLY F 489 3.74 4.10 46.02
N SER F 490 3.93 3.18 45.09
CA SER F 490 4.76 2.00 45.32
C SER F 490 6.03 2.02 44.48
N THR F 491 5.89 2.09 43.15
CA THR F 491 7.04 2.23 42.27
C THR F 491 7.19 3.62 41.69
N ALA F 492 6.10 4.36 41.55
CA ALA F 492 6.19 5.79 41.24
C ALA F 492 5.68 6.57 42.44
N PRO F 493 6.47 6.64 43.52
CA PRO F 493 5.92 7.19 44.77
C PRO F 493 5.50 8.65 44.68
N ASN F 494 6.02 9.40 43.72
CA ASN F 494 5.65 10.80 43.55
C ASN F 494 4.49 10.99 42.58
N ALA F 495 3.90 9.91 42.09
CA ALA F 495 2.70 9.98 41.29
C ALA F 495 1.46 9.99 42.18
N LEU F 496 0.44 10.73 41.74
CA LEU F 496 -0.85 10.75 42.42
C LEU F 496 -1.86 9.81 41.79
N THR F 497 -1.70 9.49 40.51
CA THR F 497 -2.64 8.65 39.79
C THR F 497 -1.88 7.87 38.73
N THR F 498 -2.45 6.74 38.30
CA THR F 498 -1.85 5.96 37.24
C THR F 498 -1.70 6.78 35.97
N VAL F 499 -0.79 6.34 35.11
CA VAL F 499 -0.54 7.06 33.86
C VAL F 499 -1.80 7.08 33.01
N SER F 500 -2.48 5.94 32.89
CA SER F 500 -3.72 5.84 32.14
C SER F 500 -4.71 5.01 32.93
N TYR F 501 -5.98 5.43 32.89
CA TYR F 501 -7.03 4.64 33.52
C TYR F 501 -7.33 3.35 32.76
N ALA F 502 -6.77 3.19 31.57
CA ALA F 502 -6.92 1.92 30.84
C ALA F 502 -6.34 0.76 31.63
N PHE F 503 -5.25 0.99 32.37
CA PHE F 503 -4.66 -0.06 33.18
C PHE F 503 -5.50 -0.39 34.41
N GLY F 504 -6.42 0.48 34.79
CA GLY F 504 -7.22 0.27 35.97
C GLY F 504 -7.48 1.56 36.73
N GLY F 505 -8.44 1.54 37.63
CA GLY F 505 -8.79 2.73 38.38
C GLY F 505 -10.27 3.07 38.30
N ASP F 506 -10.60 4.35 38.27
CA ASP F 506 -11.97 4.82 38.25
C ASP F 506 -12.40 5.14 36.83
N VAL F 507 -13.72 5.20 36.63
CA VAL F 507 -14.30 5.61 35.36
C VAL F 507 -14.29 7.13 35.32
N ILE F 508 -13.64 7.70 34.32
CA ILE F 508 -13.52 9.15 34.16
C ILE F 508 -14.54 9.59 33.11
N SER F 509 -15.51 10.39 33.55
CA SER F 509 -16.58 10.87 32.68
C SER F 509 -16.61 12.39 32.69
N VAL F 510 -16.81 12.98 31.52
CA VAL F 510 -16.93 14.41 31.36
C VAL F 510 -18.28 14.69 30.70
N GLY F 511 -19.17 15.35 31.42
CA GLY F 511 -20.49 15.63 30.88
C GLY F 511 -21.28 14.37 30.58
N SER F 512 -21.25 13.40 31.48
CA SER F 512 -21.95 12.11 31.37
C SER F 512 -21.42 11.24 30.24
N LYS F 513 -20.30 11.60 29.63
CA LYS F 513 -19.67 10.80 28.58
C LYS F 513 -18.34 10.26 29.09
N ILE F 514 -18.10 8.98 28.87
CA ILE F 514 -16.89 8.34 29.39
C ILE F 514 -15.67 8.84 28.62
N ALA F 515 -14.68 9.33 29.37
CA ALA F 515 -13.41 9.73 28.78
C ALA F 515 -12.43 8.56 28.72
N MET F 516 -12.19 7.92 29.86
CA MET F 516 -11.34 6.73 29.93
C MET F 516 -11.87 5.81 31.01
N MET F 517 -11.55 4.53 30.88
CA MET F 517 -12.04 3.52 31.82
C MET F 517 -11.16 2.30 31.70
N PRO F 518 -10.96 1.55 32.79
CA PRO F 518 -10.19 0.30 32.71
C PRO F 518 -10.60 -0.61 31.57
N ILE F 519 -9.66 -0.93 30.70
CA ILE F 519 -9.92 -1.79 29.55
C ILE F 519 -9.65 -3.22 29.98
N SER F 520 -10.72 -3.97 30.25
CA SER F 520 -10.57 -5.35 30.68
C SER F 520 -10.08 -6.22 29.54
N LEU F 521 -9.16 -7.14 29.85
CA LEU F 521 -8.61 -8.07 28.88
C LEU F 521 -9.07 -9.48 29.21
N GLY F 522 -9.77 -10.12 28.28
CA GLY F 522 -10.24 -11.47 28.47
C GLY F 522 -9.79 -12.39 27.34
N THR F 523 -10.52 -13.50 27.15
CA THR F 523 -10.14 -14.42 26.08
C THR F 523 -10.35 -13.81 24.71
N ALA F 524 -11.27 -12.85 24.59
CA ALA F 524 -11.49 -12.19 23.30
C ALA F 524 -10.29 -11.34 22.91
N ASP F 525 -9.65 -10.70 23.89
CA ASP F 525 -8.46 -9.89 23.60
C ASP F 525 -7.25 -10.77 23.33
N PHE F 526 -7.17 -11.95 23.95
CA PHE F 526 -6.11 -12.89 23.65
C PHE F 526 -6.09 -13.26 22.18
N LEU F 527 -7.26 -13.65 21.65
CA LEU F 527 -7.34 -14.10 20.27
C LEU F 527 -6.99 -12.97 19.31
N VAL F 528 -7.53 -11.77 19.54
CA VAL F 528 -7.28 -10.67 18.61
C VAL F 528 -5.84 -10.19 18.70
N HIS F 529 -5.23 -10.25 19.89
CA HIS F 529 -3.82 -9.89 20.01
C HIS F 529 -2.93 -10.88 19.27
N HIS F 530 -3.26 -12.17 19.34
CA HIS F 530 -2.49 -13.14 18.59
C HIS F 530 -2.74 -13.02 17.09
N ILE F 531 -3.94 -12.59 16.70
CA ILE F 531 -4.19 -12.27 15.29
C ILE F 531 -3.29 -11.12 14.85
N HIS F 532 -3.17 -10.09 15.69
CA HIS F 532 -2.27 -8.98 15.39
C HIS F 532 -0.83 -9.47 15.22
N ALA F 533 -0.38 -10.31 16.16
CA ALA F 533 0.98 -10.83 16.08
C ALA F 533 1.19 -11.63 14.81
N PHE F 534 0.21 -12.45 14.44
CA PHE F 534 0.33 -13.28 13.25
C PHE F 534 0.39 -12.43 11.98
N THR F 535 -0.49 -11.44 11.87
CA THR F 535 -0.49 -10.58 10.68
C THR F 535 0.81 -9.79 10.58
N ILE F 536 1.28 -9.27 11.71
CA ILE F 536 2.54 -8.53 11.71
C ILE F 536 3.68 -9.44 11.29
N HIS F 537 3.68 -10.68 11.77
CA HIS F 537 4.74 -11.62 11.42
C HIS F 537 4.71 -11.95 9.94
N VAL F 538 3.54 -12.11 9.35
CA VAL F 538 3.47 -12.41 7.92
C VAL F 538 3.94 -11.22 7.08
N THR F 539 3.55 -10.00 7.50
CA THR F 539 4.04 -8.83 6.78
C THR F 539 5.56 -8.74 6.88
N VAL F 540 6.11 -8.98 8.06
CA VAL F 540 7.56 -9.01 8.24
C VAL F 540 8.18 -10.09 7.38
N LEU F 541 7.52 -11.23 7.25
CA LEU F 541 8.05 -12.32 6.43
C LEU F 541 8.17 -11.89 4.97
N ILE F 542 7.10 -11.29 4.44
CA ILE F 542 7.13 -10.88 3.04
C ILE F 542 8.21 -9.82 2.82
N LEU F 543 8.27 -8.82 3.71
CA LEU F 543 9.22 -7.72 3.51
C LEU F 543 10.66 -8.18 3.70
N LEU F 544 10.91 -9.04 4.69
CA LEU F 544 12.26 -9.53 4.94
C LEU F 544 12.71 -10.48 3.84
N LYS F 545 11.80 -11.30 3.31
CA LYS F 545 12.13 -12.13 2.16
C LYS F 545 12.46 -11.26 0.95
N GLY F 546 11.76 -10.14 0.80
CA GLY F 546 12.09 -9.23 -0.28
C GLY F 546 13.47 -8.60 -0.11
N VAL F 547 13.79 -8.19 1.11
CA VAL F 547 15.07 -7.52 1.35
C VAL F 547 16.23 -8.50 1.22
N LEU F 548 16.10 -9.68 1.82
CA LEU F 548 17.22 -10.62 1.86
C LEU F 548 17.48 -11.26 0.49
N TYR F 549 16.41 -11.59 -0.24
CA TYR F 549 16.53 -12.21 -1.55
C TYR F 549 16.45 -11.20 -2.68
N SER F 550 16.82 -9.94 -2.41
CA SER F 550 16.79 -8.90 -3.42
C SER F 550 17.96 -8.98 -4.38
N ARG F 551 19.08 -9.56 -3.96
CA ARG F 551 20.29 -9.60 -4.78
C ARG F 551 20.45 -10.93 -5.54
N ASN F 552 20.15 -12.05 -4.90
CA ASN F 552 20.31 -13.35 -5.54
C ASN F 552 19.43 -14.36 -4.81
N SER F 553 19.33 -15.54 -5.39
CA SER F 553 18.55 -16.64 -4.83
C SER F 553 19.00 -17.93 -5.50
N ARG F 554 18.36 -19.03 -5.13
CA ARG F 554 18.61 -20.29 -5.84
C ARG F 554 17.92 -20.28 -7.20
N LEU F 555 16.81 -19.56 -7.33
CA LEU F 555 16.17 -19.42 -8.63
C LEU F 555 16.99 -18.57 -9.57
N ILE F 556 17.19 -17.31 -9.20
CA ILE F 556 17.91 -16.35 -10.04
C ILE F 556 19.19 -15.95 -9.32
N PRO F 557 20.34 -16.54 -9.66
CA PRO F 557 21.59 -16.20 -8.96
C PRO F 557 22.08 -14.80 -9.22
N ASP F 558 21.52 -14.10 -10.21
CA ASP F 558 21.93 -12.74 -10.56
C ASP F 558 20.72 -11.81 -10.57
N LYS F 559 19.90 -11.91 -9.51
CA LYS F 559 18.72 -11.06 -9.41
C LYS F 559 19.09 -9.59 -9.22
N ALA F 560 20.27 -9.30 -8.68
CA ALA F 560 20.68 -7.91 -8.52
C ALA F 560 20.93 -7.23 -9.85
N ASN F 561 21.33 -8.00 -10.88
CA ASN F 561 21.55 -7.43 -12.20
C ASN F 561 20.25 -7.07 -12.90
N LEU F 562 19.11 -7.56 -12.43
CA LEU F 562 17.82 -7.20 -12.98
C LEU F 562 17.21 -5.95 -12.34
N GLY F 563 17.85 -5.43 -11.29
CA GLY F 563 17.38 -4.23 -10.65
C GLY F 563 16.40 -4.49 -9.52
N PHE F 564 16.00 -3.41 -8.86
CA PHE F 564 15.01 -3.50 -7.80
C PHE F 564 13.62 -3.72 -8.34
N ARG F 565 13.28 -3.07 -9.45
CA ARG F 565 11.93 -3.08 -10.00
C ARG F 565 11.97 -3.77 -11.37
N PHE F 566 11.53 -5.02 -11.41
CA PHE F 566 11.36 -5.74 -12.66
C PHE F 566 10.23 -6.74 -12.49
N PRO F 567 9.50 -7.06 -13.56
CA PRO F 567 8.33 -7.93 -13.37
C PRO F 567 8.68 -9.37 -13.06
N CYS F 568 9.73 -9.91 -13.68
CA CYS F 568 10.01 -11.34 -13.61
C CYS F 568 11.38 -11.58 -14.21
N ASP F 569 11.73 -12.86 -14.32
CA ASP F 569 12.82 -13.30 -15.17
C ASP F 569 12.34 -14.13 -16.36
N GLY F 570 11.07 -14.54 -16.37
CA GLY F 570 10.52 -15.29 -17.46
C GLY F 570 9.62 -16.42 -17.01
N PRO F 571 8.94 -17.07 -17.96
CA PRO F 571 8.08 -18.21 -17.60
C PRO F 571 8.86 -19.46 -17.24
N GLY F 572 10.18 -19.46 -17.39
CA GLY F 572 10.98 -20.62 -17.10
C GLY F 572 11.13 -20.84 -15.61
N ARG F 573 11.85 -21.92 -15.28
CA ARG F 573 12.00 -22.39 -13.91
C ARG F 573 10.64 -22.70 -13.28
N GLY F 574 9.68 -23.09 -14.12
CA GLY F 574 8.31 -23.25 -13.70
C GLY F 574 7.53 -21.96 -13.62
N GLY F 575 8.17 -20.82 -13.82
CA GLY F 575 7.53 -19.53 -13.66
C GLY F 575 8.24 -18.68 -12.62
N THR F 576 8.73 -17.51 -13.02
CA THR F 576 9.48 -16.63 -12.15
C THR F 576 8.80 -15.27 -12.01
N CYS F 577 7.48 -15.28 -11.83
CA CYS F 577 6.76 -14.06 -11.55
C CYS F 577 7.29 -13.42 -10.27
N GLN F 578 7.08 -12.10 -10.15
CA GLN F 578 7.14 -11.39 -8.88
C GLN F 578 8.35 -11.77 -8.03
N VAL F 579 9.48 -12.06 -8.62
CA VAL F 579 10.61 -12.41 -7.83
C VAL F 579 11.35 -11.18 -7.40
N SER F 580 10.93 -10.00 -7.77
CA SER F 580 11.67 -8.84 -7.47
C SER F 580 11.65 -8.62 -6.06
N ALA F 581 11.97 -7.41 -5.68
CA ALA F 581 11.96 -7.08 -4.33
C ALA F 581 10.90 -6.09 -4.26
N TRP F 582 10.46 -5.60 -5.39
CA TRP F 582 9.40 -4.66 -5.44
C TRP F 582 8.14 -5.39 -5.34
N ASP F 583 8.13 -6.59 -5.91
CA ASP F 583 6.92 -7.39 -5.91
C ASP F 583 6.71 -7.93 -4.52
N HIS F 584 7.61 -7.58 -3.61
CA HIS F 584 7.49 -8.04 -2.26
C HIS F 584 7.02 -6.89 -1.46
N VAL F 585 7.23 -5.70 -1.94
CA VAL F 585 6.73 -4.55 -1.27
C VAL F 585 5.33 -4.41 -1.74
N PHE F 586 4.95 -5.02 -2.83
CA PHE F 586 3.56 -5.01 -3.28
C PHE F 586 2.71 -5.96 -2.45
N LEU F 587 3.16 -7.21 -2.30
CA LEU F 587 2.46 -8.16 -1.44
C LEU F 587 2.47 -7.73 0.02
N GLY F 588 3.58 -7.14 0.47
CA GLY F 588 3.64 -6.64 1.84
C GLY F 588 2.69 -5.48 2.07
N LEU F 589 2.46 -4.66 1.06
CA LEU F 589 1.44 -3.63 1.15
C LEU F 589 0.07 -4.24 1.34
N PHE F 590 -0.23 -5.30 0.59
CA PHE F 590 -1.50 -5.99 0.79
C PHE F 590 -1.62 -6.51 2.22
N TRP F 591 -0.57 -7.16 2.73
CA TRP F 591 -0.66 -7.74 4.06
C TRP F 591 -0.65 -6.68 5.16
N MET F 592 0.02 -5.56 4.94
CA MET F 592 -0.08 -4.44 5.86
C MET F 592 -1.51 -3.90 5.90
N TYR F 593 -2.16 -3.81 4.74
CA TYR F 593 -3.56 -3.41 4.74
C TYR F 593 -4.39 -4.36 5.59
N ASN F 594 -4.17 -5.66 5.41
CA ASN F 594 -4.92 -6.65 6.20
C ASN F 594 -4.68 -6.44 7.70
N SER F 595 -3.40 -6.33 8.09
CA SER F 595 -3.07 -6.23 9.51
C SER F 595 -3.64 -4.96 10.12
N ILE F 596 -3.47 -3.82 9.44
CA ILE F 596 -3.94 -2.55 9.99
C ILE F 596 -5.47 -2.52 10.02
N SER F 597 -6.13 -3.12 9.03
CA SER F 597 -7.58 -3.20 9.04
C SER F 597 -8.06 -3.99 10.26
N ILE F 598 -7.41 -5.11 10.55
CA ILE F 598 -7.79 -5.88 11.73
C ILE F 598 -7.52 -5.08 13.01
N VAL F 599 -6.40 -4.36 13.04
CA VAL F 599 -6.07 -3.57 14.24
C VAL F 599 -7.12 -2.50 14.49
N ILE F 600 -7.50 -1.76 13.45
CA ILE F 600 -8.46 -0.69 13.64
C ILE F 600 -9.85 -1.25 13.92
N PHE F 601 -10.19 -2.41 13.34
CA PHE F 601 -11.46 -3.04 13.69
C PHE F 601 -11.49 -3.43 15.16
N HIS F 602 -10.40 -4.03 15.65
CA HIS F 602 -10.31 -4.38 17.06
C HIS F 602 -10.46 -3.15 17.93
N PHE F 603 -9.76 -2.07 17.58
CA PHE F 603 -9.85 -0.84 18.37
C PHE F 603 -11.28 -0.31 18.39
N SER F 604 -11.89 -0.18 17.21
CA SER F 604 -13.23 0.39 17.13
C SER F 604 -14.22 -0.43 17.95
N TRP F 605 -14.26 -1.75 17.72
CA TRP F 605 -15.23 -2.57 18.42
C TRP F 605 -14.97 -2.60 19.92
N LYS F 606 -13.70 -2.78 20.33
CA LYS F 606 -13.41 -2.86 21.75
C LYS F 606 -13.73 -1.56 22.46
N MET F 607 -13.38 -0.42 21.86
CA MET F 607 -13.69 0.86 22.50
C MET F 607 -15.20 1.07 22.60
N GLN F 608 -15.91 0.88 21.48
CA GLN F 608 -17.35 1.09 21.49
C GLN F 608 -18.07 0.14 22.46
N SER F 609 -17.53 -1.06 22.65
CA SER F 609 -18.23 -2.07 23.43
C SER F 609 -17.84 -2.08 24.91
N ASP F 610 -16.62 -1.65 25.24
CA ASP F 610 -16.13 -1.83 26.60
C ASP F 610 -15.40 -0.60 27.14
N VAL F 611 -15.39 0.54 26.45
CA VAL F 611 -14.84 1.75 27.05
C VAL F 611 -15.84 2.91 26.91
N TRP F 612 -16.20 3.23 25.67
CA TRP F 612 -17.02 4.40 25.41
C TRP F 612 -18.47 4.15 25.82
N GLY F 613 -19.18 5.24 26.07
CA GLY F 613 -20.57 5.18 26.45
C GLY F 613 -20.92 6.35 27.34
N THR F 614 -21.98 6.16 28.11
CA THR F 614 -22.47 7.17 29.04
C THR F 614 -22.53 6.59 30.45
N VAL F 615 -22.44 7.48 31.43
CA VAL F 615 -22.48 7.11 32.85
C VAL F 615 -23.72 7.74 33.47
N SER F 616 -24.56 6.90 34.09
CA SER F 616 -25.74 7.39 34.75
C SER F 616 -25.36 8.18 36.01
N PRO F 617 -26.26 9.03 36.50
CA PRO F 617 -25.93 9.81 37.71
C PRO F 617 -25.61 8.95 38.92
N THR F 618 -26.15 7.74 39.01
CA THR F 618 -25.86 6.84 40.11
C THR F 618 -24.60 6.01 39.88
N GLY F 619 -23.96 6.15 38.72
CA GLY F 619 -22.72 5.45 38.45
C GLY F 619 -22.82 4.21 37.59
N ALA F 620 -23.95 3.99 36.93
CA ALA F 620 -24.12 2.84 36.05
C ALA F 620 -23.57 3.17 34.66
N VAL F 621 -22.74 2.29 34.14
CA VAL F 621 -22.05 2.50 32.87
C VAL F 621 -22.80 1.74 31.78
N SER F 622 -23.24 2.46 30.76
CA SER F 622 -23.86 1.86 29.58
C SER F 622 -23.04 2.24 28.36
N HIS F 623 -22.63 1.24 27.59
CA HIS F 623 -21.72 1.46 26.48
C HIS F 623 -22.48 1.65 25.17
N ILE F 624 -21.72 1.96 24.11
CA ILE F 624 -22.33 2.24 22.81
C ILE F 624 -23.02 1.00 22.26
N THR F 625 -22.34 -0.15 22.33
CA THR F 625 -22.91 -1.40 21.84
C THR F 625 -23.46 -2.28 22.95
N GLY F 626 -22.84 -2.29 24.13
CA GLY F 626 -23.38 -3.03 25.25
C GLY F 626 -22.58 -4.25 25.66
N GLY F 627 -21.25 -4.20 25.48
CA GLY F 627 -20.41 -5.29 25.92
C GLY F 627 -20.48 -6.55 25.10
N ASN F 628 -20.89 -6.46 23.83
CA ASN F 628 -20.96 -7.63 22.97
C ASN F 628 -19.59 -8.10 22.49
N PHE F 629 -18.54 -7.32 22.73
CA PHE F 629 -17.21 -7.71 22.28
C PHE F 629 -16.73 -8.98 22.99
N ALA F 630 -17.03 -9.11 24.29
CA ALA F 630 -16.47 -10.20 25.07
C ALA F 630 -16.93 -11.56 24.56
N GLN F 631 -18.20 -11.66 24.13
CA GLN F 631 -18.77 -12.95 23.77
C GLN F 631 -18.98 -13.15 22.29
N SER F 632 -19.00 -12.08 21.48
CA SER F 632 -19.31 -12.19 20.07
C SER F 632 -18.15 -11.81 19.15
N SER F 633 -17.02 -11.38 19.70
CA SER F 633 -15.84 -11.11 18.89
C SER F 633 -14.91 -12.32 18.78
N ILE F 634 -15.36 -13.49 19.26
CA ILE F 634 -14.55 -14.69 19.25
C ILE F 634 -14.85 -15.59 18.07
N THR F 635 -15.84 -15.24 17.24
CA THR F 635 -16.16 -15.99 16.04
C THR F 635 -16.18 -15.05 14.84
N ILE F 636 -15.87 -15.60 13.67
CA ILE F 636 -15.89 -14.80 12.45
C ILE F 636 -17.31 -14.36 12.12
N ASN F 637 -18.30 -15.22 12.40
CA ASN F 637 -19.69 -14.82 12.23
C ASN F 637 -20.04 -13.68 13.16
N GLY F 638 -19.46 -13.68 14.37
CA GLY F 638 -19.68 -12.56 15.28
C GLY F 638 -19.15 -11.25 14.72
N TRP F 639 -17.92 -11.29 14.17
CA TRP F 639 -17.37 -10.10 13.55
C TRP F 639 -18.21 -9.64 12.37
N LEU F 640 -18.68 -10.59 11.57
CA LEU F 640 -19.50 -10.25 10.41
C LEU F 640 -20.82 -9.62 10.81
N ARG F 641 -21.46 -10.14 11.85
CA ARG F 641 -22.82 -9.73 12.19
C ARG F 641 -22.85 -8.59 13.22
N ASP F 642 -22.30 -8.84 14.41
CA ASP F 642 -22.41 -7.88 15.50
C ASP F 642 -21.50 -6.67 15.33
N PHE F 643 -20.52 -6.72 14.43
CA PHE F 643 -19.69 -5.56 14.16
C PHE F 643 -19.92 -4.99 12.76
N LEU F 644 -19.65 -5.76 11.72
CA LEU F 644 -19.74 -5.21 10.36
C LEU F 644 -21.19 -4.90 9.99
N TRP F 645 -22.05 -5.92 10.04
CA TRP F 645 -23.45 -5.72 9.70
C TRP F 645 -24.13 -4.74 10.64
N SER F 646 -23.85 -4.85 11.94
CA SER F 646 -24.55 -4.03 12.92
C SER F 646 -24.15 -2.56 12.82
N GLN F 647 -22.85 -2.28 12.78
CA GLN F 647 -22.38 -0.91 12.75
C GLN F 647 -22.34 -0.31 11.36
N ALA F 648 -22.62 -1.10 10.32
CA ALA F 648 -22.79 -0.56 8.99
C ALA F 648 -24.19 -0.02 8.76
N ALA F 649 -25.07 -0.12 9.76
CA ALA F 649 -26.43 0.38 9.62
C ALA F 649 -26.44 1.89 9.41
N GLN F 650 -25.56 2.61 10.10
CA GLN F 650 -25.56 4.07 9.99
C GLN F 650 -25.07 4.52 8.62
N VAL F 651 -24.16 3.77 8.00
CA VAL F 651 -23.64 4.15 6.69
C VAL F 651 -24.71 3.94 5.62
N VAL F 652 -25.41 2.81 5.66
CA VAL F 652 -26.39 2.50 4.62
C VAL F 652 -27.66 3.32 4.78
N GLN F 653 -27.96 3.80 5.98
CA GLN F 653 -29.14 4.61 6.24
C GLN F 653 -28.82 6.09 6.30
N SER F 654 -27.70 6.50 5.72
CA SER F 654 -27.26 7.90 5.74
C SER F 654 -27.83 8.72 4.60
N TYR F 655 -28.50 8.10 3.64
CA TYR F 655 -29.02 8.83 2.48
C TYR F 655 -30.13 9.79 2.92
N GLY F 656 -30.08 11.00 2.38
CA GLY F 656 -31.02 12.04 2.76
C GLY F 656 -30.63 12.83 3.99
N SER F 657 -29.63 12.37 4.74
CA SER F 657 -29.16 13.05 5.93
C SER F 657 -27.86 13.79 5.63
N SER F 658 -27.31 14.44 6.65
CA SER F 658 -26.06 15.17 6.49
C SER F 658 -24.85 14.25 6.39
N LEU F 659 -25.02 12.96 6.66
CA LEU F 659 -23.95 11.97 6.52
C LEU F 659 -24.02 11.24 5.19
N SER F 660 -24.84 11.70 4.26
CA SER F 660 -25.00 11.00 2.98
C SER F 660 -23.69 10.93 2.20
N ALA F 661 -22.81 11.93 2.38
CA ALA F 661 -21.51 11.87 1.74
C ALA F 661 -20.72 10.64 2.17
N TYR F 662 -20.91 10.21 3.42
CA TYR F 662 -20.24 9.01 3.89
C TYR F 662 -20.76 7.77 3.18
N GLY F 663 -22.07 7.70 2.92
CA GLY F 663 -22.60 6.59 2.15
C GLY F 663 -22.11 6.61 0.72
N LEU F 664 -22.05 7.79 0.12
CA LEU F 664 -21.55 7.90 -1.25
C LEU F 664 -20.09 7.46 -1.34
N ILE F 665 -19.27 7.87 -0.37
CA ILE F 665 -17.87 7.48 -0.36
C ILE F 665 -17.74 5.98 -0.04
N PHE F 666 -18.63 5.44 0.79
CA PHE F 666 -18.69 4.01 1.02
C PHE F 666 -18.87 3.26 -0.30
N LEU F 667 -19.88 3.65 -1.07
CA LEU F 667 -20.14 3.00 -2.35
C LEU F 667 -18.98 3.20 -3.33
N GLY F 668 -18.44 4.42 -3.40
CA GLY F 668 -17.35 4.68 -4.33
C GLY F 668 -16.08 3.93 -3.98
N ALA F 669 -15.82 3.77 -2.68
CA ALA F 669 -14.66 3.00 -2.26
C ALA F 669 -14.85 1.52 -2.54
N HIS F 670 -16.07 1.02 -2.38
CA HIS F 670 -16.36 -0.34 -2.84
C HIS F 670 -16.07 -0.48 -4.33
N PHE F 671 -16.52 0.50 -5.12
CA PHE F 671 -16.31 0.48 -6.55
C PHE F 671 -14.83 0.49 -6.89
N ILE F 672 -14.04 1.31 -6.21
CA ILE F 672 -12.61 1.41 -6.51
C ILE F 672 -11.90 0.12 -6.09
N TRP F 673 -12.27 -0.45 -4.94
CA TRP F 673 -11.66 -1.69 -4.51
C TRP F 673 -11.94 -2.82 -5.50
N ALA F 674 -13.18 -2.90 -6.00
CA ALA F 674 -13.48 -3.90 -7.01
C ALA F 674 -12.79 -3.59 -8.33
N PHE F 675 -12.61 -2.31 -8.65
CA PHE F 675 -11.91 -1.91 -9.85
C PHE F 675 -10.46 -2.38 -9.82
N SER F 676 -9.85 -2.37 -8.64
CA SER F 676 -8.46 -2.80 -8.49
C SER F 676 -8.27 -4.23 -8.97
N LEU F 677 -9.27 -5.09 -8.76
CA LEU F 677 -9.13 -6.50 -9.08
C LEU F 677 -9.00 -6.75 -10.58
N MET F 678 -9.45 -5.81 -11.42
CA MET F 678 -9.17 -5.93 -12.85
C MET F 678 -7.68 -5.90 -13.13
N PHE F 679 -6.94 -4.99 -12.48
CA PHE F 679 -5.51 -4.93 -12.67
C PHE F 679 -4.79 -6.04 -11.92
N LEU F 680 -5.31 -6.44 -10.76
CA LEU F 680 -4.62 -7.45 -9.95
C LEU F 680 -4.75 -8.84 -10.54
N PHE F 681 -5.89 -9.16 -11.16
CA PHE F 681 -6.15 -10.51 -11.62
C PHE F 681 -5.75 -10.74 -13.07
N SER F 682 -5.71 -9.70 -13.90
CA SER F 682 -5.49 -9.84 -15.32
C SER F 682 -4.01 -9.69 -15.66
N GLY F 683 -3.71 -9.72 -16.96
CA GLY F 683 -2.35 -9.62 -17.42
C GLY F 683 -2.24 -8.69 -18.61
N ARG F 684 -0.99 -8.32 -18.93
CA ARG F 684 -0.73 -7.28 -19.90
C ARG F 684 -1.05 -7.71 -21.33
N GLY F 685 -0.86 -8.99 -21.66
CA GLY F 685 -1.03 -9.42 -23.05
C GLY F 685 -2.44 -9.24 -23.56
N TYR F 686 -3.43 -9.58 -22.73
CA TYR F 686 -4.82 -9.42 -23.15
C TYR F 686 -5.14 -7.96 -23.45
N TRP F 687 -4.69 -7.05 -22.59
CA TRP F 687 -4.99 -5.64 -22.79
C TRP F 687 -4.24 -5.07 -23.99
N GLN F 688 -3.00 -5.53 -24.22
CA GLN F 688 -2.29 -5.10 -25.42
C GLN F 688 -3.00 -5.57 -26.68
N GLU F 689 -3.49 -6.81 -26.68
CA GLU F 689 -4.16 -7.32 -27.88
C GLU F 689 -5.53 -6.67 -28.09
N LEU F 690 -6.18 -6.24 -27.00
CA LEU F 690 -7.43 -5.48 -27.16
C LEU F 690 -7.14 -4.08 -27.67
N ILE F 691 -6.08 -3.44 -27.17
CA ILE F 691 -5.65 -2.15 -27.68
C ILE F 691 -5.27 -2.28 -29.15
N GLU F 692 -4.83 -3.46 -29.58
CA GLU F 692 -4.54 -3.66 -31.00
C GLU F 692 -5.78 -3.45 -31.86
N SER F 693 -6.92 -4.03 -31.45
CA SER F 693 -8.14 -3.86 -32.22
C SER F 693 -8.68 -2.44 -32.11
N ILE F 694 -8.56 -1.83 -30.94
CA ILE F 694 -8.97 -0.43 -30.79
C ILE F 694 -8.15 0.47 -31.70
N VAL F 695 -6.84 0.20 -31.78
CA VAL F 695 -5.96 0.96 -32.67
C VAL F 695 -6.33 0.68 -34.12
N TRP F 696 -6.75 -0.54 -34.44
CA TRP F 696 -7.23 -0.80 -35.79
C TRP F 696 -8.42 0.08 -36.13
N ALA F 697 -9.36 0.21 -35.21
CA ALA F 697 -10.50 1.08 -35.44
C ALA F 697 -10.07 2.53 -35.64
N HIS F 698 -9.15 2.99 -34.80
CA HIS F 698 -8.67 4.37 -34.90
C HIS F 698 -7.97 4.61 -36.23
N ASN F 699 -7.14 3.66 -36.68
CA ASN F 699 -6.48 3.77 -37.97
C ASN F 699 -7.49 3.75 -39.10
N LYS F 700 -8.55 2.94 -38.97
CA LYS F 700 -9.61 2.94 -39.96
C LYS F 700 -10.29 4.30 -40.05
N LEU F 701 -10.38 5.01 -38.93
CA LEU F 701 -10.92 6.36 -38.93
C LEU F 701 -9.84 7.44 -38.94
N LYS F 702 -8.60 7.08 -39.22
CA LYS F 702 -7.48 8.03 -39.38
C LYS F 702 -7.27 8.87 -38.13
N VAL F 703 -7.48 8.28 -36.95
CA VAL F 703 -7.40 9.04 -35.70
C VAL F 703 -6.48 8.32 -34.73
N ALA F 704 -5.60 7.47 -35.26
CA ALA F 704 -4.62 6.80 -34.40
C ALA F 704 -3.58 7.82 -33.93
N PRO F 705 -3.34 7.92 -32.62
CA PRO F 705 -2.36 8.90 -32.14
C PRO F 705 -0.94 8.53 -32.56
N SER F 706 -0.10 9.55 -32.72
CA SER F 706 1.30 9.32 -33.04
C SER F 706 2.01 8.63 -31.89
N ILE F 707 1.71 9.02 -30.65
CA ILE F 707 2.22 8.32 -29.48
C ILE F 707 1.49 6.98 -29.38
N GLN F 708 2.18 5.90 -29.70
CA GLN F 708 1.52 4.61 -29.81
C GLN F 708 0.97 4.18 -28.45
N PRO F 709 -0.32 3.87 -28.35
CA PRO F 709 -0.89 3.46 -27.06
C PRO F 709 -0.47 2.03 -26.71
N ARG F 710 0.13 1.87 -25.53
CA ARG F 710 0.55 0.58 -25.04
C ARG F 710 -0.10 0.32 -23.69
N ALA F 711 -0.41 -0.95 -23.44
CA ALA F 711 -0.95 -1.34 -22.14
C ALA F 711 0.08 -1.09 -21.05
N LEU F 712 -0.41 -0.82 -19.84
CA LEU F 712 0.48 -0.54 -18.73
C LEU F 712 1.43 -1.71 -18.50
N SER F 713 2.69 -1.38 -18.21
CA SER F 713 3.68 -2.41 -17.95
C SER F 713 3.25 -3.30 -16.78
N ILE F 714 3.85 -4.49 -16.72
CA ILE F 714 3.48 -5.47 -15.70
C ILE F 714 3.63 -4.86 -14.30
N THR F 715 4.78 -4.24 -14.04
CA THR F 715 5.01 -3.60 -12.75
C THR F 715 4.02 -2.47 -12.51
N GLN F 716 3.75 -1.67 -13.54
CA GLN F 716 2.76 -0.60 -13.36
C GLN F 716 1.36 -1.15 -13.20
N GLY F 717 1.03 -2.26 -13.87
CA GLY F 717 -0.25 -2.89 -13.63
C GLY F 717 -0.40 -3.33 -12.18
N ARG F 718 0.64 -3.93 -11.63
CA ARG F 718 0.61 -4.31 -10.21
C ARG F 718 0.50 -3.09 -9.31
N ALA F 719 1.23 -2.02 -9.64
CA ALA F 719 1.19 -0.81 -8.82
C ALA F 719 -0.19 -0.17 -8.84
N VAL F 720 -0.81 -0.10 -10.02
CA VAL F 720 -2.16 0.43 -10.12
C VAL F 720 -3.14 -0.44 -9.34
N GLY F 721 -3.00 -1.75 -9.45
CA GLY F 721 -3.88 -2.64 -8.72
C GLY F 721 -3.78 -2.46 -7.22
N VAL F 722 -2.54 -2.40 -6.70
CA VAL F 722 -2.38 -2.29 -5.26
C VAL F 722 -2.81 -0.91 -4.77
N ALA F 723 -2.55 0.15 -5.56
CA ALA F 723 -2.97 1.48 -5.16
C ALA F 723 -4.48 1.58 -5.10
N HIS F 724 -5.17 1.05 -6.11
CA HIS F 724 -6.63 1.06 -6.10
C HIS F 724 -7.18 0.20 -4.99
N TYR F 725 -6.57 -0.95 -4.73
CA TYR F 725 -7.02 -1.83 -3.66
C TYR F 725 -6.92 -1.13 -2.32
N LEU F 726 -5.77 -0.51 -2.04
CA LEU F 726 -5.57 0.20 -0.78
C LEU F 726 -6.54 1.36 -0.67
N LEU F 727 -6.69 2.14 -1.74
CA LEU F 727 -7.60 3.29 -1.70
C LEU F 727 -9.03 2.84 -1.43
N GLY F 728 -9.49 1.81 -2.14
CA GLY F 728 -10.86 1.35 -1.95
C GLY F 728 -11.10 0.81 -0.56
N GLY F 729 -10.21 -0.06 -0.08
CA GLY F 729 -10.40 -0.64 1.24
C GLY F 729 -10.33 0.40 2.35
N ILE F 730 -9.32 1.27 2.29
CA ILE F 730 -9.15 2.28 3.32
C ILE F 730 -10.28 3.29 3.27
N GLY F 731 -10.76 3.64 2.07
CA GLY F 731 -11.89 4.54 1.98
C GLY F 731 -13.18 3.93 2.48
N THR F 732 -13.39 2.64 2.22
CA THR F 732 -14.57 1.97 2.75
C THR F 732 -14.55 1.97 4.27
N THR F 733 -13.40 1.60 4.86
CA THR F 733 -13.30 1.63 6.31
C THR F 733 -13.42 3.06 6.84
N TRP F 734 -12.89 4.03 6.09
CA TRP F 734 -12.98 5.44 6.48
C TRP F 734 -14.42 5.90 6.57
N ALA F 735 -15.18 5.67 5.51
CA ALA F 735 -16.59 6.07 5.51
C ALA F 735 -17.37 5.33 6.58
N PHE F 736 -17.13 4.02 6.70
CA PHE F 736 -17.85 3.23 7.70
C PHE F 736 -17.58 3.76 9.11
N PHE F 737 -16.30 3.92 9.46
CA PHE F 737 -15.94 4.40 10.78
C PHE F 737 -16.52 5.78 11.05
N LEU F 738 -16.36 6.69 10.09
CA LEU F 738 -16.77 8.07 10.33
C LEU F 738 -18.28 8.18 10.48
N ALA F 739 -19.05 7.55 9.58
CA ALA F 739 -20.50 7.61 9.70
C ALA F 739 -20.97 6.95 10.99
N ARG F 740 -20.42 5.79 11.33
CA ARG F 740 -20.85 5.09 12.53
C ARG F 740 -20.56 5.91 13.78
N ILE F 741 -19.35 6.45 13.88
CA ILE F 741 -18.95 7.12 15.12
C ILE F 741 -19.47 8.55 15.19
N ILE F 742 -19.90 9.13 14.08
CA ILE F 742 -20.56 10.43 14.14
C ILE F 742 -22.04 10.30 14.45
N SER F 743 -22.69 9.27 13.92
CA SER F 743 -24.10 9.04 14.22
C SER F 743 -24.30 8.71 15.69
N VAL F 744 -23.45 7.87 16.27
CA VAL F 744 -23.61 7.46 17.66
C VAL F 744 -22.40 7.88 18.49
N VAL G 2 7.20 -41.66 -8.90
CA VAL G 2 7.44 -40.50 -9.74
C VAL G 2 7.23 -40.85 -11.21
N TYR G 3 6.79 -42.09 -11.45
CA TYR G 3 6.51 -42.59 -12.78
C TYR G 3 5.12 -43.21 -12.80
N LYS G 4 4.67 -43.50 -14.01
CA LYS G 4 3.50 -44.36 -14.26
C LYS G 4 2.17 -43.73 -13.84
N PHE G 5 2.19 -42.56 -13.20
CA PHE G 5 0.89 -41.97 -12.91
C PHE G 5 0.33 -41.34 -14.18
N PRO G 6 1.01 -40.37 -14.81
CA PRO G 6 0.42 -39.90 -16.08
C PRO G 6 0.79 -40.88 -17.20
N LYS G 7 0.08 -42.01 -17.19
CA LYS G 7 0.30 -43.05 -18.18
C LYS G 7 0.11 -42.51 -19.60
N PHE G 8 -0.75 -41.51 -19.77
CA PHE G 8 -1.05 -40.94 -21.08
C PHE G 8 0.00 -39.93 -21.54
N SER G 9 0.95 -39.54 -20.68
CA SER G 9 1.94 -38.52 -21.04
C SER G 9 3.28 -38.91 -20.47
N LYS G 10 4.24 -39.23 -21.36
CA LYS G 10 5.59 -39.53 -20.90
C LYS G 10 6.34 -38.27 -20.49
N ALA G 11 6.01 -37.13 -21.09
CA ALA G 11 6.68 -35.89 -20.74
C ALA G 11 6.41 -35.51 -19.28
N LEU G 12 5.18 -35.73 -18.82
CA LEU G 12 4.86 -35.45 -17.42
C LEU G 12 5.45 -36.51 -16.50
N ALA G 13 5.43 -37.78 -16.93
CA ALA G 13 5.91 -38.87 -16.08
C ALA G 13 7.40 -38.74 -15.77
N GLU G 14 8.14 -37.97 -16.56
CA GLU G 14 9.56 -37.74 -16.31
C GLU G 14 9.81 -36.49 -15.48
N ASP G 15 8.76 -35.78 -15.08
CA ASP G 15 8.91 -34.61 -14.23
C ASP G 15 9.31 -35.03 -12.83
N PRO G 16 10.44 -34.55 -12.29
CA PRO G 16 10.85 -34.96 -10.94
C PRO G 16 10.13 -34.21 -9.82
N SER G 17 9.25 -33.28 -10.15
CA SER G 17 8.61 -32.40 -9.16
C SER G 17 7.16 -32.82 -8.94
N THR G 18 6.51 -32.13 -8.00
CA THR G 18 5.10 -32.33 -7.73
C THR G 18 4.22 -31.81 -8.86
N ARG G 19 4.78 -31.06 -9.80
CA ARG G 19 4.02 -30.57 -10.94
C ARG G 19 3.46 -31.72 -11.77
N ARG G 20 4.14 -32.87 -11.77
CA ARG G 20 3.65 -34.02 -12.52
C ARG G 20 2.30 -34.49 -11.99
N ILE G 21 2.15 -34.55 -10.67
CA ILE G 21 0.88 -34.96 -10.09
C ILE G 21 -0.21 -33.95 -10.41
N TRP G 22 0.08 -32.66 -10.26
CA TRP G 22 -0.91 -31.63 -10.53
C TRP G 22 -1.35 -31.64 -11.99
N TYR G 23 -0.38 -31.74 -12.91
CA TYR G 23 -0.71 -31.74 -14.33
C TYR G 23 -1.30 -33.08 -14.78
N GLY G 24 -1.04 -34.16 -14.05
CA GLY G 24 -1.67 -35.43 -14.39
C GLY G 24 -3.17 -35.39 -14.21
N ILE G 25 -3.65 -34.68 -13.19
CA ILE G 25 -5.09 -34.54 -12.97
C ILE G 25 -5.70 -33.69 -14.07
N ALA G 26 -5.07 -32.55 -14.37
CA ALA G 26 -5.67 -31.53 -15.21
C ALA G 26 -5.56 -31.82 -16.70
N THR G 27 -4.84 -32.88 -17.09
CA THR G 27 -4.72 -33.26 -18.49
C THR G 27 -5.28 -34.65 -18.77
N ALA G 28 -5.99 -35.24 -17.80
CA ALA G 28 -6.46 -36.61 -17.96
C ALA G 28 -7.55 -36.73 -19.03
N HIS G 29 -8.36 -35.69 -19.19
CA HIS G 29 -9.47 -35.73 -20.14
C HIS G 29 -9.15 -35.07 -21.47
N ASP G 30 -7.98 -34.48 -21.62
CA ASP G 30 -7.54 -33.94 -22.90
C ASP G 30 -6.94 -35.08 -23.71
N PHE G 31 -7.83 -35.91 -24.26
CA PHE G 31 -7.40 -37.13 -24.92
C PHE G 31 -6.57 -36.84 -26.17
N GLU G 32 -6.85 -35.73 -26.86
CA GLU G 32 -6.13 -35.42 -28.08
C GLU G 32 -4.65 -35.15 -27.86
N SER G 33 -4.26 -34.79 -26.64
CA SER G 33 -2.87 -34.49 -26.33
C SER G 33 -2.13 -35.68 -25.71
N HIS G 34 -2.77 -36.84 -25.62
CA HIS G 34 -2.14 -37.98 -24.96
C HIS G 34 -1.13 -38.66 -25.88
N ASP G 35 -0.19 -39.37 -25.26
CA ASP G 35 0.84 -40.07 -26.02
C ASP G 35 0.25 -41.26 -26.76
N ALA G 36 0.81 -41.53 -27.94
CA ALA G 36 0.39 -42.64 -28.80
C ALA G 36 -1.11 -42.57 -29.05
N MET G 37 -1.51 -41.49 -29.72
CA MET G 37 -2.91 -41.13 -29.84
C MET G 37 -3.33 -41.20 -31.30
N THR G 38 -4.46 -41.84 -31.58
CA THR G 38 -5.07 -41.85 -32.89
C THR G 38 -6.50 -41.34 -32.79
N GLU G 39 -7.10 -41.07 -33.95
CA GLU G 39 -8.46 -40.53 -33.97
C GLU G 39 -9.48 -41.60 -33.57
N SER G 40 -9.28 -42.84 -34.04
CA SER G 40 -10.22 -43.92 -33.72
C SER G 40 -10.27 -44.15 -32.21
N LYS G 41 -9.11 -44.23 -31.56
CA LYS G 41 -9.08 -44.38 -30.11
C LYS G 41 -9.71 -43.19 -29.43
N LEU G 42 -9.53 -41.99 -29.99
CA LEU G 42 -10.13 -40.80 -29.41
C LEU G 42 -11.65 -40.90 -29.38
N TYR G 43 -12.25 -41.21 -30.53
CA TYR G 43 -13.71 -41.29 -30.59
C TYR G 43 -14.23 -42.43 -29.75
N GLN G 44 -13.54 -43.58 -29.73
CA GLN G 44 -13.99 -44.70 -28.93
C GLN G 44 -13.94 -44.40 -27.44
N LYS G 45 -12.86 -43.76 -26.98
CA LYS G 45 -12.76 -43.39 -25.57
C LYS G 45 -13.81 -42.35 -25.20
N ILE G 46 -14.06 -41.39 -26.09
CA ILE G 46 -15.10 -40.40 -25.82
C ILE G 46 -16.46 -41.06 -25.73
N PHE G 47 -16.71 -42.05 -26.59
CA PHE G 47 -17.97 -42.80 -26.57
C PHE G 47 -18.16 -43.52 -25.25
N ALA G 48 -17.12 -44.24 -24.80
CA ALA G 48 -17.22 -44.95 -23.53
C ALA G 48 -17.37 -43.99 -22.36
N SER G 49 -16.69 -42.85 -22.41
CA SER G 49 -16.83 -41.85 -21.35
C SER G 49 -18.23 -41.28 -21.32
N HIS G 50 -18.84 -41.10 -22.50
CA HIS G 50 -20.24 -40.67 -22.55
C HIS G 50 -21.13 -41.68 -21.87
N PHE G 51 -20.91 -42.96 -22.13
CA PHE G 51 -21.72 -43.99 -21.48
C PHE G 51 -21.57 -43.95 -19.97
N GLY G 52 -20.33 -43.85 -19.48
CA GLY G 52 -20.11 -43.75 -18.05
C GLY G 52 -20.76 -42.52 -17.45
N HIS G 53 -20.74 -41.40 -18.19
CA HIS G 53 -21.34 -40.16 -17.72
C HIS G 53 -22.86 -40.28 -17.60
N ILE G 54 -23.51 -40.87 -18.60
CA ILE G 54 -24.96 -41.06 -18.51
C ILE G 54 -25.29 -42.00 -17.36
N ALA G 55 -24.46 -43.02 -17.15
CA ALA G 55 -24.65 -43.90 -16.00
C ALA G 55 -24.55 -43.12 -14.69
N ILE G 56 -23.59 -42.19 -14.60
CA ILE G 56 -23.46 -41.38 -13.39
C ILE G 56 -24.71 -40.53 -13.18
N ILE G 57 -25.21 -39.92 -14.25
CA ILE G 57 -26.42 -39.08 -14.14
C ILE G 57 -27.59 -39.90 -13.64
N PHE G 58 -27.78 -41.09 -14.21
CA PHE G 58 -28.90 -41.94 -13.80
C PHE G 58 -28.75 -42.43 -12.37
N LEU G 59 -27.51 -42.73 -11.95
CA LEU G 59 -27.27 -43.12 -10.56
C LEU G 59 -27.58 -41.97 -9.60
N TRP G 60 -27.22 -40.75 -9.99
CA TRP G 60 -27.54 -39.59 -9.16
C TRP G 60 -29.05 -39.41 -9.02
N THR G 61 -29.79 -39.54 -10.12
CA THR G 61 -31.24 -39.43 -10.04
C THR G 61 -31.84 -40.55 -9.19
N ALA G 62 -31.31 -41.77 -9.34
CA ALA G 62 -31.78 -42.89 -8.54
C ALA G 62 -31.51 -42.65 -7.06
N GLY G 63 -30.37 -42.06 -6.73
CA GLY G 63 -30.08 -41.75 -5.34
C GLY G 63 -31.03 -40.71 -4.77
N ASN G 64 -31.35 -39.69 -5.56
CA ASN G 64 -32.33 -38.70 -5.11
C ASN G 64 -33.68 -39.38 -4.85
N LEU G 65 -34.12 -40.23 -5.78
CA LEU G 65 -35.39 -40.93 -5.61
C LEU G 65 -35.38 -41.80 -4.36
N PHE G 66 -34.30 -42.57 -4.16
CA PHE G 66 -34.24 -43.46 -3.01
C PHE G 66 -34.23 -42.69 -1.70
N HIS G 67 -33.50 -41.59 -1.65
CA HIS G 67 -33.42 -40.85 -0.38
C HIS G 67 -34.71 -40.10 -0.09
N VAL G 68 -35.44 -39.68 -1.12
CA VAL G 68 -36.76 -39.12 -0.86
C VAL G 68 -37.71 -40.22 -0.38
N ALA G 69 -37.61 -41.42 -0.96
CA ALA G 69 -38.50 -42.51 -0.58
C ALA G 69 -38.21 -43.01 0.83
N TRP G 70 -36.96 -42.98 1.26
CA TRP G 70 -36.54 -43.60 2.52
C TRP G 70 -36.60 -42.62 3.69
N GLN G 71 -36.01 -41.44 3.54
CA GLN G 71 -35.89 -40.48 4.63
C GLN G 71 -36.74 -39.22 4.42
N GLY G 72 -37.44 -39.12 3.30
CA GLY G 72 -38.27 -37.96 3.05
C GLY G 72 -39.64 -38.08 3.69
N ASN G 73 -40.47 -37.09 3.40
CA ASN G 73 -41.87 -37.05 3.83
C ASN G 73 -42.77 -36.84 2.63
N PHE G 74 -42.52 -37.60 1.56
CA PHE G 74 -43.27 -37.42 0.33
C PHE G 74 -44.74 -37.72 0.54
N GLU G 75 -45.05 -38.84 1.22
CA GLU G 75 -46.45 -39.22 1.41
C GLU G 75 -47.20 -38.19 2.25
N ALA G 76 -46.56 -37.69 3.31
CA ALA G 76 -47.19 -36.65 4.11
C ALA G 76 -47.34 -35.35 3.31
N TRP G 77 -46.36 -35.04 2.47
CA TRP G 77 -46.43 -33.83 1.66
C TRP G 77 -47.55 -33.90 0.62
N ILE G 78 -47.95 -35.11 0.23
CA ILE G 78 -49.03 -35.25 -0.75
C ILE G 78 -50.33 -34.70 -0.18
N LEU G 79 -50.62 -35.01 1.09
CA LEU G 79 -51.88 -34.62 1.70
C LEU G 79 -51.94 -33.15 2.08
N ASN G 80 -50.80 -32.48 2.16
CA ASN G 80 -50.77 -31.06 2.54
C ASN G 80 -49.54 -30.42 1.91
N PRO G 81 -49.59 -30.16 0.60
CA PRO G 81 -48.39 -29.64 -0.08
C PRO G 81 -48.05 -28.21 0.25
N LEU G 82 -49.00 -27.42 0.77
CA LEU G 82 -48.76 -26.01 1.02
C LEU G 82 -48.26 -25.72 2.43
N LYS G 83 -48.32 -26.70 3.33
CA LYS G 83 -47.85 -26.52 4.70
C LYS G 83 -46.68 -27.41 5.06
N VAL G 84 -46.64 -28.63 4.52
CA VAL G 84 -45.55 -29.56 4.81
C VAL G 84 -44.34 -29.18 3.98
N ARG G 85 -43.19 -29.09 4.61
CA ARG G 85 -41.96 -28.75 3.91
C ARG G 85 -41.26 -30.03 3.46
N PRO G 86 -40.96 -30.19 2.17
CA PRO G 86 -40.33 -31.42 1.70
C PRO G 86 -38.96 -31.64 2.34
N ILE G 87 -38.63 -32.91 2.56
CA ILE G 87 -37.38 -33.31 3.19
C ILE G 87 -36.51 -33.99 2.13
N ALA G 88 -35.26 -33.56 2.02
CA ALA G 88 -34.35 -34.15 1.04
C ALA G 88 -33.81 -35.48 1.52
N HIS G 89 -33.08 -35.47 2.64
CA HIS G 89 -32.52 -36.69 3.19
C HIS G 89 -32.19 -36.45 4.66
N ALA G 90 -32.00 -37.55 5.40
CA ALA G 90 -31.69 -37.46 6.82
C ALA G 90 -30.23 -37.07 7.01
N ILE G 91 -29.91 -36.66 8.24
CA ILE G 91 -28.58 -36.22 8.61
C ILE G 91 -28.07 -37.12 9.72
N TRP G 92 -26.84 -37.60 9.58
CA TRP G 92 -26.11 -38.27 10.65
C TRP G 92 -24.70 -37.69 10.67
N ASP G 93 -24.46 -36.74 11.57
CA ASP G 93 -23.17 -36.08 11.69
C ASP G 93 -22.73 -36.18 13.14
N PRO G 94 -21.63 -36.85 13.44
CA PRO G 94 -21.21 -37.02 14.85
C PRO G 94 -20.85 -35.71 15.54
N HIS G 95 -20.57 -34.65 14.78
CA HIS G 95 -20.15 -33.38 15.37
C HIS G 95 -21.30 -32.57 15.92
N PHE G 96 -22.55 -32.99 15.68
CA PHE G 96 -23.70 -32.24 16.17
C PHE G 96 -23.74 -32.23 17.68
N GLY G 97 -24.08 -31.06 18.25
CA GLY G 97 -24.48 -30.98 19.63
C GLY G 97 -25.95 -31.34 19.77
N GLN G 98 -26.43 -31.31 21.01
CA GLN G 98 -27.86 -31.55 21.24
C GLN G 98 -28.70 -30.45 20.61
N ALA G 99 -28.21 -29.20 20.66
CA ALA G 99 -28.95 -28.09 20.07
C ALA G 99 -29.08 -28.24 18.57
N ALA G 100 -27.99 -28.64 17.89
CA ALA G 100 -28.05 -28.82 16.44
C ALA G 100 -28.99 -29.97 16.07
N TYR G 101 -28.95 -31.06 16.83
CA TYR G 101 -29.87 -32.17 16.60
C TYR G 101 -31.31 -31.71 16.75
N LYS G 102 -31.59 -30.94 17.80
CA LYS G 102 -32.95 -30.46 18.03
C LYS G 102 -33.42 -29.53 16.93
N ALA G 103 -32.54 -28.63 16.48
CA ALA G 103 -32.93 -27.65 15.47
C ALA G 103 -33.14 -28.31 14.11
N PHE G 104 -32.27 -29.24 13.73
CA PHE G 104 -32.42 -29.92 12.45
C PHE G 104 -33.41 -31.07 12.52
N LEU G 105 -33.94 -31.39 13.69
CA LEU G 105 -34.85 -32.51 13.84
C LEU G 105 -36.14 -32.26 13.06
N LYS G 106 -36.46 -33.19 12.17
CA LYS G 106 -37.69 -33.16 11.39
C LYS G 106 -38.30 -34.56 11.44
N THR G 107 -39.48 -34.67 12.06
CA THR G 107 -40.16 -35.93 12.30
C THR G 107 -39.32 -36.85 13.19
N SER G 108 -38.59 -37.80 12.59
CA SER G 108 -37.91 -38.83 13.36
C SER G 108 -36.41 -38.65 13.46
N SER G 109 -35.79 -37.87 12.58
CA SER G 109 -34.34 -37.72 12.55
C SER G 109 -34.01 -36.35 11.99
N PRO G 110 -32.85 -35.79 12.32
CA PRO G 110 -32.43 -34.56 11.66
C PRO G 110 -32.36 -34.75 10.14
N ALA G 111 -32.84 -33.76 9.41
CA ALA G 111 -32.98 -33.90 7.97
C ALA G 111 -32.85 -32.53 7.31
N ASN G 112 -32.60 -32.55 6.01
CA ASN G 112 -32.45 -31.34 5.23
C ASN G 112 -33.70 -31.12 4.38
N LEU G 113 -34.22 -29.89 4.40
CA LEU G 113 -35.32 -29.56 3.49
C LEU G 113 -34.85 -29.67 2.06
N ALA G 114 -35.75 -30.11 1.18
CA ALA G 114 -35.42 -30.30 -0.22
C ALA G 114 -35.73 -29.04 -1.01
N LEU G 115 -34.69 -28.43 -1.59
CA LEU G 115 -34.83 -27.22 -2.38
C LEU G 115 -34.74 -27.50 -3.88
N SER G 116 -34.68 -28.77 -4.27
CA SER G 116 -34.58 -29.13 -5.68
C SER G 116 -35.94 -29.18 -6.37
N GLY G 117 -37.03 -29.06 -5.62
CA GLY G 117 -38.34 -29.14 -6.23
C GLY G 117 -38.70 -30.49 -6.79
N VAL G 118 -38.01 -31.54 -6.36
CA VAL G 118 -38.30 -32.88 -6.88
C VAL G 118 -39.65 -33.37 -6.40
N TYR G 119 -40.08 -32.96 -5.20
CA TYR G 119 -41.38 -33.38 -4.69
C TYR G 119 -42.49 -32.94 -5.62
N GLU G 120 -42.49 -31.67 -6.01
CA GLU G 120 -43.53 -31.15 -6.90
C GLU G 120 -43.45 -31.78 -8.28
N TRP G 121 -42.22 -31.97 -8.79
CA TRP G 121 -42.06 -32.57 -10.11
C TRP G 121 -42.58 -34.01 -10.13
N TRP G 122 -42.22 -34.80 -9.13
CA TRP G 122 -42.66 -36.19 -9.09
C TRP G 122 -44.15 -36.30 -8.78
N TYR G 123 -44.68 -35.39 -7.96
CA TYR G 123 -46.11 -35.37 -7.70
C TYR G 123 -46.90 -35.03 -8.97
N THR G 124 -46.37 -34.10 -9.77
CA THR G 124 -47.07 -33.70 -10.99
C THR G 124 -47.15 -34.85 -11.99
N ILE G 125 -46.07 -35.62 -12.11
CA ILE G 125 -46.01 -36.69 -13.12
C ILE G 125 -46.69 -37.94 -12.61
N GLY G 126 -47.32 -37.86 -11.44
CA GLY G 126 -48.16 -38.93 -10.97
C GLY G 126 -47.49 -39.93 -10.05
N MET G 127 -46.83 -39.44 -9.00
CA MET G 127 -46.28 -40.29 -7.95
C MET G 127 -46.95 -39.95 -6.62
N ARG G 128 -47.48 -40.98 -5.96
CA ARG G 128 -48.23 -40.77 -4.73
C ARG G 128 -47.74 -41.63 -3.56
N THR G 129 -46.73 -42.46 -3.75
CA THR G 129 -46.32 -43.42 -2.74
C THR G 129 -44.80 -43.46 -2.67
N ASN G 130 -44.29 -43.75 -1.46
CA ASN G 130 -42.87 -44.00 -1.29
C ASN G 130 -42.41 -45.30 -1.94
N ASN G 131 -43.36 -46.12 -2.41
CA ASN G 131 -43.03 -47.29 -3.22
C ASN G 131 -42.94 -46.97 -4.70
N ASP G 132 -43.59 -45.89 -5.15
CA ASP G 132 -43.40 -45.43 -6.52
C ASP G 132 -41.99 -44.87 -6.73
N LEU G 133 -41.49 -44.13 -5.74
CA LEU G 133 -40.13 -43.60 -5.81
C LEU G 133 -39.11 -44.74 -5.79
N TYR G 134 -39.35 -45.76 -4.96
CA TYR G 134 -38.43 -46.89 -4.88
C TYR G 134 -38.36 -47.63 -6.21
N GLN G 135 -39.50 -47.79 -6.88
CA GLN G 135 -39.50 -48.40 -8.20
C GLN G 135 -38.66 -47.59 -9.18
N GLY G 136 -38.79 -46.26 -9.13
CA GLY G 136 -38.00 -45.42 -10.00
C GLY G 136 -36.51 -45.54 -9.72
N SER G 137 -36.13 -45.60 -8.45
CA SER G 137 -34.72 -45.78 -8.11
C SER G 137 -34.20 -47.13 -8.61
N PHE G 138 -34.98 -48.19 -8.43
CA PHE G 138 -34.58 -49.51 -8.91
C PHE G 138 -34.40 -49.49 -10.43
N PHE G 139 -35.36 -48.91 -11.15
CA PHE G 139 -35.29 -48.86 -12.60
C PHE G 139 -34.10 -48.04 -13.08
N LEU G 140 -33.81 -46.93 -12.38
CA LEU G 140 -32.70 -46.09 -12.80
C LEU G 140 -31.36 -46.75 -12.52
N ILE G 141 -31.24 -47.52 -11.43
CA ILE G 141 -30.02 -48.27 -11.22
C ILE G 141 -29.86 -49.35 -12.28
N LEU G 142 -30.97 -49.97 -12.70
CA LEU G 142 -30.91 -50.92 -13.81
C LEU G 142 -30.43 -50.23 -15.09
N LEU G 143 -30.94 -49.03 -15.37
CA LEU G 143 -30.51 -48.30 -16.56
C LEU G 143 -29.03 -47.92 -16.48
N SER G 144 -28.56 -47.55 -15.28
CA SER G 144 -27.14 -47.26 -15.10
C SER G 144 -26.30 -48.49 -15.38
N SER G 145 -26.76 -49.66 -14.93
CA SER G 145 -26.06 -50.90 -15.23
C SER G 145 -26.04 -51.16 -16.73
N LEU G 146 -27.16 -50.91 -17.41
CA LEU G 146 -27.19 -51.03 -18.87
C LEU G 146 -26.15 -50.15 -19.53
N LEU G 147 -26.07 -48.89 -19.10
CA LEU G 147 -25.15 -47.95 -19.73
C LEU G 147 -23.71 -48.30 -19.45
N LEU G 148 -23.41 -48.76 -18.23
CA LEU G 148 -22.05 -49.20 -17.93
C LEU G 148 -21.67 -50.42 -18.75
N PHE G 149 -22.60 -51.36 -18.92
CA PHE G 149 -22.32 -52.53 -19.76
C PHE G 149 -22.08 -52.11 -21.20
N ALA G 150 -22.87 -51.17 -21.72
CA ALA G 150 -22.67 -50.69 -23.09
C ALA G 150 -21.31 -50.00 -23.24
N GLY G 151 -20.93 -49.18 -22.25
CA GLY G 151 -19.65 -48.53 -22.30
C GLY G 151 -18.50 -49.52 -22.31
N TRP G 152 -18.59 -50.56 -21.49
CA TRP G 152 -17.57 -51.61 -21.54
C TRP G 152 -17.59 -52.33 -22.89
N LEU G 153 -18.78 -52.62 -23.40
CA LEU G 153 -18.90 -53.41 -24.62
C LEU G 153 -18.30 -52.70 -25.81
N HIS G 154 -18.52 -51.38 -25.92
CA HIS G 154 -18.05 -50.66 -27.09
C HIS G 154 -16.58 -50.28 -27.01
N LEU G 155 -15.85 -50.83 -26.05
CA LEU G 155 -14.40 -50.82 -26.07
C LEU G 155 -13.83 -52.19 -26.42
N GLN G 156 -14.69 -53.20 -26.58
CA GLN G 156 -14.24 -54.52 -26.97
C GLN G 156 -13.82 -54.53 -28.44
N PRO G 157 -12.95 -55.45 -28.83
CA PRO G 157 -12.38 -55.38 -30.20
C PRO G 157 -13.41 -55.40 -31.32
N SER G 158 -14.36 -56.33 -31.29
CA SER G 158 -15.32 -56.46 -32.39
C SER G 158 -16.47 -55.47 -32.30
N PHE G 159 -16.55 -54.66 -31.25
CA PHE G 159 -17.67 -53.75 -31.06
C PHE G 159 -17.23 -52.29 -30.98
N ARG G 160 -15.98 -51.99 -31.34
CA ARG G 160 -15.50 -50.61 -31.33
C ARG G 160 -15.84 -49.94 -32.65
N PRO G 161 -16.65 -48.88 -32.65
CA PRO G 161 -17.03 -48.25 -33.91
C PRO G 161 -15.85 -47.55 -34.58
N SER G 162 -15.93 -47.43 -35.90
CA SER G 162 -14.89 -46.80 -36.68
C SER G 162 -15.15 -45.30 -36.82
N LEU G 163 -14.21 -44.60 -37.48
CA LEU G 163 -14.37 -43.16 -37.66
C LEU G 163 -15.54 -42.84 -38.57
N ASP G 164 -15.77 -43.68 -39.59
CA ASP G 164 -16.88 -43.42 -40.50
C ASP G 164 -18.21 -43.44 -39.77
N TRP G 165 -18.41 -44.41 -38.86
CA TRP G 165 -19.63 -44.45 -38.07
C TRP G 165 -19.76 -43.24 -37.17
N PHE G 166 -18.65 -42.83 -36.55
CA PHE G 166 -18.68 -41.67 -35.67
C PHE G 166 -18.95 -40.37 -36.43
N LYS G 167 -18.46 -40.27 -37.66
CA LYS G 167 -18.61 -39.07 -38.46
C LYS G 167 -19.78 -39.16 -39.43
N ALA G 168 -20.63 -40.18 -39.31
CA ALA G 168 -21.84 -40.30 -40.12
C ALA G 168 -22.84 -39.30 -39.60
N ASN G 169 -22.81 -38.09 -40.16
CA ASN G 169 -23.64 -37.01 -39.66
C ASN G 169 -25.12 -37.26 -39.94
N GLU G 170 -25.46 -37.66 -41.17
CA GLU G 170 -26.86 -37.77 -41.55
C GLU G 170 -27.59 -38.82 -40.73
N TYR G 171 -26.98 -39.99 -40.55
CA TYR G 171 -27.60 -41.05 -39.77
C TYR G 171 -27.84 -40.59 -38.32
N ARG G 172 -26.81 -39.99 -37.72
CA ARG G 172 -26.92 -39.56 -36.33
C ARG G 172 -27.97 -38.48 -36.16
N LEU G 173 -28.04 -37.55 -37.11
CA LEU G 173 -29.06 -36.50 -37.03
C LEU G 173 -30.46 -37.07 -37.19
N ASN G 174 -30.67 -37.91 -38.21
CA ASN G 174 -31.99 -38.52 -38.38
C ASN G 174 -32.41 -39.22 -37.10
N HIS G 175 -31.53 -40.04 -36.55
CA HIS G 175 -31.90 -40.83 -35.38
C HIS G 175 -32.07 -39.95 -34.15
N HIS G 176 -31.10 -39.08 -33.87
CA HIS G 176 -31.21 -38.19 -32.73
C HIS G 176 -32.52 -37.42 -32.78
N LEU G 177 -32.74 -36.64 -33.84
CA LEU G 177 -33.96 -35.86 -33.95
C LEU G 177 -35.18 -36.77 -33.80
N SER G 178 -35.43 -37.64 -34.79
CA SER G 178 -36.66 -38.40 -34.78
C SER G 178 -36.74 -39.29 -33.55
N GLY G 179 -35.89 -40.31 -33.45
CA GLY G 179 -35.92 -41.20 -32.32
C GLY G 179 -35.82 -40.47 -31.00
N LEU G 180 -34.67 -39.88 -30.68
CA LEU G 180 -34.51 -39.30 -29.35
C LEU G 180 -35.60 -38.28 -29.07
N PHE G 181 -35.63 -37.16 -29.79
CA PHE G 181 -36.54 -36.09 -29.41
C PHE G 181 -37.99 -36.52 -29.61
N GLY G 182 -38.37 -36.88 -30.84
CA GLY G 182 -39.77 -37.15 -31.12
C GLY G 182 -40.30 -38.36 -30.37
N VAL G 183 -39.57 -39.48 -30.41
CA VAL G 183 -40.07 -40.68 -29.75
C VAL G 183 -40.05 -40.54 -28.23
N SER G 184 -39.05 -39.85 -27.67
CA SER G 184 -39.08 -39.62 -26.23
C SER G 184 -40.24 -38.71 -25.85
N SER G 185 -40.56 -37.73 -26.69
CA SER G 185 -41.73 -36.89 -26.44
C SER G 185 -43.02 -37.70 -26.59
N LEU G 186 -43.06 -38.63 -27.55
CA LEU G 186 -44.22 -39.48 -27.73
C LEU G 186 -44.43 -40.39 -26.53
N ALA G 187 -43.36 -41.00 -26.05
CA ALA G 187 -43.43 -41.84 -24.86
C ALA G 187 -43.79 -41.01 -23.63
N TRP G 188 -43.28 -39.77 -23.55
CA TRP G 188 -43.63 -38.92 -22.43
C TRP G 188 -45.09 -38.50 -22.49
N THR G 189 -45.61 -38.27 -23.68
CA THR G 189 -47.05 -38.01 -23.81
C THR G 189 -47.86 -39.23 -23.40
N GLY G 190 -47.39 -40.42 -23.79
CA GLY G 190 -48.06 -41.64 -23.36
C GLY G 190 -48.10 -41.76 -21.85
N HIS G 191 -46.97 -41.54 -21.19
CA HIS G 191 -46.95 -41.57 -19.73
C HIS G 191 -47.83 -40.48 -19.15
N LEU G 192 -47.63 -39.24 -19.61
CA LEU G 192 -48.43 -38.12 -19.13
C LEU G 192 -49.90 -38.48 -19.13
N VAL G 193 -50.44 -38.83 -20.30
CA VAL G 193 -51.84 -39.19 -20.39
C VAL G 193 -52.10 -40.34 -19.43
N HIS G 194 -51.55 -41.53 -19.74
CA HIS G 194 -51.95 -42.78 -19.10
C HIS G 194 -51.88 -42.70 -17.57
N VAL G 195 -50.74 -42.26 -17.05
CA VAL G 195 -50.53 -42.25 -15.60
C VAL G 195 -50.92 -40.89 -15.04
N ALA G 196 -50.25 -39.83 -15.51
CA ALA G 196 -50.36 -38.55 -14.84
C ALA G 196 -51.78 -38.00 -14.89
N ILE G 197 -52.45 -38.11 -16.03
CA ILE G 197 -53.77 -37.45 -16.15
C ILE G 197 -54.76 -38.07 -15.17
N PRO G 198 -54.93 -39.40 -15.12
CA PRO G 198 -55.85 -39.96 -14.12
C PRO G 198 -55.38 -39.78 -12.70
N GLU G 199 -54.06 -39.81 -12.44
CA GLU G 199 -53.58 -39.65 -11.08
C GLU G 199 -53.88 -38.26 -10.54
N SER G 200 -53.88 -37.24 -11.40
CA SER G 200 -54.34 -35.93 -10.98
C SER G 200 -55.84 -35.89 -10.76
N ARG G 201 -56.57 -36.89 -11.25
CA ARG G 201 -58.01 -36.99 -11.07
C ARG G 201 -58.40 -38.10 -10.11
N GLY G 202 -57.45 -38.60 -9.32
CA GLY G 202 -57.73 -39.57 -8.28
C GLY G 202 -57.70 -41.01 -8.71
N ILE G 203 -57.58 -41.29 -10.00
CA ILE G 203 -57.55 -42.66 -10.51
C ILE G 203 -56.10 -43.12 -10.56
N HIS G 204 -55.79 -44.23 -9.90
CA HIS G 204 -54.43 -44.75 -9.85
C HIS G 204 -54.19 -45.64 -11.06
N VAL G 205 -53.17 -45.30 -11.84
CA VAL G 205 -52.76 -46.08 -13.00
C VAL G 205 -51.32 -46.50 -12.76
N GLY G 206 -51.14 -47.72 -12.25
CA GLY G 206 -49.82 -48.26 -11.98
C GLY G 206 -49.40 -49.30 -13.00
N TRP G 207 -48.31 -49.99 -12.66
CA TRP G 207 -47.82 -51.05 -13.54
C TRP G 207 -48.66 -52.32 -13.48
N ASP G 208 -49.85 -52.29 -12.88
CA ASP G 208 -50.75 -53.42 -12.91
C ASP G 208 -52.00 -53.14 -13.75
N ASN G 209 -52.75 -52.09 -13.40
CA ASN G 209 -53.97 -51.74 -14.13
C ASN G 209 -53.72 -50.60 -15.13
N PHE G 210 -52.79 -50.83 -16.06
CA PHE G 210 -52.58 -49.87 -17.14
C PHE G 210 -52.97 -50.43 -18.50
N LEU G 211 -53.02 -51.76 -18.64
CA LEU G 211 -53.53 -52.39 -19.85
C LEU G 211 -55.05 -52.50 -19.84
N THR G 212 -55.70 -52.12 -18.74
CA THR G 212 -57.15 -52.22 -18.61
C THR G 212 -57.83 -50.92 -18.21
N VAL G 213 -57.09 -49.87 -17.90
CA VAL G 213 -57.66 -48.58 -17.54
C VAL G 213 -57.50 -47.66 -18.75
N LEU G 214 -58.62 -47.30 -19.36
CA LEU G 214 -58.59 -46.48 -20.57
C LEU G 214 -58.20 -45.05 -20.21
N PRO G 215 -57.17 -44.48 -20.83
CA PRO G 215 -56.86 -43.06 -20.59
C PRO G 215 -57.98 -42.13 -21.00
N HIS G 216 -58.77 -42.49 -22.01
CA HIS G 216 -59.94 -41.74 -22.40
C HIS G 216 -61.12 -42.70 -22.49
N PRO G 217 -62.34 -42.25 -22.14
CA PRO G 217 -63.49 -43.16 -22.18
C PRO G 217 -63.74 -43.74 -23.56
N GLU G 218 -63.50 -42.97 -24.63
CA GLU G 218 -63.73 -43.48 -25.97
C GLU G 218 -62.61 -44.43 -26.41
N GLY G 219 -61.40 -44.24 -25.91
CA GLY G 219 -60.37 -45.25 -26.03
C GLY G 219 -59.82 -45.50 -27.42
N LEU G 220 -59.08 -44.54 -27.97
CA LEU G 220 -58.33 -44.68 -29.21
C LEU G 220 -59.25 -44.70 -30.44
N THR G 221 -60.57 -44.75 -30.20
CA THR G 221 -61.51 -44.65 -31.32
C THR G 221 -61.44 -43.30 -32.00
N PRO G 222 -61.47 -42.16 -31.28
CA PRO G 222 -61.38 -40.86 -31.98
C PRO G 222 -60.09 -40.68 -32.75
N PHE G 223 -58.97 -41.22 -32.26
CA PHE G 223 -57.69 -41.03 -32.95
C PHE G 223 -57.72 -41.65 -34.34
N PHE G 224 -58.12 -42.92 -34.42
CA PHE G 224 -58.18 -43.58 -35.72
C PHE G 224 -59.34 -43.03 -36.56
N SER G 225 -60.45 -42.69 -35.92
CA SER G 225 -61.59 -42.13 -36.64
C SER G 225 -61.36 -40.70 -37.10
N GLY G 226 -60.33 -40.03 -36.59
CA GLY G 226 -60.07 -38.65 -36.93
C GLY G 226 -60.84 -37.63 -36.12
N ASN G 227 -61.72 -38.08 -35.22
CA ASN G 227 -62.49 -37.16 -34.36
C ASN G 227 -61.63 -36.74 -33.18
N TRP G 228 -60.51 -36.09 -33.49
CA TRP G 228 -59.52 -35.75 -32.48
C TRP G 228 -60.04 -34.71 -31.49
N LYS G 229 -61.14 -34.03 -31.80
CA LYS G 229 -61.72 -33.10 -30.85
C LYS G 229 -62.25 -33.80 -29.60
N ALA G 230 -62.56 -35.09 -29.71
CA ALA G 230 -63.12 -35.81 -28.58
C ALA G 230 -62.15 -35.87 -27.40
N TYR G 231 -60.84 -35.86 -27.68
CA TYR G 231 -59.85 -35.86 -26.62
C TYR G 231 -59.76 -34.52 -25.89
N ALA G 232 -60.38 -33.48 -26.43
CA ALA G 232 -60.37 -32.17 -25.80
C ALA G 232 -61.68 -31.83 -25.10
N GLN G 233 -62.73 -32.61 -25.33
CA GLN G 233 -64.02 -32.33 -24.72
C GLN G 233 -63.97 -32.60 -23.22
N ASN G 234 -64.71 -31.79 -22.46
CA ASN G 234 -64.84 -31.91 -21.01
C ASN G 234 -63.47 -31.83 -20.33
N PRO G 235 -62.82 -30.68 -20.32
CA PRO G 235 -61.54 -30.54 -19.61
C PRO G 235 -61.78 -30.42 -18.11
N ASP G 236 -60.68 -30.32 -17.37
CA ASP G 236 -60.77 -30.12 -15.93
C ASP G 236 -61.41 -28.78 -15.63
N THR G 237 -62.36 -28.76 -14.69
CA THR G 237 -63.08 -27.55 -14.36
C THR G 237 -62.19 -26.61 -13.54
N ALA G 238 -62.74 -25.45 -13.19
CA ALA G 238 -62.03 -24.47 -12.38
C ALA G 238 -62.08 -24.77 -10.89
N SER G 239 -62.82 -25.81 -10.49
CA SER G 239 -62.89 -26.23 -9.10
C SER G 239 -62.26 -27.60 -8.89
N HIS G 240 -61.34 -27.99 -9.75
CA HIS G 240 -60.71 -29.31 -9.65
C HIS G 240 -59.63 -29.30 -8.58
N ILE G 241 -59.69 -30.26 -7.67
CA ILE G 241 -58.67 -30.45 -6.66
C ILE G 241 -57.66 -31.46 -7.19
N PHE G 242 -56.40 -31.04 -7.29
CA PHE G 242 -55.37 -31.90 -7.87
C PHE G 242 -55.20 -33.17 -7.06
N GLY G 243 -55.07 -34.29 -7.76
CA GLY G 243 -54.95 -35.58 -7.12
C GLY G 243 -56.26 -36.18 -6.64
N SER G 244 -57.38 -35.51 -6.91
CA SER G 244 -58.69 -35.99 -6.49
C SER G 244 -59.68 -35.85 -7.64
N GLY G 245 -60.72 -36.67 -7.61
CA GLY G 245 -61.71 -36.68 -8.66
C GLY G 245 -62.75 -35.58 -8.58
N GLU G 246 -62.67 -34.72 -7.57
CA GLU G 246 -63.66 -33.67 -7.40
C GLU G 246 -63.43 -32.57 -8.44
N GLY G 247 -64.43 -32.33 -9.28
CA GLY G 247 -64.31 -31.29 -10.28
C GLY G 247 -63.40 -31.62 -11.44
N SER G 248 -63.09 -32.89 -11.65
CA SER G 248 -62.18 -33.29 -12.70
C SER G 248 -62.91 -33.38 -14.04
N GLY G 249 -62.16 -33.75 -15.08
CA GLY G 249 -62.74 -33.96 -16.39
C GLY G 249 -62.29 -35.26 -17.02
N THR G 250 -62.57 -35.43 -18.31
CA THR G 250 -62.15 -36.62 -19.03
C THR G 250 -61.20 -36.33 -20.19
N ALA G 251 -60.96 -35.06 -20.51
CA ALA G 251 -60.09 -34.72 -21.63
C ALA G 251 -58.64 -35.08 -21.32
N ILE G 252 -57.88 -35.33 -22.38
CA ILE G 252 -56.47 -35.66 -22.25
C ILE G 252 -55.57 -34.71 -23.03
N LEU G 253 -56.05 -34.06 -24.08
CA LEU G 253 -55.27 -33.11 -24.86
C LEU G 253 -56.13 -31.87 -25.10
N THR G 254 -55.75 -30.75 -24.50
CA THR G 254 -56.55 -29.53 -24.57
C THR G 254 -55.66 -28.31 -24.78
N PHE G 255 -56.28 -27.24 -25.24
CA PHE G 255 -55.74 -25.90 -25.09
C PHE G 255 -56.50 -25.20 -23.97
N LEU G 256 -55.81 -24.83 -22.93
CA LEU G 256 -56.45 -24.00 -21.92
C LEU G 256 -55.66 -22.74 -21.64
N GLY G 257 -54.34 -22.80 -21.71
CA GLY G 257 -53.53 -21.64 -21.41
C GLY G 257 -53.56 -21.28 -19.95
N GLY G 258 -52.63 -20.44 -19.52
CA GLY G 258 -52.65 -20.05 -18.12
C GLY G 258 -52.31 -21.22 -17.20
N PHE G 259 -52.83 -21.16 -15.98
CA PHE G 259 -52.46 -22.07 -14.93
C PHE G 259 -53.68 -22.76 -14.35
N HIS G 260 -53.44 -23.87 -13.67
CA HIS G 260 -54.47 -24.53 -12.89
C HIS G 260 -54.93 -23.60 -11.78
N PRO G 261 -56.24 -23.46 -11.56
CA PRO G 261 -56.70 -22.53 -10.52
C PRO G 261 -56.26 -22.91 -9.12
N GLN G 262 -55.98 -24.18 -8.87
CA GLN G 262 -55.61 -24.65 -7.53
C GLN G 262 -54.10 -24.76 -7.35
N THR G 263 -53.41 -25.47 -8.25
CA THR G 263 -51.97 -25.64 -8.12
C THR G 263 -51.18 -24.47 -8.66
N LYS G 264 -51.81 -23.54 -9.38
CA LYS G 264 -51.13 -22.39 -9.98
C LYS G 264 -49.98 -22.84 -10.88
N SER G 265 -50.27 -23.86 -11.70
CA SER G 265 -49.29 -24.43 -12.61
C SER G 265 -49.99 -24.82 -13.91
N LEU G 266 -49.18 -25.14 -14.92
CA LEU G 266 -49.73 -25.47 -16.23
C LEU G 266 -50.61 -26.70 -16.15
N TRP G 267 -51.64 -26.72 -17.00
CA TRP G 267 -52.54 -27.88 -17.06
C TRP G 267 -51.79 -29.10 -17.55
N LEU G 268 -52.05 -30.25 -16.92
CA LEU G 268 -51.43 -31.49 -17.36
C LEU G 268 -51.88 -31.85 -18.77
N THR G 269 -53.13 -31.57 -19.11
CA THR G 269 -53.60 -31.81 -20.47
C THR G 269 -52.94 -30.86 -21.46
N ASP G 270 -52.58 -29.65 -21.02
CA ASP G 270 -51.82 -28.74 -21.87
C ASP G 270 -50.45 -29.32 -22.20
N MET G 271 -49.76 -29.87 -21.20
CA MET G 271 -48.40 -30.35 -21.40
C MET G 271 -48.39 -31.64 -22.21
N ALA G 272 -49.39 -32.51 -22.02
CA ALA G 272 -49.48 -33.71 -22.84
C ALA G 272 -49.68 -33.34 -24.32
N HIS G 273 -50.56 -32.39 -24.59
CA HIS G 273 -50.76 -31.92 -25.96
C HIS G 273 -49.49 -31.29 -26.51
N HIS G 274 -48.78 -30.52 -25.68
CA HIS G 274 -47.52 -29.92 -26.08
C HIS G 274 -46.51 -30.98 -26.51
N HIS G 275 -46.36 -32.02 -25.68
CA HIS G 275 -45.38 -33.05 -25.99
C HIS G 275 -45.80 -33.89 -27.19
N LEU G 276 -47.10 -34.10 -27.38
CA LEU G 276 -47.55 -34.80 -28.58
C LEU G 276 -47.24 -34.00 -29.83
N ALA G 277 -47.49 -32.70 -29.80
CA ALA G 277 -47.16 -31.86 -30.95
C ALA G 277 -45.66 -31.84 -31.22
N ILE G 278 -44.86 -31.72 -30.15
CA ILE G 278 -43.41 -31.73 -30.29
C ILE G 278 -42.93 -33.06 -30.85
N ALA G 279 -43.54 -34.16 -30.39
CA ALA G 279 -43.17 -35.48 -30.88
C ALA G 279 -43.45 -35.61 -32.36
N VAL G 280 -44.64 -35.19 -32.81
CA VAL G 280 -44.97 -35.28 -34.22
C VAL G 280 -44.01 -34.44 -35.04
N LEU G 281 -43.75 -33.21 -34.59
CA LEU G 281 -42.86 -32.31 -35.33
C LEU G 281 -41.46 -32.88 -35.45
N PHE G 282 -40.93 -33.42 -34.35
CA PHE G 282 -39.55 -33.91 -34.38
C PHE G 282 -39.43 -35.21 -35.15
N ILE G 283 -40.44 -36.08 -35.06
CA ILE G 283 -40.43 -37.30 -35.86
C ILE G 283 -40.46 -36.95 -37.35
N VAL G 284 -41.27 -35.96 -37.72
CA VAL G 284 -41.30 -35.51 -39.11
C VAL G 284 -39.93 -34.95 -39.51
N ALA G 285 -39.36 -34.09 -38.66
CA ALA G 285 -38.10 -33.44 -38.99
C ALA G 285 -36.92 -34.41 -38.99
N GLY G 286 -37.08 -35.59 -38.41
CA GLY G 286 -36.02 -36.57 -38.39
C GLY G 286 -35.82 -37.35 -39.66
N HIS G 287 -36.62 -37.08 -40.69
CA HIS G 287 -36.50 -37.75 -41.98
C HIS G 287 -35.81 -36.87 -43.01
N MET G 288 -35.20 -35.77 -42.58
CA MET G 288 -34.67 -34.79 -43.51
C MET G 288 -33.44 -35.30 -44.25
N TYR G 289 -32.50 -35.92 -43.53
CA TYR G 289 -31.20 -36.21 -44.09
C TYR G 289 -31.15 -37.59 -44.72
N ARG G 290 -30.24 -37.75 -45.68
CA ARG G 290 -30.21 -38.93 -46.53
C ARG G 290 -29.58 -40.11 -45.82
N THR G 291 -30.13 -41.29 -46.07
CA THR G 291 -29.62 -42.55 -45.54
C THR G 291 -29.71 -43.57 -46.66
N ASN G 292 -29.67 -44.85 -46.30
CA ASN G 292 -29.49 -45.94 -47.26
C ASN G 292 -30.64 -46.11 -48.25
N TRP G 293 -31.64 -45.22 -48.23
CA TRP G 293 -32.83 -45.38 -49.07
C TRP G 293 -33.03 -44.24 -50.05
N LEU G 294 -31.95 -43.63 -50.52
CA LEU G 294 -31.88 -42.79 -51.71
C LEU G 294 -32.62 -41.46 -51.60
N ILE G 295 -33.33 -41.21 -50.51
CA ILE G 295 -34.04 -39.95 -50.35
C ILE G 295 -33.54 -39.26 -49.08
N GLY G 296 -33.58 -37.93 -49.10
CA GLY G 296 -33.10 -37.14 -48.00
C GLY G 296 -32.13 -36.08 -48.49
N HIS G 297 -31.34 -35.57 -47.56
CA HIS G 297 -30.42 -34.48 -47.84
C HIS G 297 -28.99 -34.89 -47.53
N GLN G 298 -28.06 -34.41 -48.35
CA GLN G 298 -26.63 -34.50 -48.07
C GLN G 298 -26.18 -33.10 -47.64
N MET G 299 -25.86 -32.96 -46.36
CA MET G 299 -25.62 -31.64 -45.79
C MET G 299 -24.39 -30.96 -46.37
N LYS G 300 -23.44 -31.74 -46.93
CA LYS G 300 -22.33 -31.14 -47.64
C LYS G 300 -22.83 -30.31 -48.82
N LEU G 301 -23.80 -30.85 -49.58
CA LEU G 301 -24.36 -30.11 -50.70
C LEU G 301 -25.13 -28.89 -50.23
N ILE G 302 -25.89 -29.02 -49.14
CA ILE G 302 -26.64 -27.88 -48.62
C ILE G 302 -25.69 -26.76 -48.22
N LEU G 303 -24.63 -27.10 -47.50
CA LEU G 303 -23.67 -26.09 -47.07
C LEU G 303 -22.95 -25.45 -48.26
N GLU G 304 -22.55 -26.27 -49.24
CA GLU G 304 -21.81 -25.75 -50.38
C GLU G 304 -22.67 -24.86 -51.26
N ALA G 305 -23.96 -25.17 -51.40
CA ALA G 305 -24.83 -24.42 -52.30
C ALA G 305 -25.27 -23.09 -51.71
N HIS G 306 -24.95 -22.79 -50.45
CA HIS G 306 -25.46 -21.60 -49.79
C HIS G 306 -24.40 -20.51 -49.84
N ARG G 307 -24.28 -19.90 -51.01
CA ARG G 307 -23.43 -18.72 -51.22
C ARG G 307 -24.30 -17.64 -51.82
N PRO G 308 -24.46 -16.49 -51.15
CA PRO G 308 -25.28 -15.41 -51.73
C PRO G 308 -24.77 -15.00 -53.09
N PRO G 309 -25.67 -14.81 -54.06
CA PRO G 309 -25.21 -14.58 -55.44
C PRO G 309 -24.48 -13.27 -55.62
N GLY G 310 -24.96 -12.19 -55.02
CA GLY G 310 -24.24 -10.93 -55.11
C GLY G 310 -22.85 -11.02 -54.51
N GLY G 311 -22.73 -11.71 -53.38
CA GLY G 311 -21.45 -12.01 -52.77
C GLY G 311 -21.15 -11.06 -51.62
N ARG G 312 -21.47 -11.51 -50.41
CA ARG G 312 -21.13 -10.78 -49.20
C ARG G 312 -20.62 -11.67 -48.09
N LEU G 313 -20.81 -12.98 -48.19
CA LEU G 313 -20.26 -13.95 -47.26
C LEU G 313 -19.06 -14.69 -47.85
N GLY G 314 -18.45 -14.13 -48.88
CA GLY G 314 -17.32 -14.79 -49.53
C GLY G 314 -17.80 -15.89 -50.43
N ILE G 315 -17.27 -17.10 -50.22
CA ILE G 315 -17.69 -18.27 -50.99
C ILE G 315 -18.79 -19.06 -50.29
N GLY G 316 -19.29 -18.58 -49.15
CA GLY G 316 -20.37 -19.26 -48.47
C GLY G 316 -19.91 -20.24 -47.41
N HIS G 317 -20.56 -21.40 -47.35
CA HIS G 317 -20.30 -22.41 -46.34
C HIS G 317 -19.67 -23.67 -46.94
N ILE G 318 -18.86 -23.51 -47.98
CA ILE G 318 -18.39 -24.67 -48.74
C ILE G 318 -17.51 -25.57 -47.87
N GLY G 319 -16.59 -24.99 -47.11
CA GLY G 319 -15.66 -25.76 -46.32
C GLY G 319 -16.11 -26.07 -44.91
N LEU G 320 -17.35 -25.75 -44.57
CA LEU G 320 -17.82 -25.94 -43.20
C LEU G 320 -18.09 -27.39 -42.86
N TYR G 321 -18.50 -28.20 -43.83
CA TYR G 321 -18.84 -29.59 -43.53
C TYR G 321 -17.62 -30.35 -43.04
N GLU G 322 -16.52 -30.30 -43.79
CA GLU G 322 -15.30 -30.98 -43.37
C GLU G 322 -14.70 -30.33 -42.13
N THR G 323 -14.91 -29.03 -41.95
CA THR G 323 -14.40 -28.33 -40.78
C THR G 323 -15.08 -28.85 -39.51
N ILE G 324 -16.42 -28.90 -39.52
CA ILE G 324 -17.15 -29.36 -38.34
C ILE G 324 -16.96 -30.85 -38.12
N THR G 325 -17.03 -31.64 -39.20
CA THR G 325 -16.96 -33.10 -39.05
C THR G 325 -15.64 -33.52 -38.43
N ASN G 326 -14.53 -32.93 -38.87
CA ASN G 326 -13.21 -33.35 -38.43
C ASN G 326 -12.77 -32.72 -37.11
N SER G 327 -13.58 -31.81 -36.54
CA SER G 327 -13.24 -31.15 -35.29
C SER G 327 -14.28 -31.50 -34.23
N LEU G 328 -13.82 -32.02 -33.10
CA LEU G 328 -14.69 -32.28 -31.96
C LEU G 328 -14.88 -31.07 -31.06
N HIS G 329 -14.06 -30.03 -31.22
CA HIS G 329 -14.22 -28.82 -30.44
C HIS G 329 -15.23 -27.87 -31.03
N PHE G 330 -15.36 -27.84 -32.36
CA PHE G 330 -16.44 -27.08 -32.98
C PHE G 330 -17.80 -27.61 -32.57
N GLN G 331 -17.97 -28.94 -32.66
CA GLN G 331 -19.24 -29.55 -32.26
C GLN G 331 -19.50 -29.36 -30.78
N LEU G 332 -18.46 -29.49 -29.95
CA LEU G 332 -18.62 -29.30 -28.52
C LEU G 332 -19.03 -27.86 -28.21
N GLY G 333 -18.41 -26.89 -28.88
CA GLY G 333 -18.79 -25.50 -28.68
C GLY G 333 -20.23 -25.23 -29.09
N LEU G 334 -20.64 -25.78 -30.25
CA LEU G 334 -22.02 -25.60 -30.68
C LEU G 334 -23.00 -26.22 -29.68
N ALA G 335 -22.70 -27.43 -29.21
CA ALA G 335 -23.57 -28.10 -28.26
C ALA G 335 -23.63 -27.34 -26.95
N LEU G 336 -22.50 -26.82 -26.48
CA LEU G 336 -22.48 -26.07 -25.23
C LEU G 336 -23.25 -24.76 -25.34
N ALA G 337 -23.12 -24.07 -26.49
CA ALA G 337 -23.89 -22.84 -26.68
C ALA G 337 -25.38 -23.13 -26.70
N ALA G 338 -25.78 -24.17 -27.41
CA ALA G 338 -27.19 -24.54 -27.46
C ALA G 338 -27.71 -24.92 -26.08
N LEU G 339 -26.93 -25.68 -25.33
CA LEU G 339 -27.34 -26.09 -23.99
C LEU G 339 -27.42 -24.89 -23.06
N GLY G 340 -26.49 -23.94 -23.19
CA GLY G 340 -26.57 -22.73 -22.36
C GLY G 340 -27.81 -21.92 -22.64
N VAL G 341 -28.14 -21.74 -23.92
CA VAL G 341 -29.37 -21.03 -24.27
C VAL G 341 -30.58 -21.80 -23.76
N ALA G 342 -30.55 -23.14 -23.87
CA ALA G 342 -31.68 -23.96 -23.44
C ALA G 342 -31.90 -23.86 -21.95
N THR G 343 -30.84 -23.91 -21.15
CA THR G 343 -31.01 -23.84 -19.70
C THR G 343 -31.32 -22.42 -19.24
N SER G 344 -30.83 -21.39 -19.96
CA SER G 344 -31.33 -20.05 -19.72
C SER G 344 -32.84 -20.00 -19.95
N LEU G 345 -33.30 -20.66 -21.01
CA LEU G 345 -34.73 -20.72 -21.29
C LEU G 345 -35.48 -21.44 -20.17
N THR G 346 -34.92 -22.54 -19.67
CA THR G 346 -35.55 -23.25 -18.55
C THR G 346 -35.68 -22.34 -17.34
N ALA G 347 -34.60 -21.63 -17.00
CA ALA G 347 -34.65 -20.73 -15.86
C ALA G 347 -35.69 -19.63 -16.07
N GLN G 348 -35.74 -19.05 -17.27
CA GLN G 348 -36.63 -17.92 -17.51
C GLN G 348 -38.09 -18.35 -17.66
N HIS G 349 -38.35 -19.62 -17.94
CA HIS G 349 -39.74 -20.05 -18.15
C HIS G 349 -40.31 -20.83 -16.97
N MET G 350 -39.49 -21.49 -16.17
CA MET G 350 -40.00 -22.25 -15.04
C MET G 350 -40.40 -21.38 -13.86
N TYR G 351 -40.09 -20.09 -13.88
CA TYR G 351 -40.59 -19.16 -12.88
C TYR G 351 -41.79 -18.36 -13.39
N ALA G 352 -41.78 -17.98 -14.67
CA ALA G 352 -42.93 -17.27 -15.23
C ALA G 352 -44.08 -18.23 -15.50
N LEU G 353 -43.78 -19.44 -15.93
CA LEU G 353 -44.78 -20.46 -16.25
C LEU G 353 -44.44 -21.71 -15.45
N PRO G 354 -44.77 -21.72 -14.15
CA PRO G 354 -44.46 -22.88 -13.33
C PRO G 354 -45.18 -24.12 -13.83
N PRO G 355 -44.45 -25.18 -14.13
CA PRO G 355 -45.07 -26.39 -14.71
C PRO G 355 -45.47 -27.45 -13.70
N TYR G 356 -45.09 -27.32 -12.44
CA TYR G 356 -45.32 -28.36 -11.45
C TYR G 356 -46.27 -27.87 -10.38
N ALA G 357 -47.09 -28.79 -9.88
CA ALA G 357 -48.12 -28.44 -8.91
C ALA G 357 -47.50 -27.93 -7.61
N PHE G 358 -48.03 -26.80 -7.13
CA PHE G 358 -47.65 -26.20 -5.85
C PHE G 358 -46.19 -25.77 -5.82
N LEU G 359 -45.54 -25.67 -6.98
CA LEU G 359 -44.18 -25.16 -7.03
C LEU G 359 -44.12 -23.65 -6.96
N ALA G 360 -45.20 -22.96 -7.32
CA ALA G 360 -45.21 -21.50 -7.27
C ALA G 360 -45.13 -20.98 -5.85
N SER G 361 -45.71 -21.70 -4.89
CA SER G 361 -45.71 -21.30 -3.49
C SER G 361 -44.48 -21.78 -2.74
N ASN G 362 -43.56 -22.50 -3.40
CA ASN G 362 -42.33 -22.95 -2.78
C ASN G 362 -41.23 -21.96 -3.14
N PHE G 363 -41.24 -20.83 -2.43
CA PHE G 363 -40.32 -19.73 -2.76
C PHE G 363 -38.85 -20.11 -2.66
N PRO G 364 -38.38 -20.78 -1.60
CA PRO G 364 -36.95 -21.16 -1.58
C PRO G 364 -36.54 -22.04 -2.74
N THR G 365 -37.38 -23.00 -3.12
CA THR G 365 -37.03 -23.85 -4.26
C THR G 365 -37.11 -23.09 -5.57
N GLN G 366 -38.04 -22.14 -5.70
CA GLN G 366 -38.07 -21.29 -6.89
C GLN G 366 -36.76 -20.54 -7.04
N ALA G 367 -36.32 -19.87 -5.97
CA ALA G 367 -35.08 -19.11 -6.03
C ALA G 367 -33.89 -20.02 -6.31
N ALA G 368 -33.85 -21.17 -5.65
CA ALA G 368 -32.73 -22.10 -5.84
C ALA G 368 -32.68 -22.61 -7.28
N LEU G 369 -33.84 -22.96 -7.83
CA LEU G 369 -33.88 -23.48 -9.20
C LEU G 369 -33.44 -22.42 -10.19
N TYR G 370 -33.96 -21.19 -10.06
CA TYR G 370 -33.58 -20.15 -10.99
C TYR G 370 -32.09 -19.85 -10.91
N THR G 371 -31.56 -19.73 -9.69
CA THR G 371 -30.13 -19.44 -9.53
C THR G 371 -29.28 -20.57 -10.09
N HIS G 372 -29.64 -21.82 -9.79
CA HIS G 372 -28.89 -22.96 -10.27
C HIS G 372 -28.84 -22.99 -11.79
N HIS G 373 -30.00 -22.82 -12.43
CA HIS G 373 -30.04 -22.92 -13.88
C HIS G 373 -29.33 -21.75 -14.55
N GLN G 374 -29.41 -20.54 -13.97
CA GLN G 374 -28.69 -19.41 -14.57
C GLN G 374 -27.18 -19.57 -14.43
N TYR G 375 -26.71 -20.09 -13.29
CA TYR G 375 -25.29 -20.34 -13.15
C TYR G 375 -24.81 -21.41 -14.11
N ILE G 376 -25.60 -22.48 -14.27
CA ILE G 376 -25.25 -23.51 -15.24
C ILE G 376 -25.23 -22.94 -16.65
N ALA G 377 -26.16 -22.02 -16.95
CA ALA G 377 -26.20 -21.38 -18.26
C ALA G 377 -24.94 -20.58 -18.53
N GLY G 378 -24.52 -19.78 -17.55
CA GLY G 378 -23.28 -19.03 -17.73
C GLY G 378 -22.08 -19.93 -17.92
N PHE G 379 -22.00 -21.01 -17.14
CA PHE G 379 -20.90 -21.96 -17.30
C PHE G 379 -20.90 -22.56 -18.69
N LEU G 380 -22.08 -22.97 -19.19
CA LEU G 380 -22.15 -23.59 -20.50
C LEU G 380 -21.77 -22.61 -21.61
N MET G 381 -22.19 -21.35 -21.48
CA MET G 381 -21.83 -20.36 -22.50
C MET G 381 -20.33 -20.12 -22.53
N VAL G 382 -19.72 -19.97 -21.35
CA VAL G 382 -18.27 -19.77 -21.30
C VAL G 382 -17.56 -20.99 -21.86
N GLY G 383 -18.07 -22.18 -21.59
CA GLY G 383 -17.47 -23.39 -22.15
C GLY G 383 -17.57 -23.45 -23.66
N ALA G 384 -18.72 -23.02 -24.20
CA ALA G 384 -18.88 -22.98 -25.65
C ALA G 384 -17.85 -22.08 -26.28
N PHE G 385 -17.67 -20.88 -25.71
CA PHE G 385 -16.70 -19.97 -26.29
C PHE G 385 -15.26 -20.46 -26.11
N ALA G 386 -14.97 -21.09 -24.97
CA ALA G 386 -13.64 -21.65 -24.76
C ALA G 386 -13.33 -22.74 -25.77
N HIS G 387 -14.32 -23.59 -26.07
CA HIS G 387 -14.08 -24.65 -27.04
C HIS G 387 -14.03 -24.12 -28.46
N GLY G 388 -14.73 -23.01 -28.74
CA GLY G 388 -14.50 -22.34 -30.01
C GLY G 388 -13.08 -21.85 -30.15
N ALA G 389 -12.53 -21.27 -29.07
CA ALA G 389 -11.14 -20.85 -29.09
C ALA G 389 -10.20 -22.03 -29.28
N ILE G 390 -10.49 -23.15 -28.62
CA ILE G 390 -9.68 -24.35 -28.77
C ILE G 390 -9.72 -24.85 -30.20
N PHE G 391 -10.91 -24.82 -30.82
CA PHE G 391 -11.02 -25.19 -32.23
C PHE G 391 -10.16 -24.30 -33.10
N PHE G 392 -10.18 -22.99 -32.83
CA PHE G 392 -9.33 -22.08 -33.60
C PHE G 392 -7.86 -22.45 -33.44
N VAL G 393 -7.44 -22.78 -32.22
CA VAL G 393 -6.03 -23.04 -31.97
C VAL G 393 -5.59 -24.33 -32.66
N ARG G 394 -6.33 -25.42 -32.47
CA ARG G 394 -5.82 -26.74 -32.78
C ARG G 394 -6.57 -27.50 -33.87
N ASP G 395 -7.75 -27.06 -34.28
CA ASP G 395 -8.52 -27.76 -35.29
C ASP G 395 -8.78 -26.97 -36.56
N TYR G 396 -8.66 -25.64 -36.52
CA TYR G 396 -8.98 -24.82 -37.68
C TYR G 396 -7.89 -24.94 -38.74
N ASP G 397 -8.31 -25.17 -39.97
CA ASP G 397 -7.39 -25.25 -41.12
C ASP G 397 -7.76 -24.19 -42.13
N PRO G 398 -6.95 -23.15 -42.32
CA PRO G 398 -7.30 -22.10 -43.29
C PRO G 398 -7.45 -22.61 -44.71
N ALA G 399 -6.71 -23.66 -45.09
CA ALA G 399 -6.78 -24.17 -46.46
C ALA G 399 -8.16 -24.75 -46.78
N VAL G 400 -8.77 -25.46 -45.82
CA VAL G 400 -10.08 -26.05 -46.06
C VAL G 400 -11.13 -24.96 -46.21
N ASN G 401 -11.02 -23.88 -45.43
CA ASN G 401 -11.98 -22.80 -45.44
C ASN G 401 -11.66 -21.72 -46.46
N THR G 402 -10.81 -22.02 -47.45
CA THR G 402 -10.42 -21.06 -48.47
C THR G 402 -10.45 -21.76 -49.82
N ARG G 403 -11.04 -21.09 -50.82
CA ARG G 403 -11.09 -21.61 -52.19
C ARG G 403 -10.57 -20.53 -53.13
N ASN G 404 -9.36 -20.76 -53.66
CA ASN G 404 -8.74 -19.86 -54.63
C ASN G 404 -8.62 -18.43 -54.10
N GLY G 405 -8.06 -18.32 -52.90
CA GLY G 405 -7.84 -17.01 -52.31
C GLY G 405 -9.02 -16.49 -51.51
N GLU G 406 -10.23 -16.65 -52.06
CA GLU G 406 -11.43 -16.24 -51.36
C GLU G 406 -11.68 -17.13 -50.16
N LYS G 407 -12.20 -16.54 -49.09
CA LYS G 407 -12.40 -17.22 -47.82
C LYS G 407 -13.88 -17.47 -47.57
N ASN G 408 -14.17 -18.56 -46.88
CA ASN G 408 -15.55 -18.97 -46.64
C ASN G 408 -16.13 -18.16 -45.48
N VAL G 409 -17.32 -18.54 -45.03
CA VAL G 409 -18.03 -17.76 -44.03
C VAL G 409 -17.30 -17.75 -42.70
N LEU G 410 -16.60 -18.84 -42.36
CA LEU G 410 -15.90 -18.90 -41.09
C LEU G 410 -14.54 -18.22 -41.16
N ALA G 411 -13.80 -18.44 -42.25
CA ALA G 411 -12.49 -17.81 -42.39
C ALA G 411 -12.58 -16.29 -42.48
N ARG G 412 -13.71 -15.76 -42.96
CA ARG G 412 -13.90 -14.31 -43.02
C ARG G 412 -14.11 -13.68 -41.65
N MET G 413 -14.41 -14.49 -40.63
CA MET G 413 -14.53 -13.95 -39.28
C MET G 413 -13.18 -13.52 -38.72
N LEU G 414 -12.10 -14.05 -39.27
CA LEU G 414 -10.75 -13.66 -38.87
C LEU G 414 -10.21 -12.50 -39.68
N GLU G 415 -10.94 -12.04 -40.69
CA GLU G 415 -10.51 -10.89 -41.47
C GLU G 415 -10.99 -9.59 -40.86
N HIS G 416 -12.27 -9.50 -40.51
CA HIS G 416 -12.80 -8.36 -39.76
C HIS G 416 -12.84 -8.63 -38.26
N LYS G 417 -11.91 -9.44 -37.76
CA LYS G 417 -11.84 -9.69 -36.32
C LYS G 417 -11.61 -8.40 -35.54
N GLU G 418 -10.78 -7.51 -36.09
CA GLU G 418 -10.55 -6.23 -35.43
C GLU G 418 -11.83 -5.40 -35.39
N ALA G 419 -12.62 -5.43 -36.46
CA ALA G 419 -13.90 -4.72 -36.45
C ALA G 419 -14.84 -5.31 -35.40
N ILE G 420 -14.91 -6.63 -35.31
CA ILE G 420 -15.79 -7.27 -34.34
C ILE G 420 -15.37 -6.90 -32.92
N ILE G 421 -14.06 -7.00 -32.64
CA ILE G 421 -13.59 -6.72 -31.29
C ILE G 421 -13.75 -5.25 -30.95
N SER G 422 -13.47 -4.37 -31.91
CA SER G 422 -13.62 -2.94 -31.66
C SER G 422 -15.07 -2.57 -31.37
N HIS G 423 -16.01 -3.16 -32.11
CA HIS G 423 -17.40 -2.82 -31.87
C HIS G 423 -17.94 -3.46 -30.60
N LEU G 424 -17.48 -4.66 -30.25
CA LEU G 424 -17.83 -5.21 -28.94
C LEU G 424 -17.30 -4.32 -27.83
N SER G 425 -16.07 -3.83 -27.98
CA SER G 425 -15.51 -2.92 -26.99
C SER G 425 -16.31 -1.63 -26.91
N TRP G 426 -16.73 -1.10 -28.06
CA TRP G 426 -17.53 0.13 -28.05
C TRP G 426 -18.86 -0.09 -27.35
N VAL G 427 -19.54 -1.19 -27.64
CA VAL G 427 -20.82 -1.45 -26.99
C VAL G 427 -20.62 -1.62 -25.49
N SER G 428 -19.60 -2.36 -25.09
CA SER G 428 -19.34 -2.56 -23.66
C SER G 428 -19.05 -1.24 -22.96
N LEU G 429 -18.21 -0.39 -23.57
CA LEU G 429 -17.90 0.90 -22.96
C LEU G 429 -19.13 1.79 -22.91
N PHE G 430 -19.93 1.80 -23.98
CA PHE G 430 -21.14 2.59 -24.03
C PHE G 430 -22.09 2.21 -22.90
N LEU G 431 -22.41 0.92 -22.81
CA LEU G 431 -23.33 0.44 -21.79
C LEU G 431 -22.78 0.67 -20.40
N GLY G 432 -21.51 0.36 -20.17
CA GLY G 432 -20.95 0.53 -18.84
C GLY G 432 -20.92 1.98 -18.41
N PHE G 433 -20.39 2.86 -19.26
CA PHE G 433 -20.36 4.28 -18.98
C PHE G 433 -21.74 4.78 -18.59
N HIS G 434 -22.75 4.47 -19.39
CA HIS G 434 -24.02 5.14 -19.19
C HIS G 434 -24.88 4.49 -18.12
N THR G 435 -24.83 3.15 -17.99
CA THR G 435 -25.51 2.51 -16.88
C THR G 435 -24.92 2.94 -15.55
N LEU G 436 -23.58 2.96 -15.45
CA LEU G 436 -22.96 3.43 -14.23
C LEU G 436 -23.23 4.90 -13.99
N GLY G 437 -23.28 5.70 -15.06
CA GLY G 437 -23.57 7.12 -14.90
C GLY G 437 -24.96 7.36 -14.35
N ILE G 438 -25.96 6.67 -14.91
CA ILE G 438 -27.32 6.85 -14.41
C ILE G 438 -27.44 6.32 -12.99
N TYR G 439 -26.82 5.17 -12.69
CA TYR G 439 -26.89 4.62 -11.34
C TYR G 439 -26.24 5.56 -10.33
N VAL G 440 -25.07 6.11 -10.65
CA VAL G 440 -24.39 7.01 -9.73
C VAL G 440 -25.12 8.35 -9.63
N HIS G 441 -25.74 8.80 -10.73
CA HIS G 441 -26.57 10.00 -10.66
C HIS G 441 -27.72 9.80 -9.69
N ASN G 442 -28.39 8.65 -9.78
CA ASN G 442 -29.46 8.35 -8.83
C ASN G 442 -28.92 8.25 -7.40
N ASP G 443 -27.76 7.61 -7.24
CA ASP G 443 -27.14 7.52 -5.91
C ASP G 443 -26.93 8.90 -5.30
N VAL G 444 -26.27 9.80 -6.05
CA VAL G 444 -25.93 11.11 -5.52
C VAL G 444 -27.19 11.93 -5.28
N VAL G 445 -28.13 11.88 -6.22
CA VAL G 445 -29.34 12.70 -6.12
C VAL G 445 -30.21 12.25 -4.95
N VAL G 446 -30.38 10.94 -4.76
CA VAL G 446 -31.14 10.45 -3.63
C VAL G 446 -30.42 10.74 -2.32
N ALA G 447 -29.10 10.56 -2.30
CA ALA G 447 -28.34 10.81 -1.08
C ALA G 447 -28.49 12.25 -0.63
N PHE G 448 -28.49 13.20 -1.57
CA PHE G 448 -28.67 14.60 -1.23
C PHE G 448 -30.11 14.94 -0.85
N GLY G 449 -30.97 13.94 -0.71
CA GLY G 449 -32.31 14.15 -0.21
C GLY G 449 -33.32 14.68 -1.20
N GLN G 450 -33.04 14.57 -2.49
CA GLN G 450 -33.91 15.10 -3.55
C GLN G 450 -34.20 14.01 -4.57
N PRO G 451 -34.93 12.96 -4.18
CA PRO G 451 -35.14 11.83 -5.10
C PRO G 451 -35.89 12.20 -6.38
N GLU G 452 -36.59 13.34 -6.40
CA GLU G 452 -37.34 13.74 -7.58
C GLU G 452 -36.46 14.04 -8.78
N LYS G 453 -35.17 14.32 -8.57
CA LYS G 453 -34.24 14.61 -9.65
C LYS G 453 -33.62 13.35 -10.24
N GLN G 454 -34.13 12.17 -9.88
CA GLN G 454 -33.62 10.92 -10.42
C GLN G 454 -33.92 10.82 -11.91
N ILE G 455 -33.05 10.13 -12.62
CA ILE G 455 -33.28 9.78 -14.02
C ILE G 455 -33.90 8.39 -14.05
N LEU G 456 -35.20 8.33 -14.31
CA LEU G 456 -35.94 7.07 -14.33
C LEU G 456 -36.57 6.91 -15.71
N VAL G 457 -36.08 5.94 -16.47
CA VAL G 457 -36.56 5.70 -17.84
C VAL G 457 -37.55 4.56 -17.79
N GLU G 458 -38.77 4.82 -18.23
CA GLU G 458 -39.78 3.78 -18.27
C GLU G 458 -39.46 2.79 -19.38
N PRO G 459 -39.37 1.49 -19.08
CA PRO G 459 -39.07 0.52 -20.13
C PRO G 459 -40.23 0.32 -21.08
N LEU G 460 -40.48 1.30 -21.95
CA LEU G 460 -41.65 1.27 -22.81
C LEU G 460 -41.55 0.14 -23.83
N PHE G 461 -40.34 -0.15 -24.33
CA PHE G 461 -40.19 -1.21 -25.31
C PHE G 461 -40.58 -2.56 -24.74
N ALA G 462 -40.17 -2.85 -23.50
CA ALA G 462 -40.51 -4.12 -22.88
C ALA G 462 -41.97 -4.15 -22.43
N GLU G 463 -42.47 -3.01 -21.92
CA GLU G 463 -43.89 -2.92 -21.59
C GLU G 463 -44.75 -3.05 -22.83
N TRP G 464 -44.26 -2.60 -23.98
CA TRP G 464 -44.96 -2.80 -25.24
C TRP G 464 -45.13 -4.28 -25.54
N ILE G 465 -44.08 -5.07 -25.28
CA ILE G 465 -44.16 -6.52 -25.50
C ILE G 465 -45.17 -7.14 -24.54
N GLN G 466 -45.17 -6.71 -23.29
CA GLN G 466 -46.12 -7.25 -22.32
C GLN G 466 -47.56 -6.97 -22.74
N ALA G 467 -47.82 -5.76 -23.24
CA ALA G 467 -49.16 -5.43 -23.73
C ALA G 467 -49.51 -6.26 -24.96
N ALA G 468 -48.52 -6.55 -25.81
CA ALA G 468 -48.76 -7.34 -26.99
C ALA G 468 -49.23 -8.76 -26.64
N SER G 469 -48.79 -9.29 -25.50
CA SER G 469 -49.20 -10.61 -25.06
C SER G 469 -50.47 -10.59 -24.22
N GLY G 470 -51.07 -9.42 -24.00
CA GLY G 470 -52.35 -9.34 -23.34
C GLY G 470 -52.38 -8.61 -22.01
N LYS G 471 -51.26 -8.05 -21.53
CA LYS G 471 -51.26 -7.38 -20.23
C LYS G 471 -51.88 -6.00 -20.37
N THR G 472 -53.04 -5.81 -19.75
CA THR G 472 -53.72 -4.53 -19.74
C THR G 472 -53.36 -3.76 -18.47
N LEU G 473 -52.10 -3.33 -18.41
CA LEU G 473 -51.58 -2.65 -17.24
C LEU G 473 -50.92 -1.34 -17.63
N TYR G 474 -50.42 -1.26 -18.86
CA TYR G 474 -49.71 -0.08 -19.35
C TYR G 474 -50.56 0.76 -20.29
N ASN G 475 -51.83 0.40 -20.48
CA ASN G 475 -52.75 1.17 -21.32
C ASN G 475 -52.20 1.36 -22.72
N PHE G 476 -51.80 0.26 -23.35
CA PHE G 476 -51.29 0.30 -24.72
C PHE G 476 -52.32 -0.12 -25.74
N ASP G 477 -53.23 -1.05 -25.40
CA ASP G 477 -54.30 -1.46 -26.29
C ASP G 477 -53.76 -1.93 -27.64
N LEU G 478 -52.75 -2.79 -27.58
CA LEU G 478 -51.94 -3.02 -28.78
C LEU G 478 -52.37 -4.22 -29.63
N LEU G 479 -52.18 -5.44 -29.13
CA LEU G 479 -52.54 -6.61 -29.93
C LEU G 479 -53.49 -7.54 -29.20
N LEU G 480 -53.09 -8.00 -28.02
CA LEU G 480 -53.93 -8.85 -27.19
C LEU G 480 -54.54 -8.09 -26.02
N ALA G 481 -54.04 -6.88 -25.73
CA ALA G 481 -54.75 -5.96 -24.86
C ALA G 481 -55.99 -5.38 -25.53
N SER G 482 -56.15 -5.59 -26.83
CA SER G 482 -57.33 -5.17 -27.57
C SER G 482 -58.18 -6.38 -27.91
N SER G 483 -59.50 -6.26 -27.73
CA SER G 483 -60.42 -7.32 -28.06
C SER G 483 -60.83 -7.30 -29.54
N ASN G 484 -60.46 -6.27 -30.28
CA ASN G 484 -60.84 -6.16 -31.68
C ASN G 484 -59.70 -6.47 -32.64
N SER G 485 -58.47 -6.57 -32.15
CA SER G 485 -57.34 -6.87 -33.01
C SER G 485 -57.46 -8.29 -33.56
N PRO G 486 -56.98 -8.52 -34.80
CA PRO G 486 -57.05 -9.87 -35.36
C PRO G 486 -56.32 -10.92 -34.54
N ALA G 487 -55.29 -10.52 -33.80
CA ALA G 487 -54.58 -11.46 -32.95
C ALA G 487 -55.47 -12.00 -31.83
N SER G 488 -56.39 -11.18 -31.34
CA SER G 488 -57.27 -11.62 -30.25
C SER G 488 -58.46 -12.41 -30.77
N VAL G 489 -59.09 -11.94 -31.86
CA VAL G 489 -60.25 -12.66 -32.38
C VAL G 489 -59.85 -14.06 -32.83
N ALA G 490 -58.60 -14.23 -33.27
CA ALA G 490 -58.17 -15.52 -33.81
C ALA G 490 -58.15 -16.60 -32.74
N SER G 491 -57.68 -16.28 -31.54
CA SER G 491 -57.56 -17.27 -30.46
C SER G 491 -58.56 -17.02 -29.33
N SER G 492 -59.60 -16.23 -29.59
CA SER G 492 -60.58 -15.94 -28.53
C SER G 492 -61.30 -17.19 -28.06
N GLN G 493 -61.26 -18.26 -28.83
CA GLN G 493 -61.94 -19.50 -28.49
C GLN G 493 -61.00 -20.64 -28.16
N LEU G 494 -59.69 -20.43 -28.18
CA LEU G 494 -58.73 -21.52 -27.99
C LEU G 494 -57.94 -21.40 -26.69
N TRP G 495 -57.18 -20.32 -26.51
CA TRP G 495 -56.34 -20.22 -25.33
C TRP G 495 -56.23 -18.82 -24.73
N LEU G 496 -56.90 -17.80 -25.29
CA LEU G 496 -56.85 -16.49 -24.65
C LEU G 496 -57.51 -16.45 -23.28
N PRO G 497 -58.71 -17.01 -23.05
CA PRO G 497 -59.31 -16.89 -21.73
C PRO G 497 -58.42 -17.42 -20.62
N GLY G 498 -57.72 -18.53 -20.86
CA GLY G 498 -56.76 -18.99 -19.88
C GLY G 498 -55.52 -18.11 -19.80
N TRP G 499 -55.01 -17.69 -20.96
CA TRP G 499 -53.78 -16.89 -20.97
C TRP G 499 -54.02 -15.51 -20.38
N LEU G 500 -55.12 -14.86 -20.76
CA LEU G 500 -55.39 -13.52 -20.24
C LEU G 500 -55.65 -13.54 -18.74
N SER G 501 -56.34 -14.57 -18.24
CA SER G 501 -56.60 -14.67 -16.82
C SER G 501 -55.33 -14.87 -16.01
N ALA G 502 -54.26 -15.39 -16.63
CA ALA G 502 -53.00 -15.60 -15.93
C ALA G 502 -52.05 -14.42 -16.06
N ILE G 503 -51.96 -13.83 -17.27
CA ILE G 503 -51.07 -12.69 -17.46
C ILE G 503 -51.56 -11.47 -16.69
N ASN G 504 -52.88 -11.30 -16.58
CA ASN G 504 -53.46 -10.18 -15.84
C ASN G 504 -53.83 -10.60 -14.42
N ASP G 505 -52.80 -10.99 -13.67
CA ASP G 505 -52.96 -11.41 -12.29
C ASP G 505 -51.73 -10.96 -11.50
N GLY G 506 -51.96 -10.28 -10.38
CA GLY G 506 -50.86 -9.74 -9.61
C GLY G 506 -50.09 -10.73 -8.78
N LYS G 507 -50.64 -11.93 -8.59
CA LYS G 507 -49.98 -12.94 -7.76
C LYS G 507 -49.07 -13.86 -8.55
N ASN G 508 -49.08 -13.78 -9.88
CA ASN G 508 -48.22 -14.62 -10.70
C ASN G 508 -46.84 -13.97 -10.87
N SER G 509 -45.92 -14.77 -11.40
CA SER G 509 -44.66 -14.25 -11.94
C SER G 509 -44.70 -14.16 -13.46
N LEU G 510 -45.84 -14.49 -14.08
CA LEU G 510 -46.00 -14.39 -15.52
C LEU G 510 -45.99 -12.93 -15.92
N PHE G 511 -44.92 -12.50 -16.58
CA PHE G 511 -44.76 -11.13 -17.07
C PHE G 511 -44.90 -10.13 -15.91
N LEU G 512 -43.91 -10.20 -15.02
CA LEU G 512 -43.92 -9.35 -13.84
C LEU G 512 -43.95 -7.88 -14.26
N PRO G 513 -44.73 -7.04 -13.58
CA PRO G 513 -44.74 -5.61 -13.91
C PRO G 513 -43.34 -5.02 -13.73
N ILE G 514 -42.99 -4.11 -14.63
CA ILE G 514 -41.63 -3.59 -14.69
C ILE G 514 -41.66 -2.06 -14.61
N GLY G 515 -40.57 -1.50 -14.14
CA GLY G 515 -40.41 -0.06 -14.04
C GLY G 515 -39.00 0.37 -14.37
N PRO G 516 -38.65 1.60 -13.97
CA PRO G 516 -37.30 2.10 -14.28
C PRO G 516 -36.18 1.25 -13.70
N GLY G 517 -36.38 0.66 -12.51
CA GLY G 517 -35.37 -0.23 -11.97
C GLY G 517 -35.12 -1.43 -12.87
N ASP G 518 -36.20 -1.99 -13.43
CA ASP G 518 -36.04 -3.08 -14.39
C ASP G 518 -35.27 -2.63 -15.62
N PHE G 519 -35.55 -1.42 -16.10
CA PHE G 519 -34.81 -0.86 -17.23
C PHE G 519 -33.32 -0.80 -16.94
N LEU G 520 -32.96 -0.20 -15.80
CA LEU G 520 -31.54 -0.04 -15.47
C LEU G 520 -30.85 -1.38 -15.26
N VAL G 521 -31.51 -2.32 -14.58
CA VAL G 521 -30.87 -3.61 -14.34
C VAL G 521 -30.78 -4.42 -15.62
N HIS G 522 -31.73 -4.26 -16.55
CA HIS G 522 -31.62 -4.94 -17.83
C HIS G 522 -30.45 -4.37 -18.63
N HIS G 523 -30.20 -3.07 -18.53
CA HIS G 523 -29.05 -2.50 -19.20
C HIS G 523 -27.75 -2.98 -18.56
N ALA G 524 -27.74 -3.15 -17.25
CA ALA G 524 -26.58 -3.74 -16.58
C ALA G 524 -26.35 -5.17 -17.06
N ILE G 525 -27.43 -5.94 -17.21
CA ILE G 525 -27.33 -7.31 -17.72
C ILE G 525 -26.77 -7.31 -19.14
N ALA G 526 -27.26 -6.39 -19.97
CA ALA G 526 -26.76 -6.28 -21.34
C ALA G 526 -25.28 -5.94 -21.36
N LEU G 527 -24.85 -5.03 -20.47
CA LEU G 527 -23.43 -4.72 -20.37
C LEU G 527 -22.61 -5.94 -19.97
N GLY G 528 -23.10 -6.71 -18.99
CA GLY G 528 -22.38 -7.91 -18.59
C GLY G 528 -22.27 -8.93 -19.71
N LEU G 529 -23.38 -9.16 -20.43
CA LEU G 529 -23.36 -10.08 -21.55
C LEU G 529 -22.39 -9.62 -22.62
N HIS G 530 -22.42 -8.33 -22.95
CA HIS G 530 -21.56 -7.81 -24.00
C HIS G 530 -20.10 -7.89 -23.61
N THR G 531 -19.77 -7.62 -22.35
CA THR G 531 -18.37 -7.66 -21.93
C THR G 531 -17.86 -9.10 -21.88
N THR G 532 -18.67 -10.04 -21.36
CA THR G 532 -18.26 -11.44 -21.38
C THR G 532 -18.07 -11.93 -22.81
N THR G 533 -18.99 -11.55 -23.70
CA THR G 533 -18.86 -11.91 -25.11
C THR G 533 -17.61 -11.28 -25.71
N LEU G 534 -17.31 -10.03 -25.34
CA LEU G 534 -16.11 -9.38 -25.86
C LEU G 534 -14.86 -10.15 -25.46
N ILE G 535 -14.75 -10.51 -24.19
CA ILE G 535 -13.57 -11.24 -23.73
C ILE G 535 -13.46 -12.57 -24.46
N LEU G 536 -14.57 -13.31 -24.53
CA LEU G 536 -14.53 -14.65 -25.12
C LEU G 536 -14.26 -14.60 -26.62
N VAL G 537 -14.92 -13.68 -27.33
CA VAL G 537 -14.72 -13.56 -28.77
C VAL G 537 -13.31 -13.08 -29.08
N LYS G 538 -12.79 -12.13 -28.29
CA LYS G 538 -11.42 -11.68 -28.48
C LYS G 538 -10.44 -12.81 -28.27
N GLY G 539 -10.65 -13.63 -27.24
CA GLY G 539 -9.78 -14.77 -27.03
C GLY G 539 -9.87 -15.80 -28.14
N ALA G 540 -11.08 -16.02 -28.66
CA ALA G 540 -11.26 -17.01 -29.71
C ALA G 540 -10.62 -16.55 -31.02
N LEU G 541 -10.88 -15.30 -31.43
CA LEU G 541 -10.35 -14.81 -32.69
C LEU G 541 -8.85 -14.58 -32.62
N ASP G 542 -8.37 -14.02 -31.51
CA ASP G 542 -6.94 -13.78 -31.30
C ASP G 542 -6.20 -15.02 -30.85
N ALA G 543 -6.87 -16.18 -30.84
CA ALA G 543 -6.22 -17.41 -30.39
C ALA G 543 -5.08 -17.82 -31.30
N ARG G 544 -5.25 -17.64 -32.60
CA ARG G 544 -4.23 -18.08 -33.56
C ARG G 544 -3.09 -17.09 -33.71
N GLY G 545 -3.19 -15.90 -33.14
CA GLY G 545 -2.10 -14.95 -33.20
C GLY G 545 -2.61 -13.52 -33.15
N SER G 546 -1.69 -12.60 -32.85
CA SER G 546 -1.99 -11.18 -32.78
C SER G 546 -0.72 -10.43 -33.17
N LYS G 547 -0.71 -9.11 -32.92
CA LYS G 547 0.51 -8.36 -33.18
C LYS G 547 1.57 -8.63 -32.13
N LEU G 548 1.15 -8.81 -30.87
CA LEU G 548 2.09 -9.12 -29.80
C LEU G 548 2.63 -10.54 -29.90
N MET G 549 1.92 -11.43 -30.58
CA MET G 549 2.34 -12.83 -30.70
C MET G 549 1.76 -13.41 -31.98
N PRO G 550 2.40 -13.13 -33.13
CA PRO G 550 1.85 -13.59 -34.41
C PRO G 550 2.04 -15.08 -34.66
N ASP G 551 2.52 -15.84 -33.67
CA ASP G 551 2.62 -17.29 -33.77
C ASP G 551 2.00 -17.96 -32.56
N LYS G 552 0.92 -17.38 -32.03
CA LYS G 552 0.30 -17.92 -30.82
C LYS G 552 -0.24 -19.33 -31.04
N LYS G 553 -0.59 -19.68 -32.27
CA LYS G 553 -1.10 -21.01 -32.55
C LYS G 553 -0.04 -22.08 -32.33
N ASP G 554 1.25 -21.72 -32.48
CA ASP G 554 2.33 -22.68 -32.28
C ASP G 554 2.57 -22.99 -30.80
N PHE G 555 1.98 -22.23 -29.89
CA PHE G 555 2.15 -22.45 -28.46
C PHE G 555 0.96 -23.14 -27.82
N GLY G 556 -0.10 -23.39 -28.57
CA GLY G 556 -1.25 -24.11 -28.05
C GLY G 556 -2.29 -23.19 -27.45
N TYR G 557 -3.38 -23.83 -26.98
CA TYR G 557 -4.49 -23.09 -26.40
C TYR G 557 -4.10 -22.50 -25.05
N SER G 558 -3.41 -23.26 -24.21
CA SER G 558 -3.08 -22.85 -22.85
C SER G 558 -1.57 -22.89 -22.67
N PHE G 559 -0.97 -21.72 -22.51
CA PHE G 559 0.42 -21.58 -22.13
C PHE G 559 0.53 -20.38 -21.20
N PRO G 560 1.56 -20.33 -20.34
CA PRO G 560 1.62 -19.24 -19.36
C PRO G 560 1.71 -17.87 -19.99
N CYS G 561 2.67 -17.65 -20.88
CA CYS G 561 2.96 -16.32 -21.42
C CYS G 561 3.91 -16.50 -22.60
N ASP G 562 4.44 -15.38 -23.07
CA ASP G 562 5.56 -15.38 -24.01
C ASP G 562 6.79 -14.68 -23.43
N GLY G 563 6.80 -14.40 -22.13
CA GLY G 563 7.94 -13.77 -21.50
C GLY G 563 7.75 -12.29 -21.25
N PRO G 564 8.69 -11.68 -20.52
CA PRO G 564 8.61 -10.25 -20.27
C PRO G 564 9.01 -9.38 -21.45
N GLY G 565 9.49 -9.98 -22.54
CA GLY G 565 9.91 -9.20 -23.68
C GLY G 565 8.74 -8.57 -24.41
N ARG G 566 9.09 -7.64 -25.30
CA ARG G 566 8.11 -6.90 -26.11
C ARG G 566 7.11 -6.16 -25.23
N GLY G 567 7.57 -5.69 -24.07
CA GLY G 567 6.73 -4.93 -23.17
C GLY G 567 6.03 -5.75 -22.10
N GLY G 568 6.02 -7.07 -22.21
CA GLY G 568 5.31 -7.90 -21.26
C GLY G 568 4.12 -8.61 -21.87
N THR G 569 3.99 -9.91 -21.64
CA THR G 569 2.99 -10.74 -22.30
C THR G 569 2.23 -11.58 -21.28
N CYS G 570 1.82 -10.97 -20.18
CA CYS G 570 1.02 -11.68 -19.19
C CYS G 570 -0.36 -11.97 -19.76
N ASP G 571 -0.86 -13.18 -19.48
CA ASP G 571 -2.24 -13.57 -19.82
C ASP G 571 -2.51 -13.39 -21.31
N ILE G 572 -1.56 -13.80 -22.15
CA ILE G 572 -1.68 -13.60 -23.58
C ILE G 572 -2.34 -14.77 -24.31
N SER G 573 -2.44 -15.92 -23.66
CA SER G 573 -3.00 -17.10 -24.31
C SER G 573 -4.52 -17.02 -24.37
N ALA G 574 -5.10 -17.89 -25.20
CA ALA G 574 -6.56 -17.95 -25.31
C ALA G 574 -7.19 -18.52 -24.05
N TRP G 575 -6.48 -19.41 -23.35
CA TRP G 575 -6.97 -19.91 -22.07
C TRP G 575 -7.13 -18.78 -21.07
N ASP G 576 -6.22 -17.81 -21.10
CA ASP G 576 -6.31 -16.67 -20.20
C ASP G 576 -7.53 -15.82 -20.50
N ALA G 577 -7.99 -15.79 -21.77
CA ALA G 577 -9.23 -15.09 -22.09
C ALA G 577 -10.43 -15.76 -21.43
N PHE G 578 -10.49 -17.09 -21.49
CA PHE G 578 -11.49 -17.83 -20.73
C PHE G 578 -11.38 -17.49 -19.25
N TYR G 579 -10.15 -17.46 -18.74
CA TYR G 579 -9.94 -17.25 -17.31
C TYR G 579 -10.45 -15.89 -16.89
N LEU G 580 -10.23 -14.86 -17.72
CA LEU G 580 -10.70 -13.52 -17.42
C LEU G 580 -12.21 -13.42 -17.60
N ALA G 581 -12.77 -14.11 -18.60
CA ALA G 581 -14.19 -14.06 -18.86
C ALA G 581 -15.01 -14.83 -17.84
N MET G 582 -14.38 -15.74 -17.09
CA MET G 582 -15.10 -16.42 -16.03
C MET G 582 -15.54 -15.43 -14.95
N PHE G 583 -14.68 -14.47 -14.60
CA PHE G 583 -15.05 -13.44 -13.65
C PHE G 583 -16.24 -12.64 -14.14
N TRP G 584 -16.24 -12.28 -15.43
CA TRP G 584 -17.33 -11.49 -15.97
C TRP G 584 -18.61 -12.30 -16.08
N MET G 585 -18.51 -13.60 -16.39
CA MET G 585 -19.70 -14.45 -16.35
C MET G 585 -20.26 -14.54 -14.95
N LEU G 586 -19.39 -14.72 -13.95
CA LEU G 586 -19.87 -14.78 -12.57
C LEU G 586 -20.54 -13.47 -12.18
N ASN G 587 -19.94 -12.34 -12.58
CA ASN G 587 -20.54 -11.04 -12.27
C ASN G 587 -21.88 -10.85 -12.95
N THR G 588 -21.99 -11.25 -14.22
CA THR G 588 -23.25 -11.08 -14.95
C THR G 588 -24.34 -11.99 -14.37
N ILE G 589 -24.01 -13.23 -14.07
CA ILE G 589 -24.98 -14.13 -13.45
C ILE G 589 -25.34 -13.62 -12.06
N GLY G 590 -24.39 -13.04 -11.34
CA GLY G 590 -24.71 -12.43 -10.06
C GLY G 590 -25.69 -11.29 -10.19
N TRP G 591 -25.51 -10.43 -11.20
CA TRP G 591 -26.46 -9.35 -11.43
C TRP G 591 -27.84 -9.90 -11.77
N VAL G 592 -27.88 -10.90 -12.66
CA VAL G 592 -29.17 -11.47 -13.07
C VAL G 592 -29.88 -12.08 -11.87
N THR G 593 -29.16 -12.86 -11.07
CA THR G 593 -29.77 -13.55 -9.95
C THR G 593 -30.13 -12.58 -8.83
N PHE G 594 -29.32 -11.54 -8.62
CA PHE G 594 -29.68 -10.49 -7.67
C PHE G 594 -30.98 -9.83 -8.07
N TYR G 595 -31.09 -9.46 -9.35
CA TYR G 595 -32.31 -8.83 -9.83
C TYR G 595 -33.52 -9.73 -9.66
N TRP G 596 -33.39 -11.00 -10.09
CA TRP G 596 -34.51 -11.94 -9.97
C TRP G 596 -34.91 -12.12 -8.51
N HIS G 597 -33.92 -12.36 -7.63
CA HIS G 597 -34.23 -12.66 -6.24
C HIS G 597 -34.83 -11.47 -5.54
N TRP G 598 -34.30 -10.25 -5.76
CA TRP G 598 -34.89 -9.09 -5.11
C TRP G 598 -36.30 -8.81 -5.62
N LYS G 599 -36.50 -8.93 -6.94
CA LYS G 599 -37.84 -8.71 -7.49
C LYS G 599 -38.84 -9.71 -6.88
N HIS G 600 -38.44 -10.97 -6.77
CA HIS G 600 -39.37 -11.97 -6.25
C HIS G 600 -39.52 -11.90 -4.74
N LEU G 601 -38.48 -11.47 -4.01
CA LEU G 601 -38.64 -11.25 -2.57
C LEU G 601 -39.63 -10.12 -2.31
N THR G 602 -39.55 -9.05 -3.09
CA THR G 602 -40.52 -7.97 -2.93
C THR G 602 -41.91 -8.41 -3.35
N LEU G 603 -42.01 -9.22 -4.41
CA LEU G 603 -43.31 -9.70 -4.85
C LEU G 603 -43.95 -10.61 -3.81
N TRP G 604 -43.18 -11.52 -3.23
CA TRP G 604 -43.72 -12.46 -2.26
C TRP G 604 -44.06 -11.78 -0.94
N GLN G 605 -43.18 -10.90 -0.47
CA GLN G 605 -43.44 -10.16 0.76
C GLN G 605 -44.55 -9.14 0.61
N GLY G 606 -44.80 -8.67 -0.62
CA GLY G 606 -45.83 -7.71 -0.90
C GLY G 606 -45.35 -6.29 -1.05
N ASN G 607 -44.13 -5.98 -0.61
CA ASN G 607 -43.60 -4.62 -0.69
C ASN G 607 -42.88 -4.39 -2.03
N GLN G 608 -43.63 -4.60 -3.12
CA GLN G 608 -43.09 -4.34 -4.44
C GLN G 608 -42.74 -2.87 -4.63
N VAL G 609 -43.31 -1.98 -3.82
CA VAL G 609 -42.91 -0.58 -3.86
C VAL G 609 -41.49 -0.39 -3.36
N GLN G 610 -41.00 -1.29 -2.51
CA GLN G 610 -39.61 -1.19 -2.05
C GLN G 610 -38.63 -1.38 -3.21
N PHE G 611 -38.90 -2.35 -4.09
CA PHE G 611 -38.03 -2.55 -5.24
C PHE G 611 -38.18 -1.41 -6.24
N ASN G 612 -39.42 -1.03 -6.53
CA ASN G 612 -39.67 -0.04 -7.59
C ASN G 612 -39.03 1.31 -7.26
N GLU G 613 -38.83 1.61 -5.97
CA GLU G 613 -38.24 2.87 -5.56
C GLU G 613 -36.74 2.77 -5.30
N SER G 614 -36.29 1.72 -4.61
CA SER G 614 -34.89 1.61 -4.22
C SER G 614 -34.01 0.91 -5.25
N SER G 615 -34.58 0.33 -6.30
CA SER G 615 -33.78 -0.40 -7.27
C SER G 615 -33.13 0.51 -8.31
N ASN G 616 -33.41 1.80 -8.28
CA ASN G 616 -32.87 2.73 -9.25
C ASN G 616 -31.50 3.27 -8.88
N TYR G 617 -31.02 3.00 -7.66
CA TYR G 617 -29.73 3.49 -7.22
C TYR G 617 -29.01 2.38 -6.45
N ILE G 618 -27.67 2.43 -6.48
CA ILE G 618 -26.87 1.32 -5.99
C ILE G 618 -27.06 1.12 -4.49
N MET G 619 -27.05 2.21 -3.73
CA MET G 619 -27.25 2.08 -2.28
C MET G 619 -28.59 1.45 -1.96
N GLY G 620 -29.59 1.66 -2.81
CA GLY G 620 -30.85 0.95 -2.63
C GLY G 620 -30.65 -0.55 -2.66
N TRP G 621 -29.91 -1.04 -3.66
CA TRP G 621 -29.59 -2.47 -3.69
C TRP G 621 -28.84 -2.89 -2.43
N LEU G 622 -27.75 -2.19 -2.12
CA LEU G 622 -26.88 -2.62 -1.02
C LEU G 622 -27.63 -2.64 0.31
N ARG G 623 -28.53 -1.68 0.52
CA ARG G 623 -29.20 -1.57 1.80
C ARG G 623 -30.43 -2.46 1.89
N ASP G 624 -31.24 -2.51 0.84
CA ASP G 624 -32.53 -3.17 0.94
C ASP G 624 -32.52 -4.62 0.46
N TYR G 625 -31.55 -5.03 -0.35
CA TYR G 625 -31.46 -6.43 -0.70
C TYR G 625 -30.47 -7.12 0.22
N LEU G 626 -29.19 -6.75 0.11
CA LEU G 626 -28.14 -7.48 0.81
C LEU G 626 -28.21 -7.27 2.31
N TRP G 627 -28.06 -6.01 2.74
CA TRP G 627 -28.03 -5.72 4.17
C TRP G 627 -29.35 -6.09 4.85
N LEU G 628 -30.47 -5.87 4.16
CA LEU G 628 -31.76 -6.15 4.77
C LEU G 628 -32.00 -7.65 4.90
N ASN G 629 -31.83 -8.41 3.82
CA ASN G 629 -32.18 -9.83 3.84
C ASN G 629 -31.08 -10.70 4.39
N SER G 630 -29.90 -10.15 4.68
CA SER G 630 -28.83 -10.94 5.30
C SER G 630 -29.01 -11.12 6.79
N SER G 631 -29.96 -10.41 7.40
CA SER G 631 -30.17 -10.52 8.85
C SER G 631 -30.58 -11.93 9.28
N PRO G 632 -31.57 -12.58 8.67
CA PRO G 632 -31.90 -13.96 9.09
C PRO G 632 -30.75 -14.92 8.90
N LEU G 633 -29.94 -14.74 7.86
CA LEU G 633 -28.87 -15.69 7.56
C LEU G 633 -27.76 -15.62 8.60
N ILE G 634 -27.29 -14.41 8.92
CA ILE G 634 -26.17 -14.29 9.84
C ILE G 634 -26.57 -14.72 11.25
N ASN G 635 -27.85 -14.59 11.59
CA ASN G 635 -28.34 -15.10 12.87
C ASN G 635 -28.83 -16.54 12.75
N GLY G 636 -28.00 -17.37 12.12
CA GLY G 636 -28.26 -18.80 12.08
C GLY G 636 -27.67 -19.45 13.31
N TYR G 637 -26.68 -18.77 13.88
CA TYR G 637 -26.13 -19.12 15.18
C TYR G 637 -25.50 -17.87 15.77
N ASN G 638 -25.86 -17.58 17.01
CA ASN G 638 -25.39 -16.42 17.74
C ASN G 638 -24.88 -16.87 19.09
N PRO G 639 -24.26 -15.98 19.88
CA PRO G 639 -23.81 -16.39 21.22
C PRO G 639 -24.95 -16.82 22.15
N PHE G 640 -26.18 -16.82 21.65
CA PHE G 640 -27.34 -17.22 22.42
C PHE G 640 -27.95 -18.55 21.98
N GLY G 641 -27.79 -18.92 20.71
CA GLY G 641 -28.36 -20.16 20.23
C GLY G 641 -28.09 -20.36 18.76
N MET G 642 -28.93 -21.17 18.13
CA MET G 642 -28.81 -21.45 16.70
C MET G 642 -30.15 -21.91 16.17
N ASN G 643 -30.27 -21.92 14.84
CA ASN G 643 -31.47 -22.31 14.13
C ASN G 643 -31.10 -23.35 13.07
N SER G 644 -32.11 -23.85 12.37
CA SER G 644 -31.85 -24.73 11.23
C SER G 644 -31.14 -24.01 10.10
N LEU G 645 -31.08 -22.68 10.14
CA LEU G 645 -30.31 -21.88 9.20
C LEU G 645 -28.84 -21.77 9.58
N SER G 646 -28.40 -22.46 10.63
CA SER G 646 -27.01 -22.36 11.06
C SER G 646 -26.07 -22.88 9.99
N VAL G 647 -26.46 -23.95 9.29
CA VAL G 647 -25.61 -24.50 8.23
C VAL G 647 -25.43 -23.47 7.11
N TRP G 648 -26.46 -22.65 6.86
CA TRP G 648 -26.36 -21.67 5.79
C TRP G 648 -25.42 -20.53 6.18
N ALA G 649 -25.40 -20.13 7.45
CA ALA G 649 -24.43 -19.11 7.88
C ALA G 649 -23.01 -19.65 7.80
N TRP G 650 -22.82 -20.92 8.19
CA TRP G 650 -21.52 -21.55 8.06
C TRP G 650 -21.07 -21.60 6.61
N MET G 651 -21.99 -21.94 5.71
CA MET G 651 -21.66 -21.95 4.28
C MET G 651 -21.39 -20.55 3.76
N PHE G 652 -22.08 -19.54 4.29
CA PHE G 652 -21.80 -18.15 3.94
C PHE G 652 -20.36 -17.79 4.26
N LEU G 653 -19.94 -18.06 5.50
CA LEU G 653 -18.56 -17.77 5.89
C LEU G 653 -17.56 -18.61 5.11
N PHE G 654 -17.92 -19.87 4.84
CA PHE G 654 -17.06 -20.75 4.05
C PHE G 654 -16.85 -20.19 2.65
N GLY G 655 -17.92 -19.71 2.02
CA GLY G 655 -17.81 -19.11 0.71
C GLY G 655 -16.94 -17.87 0.71
N HIS G 656 -17.09 -17.03 1.74
CA HIS G 656 -16.22 -15.86 1.85
C HIS G 656 -14.75 -16.28 1.96
N LEU G 657 -14.49 -17.30 2.77
CA LEU G 657 -13.11 -17.77 2.96
C LEU G 657 -12.52 -18.30 1.67
N VAL G 658 -13.29 -19.11 0.92
CA VAL G 658 -12.79 -19.66 -0.33
C VAL G 658 -12.59 -18.55 -1.35
N TRP G 659 -13.48 -17.56 -1.36
CA TRP G 659 -13.32 -16.40 -2.24
C TRP G 659 -12.00 -15.69 -1.97
N ALA G 660 -11.69 -15.46 -0.69
CA ALA G 660 -10.46 -14.74 -0.37
C ALA G 660 -9.22 -15.59 -0.61
N THR G 661 -9.33 -16.91 -0.45
CA THR G 661 -8.19 -17.77 -0.83
C THR G 661 -7.96 -17.71 -2.33
N GLY G 662 -9.04 -17.63 -3.12
CA GLY G 662 -8.88 -17.34 -4.53
C GLY G 662 -8.17 -16.03 -4.75
N PHE G 663 -8.51 -15.02 -3.97
CA PHE G 663 -7.80 -13.75 -4.04
C PHE G 663 -6.31 -13.95 -3.81
N MET G 664 -5.93 -14.73 -2.80
CA MET G 664 -4.53 -15.17 -2.62
C MET G 664 -3.94 -15.65 -3.95
N PHE G 665 -4.57 -16.66 -4.54
CA PHE G 665 -3.97 -17.34 -5.68
C PHE G 665 -3.95 -16.46 -6.92
N LEU G 666 -4.77 -15.43 -6.97
CA LEU G 666 -4.86 -14.55 -8.12
C LEU G 666 -3.91 -13.36 -8.01
N ILE G 667 -3.83 -12.73 -6.83
CA ILE G 667 -3.00 -11.53 -6.68
C ILE G 667 -1.53 -11.90 -6.61
N SER G 668 -1.17 -12.79 -5.67
CA SER G 668 0.20 -13.25 -5.54
C SER G 668 0.51 -14.29 -6.61
N TRP G 669 1.56 -14.05 -7.38
CA TRP G 669 1.95 -14.93 -8.47
C TRP G 669 3.13 -15.79 -8.04
N ARG G 670 3.67 -16.56 -8.98
CA ARG G 670 4.74 -17.50 -8.68
C ARG G 670 6.04 -16.75 -8.42
N GLY G 671 7.07 -17.45 -8.22
CA GLY G 671 8.29 -16.75 -8.06
C GLY G 671 8.44 -16.25 -6.68
N TYR G 672 7.34 -15.93 -6.06
CA TYR G 672 7.40 -15.51 -4.71
C TYR G 672 7.15 -16.73 -3.87
N TRP G 673 6.62 -17.77 -4.50
CA TRP G 673 6.29 -18.92 -3.78
C TRP G 673 7.27 -19.99 -4.04
N GLN G 674 8.09 -19.85 -5.04
CA GLN G 674 9.16 -20.80 -5.30
C GLN G 674 10.31 -20.60 -4.31
N GLU G 675 10.69 -19.35 -4.05
CA GLU G 675 11.77 -19.09 -3.10
C GLU G 675 11.38 -19.50 -1.68
N LEU G 676 10.14 -19.22 -1.29
CA LEU G 676 9.66 -19.66 0.01
C LEU G 676 9.69 -21.19 0.12
N ILE G 677 9.29 -21.87 -0.95
CA ILE G 677 9.33 -23.34 -0.95
C ILE G 677 10.76 -23.83 -0.86
N GLU G 678 11.69 -23.12 -1.50
CA GLU G 678 13.11 -23.47 -1.39
C GLU G 678 13.60 -23.33 0.05
N THR G 679 13.18 -22.26 0.73
CA THR G 679 13.53 -22.11 2.15
C THR G 679 12.97 -23.25 2.98
N ILE G 680 11.71 -23.64 2.72
CA ILE G 680 11.11 -24.75 3.45
C ILE G 680 11.86 -26.05 3.16
N VAL G 681 12.29 -26.24 1.92
CA VAL G 681 13.05 -27.42 1.53
C VAL G 681 14.37 -27.48 2.30
N TRP G 682 15.07 -26.34 2.38
CA TRP G 682 16.30 -26.30 3.15
C TRP G 682 16.03 -26.62 4.61
N ALA G 683 14.95 -26.07 5.17
CA ALA G 683 14.64 -26.32 6.58
C ALA G 683 14.39 -27.80 6.83
N HIS G 684 13.64 -28.45 5.94
CA HIS G 684 13.39 -29.88 6.11
C HIS G 684 14.67 -30.69 5.94
N GLU G 685 15.50 -30.32 4.96
CA GLU G 685 16.73 -31.09 4.72
C GLU G 685 17.76 -30.92 5.82
N ARG G 686 17.72 -29.82 6.57
CA ARG G 686 18.76 -29.54 7.55
C ARG G 686 18.28 -29.69 9.00
N THR G 687 17.21 -30.46 9.23
CA THR G 687 16.72 -30.64 10.58
C THR G 687 16.77 -32.12 10.97
N PRO G 688 17.27 -32.44 12.17
CA PRO G 688 17.30 -33.84 12.60
C PRO G 688 15.90 -34.35 12.91
N LEU G 689 15.80 -35.68 12.92
CA LEU G 689 14.58 -36.41 13.26
C LEU G 689 13.54 -36.29 12.15
N ALA G 690 13.81 -35.43 11.17
CA ALA G 690 12.99 -35.31 9.98
C ALA G 690 13.77 -35.54 8.70
N ASN G 691 15.10 -35.60 8.78
CA ASN G 691 15.91 -36.02 7.64
C ASN G 691 15.63 -37.45 7.24
N LEU G 692 15.15 -38.27 8.17
CA LEU G 692 14.81 -39.66 7.87
C LEU G 692 13.70 -39.76 6.84
N VAL G 693 12.87 -38.72 6.71
CA VAL G 693 11.76 -38.71 5.77
C VAL G 693 12.09 -37.69 4.68
N ARG G 694 12.07 -38.14 3.43
CA ARG G 694 12.36 -37.29 2.29
C ARG G 694 11.32 -37.51 1.21
N TRP G 695 11.03 -36.44 0.46
CA TRP G 695 10.04 -36.51 -0.60
C TRP G 695 10.57 -37.28 -1.79
N LYS G 696 9.66 -37.88 -2.55
CA LYS G 696 10.01 -38.50 -3.82
C LYS G 696 9.90 -37.52 -4.98
N ASP G 697 8.90 -36.65 -4.94
CA ASP G 697 8.74 -35.58 -5.92
C ASP G 697 9.22 -34.28 -5.30
N LYS G 698 10.08 -33.57 -6.02
CA LYS G 698 10.62 -32.32 -5.50
C LYS G 698 9.50 -31.30 -5.36
N PRO G 699 9.25 -30.76 -4.16
CA PRO G 699 8.17 -29.78 -4.00
C PRO G 699 8.52 -28.48 -4.71
N VAL G 700 7.64 -28.06 -5.62
CA VAL G 700 7.79 -26.81 -6.35
C VAL G 700 6.48 -26.05 -6.30
N ALA G 701 6.58 -24.75 -6.57
CA ALA G 701 5.39 -23.90 -6.59
C ALA G 701 4.51 -24.26 -7.77
N LEU G 702 3.21 -23.99 -7.63
CA LEU G 702 2.27 -24.25 -8.70
C LEU G 702 2.60 -23.41 -9.93
N SER G 703 2.40 -23.99 -11.10
CA SER G 703 2.71 -23.27 -12.33
C SER G 703 1.77 -22.08 -12.51
N ILE G 704 2.14 -21.18 -13.42
CA ILE G 704 1.38 -19.95 -13.60
C ILE G 704 -0.05 -20.26 -14.04
N VAL G 705 -0.20 -21.13 -15.03
CA VAL G 705 -1.54 -21.51 -15.49
C VAL G 705 -2.28 -22.28 -14.40
N GLN G 706 -1.59 -23.17 -13.70
CA GLN G 706 -2.23 -23.90 -12.61
C GLN G 706 -2.65 -22.96 -11.50
N ALA G 707 -1.83 -21.96 -11.19
CA ALA G 707 -2.19 -20.99 -10.17
C ALA G 707 -3.41 -20.18 -10.58
N ARG G 708 -3.47 -19.77 -11.85
CA ARG G 708 -4.66 -19.09 -12.35
C ARG G 708 -5.90 -19.96 -12.23
N LEU G 709 -5.77 -21.24 -12.59
CA LEU G 709 -6.91 -22.15 -12.47
C LEU G 709 -7.35 -22.33 -11.02
N VAL G 710 -6.39 -22.47 -10.11
CA VAL G 710 -6.74 -22.69 -8.71
C VAL G 710 -7.39 -21.46 -8.10
N GLY G 711 -6.86 -20.28 -8.43
CA GLY G 711 -7.50 -19.05 -7.97
C GLY G 711 -8.89 -18.88 -8.55
N LEU G 712 -9.07 -19.20 -9.82
CA LEU G 712 -10.40 -19.14 -10.43
C LEU G 712 -11.35 -20.14 -9.78
N ALA G 713 -10.87 -21.34 -9.48
CA ALA G 713 -11.72 -22.35 -8.84
C ALA G 713 -12.14 -21.90 -7.45
N HIS G 714 -11.21 -21.35 -6.67
CA HIS G 714 -11.57 -20.84 -5.36
C HIS G 714 -12.57 -19.70 -5.48
N PHE G 715 -12.30 -18.76 -6.38
CA PHE G 715 -13.20 -17.63 -6.60
C PHE G 715 -14.61 -18.11 -6.93
N THR G 716 -14.72 -19.04 -7.87
CA THR G 716 -16.02 -19.52 -8.33
C THR G 716 -16.74 -20.32 -7.25
N ILE G 717 -16.03 -21.22 -6.57
CA ILE G 717 -16.66 -22.03 -5.54
C ILE G 717 -17.13 -21.17 -4.40
N GLY G 718 -16.31 -20.23 -3.94
CA GLY G 718 -16.73 -19.31 -2.91
C GLY G 718 -17.92 -18.47 -3.33
N TYR G 719 -17.89 -17.95 -4.57
CA TYR G 719 -18.99 -17.18 -5.12
C TYR G 719 -20.29 -17.96 -5.05
N VAL G 720 -20.27 -19.19 -5.60
CA VAL G 720 -21.47 -20.00 -5.69
C VAL G 720 -21.98 -20.36 -4.30
N LEU G 721 -21.08 -20.78 -3.41
CA LEU G 721 -21.48 -21.20 -2.08
C LEU G 721 -22.08 -20.04 -1.29
N THR G 722 -21.42 -18.89 -1.29
CA THR G 722 -21.92 -17.77 -0.51
C THR G 722 -23.26 -17.28 -1.07
N TYR G 723 -23.43 -17.25 -2.40
CA TYR G 723 -24.71 -16.78 -2.90
C TYR G 723 -25.82 -17.79 -2.69
N ALA G 724 -25.52 -19.09 -2.82
CA ALA G 724 -26.54 -20.10 -2.54
C ALA G 724 -27.00 -20.01 -1.09
N ALA G 725 -26.04 -19.91 -0.17
CA ALA G 725 -26.38 -19.77 1.24
C ALA G 725 -27.23 -18.52 1.47
N PHE G 726 -26.82 -17.39 0.89
CA PHE G 726 -27.58 -16.16 1.10
C PHE G 726 -28.99 -16.27 0.57
N VAL G 727 -29.16 -16.69 -0.69
CA VAL G 727 -30.48 -16.70 -1.29
C VAL G 727 -31.40 -17.64 -0.53
N ILE G 728 -30.91 -18.85 -0.24
CA ILE G 728 -31.77 -19.84 0.44
C ILE G 728 -32.13 -19.37 1.83
N ALA G 729 -31.13 -18.97 2.62
CA ALA G 729 -31.39 -18.57 4.00
C ALA G 729 -32.25 -17.32 4.07
N SER G 730 -32.02 -16.35 3.19
CA SER G 730 -32.82 -15.13 3.19
C SER G 730 -34.27 -15.44 2.85
N THR G 731 -34.51 -16.25 1.81
CA THR G 731 -35.88 -16.59 1.47
C THR G 731 -36.57 -17.32 2.62
N ILE G 732 -35.87 -18.30 3.22
CA ILE G 732 -36.47 -19.10 4.29
C ILE G 732 -36.77 -18.23 5.51
N GLY G 733 -35.80 -17.41 5.93
CA GLY G 733 -35.96 -16.62 7.13
C GLY G 733 -36.85 -15.40 6.99
N LYS G 734 -37.06 -14.92 5.76
CA LYS G 734 -37.94 -13.78 5.56
C LYS G 734 -39.37 -14.23 5.30
N LEU G 735 -39.57 -15.19 4.40
CA LEU G 735 -40.90 -15.69 4.08
C LEU G 735 -41.25 -16.92 4.89
N GLY G 736 -41.13 -16.84 6.22
CA GLY G 736 -41.46 -17.94 7.09
C GLY G 736 -40.63 -19.19 6.87
N LYS H 4 41.33 -24.91 8.08
CA LYS H 4 40.12 -24.08 8.05
C LYS H 4 39.14 -24.59 7.00
N LEU H 5 39.65 -24.86 5.80
CA LEU H 5 38.84 -25.32 4.68
C LEU H 5 39.41 -26.63 4.15
N LYS H 6 38.55 -27.38 3.45
CA LYS H 6 38.93 -28.70 2.97
C LYS H 6 40.09 -28.63 1.98
N GLN H 7 40.05 -27.66 1.06
CA GLN H 7 41.07 -27.52 0.03
C GLN H 7 41.65 -26.12 0.09
N SER H 8 42.93 -26.01 -0.26
CA SER H 8 43.62 -24.72 -0.20
C SER H 8 43.19 -23.78 -1.31
N ASP H 9 42.61 -24.29 -2.40
CA ASP H 9 42.20 -23.48 -3.52
C ASP H 9 40.79 -22.94 -3.39
N PHE H 10 40.06 -23.32 -2.34
CA PHE H 10 38.72 -22.79 -2.14
C PHE H 10 38.81 -21.29 -1.87
N PRO H 11 37.86 -20.50 -2.36
CA PRO H 11 37.82 -19.08 -1.98
C PRO H 11 37.58 -18.94 -0.48
N LYS H 12 38.11 -17.86 0.08
CA LYS H 12 38.00 -17.67 1.52
C LYS H 12 36.57 -17.29 1.89
N PHE H 13 35.66 -18.28 1.80
CA PHE H 13 34.25 -18.09 2.09
C PHE H 13 33.94 -18.72 3.44
N GLU H 14 33.12 -18.04 4.23
CA GLU H 14 32.76 -18.50 5.56
C GLU H 14 31.59 -19.48 5.57
N GLY H 15 31.09 -19.86 4.41
CA GLY H 15 29.99 -20.80 4.35
C GLY H 15 28.64 -20.14 4.53
N SER H 16 27.69 -20.49 3.68
CA SER H 16 26.36 -19.92 3.72
C SER H 16 25.32 -21.03 3.66
N THR H 17 24.17 -20.80 4.30
CA THR H 17 23.06 -21.75 4.17
C THR H 17 22.30 -21.47 2.89
N GLY H 18 23.02 -21.38 1.78
CA GLY H 18 22.43 -21.18 0.47
C GLY H 18 23.18 -21.99 -0.55
N GLY H 19 24.12 -22.80 -0.09
CA GLY H 19 24.90 -23.67 -0.95
C GLY H 19 24.08 -24.85 -1.44
N TRP H 20 24.80 -25.88 -1.87
CA TRP H 20 24.09 -27.03 -2.43
C TRP H 20 23.46 -27.87 -1.33
N LEU H 21 22.56 -28.75 -1.75
CA LEU H 21 21.78 -29.59 -0.84
C LEU H 21 21.97 -31.04 -1.21
N SER H 22 21.11 -31.93 -0.68
CA SER H 22 21.25 -33.35 -0.95
C SER H 22 21.18 -33.66 -2.45
N ALA H 23 20.61 -32.76 -3.25
CA ALA H 23 20.56 -33.00 -4.70
C ALA H 23 21.96 -33.06 -5.30
N ALA H 24 22.84 -32.14 -4.90
CA ALA H 24 24.21 -32.17 -5.42
C ALA H 24 25.09 -33.09 -4.59
N LYS H 25 24.55 -34.27 -4.31
CA LYS H 25 25.28 -35.42 -3.80
C LYS H 25 24.84 -36.72 -4.43
N ASN H 26 23.69 -36.75 -5.11
CA ASN H 26 23.17 -37.95 -5.74
C ASN H 26 22.65 -37.72 -7.16
N GLU H 27 22.54 -36.47 -7.61
CA GLU H 27 22.11 -36.19 -8.98
C GLU H 27 23.21 -35.55 -9.81
N GLU H 28 23.71 -34.38 -9.39
CA GLU H 28 24.78 -33.69 -10.10
C GLU H 28 25.24 -32.45 -9.34
N LYS H 29 26.51 -32.11 -9.45
CA LYS H 29 27.04 -30.88 -8.89
C LYS H 29 27.93 -30.21 -9.93
N TYR H 30 28.07 -28.90 -9.82
CA TYR H 30 28.81 -28.10 -10.78
C TYR H 30 29.97 -27.41 -10.08
N VAL H 31 31.14 -27.46 -10.70
CA VAL H 31 32.35 -26.85 -10.18
C VAL H 31 32.87 -25.84 -11.19
N ILE H 32 33.23 -24.66 -10.71
CA ILE H 32 33.82 -23.61 -11.53
C ILE H 32 35.24 -23.36 -11.03
N ILE H 33 36.20 -23.35 -11.94
CA ILE H 33 37.59 -23.12 -11.60
C ILE H 33 38.06 -21.89 -12.36
N TRP H 34 38.97 -21.14 -11.73
CA TRP H 34 39.56 -19.98 -12.36
C TRP H 34 40.82 -19.59 -11.59
N THR H 35 41.69 -18.85 -12.27
CA THR H 35 42.92 -18.34 -11.69
C THR H 35 42.84 -16.83 -11.63
N SER H 36 43.12 -16.26 -10.46
CA SER H 36 43.05 -14.82 -10.26
C SER H 36 44.42 -14.28 -9.87
N LYS H 37 44.73 -13.08 -10.37
CA LYS H 37 45.99 -12.43 -10.01
C LYS H 37 45.95 -11.83 -8.61
N ASP H 38 44.77 -11.42 -8.15
CA ASP H 38 44.62 -10.75 -6.87
C ASP H 38 43.56 -11.46 -6.03
N ALA H 39 43.69 -11.33 -4.71
CA ALA H 39 42.72 -11.89 -3.77
C ALA H 39 41.51 -10.95 -3.65
N SER H 40 40.85 -10.75 -4.77
CA SER H 40 39.72 -9.83 -4.84
C SER H 40 38.54 -10.36 -4.03
N LEU H 41 37.75 -9.43 -3.50
CA LEU H 41 36.55 -9.77 -2.74
C LEU H 41 35.35 -9.74 -3.68
N PHE H 42 34.67 -10.87 -3.80
CA PHE H 42 33.56 -11.01 -4.72
C PHE H 42 32.35 -11.56 -3.98
N GLU H 43 31.18 -11.41 -4.60
CA GLU H 43 29.92 -11.83 -4.01
C GLU H 43 29.54 -13.21 -4.52
N MET H 44 29.25 -14.12 -3.60
CA MET H 44 28.85 -15.46 -3.98
C MET H 44 27.48 -15.45 -4.66
N PRO H 45 27.26 -16.30 -5.67
CA PRO H 45 25.90 -16.41 -6.23
C PRO H 45 24.89 -16.94 -5.23
N THR H 46 25.32 -17.62 -4.18
CA THR H 46 24.43 -18.20 -3.19
C THR H 46 24.21 -17.28 -2.00
N GLY H 47 25.29 -16.92 -1.31
CA GLY H 47 25.18 -16.13 -0.10
C GLY H 47 25.78 -14.75 -0.18
N GLY H 48 26.89 -14.54 0.52
CA GLY H 48 27.47 -13.22 0.63
C GLY H 48 28.84 -13.07 0.00
N THR H 49 29.73 -12.38 0.69
CA THR H 49 31.03 -12.01 0.14
C THR H 49 32.06 -13.09 0.45
N ALA H 50 32.84 -13.46 -0.56
CA ALA H 50 33.97 -14.37 -0.42
C ALA H 50 35.22 -13.69 -0.97
N LYS H 51 36.38 -14.22 -0.60
CA LYS H 51 37.66 -13.68 -1.01
C LYS H 51 38.36 -14.67 -1.94
N MET H 52 38.78 -14.18 -3.10
CA MET H 52 39.50 -15.01 -4.05
C MET H 52 40.87 -15.36 -3.50
N ASN H 53 41.49 -16.37 -4.11
CA ASN H 53 42.88 -16.71 -3.85
C ASN H 53 43.74 -16.12 -4.96
N ALA H 54 44.93 -15.64 -4.59
CA ALA H 54 45.86 -15.13 -5.59
C ALA H 54 46.49 -16.30 -6.33
N GLY H 55 45.67 -17.00 -7.13
CA GLY H 55 46.10 -18.20 -7.80
C GLY H 55 44.92 -19.06 -8.19
N ASN H 56 45.02 -20.37 -7.99
CA ASN H 56 43.94 -21.28 -8.36
C ASN H 56 42.74 -21.11 -7.42
N ASN H 57 41.55 -21.00 -8.00
CA ASN H 57 40.31 -20.89 -7.24
C ASN H 57 39.33 -21.93 -7.76
N VAL H 58 38.68 -22.64 -6.84
CA VAL H 58 37.73 -23.69 -7.18
C VAL H 58 36.50 -23.53 -6.30
N ALA H 59 35.31 -23.49 -6.93
CA ALA H 59 34.06 -23.35 -6.22
C ALA H 59 33.06 -24.37 -6.75
N TYR H 60 32.23 -24.89 -5.84
CA TYR H 60 31.22 -25.88 -6.16
C TYR H 60 29.83 -25.28 -5.97
N PHE H 61 28.92 -25.60 -6.90
CA PHE H 61 27.56 -25.08 -6.84
C PHE H 61 26.59 -26.19 -7.24
N ALA H 62 25.31 -25.94 -6.99
CA ALA H 62 24.27 -26.91 -7.29
C ALA H 62 23.64 -26.75 -8.66
N ARG H 63 23.86 -25.61 -9.33
CA ARG H 63 23.25 -25.35 -10.61
C ARG H 63 24.29 -24.81 -11.58
N LYS H 64 24.08 -25.08 -12.87
CA LYS H 64 24.91 -24.47 -13.90
C LYS H 64 24.72 -22.96 -13.95
N GLU H 65 23.50 -22.49 -13.67
CA GLU H 65 23.23 -21.06 -13.71
C GLU H 65 24.01 -20.32 -12.62
N GLN H 66 24.17 -20.93 -11.44
CA GLN H 66 24.95 -20.30 -10.38
C GLN H 66 26.41 -20.15 -10.79
N CYS H 67 26.98 -21.20 -11.36
CA CYS H 67 28.37 -21.13 -11.82
C CYS H 67 28.52 -20.08 -12.91
N LEU H 68 27.55 -20.01 -13.84
CA LEU H 68 27.65 -19.04 -14.92
C LEU H 68 27.44 -17.61 -14.42
N ALA H 69 26.60 -17.40 -13.40
CA ALA H 69 26.48 -16.09 -12.80
C ALA H 69 27.78 -15.68 -12.12
N LEU H 70 28.42 -16.62 -11.42
CA LEU H 70 29.73 -16.33 -10.84
C LEU H 70 30.74 -15.98 -11.92
N GLY H 71 30.73 -16.72 -13.03
CA GLY H 71 31.66 -16.43 -14.12
C GLY H 71 31.42 -15.07 -14.74
N SER H 72 30.14 -14.70 -14.92
CA SER H 72 29.81 -13.38 -15.43
C SER H 72 30.29 -12.29 -14.49
N GLN H 73 30.19 -12.54 -13.18
CA GLN H 73 30.76 -11.60 -12.21
C GLN H 73 32.28 -11.53 -12.35
N LEU H 74 32.92 -12.67 -12.62
CA LEU H 74 34.38 -12.70 -12.76
C LEU H 74 34.86 -11.84 -13.91
N ARG H 75 34.06 -11.72 -14.97
CA ARG H 75 34.45 -10.90 -16.11
C ARG H 75 34.65 -9.45 -15.72
N GLY H 76 33.94 -8.99 -14.69
CA GLY H 76 34.16 -7.64 -14.19
C GLY H 76 35.49 -7.47 -13.49
N PHE H 77 36.12 -8.55 -13.06
CA PHE H 77 37.45 -8.54 -12.49
C PHE H 77 38.54 -8.79 -13.52
N LYS H 78 38.18 -8.70 -14.81
CA LYS H 78 39.09 -9.00 -15.92
C LYS H 78 39.57 -10.45 -15.86
N ILE H 79 38.73 -11.34 -15.33
CA ILE H 79 39.01 -12.77 -15.27
C ILE H 79 38.23 -13.45 -16.39
N THR H 80 38.93 -14.23 -17.21
CA THR H 80 38.34 -14.77 -18.43
C THR H 80 38.54 -16.28 -18.51
N ASN H 81 39.57 -16.79 -17.85
CA ASN H 81 39.93 -18.20 -17.94
C ASN H 81 39.07 -19.11 -17.08
N TYR H 82 37.93 -18.63 -16.56
CA TYR H 82 37.07 -19.46 -15.74
C TYR H 82 36.43 -20.56 -16.57
N LYS H 83 36.36 -21.76 -16.00
CA LYS H 83 35.81 -22.91 -16.69
C LYS H 83 34.88 -23.66 -15.74
N ILE H 84 33.74 -24.11 -16.28
CA ILE H 84 32.68 -24.73 -15.50
C ILE H 84 32.55 -26.19 -15.91
N PHE H 85 32.46 -27.08 -14.93
CA PHE H 85 32.33 -28.51 -15.16
C PHE H 85 31.09 -29.04 -14.46
N ARG H 86 30.57 -30.15 -14.98
CA ARG H 86 29.46 -30.87 -14.37
C ARG H 86 29.98 -32.18 -13.81
N ILE H 87 29.68 -32.44 -12.53
CA ILE H 87 30.10 -33.65 -11.86
C ILE H 87 28.86 -34.45 -11.49
N TYR H 88 28.78 -35.68 -11.97
CA TYR H 88 27.69 -36.59 -11.68
C TYR H 88 27.92 -37.15 -10.27
N PRO H 89 27.06 -38.04 -9.78
CA PRO H 89 27.21 -38.53 -8.39
C PRO H 89 28.60 -39.07 -8.11
N PRO H 90 29.21 -39.86 -9.02
CA PRO H 90 30.64 -40.14 -8.86
C PRO H 90 31.49 -39.12 -9.59
N LEU H 91 32.81 -39.27 -9.58
CA LEU H 91 33.69 -38.30 -10.22
C LEU H 91 33.58 -38.47 -11.74
N ASP H 92 32.49 -37.96 -12.29
CA ASP H 92 32.24 -37.93 -13.72
C ASP H 92 32.28 -36.47 -14.16
N ILE H 93 33.47 -35.99 -14.49
CA ILE H 93 33.69 -34.58 -14.81
C ILE H 93 33.45 -34.36 -16.29
N THR H 94 32.67 -33.33 -16.62
CA THR H 94 32.40 -32.95 -18.00
C THR H 94 32.54 -31.44 -18.13
N LEU H 95 33.44 -31.00 -18.99
CA LEU H 95 33.60 -29.57 -19.24
C LEU H 95 32.36 -29.04 -19.94
N LEU H 96 31.81 -27.93 -19.44
CA LEU H 96 30.55 -27.40 -19.94
C LEU H 96 30.68 -26.05 -20.65
N HIS H 97 31.17 -25.03 -19.94
CA HIS H 97 30.97 -23.69 -20.47
C HIS H 97 31.93 -23.35 -21.62
N PRO H 98 33.26 -23.38 -21.41
CA PRO H 98 34.11 -23.19 -22.61
C PRO H 98 34.22 -24.49 -23.39
N PHE H 99 33.13 -24.84 -24.05
CA PHE H 99 32.99 -26.19 -24.61
C PHE H 99 34.08 -26.50 -25.63
N ASP H 100 34.37 -25.55 -26.52
CA ASP H 100 35.45 -25.69 -27.48
C ASP H 100 36.63 -24.77 -27.18
N GLY H 101 36.72 -24.28 -25.94
CA GLY H 101 37.77 -23.36 -25.56
C GLY H 101 37.51 -21.92 -25.93
N VAL H 102 36.46 -21.66 -26.70
CA VAL H 102 36.07 -20.31 -27.10
C VAL H 102 34.69 -20.04 -26.53
N PHE H 103 34.49 -18.84 -25.99
CA PHE H 103 33.20 -18.49 -25.41
C PHE H 103 32.12 -18.55 -26.48
N PRO H 104 30.90 -18.91 -26.11
CA PRO H 104 29.84 -19.09 -27.12
C PRO H 104 29.52 -17.82 -27.89
N GLU H 105 29.84 -16.64 -27.36
CA GLU H 105 29.54 -15.39 -28.04
C GLU H 105 30.48 -15.14 -29.23
N LYS H 106 31.63 -15.79 -29.26
CA LYS H 106 32.59 -15.63 -30.35
C LYS H 106 32.49 -16.82 -31.28
N VAL H 107 32.44 -16.55 -32.58
CA VAL H 107 32.30 -17.62 -33.57
C VAL H 107 33.58 -18.43 -33.63
N ASN H 108 33.46 -19.74 -33.57
CA ASN H 108 34.57 -20.66 -33.69
C ASN H 108 34.27 -21.67 -34.79
N GLN H 109 35.27 -21.95 -35.62
CA GLN H 109 35.12 -22.98 -36.63
C GLN H 109 34.98 -24.35 -35.96
N GLY H 110 34.24 -25.24 -36.61
CA GLY H 110 33.96 -26.55 -36.06
C GLY H 110 32.64 -26.66 -35.32
N ARG H 111 31.82 -25.61 -35.34
CA ARG H 111 30.50 -25.64 -34.73
C ARG H 111 29.45 -25.79 -35.81
N SER H 112 28.51 -26.70 -35.61
CA SER H 112 27.43 -26.87 -36.57
C SER H 112 26.13 -26.28 -36.01
N PRO H 113 25.28 -25.71 -36.86
CA PRO H 113 24.03 -25.12 -36.37
C PRO H 113 23.09 -26.19 -35.86
N VAL H 114 22.58 -25.99 -34.65
CA VAL H 114 21.62 -26.90 -34.03
C VAL H 114 20.32 -26.15 -33.79
N GLY H 115 19.22 -26.71 -34.26
CA GLY H 115 17.94 -26.06 -34.11
C GLY H 115 17.70 -24.91 -35.05
N LYS H 116 18.27 -24.95 -36.25
CA LYS H 116 18.11 -23.89 -37.23
C LYS H 116 17.04 -24.28 -38.24
N ARG H 117 16.08 -23.38 -38.46
CA ARG H 117 15.05 -23.55 -39.46
C ARG H 117 15.30 -22.59 -40.62
N ASP H 118 15.23 -23.09 -41.83
CA ASP H 118 15.52 -22.28 -43.02
C ASP H 118 14.29 -21.52 -43.51
N ALA H 119 13.67 -20.80 -42.59
CA ALA H 119 12.50 -19.98 -42.87
C ALA H 119 12.25 -19.09 -41.66
N SER H 120 11.40 -18.08 -41.84
CA SER H 120 11.04 -17.19 -40.74
C SER H 120 9.95 -17.84 -39.91
N ILE H 121 9.39 -17.07 -38.97
CA ILE H 121 8.33 -17.60 -38.11
C ILE H 121 7.08 -17.91 -38.93
N GLY H 122 6.80 -17.08 -39.94
CA GLY H 122 5.58 -17.24 -40.72
C GLY H 122 5.50 -18.54 -41.51
N GLY H 123 6.63 -19.22 -41.68
CA GLY H 123 6.66 -20.48 -42.39
C GLY H 123 6.34 -21.70 -41.56
N ASN H 124 5.99 -21.54 -40.29
CA ASN H 124 5.70 -22.68 -39.44
C ASN H 124 4.41 -23.36 -39.89
N PRO H 125 4.34 -24.69 -39.79
CA PRO H 125 3.12 -25.39 -40.24
C PRO H 125 1.95 -25.13 -39.32
N ASN H 126 0.75 -25.24 -39.90
CA ASN H 126 -0.47 -25.05 -39.14
C ASN H 126 -0.66 -26.19 -38.14
N PRO H 127 -1.03 -25.88 -36.89
CA PRO H 127 -1.18 -26.95 -35.89
C PRO H 127 -2.19 -28.02 -36.25
N ALA H 128 -3.25 -27.66 -36.98
CA ALA H 128 -4.26 -28.65 -37.35
C ALA H 128 -3.70 -29.75 -38.22
N SER H 129 -2.62 -29.46 -38.96
CA SER H 129 -1.94 -30.46 -39.76
C SER H 129 -0.92 -31.26 -38.96
N LEU H 130 -0.75 -30.94 -37.68
CA LEU H 130 0.15 -31.63 -36.78
C LEU H 130 -0.61 -32.33 -35.66
N LYS H 131 -1.72 -32.98 -36.01
CA LYS H 131 -2.59 -33.64 -35.05
C LYS H 131 -2.40 -35.14 -35.14
N PHE H 132 -2.18 -35.77 -33.98
CA PHE H 132 -1.99 -37.22 -33.86
C PHE H 132 -0.72 -37.68 -34.59
N GLN H 133 0.41 -37.10 -34.18
CA GLN H 133 1.72 -37.61 -34.59
C GLN H 133 2.66 -37.63 -33.39
N ILE I 2 13.95 -1.35 -56.03
CA ILE I 2 14.02 -0.57 -54.80
C ILE I 2 15.47 -0.15 -54.52
N GLN I 3 15.63 0.94 -53.80
CA GLN I 3 16.95 1.48 -53.50
C GLN I 3 16.86 2.29 -52.21
N LYS I 4 17.99 2.90 -51.83
CA LYS I 4 18.02 3.73 -50.63
C LYS I 4 17.05 4.90 -50.77
N GLY I 5 16.25 5.11 -49.73
CA GLY I 5 15.26 6.17 -49.72
C GLY I 5 13.93 5.82 -50.33
N SER I 6 13.80 4.64 -50.95
CA SER I 6 12.55 4.23 -51.54
C SER I 6 11.53 3.89 -50.45
N THR I 7 10.25 4.02 -50.80
CA THR I 7 9.15 3.70 -49.89
C THR I 7 8.54 2.36 -50.29
N VAL I 8 8.46 1.44 -49.33
CA VAL I 8 7.99 0.09 -49.60
C VAL I 8 6.91 -0.27 -48.60
N ARG I 9 6.05 -1.21 -49.01
CA ARG I 9 5.03 -1.79 -48.13
C ARG I 9 5.49 -3.16 -47.67
N ILE I 10 5.37 -3.42 -46.38
CA ILE I 10 5.81 -4.69 -45.81
C ILE I 10 4.78 -5.76 -46.09
N LEU I 11 5.22 -6.87 -46.70
CA LEU I 11 4.35 -7.99 -46.99
C LEU I 11 4.54 -9.17 -46.04
N ARG I 12 5.48 -9.06 -45.09
CA ARG I 12 5.67 -10.11 -44.11
C ARG I 12 4.54 -10.08 -43.09
N LYS I 13 3.85 -11.21 -42.93
CA LYS I 13 2.67 -11.24 -42.08
C LYS I 13 3.03 -11.13 -40.59
N GLU I 14 4.12 -11.78 -40.19
CA GLU I 14 4.53 -11.76 -38.78
C GLU I 14 5.38 -10.52 -38.47
N SER I 15 4.88 -9.36 -38.88
CA SER I 15 5.62 -8.12 -38.78
C SER I 15 4.77 -7.07 -38.07
N TYR I 16 5.41 -6.31 -37.18
CA TYR I 16 4.74 -5.17 -36.55
C TYR I 16 4.42 -4.07 -37.55
N TRP I 17 5.01 -4.12 -38.75
CA TRP I 17 4.75 -3.12 -39.77
C TRP I 17 4.10 -3.73 -41.01
N TYR I 18 3.42 -4.87 -40.86
CA TYR I 18 2.72 -5.46 -41.98
C TYR I 18 1.65 -4.51 -42.50
N ASN I 19 1.53 -4.45 -43.83
CA ASN I 19 0.64 -3.55 -44.56
C ASN I 19 1.00 -2.09 -44.39
N GLU I 20 2.07 -1.76 -43.66
CA GLU I 20 2.50 -0.39 -43.47
C GLU I 20 3.64 -0.05 -44.42
N SER I 21 3.94 1.25 -44.50
CA SER I 21 4.96 1.75 -45.40
C SER I 21 6.19 2.18 -44.60
N GLY I 22 7.37 1.81 -45.12
CA GLY I 22 8.62 2.20 -44.50
C GLY I 22 9.58 2.75 -45.54
N THR I 23 10.71 3.25 -45.06
CA THR I 23 11.75 3.82 -45.90
C THR I 23 12.94 2.88 -45.95
N VAL I 24 13.38 2.54 -47.16
CA VAL I 24 14.50 1.62 -47.33
C VAL I 24 15.80 2.36 -46.98
N VAL I 25 16.57 1.79 -46.05
CA VAL I 25 17.82 2.39 -45.66
C VAL I 25 18.95 1.96 -46.59
N VAL I 26 19.01 0.66 -46.90
CA VAL I 26 20.04 0.14 -47.80
C VAL I 26 19.60 -1.24 -48.26
N VAL I 27 19.82 -1.53 -49.53
CA VAL I 27 19.58 -2.85 -50.10
C VAL I 27 20.95 -3.49 -50.33
N ASP I 28 21.24 -4.55 -49.58
CA ASP I 28 22.53 -5.21 -49.71
C ASP I 28 22.64 -5.93 -51.04
N GLN I 29 23.80 -5.84 -51.66
CA GLN I 29 24.06 -6.47 -52.94
C GLN I 29 24.73 -7.84 -52.81
N SER I 30 24.98 -8.29 -51.59
CA SER I 30 25.62 -9.58 -51.37
C SER I 30 24.56 -10.69 -51.44
N LYS I 31 24.93 -11.90 -51.05
CA LYS I 31 24.06 -13.06 -51.13
C LYS I 31 23.31 -13.33 -49.83
N VAL I 32 23.02 -12.27 -49.07
CA VAL I 32 22.28 -12.45 -47.82
C VAL I 32 20.81 -12.75 -48.11
N ARG I 33 20.15 -13.36 -47.14
CA ARG I 33 18.77 -13.80 -47.32
C ARG I 33 17.79 -12.65 -47.25
N TYR I 34 18.05 -11.67 -46.39
CA TYR I 34 17.15 -10.53 -46.18
C TYR I 34 17.96 -9.25 -46.34
N PRO I 35 18.17 -8.80 -47.58
CA PRO I 35 19.06 -7.66 -47.82
C PRO I 35 18.42 -6.31 -47.55
N VAL I 36 17.11 -6.19 -47.75
CA VAL I 36 16.45 -4.89 -47.68
C VAL I 36 16.33 -4.46 -46.22
N LEU I 37 16.88 -3.30 -45.89
CA LEU I 37 16.79 -2.73 -44.55
C LEU I 37 15.83 -1.55 -44.61
N VAL I 38 14.77 -1.61 -43.83
CA VAL I 38 13.68 -0.65 -43.87
C VAL I 38 13.56 0.02 -42.50
N ARG I 39 13.42 1.34 -42.51
CA ARG I 39 13.24 2.13 -41.28
C ARG I 39 11.81 2.64 -41.22
N PHE I 40 11.20 2.53 -40.04
CA PHE I 40 9.81 2.92 -39.84
C PHE I 40 9.72 4.02 -38.80
N THR I 41 8.61 4.75 -38.85
CA THR I 41 8.38 5.82 -37.87
C THR I 41 7.81 5.29 -36.57
N LYS I 42 7.09 4.18 -36.62
CA LYS I 42 6.46 3.60 -35.44
C LYS I 42 7.35 2.50 -34.88
N VAL I 43 7.74 2.64 -33.61
CA VAL I 43 8.52 1.60 -32.95
C VAL I 43 7.62 0.39 -32.69
N ASN I 44 8.21 -0.79 -32.75
CA ASN I 44 7.46 -2.02 -32.50
C ASN I 44 7.32 -2.22 -30.99
N TYR I 45 6.83 -3.39 -30.58
CA TYR I 45 6.63 -3.65 -29.16
C TYR I 45 7.95 -3.77 -28.41
N ALA I 46 9.04 -4.10 -29.10
CA ALA I 46 10.36 -4.19 -28.48
C ALA I 46 11.11 -2.87 -28.47
N GLY I 47 10.57 -1.84 -29.13
CA GLY I 47 11.19 -0.53 -29.17
C GLY I 47 11.98 -0.24 -30.42
N THR I 48 12.31 -1.26 -31.22
CA THR I 48 13.06 -1.04 -32.44
C THR I 48 12.17 -0.41 -33.51
N ASN I 49 12.81 0.29 -34.45
CA ASN I 49 12.11 0.95 -35.55
C ASN I 49 12.70 0.58 -36.90
N THR I 50 13.47 -0.50 -36.98
CA THR I 50 14.09 -0.91 -38.23
C THR I 50 14.17 -2.42 -38.27
N ASN I 51 14.20 -2.97 -39.48
CA ASN I 51 14.25 -4.42 -39.65
C ASN I 51 14.72 -4.75 -41.05
N ASN I 52 15.33 -5.92 -41.20
CA ASN I 52 15.78 -6.42 -42.49
C ASN I 52 14.70 -7.29 -43.12
N PHE I 53 14.38 -7.03 -44.38
CA PHE I 53 13.33 -7.74 -45.09
C PHE I 53 13.88 -8.33 -46.38
N GLY I 54 13.23 -9.41 -46.84
CA GLY I 54 13.61 -10.00 -48.10
C GLY I 54 13.10 -9.20 -49.27
N LEU I 55 13.53 -9.60 -50.47
CA LEU I 55 13.15 -8.89 -51.68
C LEU I 55 11.69 -9.12 -52.03
N ASN I 56 11.14 -10.28 -51.67
CA ASN I 56 9.76 -10.61 -51.95
C ASN I 56 8.81 -10.22 -50.82
N GLU I 57 9.33 -9.68 -49.72
CA GLU I 57 8.52 -9.25 -48.60
C GLU I 57 8.31 -7.75 -48.55
N VAL I 58 8.79 -7.01 -49.56
CA VAL I 58 8.61 -5.58 -49.64
C VAL I 58 8.04 -5.24 -51.01
N GLU I 59 7.09 -4.30 -51.05
CA GLU I 59 6.48 -3.86 -52.30
C GLU I 59 6.59 -2.34 -52.37
N GLU I 60 7.26 -1.86 -53.41
CA GLU I 60 7.51 -0.42 -53.54
C GLU I 60 6.22 0.34 -53.76
N VAL I 61 6.08 1.47 -53.08
CA VAL I 61 4.93 2.36 -53.27
C VAL I 61 5.21 3.25 -54.48
N VAL I 62 4.17 3.49 -55.28
CA VAL I 62 4.29 4.28 -56.50
C VAL I 62 4.80 5.68 -56.20
N ASP J 25 -51.46 7.59 -18.71
CA ASP J 25 -51.21 7.82 -20.13
C ASP J 25 -50.26 6.78 -20.70
N ILE J 26 -49.09 7.24 -21.15
CA ILE J 26 -48.11 6.36 -21.76
C ILE J 26 -47.54 5.42 -20.71
N GLY J 27 -47.72 4.12 -20.92
CA GLY J 27 -47.20 3.14 -19.97
C GLY J 27 -47.89 3.12 -18.63
N GLY J 28 -49.12 3.61 -18.56
CA GLY J 28 -49.85 3.65 -17.31
C GLY J 28 -49.47 4.79 -16.39
N LEU J 29 -48.55 5.66 -16.80
CA LEU J 29 -48.15 6.79 -15.98
C LEU J 29 -49.18 7.89 -16.04
N ASN J 30 -49.08 8.83 -15.11
CA ASN J 30 -49.96 9.97 -15.02
C ASN J 30 -49.14 11.25 -14.91
N PRO J 31 -49.67 12.38 -15.36
CA PRO J 31 -48.93 13.65 -15.23
C PRO J 31 -48.65 13.97 -13.77
N CYS J 32 -47.47 14.54 -13.52
CA CYS J 32 -47.09 14.86 -12.15
C CYS J 32 -47.90 16.01 -11.57
N LYS J 33 -48.55 16.82 -12.42
CA LYS J 33 -49.40 17.89 -11.91
C LYS J 33 -50.65 17.35 -11.22
N ASP J 34 -51.03 16.12 -11.50
CA ASP J 34 -52.21 15.50 -10.90
C ASP J 34 -51.85 14.28 -10.05
N SER J 35 -50.57 14.13 -9.70
CA SER J 35 -50.10 13.00 -8.91
C SER J 35 -50.09 13.39 -7.45
N GLU J 36 -50.96 12.75 -6.65
CA GLU J 36 -51.05 13.09 -5.23
C GLU J 36 -49.74 12.76 -4.50
N VAL J 37 -49.11 11.64 -4.85
CA VAL J 37 -47.87 11.25 -4.19
C VAL J 37 -46.76 12.26 -4.46
N PHE J 38 -46.78 12.91 -5.63
CA PHE J 38 -45.81 13.97 -5.92
C PHE J 38 -45.97 15.12 -4.95
N GLN J 39 -47.21 15.57 -4.72
CA GLN J 39 -47.45 16.65 -3.78
C GLN J 39 -47.14 16.21 -2.36
N LYS J 40 -47.38 14.94 -2.02
CA LYS J 40 -46.99 14.44 -0.71
C LYS J 40 -45.49 14.51 -0.51
N ARG J 41 -44.72 14.15 -1.55
CA ARG J 41 -43.26 14.25 -1.48
C ARG J 41 -42.84 15.69 -1.27
N LEU J 42 -43.44 16.62 -2.02
CA LEU J 42 -43.10 18.03 -1.86
C LEU J 42 -43.41 18.51 -0.44
N ALA J 43 -44.59 18.14 0.07
CA ALA J 43 -44.98 18.58 1.41
C ALA J 43 -44.06 18.00 2.47
N LYS J 44 -43.68 16.73 2.34
CA LYS J 44 -42.78 16.12 3.33
C LYS J 44 -41.40 16.76 3.30
N THR J 45 -40.87 17.02 2.11
CA THR J 45 -39.56 17.68 2.03
C THR J 45 -39.61 19.08 2.63
N VAL J 46 -40.67 19.84 2.32
CA VAL J 46 -40.79 21.18 2.86
C VAL J 46 -40.95 21.13 4.38
N LYS J 47 -41.71 20.17 4.88
CA LYS J 47 -41.90 20.04 6.33
C LYS J 47 -40.59 19.71 7.03
N LYS J 48 -39.80 18.80 6.46
CA LYS J 48 -38.50 18.48 7.04
C LYS J 48 -37.59 19.71 7.05
N LEU J 49 -37.58 20.46 5.94
CA LEU J 49 -36.74 21.64 5.87
C LEU J 49 -37.17 22.69 6.89
N GLU J 50 -38.48 22.87 7.06
CA GLU J 50 -38.98 23.84 8.03
C GLU J 50 -38.67 23.41 9.46
N ASN J 51 -38.79 22.11 9.75
CA ASN J 51 -38.42 21.61 11.07
C ASN J 51 -36.95 21.85 11.35
N ARG J 52 -36.10 21.65 10.34
CA ARG J 52 -34.68 22.01 10.48
C ARG J 52 -34.53 23.51 10.70
N LEU J 53 -35.33 24.31 10.00
CA LEU J 53 -35.25 25.76 10.14
C LEU J 53 -35.64 26.23 11.53
N LYS J 54 -36.49 25.46 12.23
CA LYS J 54 -36.98 25.90 13.53
C LYS J 54 -35.88 25.97 14.58
N LYS J 55 -34.80 25.20 14.43
CA LYS J 55 -33.79 25.09 15.46
C LYS J 55 -32.68 26.13 15.33
N TYR J 56 -32.82 27.09 14.42
CA TYR J 56 -31.90 28.21 14.30
C TYR J 56 -32.61 29.50 14.69
N GLU J 57 -31.86 30.60 14.72
CA GLU J 57 -32.32 31.85 15.32
C GLU J 57 -32.31 32.98 14.30
N GLU J 58 -33.40 33.73 14.26
CA GLU J 58 -33.52 35.03 13.59
C GLU J 58 -33.05 34.95 12.14
N GLY J 59 -32.56 36.07 11.60
CA GLY J 59 -32.10 36.12 10.22
C GLY J 59 -30.65 35.73 10.08
N THR J 60 -30.25 34.68 10.79
CA THR J 60 -28.87 34.24 10.76
C THR J 60 -28.61 33.43 9.51
N PRO J 61 -27.38 33.42 9.02
CA PRO J 61 -27.09 32.78 7.72
C PRO J 61 -27.62 31.35 7.62
N PRO J 62 -27.59 30.55 8.70
CA PRO J 62 -28.22 29.22 8.59
C PRO J 62 -29.69 29.27 8.21
N GLN J 63 -30.45 30.19 8.80
CA GLN J 63 -31.87 30.29 8.45
C GLN J 63 -32.04 30.76 7.01
N ILE J 64 -31.18 31.67 6.56
CA ILE J 64 -31.24 32.13 5.17
C ILE J 64 -30.96 30.97 4.22
N ALA J 65 -29.97 30.14 4.55
CA ALA J 65 -29.65 29.00 3.70
C ALA J 65 -30.79 28.00 3.66
N ILE J 66 -31.40 27.72 4.81
CA ILE J 66 -32.51 26.76 4.83
C ILE J 66 -33.71 27.32 4.08
N GLN J 67 -33.96 28.62 4.19
CA GLN J 67 -35.05 29.25 3.45
C GLN J 67 -34.80 29.18 1.95
N GLN J 68 -33.55 29.40 1.54
CA GLN J 68 -33.20 29.24 0.12
C GLN J 68 -33.41 27.81 -0.33
N GLN J 69 -33.08 26.84 0.53
CA GLN J 69 -33.33 25.44 0.20
C GLN J 69 -34.82 25.18 0.00
N ILE J 70 -35.65 25.74 0.88
CA ILE J 70 -37.11 25.56 0.76
C ILE J 70 -37.61 26.18 -0.55
N THR J 71 -37.15 27.39 -0.85
CA THR J 71 -37.58 28.07 -2.07
C THR J 71 -37.16 27.30 -3.31
N GLN J 72 -35.93 26.79 -3.33
CA GLN J 72 -35.47 26.02 -4.47
C GLN J 72 -36.24 24.71 -4.61
N THR J 73 -36.55 24.06 -3.49
CA THR J 73 -37.34 22.83 -3.55
C THR J 73 -38.71 23.10 -4.13
N LYS J 74 -39.37 24.17 -3.67
CA LYS J 74 -40.69 24.51 -4.20
C LYS J 74 -40.61 24.84 -5.68
N GLN J 75 -39.60 25.60 -6.09
CA GLN J 75 -39.46 25.95 -7.50
C GLN J 75 -39.22 24.72 -8.36
N ARG J 76 -38.36 23.80 -7.89
CA ARG J 76 -38.09 22.59 -8.66
C ARG J 76 -39.33 21.72 -8.79
N PHE J 77 -40.08 21.56 -7.71
CA PHE J 77 -41.30 20.76 -7.77
C PHE J 77 -42.33 21.40 -8.70
N THR J 78 -42.48 22.73 -8.63
CA THR J 78 -43.42 23.42 -9.50
C THR J 78 -43.00 23.28 -10.96
N ARG J 79 -41.70 23.41 -11.25
CA ARG J 79 -41.24 23.28 -12.63
C ARG J 79 -41.45 21.86 -13.15
N TYR J 80 -41.19 20.85 -12.32
CA TYR J 80 -41.41 19.47 -12.73
C TYR J 80 -42.89 19.20 -12.97
N ALA J 81 -43.76 19.80 -12.16
CA ALA J 81 -45.19 19.63 -12.36
C ALA J 81 -45.65 20.19 -13.70
N ASP J 82 -45.17 21.39 -14.03
CA ASP J 82 -45.56 22.05 -15.28
C ASP J 82 -44.51 21.82 -16.36
N SER J 83 -44.24 20.54 -16.64
CA SER J 83 -43.18 20.21 -17.59
C SER J 83 -43.52 19.04 -18.51
N ASN J 84 -44.80 18.67 -18.61
CA ASN J 84 -45.23 17.50 -19.38
C ASN J 84 -44.45 16.26 -18.92
N LEU J 85 -44.30 16.11 -17.61
CA LEU J 85 -43.57 15.00 -17.02
C LEU J 85 -44.57 13.99 -16.47
N LEU J 86 -44.32 12.72 -16.76
CA LEU J 86 -45.19 11.64 -16.31
C LEU J 86 -44.59 11.02 -15.05
N CYS J 87 -45.44 10.87 -14.03
CA CYS J 87 -45.02 10.33 -12.74
C CYS J 87 -45.66 8.96 -12.54
N GLY J 88 -44.90 8.05 -11.93
CA GLY J 88 -45.39 6.72 -11.65
C GLY J 88 -46.16 6.68 -10.34
N ASN J 89 -46.22 5.48 -9.77
CA ASN J 89 -46.89 5.29 -8.48
C ASN J 89 -46.04 5.74 -7.31
N ASP J 90 -44.77 6.08 -7.54
CA ASP J 90 -43.88 6.57 -6.49
C ASP J 90 -43.77 8.09 -6.46
N GLY J 91 -44.47 8.78 -7.35
CA GLY J 91 -44.39 10.23 -7.38
C GLY J 91 -43.05 10.78 -7.82
N LEU J 92 -42.42 10.15 -8.80
CA LEU J 92 -41.16 10.61 -9.34
C LEU J 92 -41.26 10.72 -10.85
N PRO J 93 -40.65 11.73 -11.46
CA PRO J 93 -40.78 11.91 -12.91
C PRO J 93 -40.12 10.77 -13.66
N HIS J 94 -40.89 10.14 -14.54
CA HIS J 94 -40.40 9.07 -15.40
C HIS J 94 -40.14 9.62 -16.79
N LEU J 95 -39.07 9.14 -17.43
CA LEU J 95 -38.67 9.63 -18.74
C LEU J 95 -39.24 8.74 -19.82
N ILE J 96 -39.87 9.37 -20.82
CA ILE J 96 -40.46 8.66 -21.95
C ILE J 96 -39.49 8.81 -23.12
N THR J 97 -38.68 7.78 -23.35
CA THR J 97 -37.61 7.81 -24.34
C THR J 97 -37.87 6.85 -25.50
N ASP J 98 -39.14 6.56 -25.79
CA ASP J 98 -39.43 5.70 -26.94
C ASP J 98 -39.18 6.40 -28.26
N GLY J 99 -39.15 7.73 -28.27
CA GLY J 99 -38.86 8.48 -29.48
C GLY J 99 -39.91 9.50 -29.83
N ARG J 100 -41.04 9.49 -29.13
CA ARG J 100 -42.12 10.42 -29.45
C ARG J 100 -41.70 11.85 -29.14
N TRP J 101 -42.08 12.76 -30.04
CA TRP J 101 -41.69 14.17 -29.88
C TRP J 101 -42.46 14.86 -28.78
N SER J 102 -43.57 14.27 -28.31
CA SER J 102 -44.33 14.87 -27.22
C SER J 102 -43.46 15.02 -25.97
N HIS J 103 -42.80 13.94 -25.56
CA HIS J 103 -41.77 14.00 -24.54
C HIS J 103 -40.38 14.11 -25.17
N GLY J 104 -40.21 15.06 -26.08
CA GLY J 104 -38.95 15.20 -26.79
C GLY J 104 -37.88 15.93 -26.03
N SER J 105 -38.26 16.72 -25.02
CA SER J 105 -37.29 17.47 -24.23
C SER J 105 -36.65 16.62 -23.14
N GLU J 106 -37.09 15.38 -22.96
CA GLU J 106 -36.51 14.53 -21.93
C GLU J 106 -35.26 13.81 -22.43
N PHE J 107 -35.33 13.22 -23.62
CA PHE J 107 -34.19 12.50 -24.18
C PHE J 107 -33.74 13.05 -25.52
N LEU J 108 -34.67 13.33 -26.44
CA LEU J 108 -34.30 13.59 -27.83
C LEU J 108 -33.49 14.87 -27.98
N LEU J 109 -33.97 15.97 -27.40
CA LEU J 109 -33.23 17.23 -27.48
C LEU J 109 -31.89 17.15 -26.74
N PRO J 110 -31.80 16.64 -25.51
CA PRO J 110 -30.48 16.43 -24.92
C PRO J 110 -29.62 15.48 -25.73
N SER J 111 -30.23 14.49 -26.39
CA SER J 111 -29.47 13.60 -27.25
C SER J 111 -28.83 14.36 -28.40
N ILE J 112 -29.59 15.24 -29.04
CA ILE J 112 -29.05 16.05 -30.14
C ILE J 112 -27.94 16.96 -29.62
N LEU J 113 -28.16 17.58 -28.46
CA LEU J 113 -27.16 18.47 -27.90
C LEU J 113 -25.86 17.73 -27.62
N PHE J 114 -25.95 16.55 -26.99
CA PHE J 114 -24.74 15.80 -26.71
C PHE J 114 -24.08 15.33 -28.00
N LEU J 115 -24.86 14.89 -28.98
CA LEU J 115 -24.27 14.45 -30.22
C LEU J 115 -23.48 15.57 -30.88
N TYR J 116 -24.05 16.78 -30.86
CA TYR J 116 -23.32 17.92 -31.41
C TYR J 116 -22.02 18.17 -30.64
N ILE J 117 -22.09 18.21 -29.30
CA ILE J 117 -20.90 18.54 -28.53
C ILE J 117 -19.83 17.47 -28.67
N SER J 118 -20.22 16.20 -28.58
CA SER J 118 -19.26 15.10 -28.66
C SER J 118 -18.67 14.98 -30.05
N GLY J 119 -19.48 15.20 -31.09
CA GLY J 119 -18.95 15.24 -32.44
C GLY J 119 -17.97 16.38 -32.62
N TRP J 120 -18.24 17.52 -32.00
CA TRP J 120 -17.29 18.62 -31.99
C TRP J 120 -15.96 18.19 -31.38
N ILE J 121 -16.02 17.56 -30.21
CA ILE J 121 -14.80 17.15 -29.51
C ILE J 121 -14.02 16.15 -30.35
N GLY J 122 -14.70 15.12 -30.85
CA GLY J 122 -14.04 14.11 -31.65
C GLY J 122 -13.47 14.67 -32.93
N TRP J 123 -14.19 15.57 -33.59
CA TRP J 123 -13.72 16.16 -34.83
C TRP J 123 -12.47 17.01 -34.59
N VAL J 124 -12.47 17.83 -33.55
CA VAL J 124 -11.30 18.68 -33.32
C VAL J 124 -10.10 17.81 -32.91
N GLY J 125 -10.34 16.76 -32.13
CA GLY J 125 -9.25 15.86 -31.79
C GLY J 125 -8.67 15.16 -33.00
N ARG J 126 -9.54 14.65 -33.87
CA ARG J 126 -9.06 13.97 -35.08
C ARG J 126 -8.34 14.93 -36.00
N LYS J 127 -8.86 16.15 -36.16
CA LYS J 127 -8.21 17.14 -37.01
C LYS J 127 -6.84 17.52 -36.48
N TYR J 128 -6.72 17.68 -35.15
CA TYR J 128 -5.41 17.99 -34.58
C TYR J 128 -4.45 16.82 -34.76
N ILE J 129 -4.94 15.59 -34.58
CA ILE J 129 -4.07 14.42 -34.75
C ILE J 129 -3.57 14.34 -36.18
N ARG J 130 -4.46 14.55 -37.16
CA ARG J 130 -4.06 14.46 -38.56
C ARG J 130 -3.20 15.65 -38.98
N THR J 131 -3.35 16.80 -38.32
CA THR J 131 -2.60 17.98 -38.72
C THR J 131 -1.15 17.92 -38.23
N VAL J 132 -0.95 17.61 -36.95
CA VAL J 132 0.40 17.45 -36.42
C VAL J 132 1.01 16.09 -36.77
N GLY J 133 0.25 15.22 -37.42
CA GLY J 133 0.80 13.97 -37.91
C GLY J 133 1.63 14.10 -39.16
N GLN J 134 1.63 15.27 -39.79
CA GLN J 134 2.41 15.53 -40.99
C GLN J 134 3.55 16.50 -40.74
N THR J 135 4.00 16.64 -39.49
CA THR J 135 5.12 17.50 -39.14
C THR J 135 6.33 16.63 -38.80
N SER J 136 7.46 17.30 -38.54
CA SER J 136 8.71 16.59 -38.31
C SER J 136 8.66 15.74 -37.05
N ASN J 137 8.03 16.24 -36.00
CA ASN J 137 7.99 15.56 -34.70
C ASN J 137 6.54 15.42 -34.26
N PRO J 138 5.81 14.48 -34.83
CA PRO J 138 4.39 14.32 -34.46
C PRO J 138 4.18 13.97 -33.00
N THR J 139 5.08 13.18 -32.40
CA THR J 139 4.89 12.76 -31.02
C THR J 139 5.15 13.90 -30.04
N GLU J 140 6.07 14.81 -30.38
CA GLU J 140 6.34 15.94 -29.49
C GLU J 140 5.12 16.86 -29.36
N LYS J 141 4.40 17.07 -30.46
CA LYS J 141 3.24 17.95 -30.48
C LYS J 141 2.01 17.33 -29.83
N GLU J 142 2.15 16.15 -29.21
CA GLU J 142 1.04 15.51 -28.52
C GLU J 142 1.14 15.65 -27.01
N ILE J 143 2.34 15.80 -26.46
CA ILE J 143 2.52 16.05 -25.03
C ILE J 143 2.66 17.55 -24.81
N ILE J 144 3.15 18.25 -25.83
CA ILE J 144 3.29 19.70 -25.79
C ILE J 144 2.42 20.23 -26.92
N ILE J 145 1.19 20.60 -26.59
CA ILE J 145 0.20 20.96 -27.60
C ILE J 145 0.60 22.28 -28.27
N ASP J 146 0.43 22.33 -29.58
CA ASP J 146 0.58 23.59 -30.33
C ASP J 146 -0.69 24.40 -30.08
N VAL J 147 -0.66 25.21 -29.01
CA VAL J 147 -1.85 25.94 -28.60
C VAL J 147 -2.41 26.83 -29.71
N PRO J 148 -1.61 27.54 -30.50
CA PRO J 148 -2.21 28.28 -31.63
C PRO J 148 -2.98 27.38 -32.58
N LEU J 149 -2.36 26.29 -33.04
CA LEU J 149 -3.04 25.37 -33.94
C LEU J 149 -4.22 24.69 -33.26
N ALA J 150 -4.06 24.37 -31.97
CA ALA J 150 -5.15 23.75 -31.23
C ALA J 150 -6.37 24.67 -31.16
N ILE J 151 -6.13 25.95 -30.86
CA ILE J 151 -7.23 26.92 -30.82
C ILE J 151 -7.84 27.09 -32.21
N SER J 152 -6.99 27.08 -33.24
CA SER J 152 -7.51 27.20 -34.60
C SER J 152 -8.44 26.06 -34.94
N ILE J 153 -8.07 24.83 -34.56
CA ILE J 153 -8.88 23.66 -34.91
C ILE J 153 -10.13 23.60 -34.04
N MET J 154 -10.01 23.92 -32.75
CA MET J 154 -11.11 23.72 -31.81
C MET J 154 -12.32 24.60 -32.14
N THR J 155 -12.09 25.86 -32.50
CA THR J 155 -13.19 26.74 -32.86
C THR J 155 -13.76 26.44 -34.24
N SER J 156 -13.15 25.53 -34.98
CA SER J 156 -13.64 25.12 -36.30
C SER J 156 -14.53 23.89 -36.25
N GLY J 157 -14.80 23.36 -35.05
CA GLY J 157 -15.61 22.18 -34.90
C GLY J 157 -17.11 22.40 -34.96
N PHE J 158 -17.56 23.65 -35.04
CA PHE J 158 -18.99 23.93 -35.13
C PHE J 158 -19.59 23.43 -36.44
N LEU J 159 -18.76 23.16 -37.44
CA LEU J 159 -19.20 22.60 -38.71
C LEU J 159 -18.90 21.12 -38.82
N TRP J 160 -18.68 20.44 -37.70
CA TRP J 160 -18.32 19.03 -37.75
C TRP J 160 -19.35 18.16 -38.48
N PRO J 161 -20.67 18.35 -38.34
CA PRO J 161 -21.58 17.55 -39.17
C PRO J 161 -21.37 17.79 -40.66
N PHE J 162 -21.11 19.04 -41.05
CA PHE J 162 -20.87 19.35 -42.45
C PHE J 162 -19.48 18.91 -42.91
N ALA J 163 -18.47 19.08 -42.06
CA ALA J 163 -17.12 18.67 -42.42
C ALA J 163 -17.04 17.15 -42.56
N ALA J 164 -17.72 16.42 -41.68
CA ALA J 164 -17.73 14.96 -41.76
C ALA J 164 -18.41 14.49 -43.05
N TRP J 165 -19.57 15.07 -43.37
CA TRP J 165 -20.17 14.76 -44.66
C TRP J 165 -19.71 15.74 -45.74
N GLN J 166 -18.41 15.99 -45.76
CA GLN J 166 -17.68 16.51 -46.90
C GLN J 166 -16.33 15.84 -47.07
N GLU J 167 -15.84 15.17 -46.03
CA GLU J 167 -14.63 14.37 -46.06
C GLU J 167 -14.92 12.90 -46.32
N PHE J 168 -16.08 12.40 -45.87
CA PHE J 168 -16.51 11.06 -46.23
C PHE J 168 -16.79 10.95 -47.72
N LEU J 169 -17.36 12.00 -48.31
CA LEU J 169 -17.66 11.98 -49.74
C LEU J 169 -16.37 11.94 -50.56
N SER J 170 -15.33 12.64 -50.11
CA SER J 170 -14.07 12.69 -50.82
C SER J 170 -13.17 11.50 -50.51
N GLY J 171 -13.60 10.58 -49.65
CA GLY J 171 -12.80 9.42 -49.32
C GLY J 171 -11.66 9.68 -48.37
N ASP J 172 -11.61 10.88 -47.77
CA ASP J 172 -10.54 11.25 -46.86
C ASP J 172 -10.84 10.88 -45.41
N LEU J 173 -12.00 10.30 -45.13
CA LEU J 173 -12.37 9.97 -43.77
C LEU J 173 -11.96 8.55 -43.36
N ILE J 174 -11.83 7.63 -44.31
CA ILE J 174 -11.63 6.22 -44.02
C ILE J 174 -10.37 5.73 -44.71
N ALA J 175 -9.53 5.00 -43.97
CA ALA J 175 -8.42 4.27 -44.57
C ALA J 175 -8.93 2.96 -45.18
N SER J 176 -8.16 2.41 -46.12
CA SER J 176 -8.62 1.26 -46.88
C SER J 176 -7.81 -0.01 -46.61
N ASP J 177 -6.50 0.00 -46.89
CA ASP J 177 -5.70 -1.20 -46.69
C ASP J 177 -4.30 -0.94 -46.17
N GLU J 178 -3.94 0.31 -45.89
CA GLU J 178 -2.69 0.58 -45.18
C GLU J 178 -2.81 0.25 -43.70
N THR J 179 -4.01 -0.01 -43.20
CA THR J 179 -4.19 -0.42 -41.83
C THR J 179 -3.58 -1.79 -41.60
N ILE J 180 -2.98 -1.96 -40.43
CA ILE J 180 -2.25 -3.18 -40.11
C ILE J 180 -3.21 -4.26 -39.63
N THR J 181 -2.84 -5.52 -39.88
CA THR J 181 -3.65 -6.66 -39.48
C THR J 181 -2.74 -7.71 -38.86
N THR J 182 -3.30 -8.46 -37.91
CA THR J 182 -2.54 -9.52 -37.25
C THR J 182 -2.30 -10.67 -38.23
N SER J 183 -1.60 -11.69 -37.74
CA SER J 183 -1.22 -12.81 -38.61
C SER J 183 -2.41 -13.57 -39.17
N PRO J 184 -3.42 -13.98 -38.38
CA PRO J 184 -4.51 -14.72 -39.03
C PRO J 184 -5.54 -13.82 -39.70
N MET K 1 -31.64 -55.72 13.00
CA MET K 1 -31.09 -54.43 12.60
C MET K 1 -32.15 -53.60 11.87
N SER K 2 -32.53 -52.47 12.46
CA SER K 2 -33.52 -51.60 11.88
C SER K 2 -32.93 -50.78 10.73
N LEU K 3 -33.81 -50.12 9.98
CA LEU K 3 -33.36 -49.27 8.89
C LEU K 3 -32.72 -47.98 9.38
N ASP K 4 -33.03 -47.55 10.60
CA ASP K 4 -32.49 -46.31 11.13
C ASP K 4 -31.06 -46.47 11.63
N LEU K 5 -30.56 -47.69 11.74
CA LEU K 5 -29.16 -47.92 12.07
C LEU K 5 -28.25 -47.82 10.85
N LEU K 6 -28.82 -47.85 9.65
CA LEU K 6 -28.01 -47.75 8.44
C LEU K 6 -27.20 -46.46 8.33
N PRO K 7 -27.72 -45.27 8.68
CA PRO K 7 -26.85 -44.09 8.67
C PRO K 7 -25.63 -44.23 9.56
N SER K 8 -25.81 -44.69 10.80
CA SER K 8 -24.68 -44.85 11.70
C SER K 8 -23.74 -45.96 11.25
N PHE K 9 -24.23 -46.92 10.47
CA PHE K 9 -23.33 -47.94 9.94
C PHE K 9 -22.55 -47.46 8.73
N PHE K 10 -23.17 -46.64 7.88
CA PHE K 10 -22.61 -46.30 6.59
C PHE K 10 -21.83 -44.99 6.56
N VAL K 11 -22.34 -43.94 7.21
CA VAL K 11 -21.67 -42.64 7.15
C VAL K 11 -20.24 -42.71 7.68
N PRO K 12 -19.96 -43.29 8.85
CA PRO K 12 -18.55 -43.45 9.24
C PRO K 12 -17.79 -44.30 8.25
N LEU K 13 -18.38 -45.44 7.87
CA LEU K 13 -17.75 -46.34 6.90
C LEU K 13 -17.31 -45.59 5.66
N VAL K 14 -18.25 -45.00 4.93
CA VAL K 14 -17.91 -44.27 3.72
C VAL K 14 -16.92 -43.17 4.07
N GLY K 15 -17.38 -42.18 4.85
CA GLY K 15 -16.69 -40.91 5.00
C GLY K 15 -15.36 -40.97 5.71
N LEU K 16 -14.99 -42.11 6.30
CA LEU K 16 -13.67 -42.25 6.89
C LEU K 16 -12.87 -43.39 6.28
N VAL K 17 -13.47 -44.59 6.16
CA VAL K 17 -12.73 -45.72 5.63
C VAL K 17 -12.43 -45.53 4.16
N LEU K 18 -13.43 -45.12 3.36
CA LEU K 18 -13.18 -44.95 1.94
C LEU K 18 -12.10 -43.91 1.66
N PRO K 19 -12.05 -42.75 2.32
CA PRO K 19 -10.87 -41.89 2.18
C PRO K 19 -9.57 -42.61 2.49
N LEU K 20 -9.50 -43.41 3.55
CA LEU K 20 -8.22 -44.01 3.92
C LEU K 20 -7.72 -44.95 2.83
N PHE K 21 -8.57 -45.88 2.39
CA PHE K 21 -8.17 -46.84 1.37
C PHE K 21 -7.93 -46.15 0.04
N SER K 22 -8.75 -45.15 -0.30
CA SER K 22 -8.55 -44.43 -1.55
C SER K 22 -7.23 -43.66 -1.54
N ILE K 23 -6.89 -43.04 -0.41
CA ILE K 23 -5.59 -42.36 -0.29
C ILE K 23 -4.46 -43.37 -0.41
N ILE K 24 -4.58 -44.52 0.25
CA ILE K 24 -3.54 -45.53 0.13
C ILE K 24 -3.32 -45.93 -1.32
N GLY K 25 -4.42 -46.25 -2.01
CA GLY K 25 -4.30 -46.68 -3.40
C GLY K 25 -3.76 -45.60 -4.31
N LEU K 26 -4.28 -44.38 -4.16
CA LEU K 26 -3.85 -43.28 -5.03
C LEU K 26 -2.39 -42.92 -4.79
N PHE K 27 -1.96 -42.86 -3.53
CA PHE K 27 -0.57 -42.59 -3.22
C PHE K 27 0.34 -43.67 -3.78
N LEU K 28 -0.04 -44.94 -3.58
CA LEU K 28 0.76 -46.03 -4.12
C LEU K 28 0.85 -45.93 -5.64
N TYR K 29 -0.26 -45.63 -6.30
CA TYR K 29 -0.28 -45.57 -7.75
C TYR K 29 0.57 -44.41 -8.28
N ILE K 30 0.39 -43.21 -7.72
CA ILE K 30 1.12 -42.05 -8.21
C ILE K 30 2.58 -42.03 -7.80
N GLU K 31 2.96 -42.88 -6.84
CA GLU K 31 4.36 -42.98 -6.45
C GLU K 31 5.05 -44.21 -7.05
N LYS K 32 4.41 -44.89 -8.00
CA LYS K 32 5.01 -46.05 -8.62
C LYS K 32 6.20 -45.65 -9.51
N GLU K 33 6.94 -46.66 -9.95
CA GLU K 33 8.05 -46.46 -10.86
C GLU K 33 7.89 -47.35 -12.08
N ASN K 34 8.92 -47.42 -12.93
CA ASN K 34 8.86 -48.26 -14.12
C ASN K 34 10.09 -49.16 -14.22
N MET L 1 9.83 34.48 -21.01
CA MET L 1 8.47 33.95 -21.10
C MET L 1 8.25 33.19 -22.40
N LYS L 2 9.32 32.63 -22.95
CA LYS L 2 9.21 31.80 -24.14
C LYS L 2 9.10 30.32 -23.80
N ASP L 3 9.84 29.87 -22.80
CA ASP L 3 9.75 28.48 -22.34
C ASP L 3 8.68 28.30 -21.28
N PHE L 4 8.33 29.35 -20.53
CA PHE L 4 7.20 29.25 -19.60
C PHE L 4 5.90 29.05 -20.35
N LEU L 5 5.70 29.78 -21.45
CA LEU L 5 4.52 29.57 -22.28
C LEU L 5 4.55 28.19 -22.94
N LYS L 6 5.73 27.68 -23.25
CA LYS L 6 5.83 26.31 -23.75
C LYS L 6 5.52 25.31 -22.65
N TYR L 7 5.92 25.61 -21.41
CA TYR L 7 5.56 24.73 -20.29
C TYR L 7 4.06 24.73 -20.07
N LEU L 8 3.41 25.89 -20.17
CA LEU L 8 1.95 25.94 -20.06
C LEU L 8 1.26 25.23 -21.20
N SER L 9 1.97 24.96 -22.29
CA SER L 9 1.42 24.23 -23.43
C SER L 9 1.56 22.73 -23.29
N THR L 10 2.14 22.25 -22.20
CA THR L 10 2.27 20.82 -21.98
C THR L 10 0.91 20.19 -21.73
N ALA L 11 0.84 18.87 -21.92
CA ALA L 11 -0.41 18.13 -21.75
C ALA L 11 -1.02 18.28 -20.36
N PRO L 12 -0.27 18.16 -19.24
CA PRO L 12 -0.94 18.20 -17.93
C PRO L 12 -1.52 19.57 -17.61
N VAL L 13 -0.74 20.63 -17.85
CA VAL L 13 -1.22 21.97 -17.55
C VAL L 13 -2.42 22.33 -18.41
N LEU L 14 -2.36 21.99 -19.71
CA LEU L 14 -3.47 22.29 -20.59
C LEU L 14 -4.71 21.48 -20.22
N LEU L 15 -4.53 20.20 -19.88
CA LEU L 15 -5.68 19.39 -19.47
C LEU L 15 -6.27 19.90 -18.16
N THR L 16 -5.43 20.29 -17.21
CA THR L 16 -5.93 20.83 -15.95
C THR L 16 -6.69 22.12 -16.18
N ALA L 17 -6.16 23.02 -17.01
CA ALA L 17 -6.85 24.27 -17.29
C ALA L 17 -8.17 24.01 -18.00
N TRP L 18 -8.17 23.12 -19.00
CA TRP L 18 -9.39 22.86 -19.74
C TRP L 18 -10.45 22.18 -18.87
N LEU L 19 -10.05 21.23 -18.03
CA LEU L 19 -11.02 20.57 -17.17
C LEU L 19 -11.51 21.51 -16.06
N THR L 20 -10.65 22.39 -15.56
CA THR L 20 -11.09 23.38 -14.59
C THR L 20 -12.11 24.33 -15.20
N PHE L 21 -11.82 24.81 -16.42
CA PHE L 21 -12.78 25.66 -17.14
C PHE L 21 -14.08 24.92 -17.41
N THR L 22 -13.99 23.64 -17.79
CA THR L 22 -15.18 22.87 -18.12
C THR L 22 -16.05 22.65 -16.91
N ALA L 23 -15.45 22.16 -15.82
CA ALA L 23 -16.18 22.03 -14.56
C ALA L 23 -16.73 23.37 -14.11
N GLY L 24 -15.99 24.46 -14.35
CA GLY L 24 -16.47 25.77 -13.96
C GLY L 24 -17.76 26.16 -14.67
N PHE L 25 -17.78 26.04 -16.00
CA PHE L 25 -18.99 26.50 -16.67
C PHE L 25 -20.14 25.51 -16.45
N VAL L 26 -19.84 24.23 -16.24
CA VAL L 26 -20.91 23.29 -15.88
C VAL L 26 -21.52 23.64 -14.53
N ILE L 27 -20.66 23.88 -13.52
CA ILE L 27 -21.14 24.21 -12.18
C ILE L 27 -21.92 25.53 -12.21
N GLU L 28 -21.48 26.49 -13.02
CA GLU L 28 -22.19 27.77 -13.03
C GLU L 28 -23.50 27.69 -13.79
N ILE L 29 -23.58 26.88 -14.85
CA ILE L 29 -24.87 26.62 -15.48
C ILE L 29 -25.82 26.00 -14.46
N ASN L 30 -25.32 25.02 -13.69
CA ASN L 30 -26.17 24.36 -12.71
C ASN L 30 -26.49 25.26 -11.52
N ARG L 31 -25.71 26.31 -11.28
CA ARG L 31 -26.08 27.27 -10.24
C ARG L 31 -27.18 28.22 -10.75
N PHE L 32 -27.00 28.76 -11.95
CA PHE L 32 -27.97 29.74 -12.43
C PHE L 32 -29.27 29.11 -12.89
N TYR L 33 -29.23 27.88 -13.40
CA TYR L 33 -30.43 27.12 -13.76
C TYR L 33 -30.35 25.76 -13.11
N PRO L 34 -30.64 25.66 -11.81
CA PRO L 34 -30.51 24.38 -11.11
C PRO L 34 -31.70 23.46 -11.38
N ASP L 35 -31.49 22.19 -11.03
CA ASP L 35 -32.54 21.18 -11.04
C ASP L 35 -33.18 21.03 -12.43
N ALA L 36 -32.34 21.00 -13.46
CA ALA L 36 -32.81 20.88 -14.84
C ALA L 36 -32.84 19.41 -15.21
N LEU L 37 -34.03 18.80 -15.13
CA LEU L 37 -34.18 17.40 -15.48
C LEU L 37 -34.42 17.18 -16.96
N THR L 38 -35.13 18.09 -17.63
CA THR L 38 -35.40 18.00 -19.05
C THR L 38 -34.84 19.22 -19.76
N PHE L 39 -34.92 19.20 -21.08
CA PHE L 39 -34.47 20.33 -21.87
C PHE L 39 -35.34 21.55 -21.54
N PRO L 40 -34.75 22.74 -21.37
CA PRO L 40 -35.57 23.91 -21.01
C PRO L 40 -36.64 24.24 -22.02
N PHE L 41 -36.38 24.04 -23.31
CA PHE L 41 -37.37 24.31 -24.34
C PHE L 41 -38.48 23.26 -24.31
N VAL M 2 37.46 -15.15 19.06
CA VAL M 2 36.90 -16.45 18.71
C VAL M 2 35.64 -16.26 17.86
N SER M 3 35.33 -17.28 17.05
CA SER M 3 34.11 -17.29 16.25
C SER M 3 33.41 -18.62 16.47
N PHE M 4 32.11 -18.57 16.75
CA PHE M 4 31.34 -19.77 17.07
C PHE M 4 30.48 -20.24 15.90
N ILE M 5 30.64 -19.65 14.71
CA ILE M 5 29.97 -20.10 13.51
C ILE M 5 31.03 -20.26 12.43
N LYS M 6 31.15 -21.46 11.88
CA LYS M 6 32.14 -21.79 10.86
C LYS M 6 31.48 -22.65 9.81
N PRO M 7 32.06 -22.73 8.61
CA PRO M 7 31.51 -23.63 7.59
C PRO M 7 31.49 -25.07 8.07
N TYR M 8 30.44 -25.79 7.67
CA TYR M 8 30.22 -27.15 8.17
C TYR M 8 31.24 -28.10 7.55
N ARG M 9 32.03 -28.76 8.41
CA ARG M 9 33.01 -29.76 7.99
C ARG M 9 33.99 -29.19 6.98
N GLN M 10 34.35 -27.92 7.14
CA GLN M 10 35.33 -27.24 6.30
C GLN M 10 34.91 -27.20 4.84
N ASP M 11 33.61 -27.21 4.58
CA ASP M 11 33.08 -27.09 3.22
C ASP M 11 32.26 -25.80 3.12
N PRO M 12 32.80 -24.74 2.53
CA PRO M 12 32.06 -23.47 2.46
C PRO M 12 30.94 -23.47 1.43
N PHE M 13 30.71 -24.57 0.72
CA PHE M 13 29.71 -24.62 -0.34
C PHE M 13 28.48 -25.44 0.03
N VAL M 14 28.47 -26.08 1.20
CA VAL M 14 27.26 -26.77 1.64
C VAL M 14 26.23 -25.74 2.07
N GLY M 15 24.96 -26.10 1.93
CA GLY M 15 23.90 -25.25 2.42
C GLY M 15 23.66 -25.48 3.91
N HIS M 16 24.72 -25.32 4.70
CA HIS M 16 24.67 -25.62 6.11
C HIS M 16 25.78 -24.86 6.82
N LEU M 17 25.64 -24.72 8.14
CA LEU M 17 26.61 -24.01 8.95
C LEU M 17 26.84 -24.77 10.25
N ALA M 18 28.03 -24.60 10.82
CA ALA M 18 28.39 -25.22 12.09
C ALA M 18 28.19 -24.19 13.20
N THR M 19 26.94 -24.05 13.60
CA THR M 19 26.53 -23.11 14.65
C THR M 19 26.60 -23.79 16.01
N PRO M 20 26.50 -23.02 17.11
CA PRO M 20 26.51 -23.63 18.44
C PRO M 20 25.27 -24.47 18.74
N ILE M 21 24.44 -24.71 17.72
CA ILE M 21 23.25 -25.54 17.85
C ILE M 21 23.31 -26.76 16.94
N THR M 22 23.83 -26.61 15.71
CA THR M 22 23.92 -27.74 14.82
C THR M 22 25.01 -28.72 15.28
N THR M 23 26.16 -28.20 15.70
CA THR M 23 27.32 -29.03 16.01
C THR M 23 27.84 -28.75 17.41
N SER M 24 26.96 -28.60 18.39
CA SER M 24 27.37 -28.48 19.78
C SER M 24 27.40 -29.85 20.44
N ALA M 25 28.27 -29.99 21.45
CA ALA M 25 28.39 -31.27 22.14
C ALA M 25 27.05 -31.68 22.76
N PHE M 26 26.29 -30.72 23.28
CA PHE M 26 24.96 -31.03 23.80
C PHE M 26 24.08 -31.59 22.69
N THR M 27 24.08 -30.96 21.52
CA THR M 27 23.29 -31.46 20.40
C THR M 27 23.74 -32.86 20.01
N ARG M 28 25.05 -33.08 19.94
CA ARG M 28 25.58 -34.39 19.58
C ARG M 28 25.08 -35.47 20.53
N ALA M 29 25.29 -35.28 21.84
CA ALA M 29 24.88 -36.29 22.80
C ALA M 29 23.37 -36.47 22.83
N TYR M 30 22.62 -35.37 22.81
CA TYR M 30 21.17 -35.45 22.89
C TYR M 30 20.58 -36.19 21.69
N LEU M 31 21.09 -35.93 20.49
CA LEU M 31 20.59 -36.63 19.32
C LEU M 31 21.10 -38.06 19.26
N LYS M 32 22.26 -38.34 19.87
CA LYS M 32 22.76 -39.71 19.89
C LYS M 32 22.12 -40.58 20.97
N VAL M 33 21.40 -39.98 21.93
CA VAL M 33 20.64 -40.79 22.88
C VAL M 33 19.20 -40.98 22.45
N LEU M 34 18.76 -40.30 21.39
CA LEU M 34 17.40 -40.49 20.90
C LEU M 34 17.28 -41.82 20.18
N PRO M 35 16.09 -42.43 20.21
CA PRO M 35 15.92 -43.76 19.59
C PRO M 35 16.25 -43.78 18.12
N ALA M 36 16.00 -42.69 17.39
CA ALA M 36 16.25 -42.67 15.96
C ALA M 36 17.74 -42.78 15.64
N TYR M 37 18.60 -42.33 16.54
CA TYR M 37 20.04 -42.33 16.31
C TYR M 37 20.84 -43.07 17.38
N ARG M 38 20.18 -43.64 18.38
CA ARG M 38 20.91 -44.32 19.44
C ARG M 38 21.64 -45.55 18.89
N PRO M 39 22.93 -45.71 19.15
CA PRO M 39 23.65 -46.89 18.65
C PRO M 39 23.20 -48.16 19.36
N GLY M 40 23.36 -49.27 18.66
CA GLY M 40 23.04 -50.57 19.22
C GLY M 40 21.58 -50.95 19.21
N LEU M 41 20.75 -50.27 18.44
CA LEU M 41 19.32 -50.54 18.36
C LEU M 41 18.97 -51.10 17.00
N THR M 42 18.22 -52.21 16.99
CA THR M 42 17.64 -52.73 15.77
C THR M 42 16.50 -51.81 15.33
N PRO M 43 16.14 -51.84 14.04
CA PRO M 43 15.04 -50.95 13.60
C PRO M 43 13.73 -51.22 14.30
N LEU M 44 13.48 -52.48 14.66
CA LEU M 44 12.28 -52.80 15.45
C LEU M 44 12.32 -52.13 16.81
N SER M 45 13.49 -52.11 17.46
CA SER M 45 13.60 -51.47 18.76
C SER M 45 13.41 -49.96 18.65
N ARG M 46 14.00 -49.34 17.62
CA ARG M 46 13.80 -47.92 17.40
C ARG M 46 12.32 -47.59 17.20
N GLY M 47 11.66 -48.38 16.34
CA GLY M 47 10.24 -48.17 16.12
C GLY M 47 9.43 -48.36 17.39
N ALA M 48 9.76 -49.39 18.18
CA ALA M 48 9.01 -49.65 19.40
C ALA M 48 9.14 -48.50 20.39
N GLU M 49 10.36 -48.00 20.59
CA GLU M 49 10.55 -46.89 21.52
C GLU M 49 9.85 -45.63 21.02
N ILE M 50 9.98 -45.32 19.73
CA ILE M 50 9.33 -44.14 19.18
C ILE M 50 7.82 -44.25 19.33
N GLY M 51 7.26 -45.41 19.01
CA GLY M 51 5.82 -45.59 19.15
C GLY M 51 5.37 -45.48 20.60
N PHE M 52 6.14 -46.05 21.53
CA PHE M 52 5.77 -45.94 22.94
C PHE M 52 5.70 -44.48 23.37
N THR M 53 6.76 -43.72 23.09
CA THR M 53 6.77 -42.32 23.49
C THR M 53 5.64 -41.55 22.83
N HIS M 54 5.41 -41.82 21.54
CA HIS M 54 4.45 -41.04 20.78
C HIS M 54 3.02 -41.32 21.20
N GLY M 55 2.66 -42.60 21.39
CA GLY M 55 1.34 -42.90 21.94
C GLY M 55 1.17 -42.35 23.34
N TYR M 56 2.23 -42.42 24.15
CA TYR M 56 2.16 -41.93 25.52
C TYR M 56 1.82 -40.45 25.56
N PHE M 57 2.47 -39.64 24.72
CA PHE M 57 2.12 -38.22 24.73
C PHE M 57 0.96 -37.88 23.81
N LEU M 58 0.51 -38.82 22.98
CA LEU M 58 -0.61 -38.55 22.08
C LEU M 58 -1.95 -38.76 22.76
N ILE M 59 -2.03 -39.69 23.72
CA ILE M 59 -3.30 -39.90 24.40
C ILE M 59 -3.71 -38.65 25.19
N GLY M 60 -2.73 -37.82 25.57
CA GLY M 60 -2.98 -36.67 26.40
C GLY M 60 -3.97 -35.68 25.83
N PRO M 61 -3.63 -35.06 24.69
CA PRO M 61 -4.54 -34.06 24.12
C PRO M 61 -5.91 -34.59 23.77
N PHE M 62 -5.99 -35.85 23.30
CA PHE M 62 -7.28 -36.41 22.95
C PHE M 62 -8.17 -36.60 24.19
N TYR M 63 -7.60 -37.11 25.28
CA TYR M 63 -8.38 -37.31 26.50
C TYR M 63 -8.75 -35.97 27.14
N THR M 64 -7.81 -35.02 27.17
CA THR M 64 -8.04 -33.78 27.89
C THR M 64 -9.04 -32.88 27.17
N TYR M 65 -8.89 -32.73 25.85
CA TYR M 65 -9.67 -31.74 25.11
C TYR M 65 -10.63 -32.35 24.10
N GLY M 66 -10.89 -33.65 24.17
CA GLY M 66 -11.72 -34.30 23.19
C GLY M 66 -13.16 -33.83 23.20
N PRO M 67 -14.02 -34.50 22.43
CA PRO M 67 -15.44 -34.15 22.44
C PRO M 67 -16.19 -34.68 23.65
N LEU M 68 -15.58 -35.56 24.43
CA LEU M 68 -16.20 -36.18 25.60
C LEU M 68 -15.39 -35.92 26.85
N ARG M 69 -14.94 -34.68 27.04
CA ARG M 69 -14.16 -34.33 28.22
C ARG M 69 -14.98 -34.48 29.49
N SER M 70 -14.28 -34.39 30.61
CA SER M 70 -14.92 -34.40 31.92
C SER M 70 -13.95 -33.76 32.91
N VAL M 71 -14.43 -32.73 33.61
CA VAL M 71 -13.57 -32.07 34.59
C VAL M 71 -13.21 -33.03 35.72
N GLU M 72 -14.08 -34.01 35.99
CA GLU M 72 -13.76 -35.11 36.86
C GLU M 72 -13.25 -36.28 36.02
N PHE M 73 -12.89 -37.38 36.67
CA PHE M 73 -12.41 -38.55 35.94
C PHE M 73 -13.59 -39.38 35.45
N SER M 74 -13.60 -39.67 34.15
CA SER M 74 -14.64 -40.49 33.53
C SER M 74 -13.98 -41.61 32.75
N LEU M 75 -14.46 -42.84 32.94
CA LEU M 75 -13.95 -43.95 32.15
C LEU M 75 -14.27 -43.78 30.67
N THR M 76 -15.42 -43.17 30.35
CA THR M 76 -15.77 -42.95 28.95
C THR M 76 -14.81 -41.96 28.29
N SER M 77 -14.43 -40.90 29.01
CA SER M 77 -13.47 -39.95 28.45
C SER M 77 -12.12 -40.62 28.20
N LEU M 78 -11.66 -41.43 29.16
CA LEU M 78 -10.39 -42.13 28.99
C LEU M 78 -10.45 -43.11 27.83
N ALA M 79 -11.56 -43.83 27.69
CA ALA M 79 -11.71 -44.77 26.58
C ALA M 79 -11.74 -44.04 25.24
N ALA M 80 -12.43 -42.90 25.19
CA ALA M 80 -12.48 -42.11 23.96
C ALA M 80 -11.09 -41.62 23.57
N GLY M 81 -10.35 -41.07 24.54
CA GLY M 81 -9.01 -40.62 24.25
C GLY M 81 -8.08 -41.74 23.83
N LEU M 82 -8.20 -42.89 24.49
CA LEU M 82 -7.37 -44.04 24.14
C LEU M 82 -7.67 -44.52 22.72
N LEU M 83 -8.96 -44.62 22.37
CA LEU M 83 -9.34 -45.06 21.03
C LEU M 83 -8.87 -44.07 19.97
N ALA M 84 -9.03 -42.77 20.24
CA ALA M 84 -8.57 -41.77 19.29
C ALA M 84 -7.06 -41.84 19.09
N ALA M 85 -6.31 -42.01 20.19
CA ALA M 85 -4.86 -42.12 20.07
C ALA M 85 -4.47 -43.36 19.30
N ILE M 86 -5.13 -44.49 19.55
CA ILE M 86 -4.80 -45.73 18.85
C ILE M 86 -5.11 -45.60 17.36
N THR M 87 -6.24 -44.98 17.02
CA THR M 87 -6.57 -44.81 15.60
C THR M 87 -5.60 -43.85 14.92
N LEU M 88 -5.18 -42.80 15.62
CA LEU M 88 -4.17 -41.91 15.04
C LEU M 88 -2.85 -42.64 14.83
N LEU M 89 -2.46 -43.51 15.77
CA LEU M 89 -1.28 -44.32 15.58
C LEU M 89 -1.44 -45.27 14.39
N LEU M 90 -2.64 -45.79 14.19
CA LEU M 90 -2.90 -46.62 13.02
C LEU M 90 -2.74 -45.84 11.73
N ILE M 91 -3.24 -44.60 11.70
CA ILE M 91 -3.09 -43.76 10.52
C ILE M 91 -1.61 -43.48 10.25
N LEU M 92 -0.87 -43.16 11.31
CA LEU M 92 0.57 -42.91 11.18
C LEU M 92 1.31 -44.15 10.70
N THR M 93 0.90 -45.34 11.17
CA THR M 93 1.52 -46.57 10.72
C THR M 93 1.21 -46.85 9.27
N VAL M 94 -0.01 -46.54 8.82
CA VAL M 94 -0.35 -46.68 7.41
C VAL M 94 0.54 -45.77 6.57
N GLY M 95 0.71 -44.52 7.02
CA GLY M 95 1.61 -43.61 6.31
C GLY M 95 3.03 -44.12 6.26
N LEU M 96 3.54 -44.65 7.38
CA LEU M 96 4.87 -45.22 7.42
C LEU M 96 5.00 -46.38 6.44
N SER M 97 4.00 -47.25 6.41
CA SER M 97 4.05 -48.42 5.54
C SER M 97 4.09 -48.02 4.08
N ILE M 98 3.22 -47.09 3.67
CA ILE M 98 3.20 -46.70 2.26
C ILE M 98 4.47 -45.93 1.89
N TYR M 99 4.97 -45.10 2.82
CA TYR M 99 6.22 -44.38 2.56
C TYR M 99 7.37 -45.35 2.34
N GLY M 100 7.50 -46.35 3.22
CA GLY M 100 8.54 -47.35 3.03
C GLY M 100 8.35 -48.18 1.79
N GLN M 101 7.10 -48.45 1.42
CA GLN M 101 6.82 -49.21 0.20
C GLN M 101 7.30 -48.45 -1.03
N VAL M 102 7.06 -47.14 -1.08
CA VAL M 102 7.38 -46.38 -2.27
C VAL M 102 8.79 -45.80 -2.26
N THR M 103 9.50 -45.85 -1.13
CA THR M 103 10.80 -45.19 -1.04
C THR M 103 11.97 -46.12 -1.38
N TYR M 104 12.11 -47.22 -0.65
CA TYR M 104 13.30 -48.06 -0.74
C TYR M 104 13.03 -49.32 -1.56
N ASP M 105 14.10 -49.80 -2.23
CA ASP M 105 14.16 -51.19 -2.70
C ASP M 105 15.51 -51.82 -2.33
N VAL M 106 15.62 -52.21 -1.06
CA VAL M 106 16.84 -52.84 -0.52
C VAL M 106 16.41 -53.76 0.61
N TYR M 107 17.16 -54.85 0.81
CA TYR M 107 16.99 -55.71 1.97
C TYR M 107 18.21 -55.77 2.87
N ASP M 108 19.38 -55.33 2.40
CA ASP M 108 20.58 -55.31 3.24
C ASP M 108 21.47 -54.18 2.74
N ASN M 109 21.57 -53.11 3.52
CA ASN M 109 22.29 -51.91 3.11
C ASN M 109 23.70 -51.93 3.70
N ALA M 110 24.47 -50.87 3.42
CA ALA M 110 25.87 -50.69 3.76
C ALA M 110 26.77 -51.69 3.02
N LEU M 111 26.20 -52.59 2.22
CA LEU M 111 26.95 -53.49 1.38
C LEU M 111 26.74 -53.20 -0.10
N ILE M 112 25.47 -53.14 -0.54
CA ILE M 112 25.17 -52.94 -1.96
C ILE M 112 25.91 -51.74 -2.52
N VAL M 113 26.06 -50.69 -1.72
CA VAL M 113 26.82 -49.52 -2.15
C VAL M 113 28.25 -49.89 -2.45
N LYS M 114 28.88 -50.66 -1.54
CA LYS M 114 30.25 -51.09 -1.77
C LYS M 114 30.36 -52.05 -2.95
N LEU M 115 29.38 -52.94 -3.11
CA LEU M 115 29.39 -53.88 -4.22
C LEU M 115 29.35 -53.15 -5.55
N VAL M 116 28.51 -52.11 -5.66
CA VAL M 116 28.43 -51.39 -6.92
C VAL M 116 29.55 -50.36 -7.07
N ARG M 117 30.20 -49.96 -5.98
CA ARG M 117 31.42 -49.17 -6.09
C ARG M 117 32.64 -50.00 -6.42
N GLN M 118 32.54 -51.34 -6.29
CA GLN M 118 33.65 -52.23 -6.57
C GLN M 118 33.40 -53.09 -7.80
N MET M 119 32.29 -53.83 -7.82
CA MET M 119 32.01 -54.78 -8.89
C MET M 119 31.18 -54.17 -10.03
N VAL M 120 31.15 -52.85 -10.13
CA VAL M 120 30.45 -52.11 -11.19
C VAL M 120 28.95 -52.28 -11.07
N GLY M 121 28.20 -51.28 -11.55
CA GLY M 121 26.76 -51.26 -11.41
C GLY M 121 26.02 -50.99 -12.72
N SER M 122 26.48 -51.59 -13.81
CA SER M 122 25.92 -51.29 -15.13
C SER M 122 24.53 -51.91 -15.27
N GLU M 123 23.56 -51.36 -14.54
CA GLU M 123 22.19 -51.84 -14.56
C GLU M 123 21.26 -50.62 -14.60
N ARG M 124 19.97 -50.86 -14.35
CA ARG M 124 18.98 -49.79 -14.36
C ARG M 124 19.18 -48.76 -13.26
N THR M 125 20.14 -48.99 -12.35
CA THR M 125 20.50 -48.05 -11.29
C THR M 125 19.35 -47.81 -10.32
N GLN M 126 19.62 -46.96 -9.31
CA GLN M 126 18.66 -46.54 -8.28
C GLN M 126 18.37 -47.68 -7.30
N ASP M 127 18.84 -48.88 -7.61
CA ASP M 127 18.82 -49.99 -6.65
C ASP M 127 20.22 -50.54 -6.40
N LEU M 128 20.96 -50.86 -7.44
CA LEU M 128 22.38 -51.20 -7.31
C LEU M 128 23.14 -49.91 -7.01
N PRO M 129 23.19 -48.97 -7.95
CA PRO M 129 23.86 -47.69 -7.68
C PRO M 129 23.00 -46.77 -6.85
N GLN M 130 23.45 -45.52 -6.68
CA GLN M 130 22.74 -44.51 -5.91
C GLN M 130 22.64 -44.93 -4.44
N ILE M 131 21.41 -45.23 -3.98
CA ILE M 131 21.13 -45.66 -2.62
C ILE M 131 21.52 -44.55 -1.64
N LYS M 132 20.53 -43.78 -1.20
CA LYS M 132 20.75 -42.71 -0.25
C LYS M 132 20.70 -43.26 1.17
N GLY M 133 21.72 -42.97 1.96
CA GLY M 133 21.78 -43.43 3.34
C GLY M 133 22.23 -44.86 3.48
N THR M 134 23.04 -45.13 4.51
CA THR M 134 23.55 -46.47 4.76
C THR M 134 22.98 -47.09 6.03
N SER M 135 22.00 -46.44 6.66
CA SER M 135 21.41 -46.97 7.88
C SER M 135 20.55 -48.19 7.57
N GLU M 136 20.35 -49.03 8.59
CA GLU M 136 19.46 -50.16 8.46
C GLU M 136 18.00 -49.75 8.33
N LEU M 137 17.67 -48.51 8.73
CA LEU M 137 16.32 -47.99 8.52
C LEU M 137 16.02 -47.69 7.06
N ASP M 138 17.03 -47.70 6.19
CA ASP M 138 16.89 -47.32 4.79
C ASP M 138 16.74 -48.53 3.89
N THR M 139 16.07 -49.58 4.37
CA THR M 139 15.81 -50.78 3.59
C THR M 139 14.32 -51.11 3.66
N VAL M 140 13.87 -51.94 2.73
CA VAL M 140 12.49 -52.39 2.74
C VAL M 140 12.21 -53.19 4.01
N LEU M 141 13.11 -54.12 4.35
CA LEU M 141 12.96 -54.88 5.57
C LEU M 141 13.09 -53.99 6.81
N GLY M 142 14.07 -53.09 6.80
CA GLY M 142 14.28 -52.24 7.97
C GLY M 142 13.10 -51.34 8.26
N TRP M 143 12.56 -50.70 7.22
CA TRP M 143 11.43 -49.80 7.42
C TRP M 143 10.16 -50.56 7.80
N GLN M 144 9.99 -51.78 7.28
CA GLN M 144 8.83 -52.58 7.65
C GLN M 144 8.85 -52.91 9.13
N LYS M 145 10.00 -53.35 9.65
CA LYS M 145 10.13 -53.62 11.07
C LYS M 145 10.02 -52.34 11.89
N PHE M 146 10.51 -51.21 11.35
CA PHE M 146 10.35 -49.94 12.03
C PHE M 146 8.88 -49.58 12.20
N SER M 147 8.09 -49.75 11.13
CA SER M 147 6.67 -49.46 11.20
C SER M 147 5.95 -50.41 12.16
N GLU M 148 6.31 -51.69 12.11
CA GLU M 148 5.72 -52.67 13.02
C GLU M 148 6.00 -52.31 14.47
N GLY M 149 7.25 -51.94 14.77
CA GLY M 149 7.59 -51.53 16.12
C GLY M 149 6.88 -50.26 16.53
N PHE M 150 6.80 -49.29 15.62
CA PHE M 150 6.07 -48.05 15.92
C PHE M 150 4.63 -48.36 16.29
N PHE M 151 4.00 -49.25 15.54
CA PHE M 151 2.58 -49.55 15.75
C PHE M 151 2.37 -50.28 17.07
N SER M 152 3.16 -51.32 17.34
CA SER M 152 3.03 -52.07 18.58
C SER M 152 3.36 -51.20 19.79
N GLY M 153 4.47 -50.48 19.73
CA GLY M 153 4.85 -49.60 20.82
C GLY M 153 3.85 -48.48 21.03
N GLY M 154 3.23 -47.99 19.96
CA GLY M 154 2.19 -46.99 20.12
C GLY M 154 1.01 -47.53 20.90
N LEU M 155 0.56 -48.74 20.55
CA LEU M 155 -0.54 -49.33 21.31
C LEU M 155 -0.15 -49.49 22.77
N ILE M 156 1.03 -50.05 23.03
CA ILE M 156 1.44 -50.32 24.41
C ILE M 156 1.58 -49.03 25.20
N GLY M 157 2.22 -48.01 24.60
CA GLY M 157 2.41 -46.75 25.30
C GLY M 157 1.10 -46.02 25.55
N SER M 158 0.16 -46.08 24.60
CA SER M 158 -1.14 -45.48 24.83
C SER M 158 -1.86 -46.16 25.98
N ILE M 159 -1.80 -47.49 26.04
CA ILE M 159 -2.44 -48.20 27.15
C ILE M 159 -1.78 -47.84 28.47
N VAL M 160 -0.44 -47.78 28.49
CA VAL M 160 0.28 -47.45 29.72
C VAL M 160 -0.07 -46.04 30.18
N ALA M 161 -0.15 -45.09 29.25
CA ALA M 161 -0.48 -43.72 29.60
C ALA M 161 -1.91 -43.61 30.10
N ALA M 162 -2.83 -44.39 29.51
CA ALA M 162 -4.21 -44.41 30.01
C ALA M 162 -4.26 -44.93 31.44
N VAL M 163 -3.50 -46.00 31.72
CA VAL M 163 -3.46 -46.54 33.07
C VAL M 163 -2.88 -45.51 34.04
N GLY M 164 -1.82 -44.83 33.64
CA GLY M 164 -1.22 -43.81 34.49
C GLY M 164 -2.17 -42.65 34.75
N ILE M 165 -2.89 -42.22 33.72
CA ILE M 165 -3.86 -41.14 33.88
C ILE M 165 -4.97 -41.55 34.83
N ALA M 166 -5.47 -42.78 34.69
CA ALA M 166 -6.50 -43.26 35.61
C ALA M 166 -6.00 -43.31 37.04
N LEU M 167 -4.77 -43.81 37.24
CA LEU M 167 -4.21 -43.87 38.59
C LEU M 167 -4.03 -42.48 39.18
N TYR M 168 -3.53 -41.53 38.39
CA TYR M 168 -3.34 -40.18 38.88
C TYR M 168 -4.66 -39.51 39.22
N SER M 169 -5.69 -39.74 38.40
CA SER M 169 -6.97 -39.10 38.65
C SER M 169 -7.72 -39.75 39.81
N THR M 170 -7.46 -41.03 40.07
CA THR M 170 -8.17 -41.73 41.14
C THR M 170 -7.49 -41.58 42.50
N TYR M 171 -6.20 -41.89 42.58
CA TYR M 171 -5.50 -41.98 43.86
C TYR M 171 -4.82 -40.69 44.27
N LEU M 172 -5.02 -39.60 43.52
CA LEU M 172 -4.43 -38.32 43.89
C LEU M 172 -5.51 -37.25 44.04
N MET N 1 -43.25 -46.08 4.31
CA MET N 1 -42.02 -46.65 4.84
C MET N 1 -41.62 -47.91 4.06
N ILE N 2 -40.40 -47.91 3.53
CA ILE N 2 -39.91 -49.06 2.78
C ILE N 2 -39.31 -50.06 3.76
N TYR N 3 -39.33 -51.33 3.36
CA TYR N 3 -38.92 -52.41 4.24
C TYR N 3 -37.41 -52.64 4.16
N ASP N 4 -36.93 -53.53 5.03
CA ASP N 4 -35.53 -53.92 4.99
C ASP N 4 -35.20 -54.68 3.70
N SER N 5 -36.13 -55.51 3.23
CA SER N 5 -35.92 -56.24 1.99
C SER N 5 -35.78 -55.28 0.81
N GLN N 6 -36.61 -54.24 0.77
CA GLN N 6 -36.54 -53.28 -0.33
C GLN N 6 -35.20 -52.56 -0.36
N VAL N 7 -34.72 -52.11 0.80
CA VAL N 7 -33.44 -51.41 0.86
C VAL N 7 -32.30 -52.38 0.60
N TYR N 8 -32.40 -53.60 1.13
CA TYR N 8 -31.31 -54.57 0.98
C TYR N 8 -31.08 -54.93 -0.47
N ILE N 9 -32.15 -55.23 -1.21
CA ILE N 9 -31.98 -55.63 -2.60
C ILE N 9 -31.54 -54.44 -3.45
N ALA N 10 -31.97 -53.23 -3.10
CA ALA N 10 -31.46 -52.04 -3.79
C ALA N 10 -29.97 -51.87 -3.55
N LEU N 11 -29.51 -52.17 -2.33
CA LEU N 11 -28.08 -52.14 -2.05
C LEU N 11 -27.35 -53.22 -2.85
N VAL N 12 -27.93 -54.40 -2.94
CA VAL N 12 -27.30 -55.48 -3.71
C VAL N 12 -27.21 -55.12 -5.18
N ILE N 13 -28.30 -54.56 -5.73
CA ILE N 13 -28.28 -54.14 -7.13
C ILE N 13 -27.28 -53.01 -7.34
N ALA N 14 -27.15 -52.12 -6.34
CA ALA N 14 -26.15 -51.06 -6.42
C ALA N 14 -24.74 -51.63 -6.45
N VAL N 15 -24.50 -52.72 -5.72
CA VAL N 15 -23.20 -53.38 -5.77
C VAL N 15 -22.92 -53.89 -7.18
N VAL N 16 -23.92 -54.50 -7.81
CA VAL N 16 -23.75 -55.02 -9.16
C VAL N 16 -23.41 -53.88 -10.12
N ALA N 17 -24.09 -52.73 -9.98
CA ALA N 17 -23.77 -51.57 -10.78
C ALA N 17 -22.37 -51.05 -10.47
N SER N 18 -21.84 -51.31 -9.28
CA SER N 18 -20.48 -50.89 -8.96
C SER N 18 -19.45 -51.76 -9.67
N VAL N 19 -19.68 -53.08 -9.69
CA VAL N 19 -18.76 -53.97 -10.39
C VAL N 19 -18.77 -53.69 -11.87
N LEU N 20 -19.93 -53.29 -12.42
CA LEU N 20 -19.97 -52.86 -13.81
C LEU N 20 -19.23 -51.56 -14.02
N ALA N 21 -19.16 -50.71 -12.99
CA ALA N 21 -18.48 -49.43 -13.14
C ALA N 21 -16.97 -49.60 -13.15
N ILE N 22 -16.43 -50.45 -12.27
CA ILE N 22 -14.99 -50.68 -12.28
C ILE N 22 -14.57 -51.39 -13.55
N ARG N 23 -15.40 -52.29 -14.07
CA ARG N 23 -15.09 -52.94 -15.35
C ARG N 23 -14.99 -51.92 -16.46
N LEU N 24 -15.91 -50.94 -16.49
CA LEU N 24 -15.78 -49.85 -17.44
C LEU N 24 -14.58 -48.97 -17.10
N GLY N 25 -14.33 -48.72 -15.81
CA GLY N 25 -13.19 -47.91 -15.43
C GLY N 25 -11.86 -48.55 -15.79
N ALA N 26 -11.72 -49.85 -15.53
CA ALA N 26 -10.50 -50.55 -15.88
C ALA N 26 -10.37 -50.73 -17.39
N THR N 27 -11.49 -50.81 -18.10
CA THR N 27 -11.43 -50.97 -19.55
C THR N 27 -11.04 -49.66 -20.23
N LEU N 28 -11.37 -48.51 -19.62
CA LEU N 28 -10.86 -47.23 -20.06
C LEU N 28 -9.38 -47.03 -19.69
N TYR N 29 -8.79 -48.11 -19.19
CA TYR N 29 -7.36 -48.24 -18.94
C TYR N 29 -6.91 -47.46 -17.71
N ASN N 30 -5.70 -47.79 -17.24
CA ASN N 30 -5.09 -47.16 -16.09
C ASN N 30 -5.05 -45.65 -16.22
N UNK O 1 26.41 -62.63 3.77
CA UNK O 1 26.52 -61.21 3.47
C UNK O 1 26.09 -60.92 2.03
N UNK O 2 26.42 -61.84 1.13
CA UNK O 2 26.08 -61.70 -0.28
C UNK O 2 26.20 -63.02 -1.02
N UNK O 3 27.11 -63.06 -2.00
CA UNK O 3 27.35 -64.26 -2.78
C UNK O 3 28.72 -64.14 -3.45
N UNK O 4 28.88 -64.84 -4.58
CA UNK O 4 30.12 -64.79 -5.36
C UNK O 4 31.35 -65.11 -4.51
N UNK O 5 32.50 -64.55 -4.90
CA UNK O 5 33.75 -64.77 -4.18
C UNK O 5 34.85 -63.82 -4.64
N UNK O 6 36.08 -64.28 -4.55
CA UNK O 6 37.27 -63.55 -5.02
C UNK O 6 37.47 -62.21 -4.33
N UNK O 7 36.78 -61.19 -4.81
CA UNK O 7 37.01 -59.82 -4.33
C UNK O 7 36.29 -59.51 -3.03
N UNK O 8 36.16 -60.51 -2.16
CA UNK O 8 35.56 -60.31 -0.85
C UNK O 8 36.53 -59.60 0.08
N UNK O 9 37.81 -59.60 -0.30
CA UNK O 9 38.85 -58.94 0.47
C UNK O 9 38.66 -57.43 0.47
N UNK O 10 38.42 -56.87 -0.71
CA UNK O 10 38.20 -55.43 -0.85
C UNK O 10 36.83 -55.06 -0.30
N UNK O 11 35.90 -56.01 -0.35
CA UNK O 11 34.54 -55.78 0.14
C UNK O 11 34.52 -55.72 1.66
N UNK O 12 35.12 -56.71 2.31
CA UNK O 12 35.17 -56.76 3.77
C UNK O 12 36.05 -55.64 4.32
N UNK O 13 36.96 -55.14 3.49
CA UNK O 13 37.82 -54.03 3.87
C UNK O 13 37.00 -52.75 3.94
N UNK O 14 36.25 -52.48 2.87
CA UNK O 14 35.40 -51.29 2.81
C UNK O 14 34.25 -51.41 3.81
N UNK O 15 33.80 -52.62 4.06
CA UNK O 15 32.70 -52.88 4.98
C UNK O 15 33.09 -52.48 6.41
N UNK O 16 34.21 -53.02 6.89
CA UNK O 16 34.68 -52.73 8.23
C UNK O 16 35.07 -51.26 8.36
N UNK O 17 35.47 -50.65 7.26
CA UNK O 17 35.86 -49.24 7.25
C UNK O 17 34.64 -48.33 7.28
N UNK O 18 33.61 -48.71 6.52
CA UNK O 18 32.39 -47.92 6.46
C UNK O 18 31.52 -48.13 7.69
N UNK O 19 31.50 -49.37 8.20
CA UNK O 19 30.75 -49.67 9.41
C UNK O 19 31.37 -48.94 10.59
N UNK O 20 32.68 -48.78 10.56
CA UNK O 20 33.38 -48.02 11.58
C UNK O 20 33.05 -46.54 11.43
N UNK O 21 33.41 -45.97 10.29
CA UNK O 21 33.23 -44.54 10.02
C UNK O 21 31.82 -44.04 10.31
N UNK O 22 30.82 -44.87 10.02
CA UNK O 22 29.44 -44.51 10.27
C UNK O 22 29.13 -44.50 11.76
N UNK O 23 29.59 -45.53 12.45
CA UNK O 23 29.29 -45.70 13.88
C UNK O 23 30.28 -44.97 14.78
N UNK O 24 31.56 -45.01 14.42
CA UNK O 24 32.60 -44.39 15.24
C UNK O 24 32.46 -42.87 15.27
N UNK O 25 33.00 -42.22 14.24
CA UNK O 25 32.97 -40.76 14.17
C UNK O 25 31.55 -40.26 13.92
N UNK O 26 31.29 -39.85 12.68
CA UNK O 26 30.02 -39.21 12.32
C UNK O 26 29.76 -38.05 13.28
N UNK O 27 29.24 -38.36 14.46
CA UNK O 27 28.95 -37.37 15.49
C UNK O 27 28.05 -36.28 14.92
N UNK O 28 27.27 -36.65 13.91
CA UNK O 28 26.42 -35.75 13.16
C UNK O 28 25.74 -36.58 12.09
N UNK O 29 25.40 -37.81 12.44
CA UNK O 29 24.73 -38.74 11.54
C UNK O 29 23.42 -38.15 11.02
N UNK O 30 22.86 -37.25 11.80
CA UNK O 30 21.64 -36.53 11.42
C UNK O 30 21.87 -35.67 10.17
N UNK O 31 23.10 -35.19 10.02
CA UNK O 31 23.46 -34.35 8.88
C UNK O 31 24.55 -35.00 8.04
N UNK O 32 24.17 -36.04 7.30
CA UNK O 32 25.13 -36.78 6.47
C UNK O 32 25.07 -36.34 5.03
N UNK O 33 23.98 -35.68 4.64
CA UNK O 33 23.83 -35.17 3.28
C UNK O 33 24.44 -33.78 3.16
N UNK O 34 25.29 -33.43 4.11
CA UNK O 34 25.96 -32.14 4.12
C UNK O 34 27.47 -32.32 4.08
N UNK O 35 27.92 -33.43 3.53
CA UNK O 35 29.35 -33.72 3.39
C UNK O 35 29.59 -34.54 2.13
N UNK O 36 30.84 -34.56 1.66
CA UNK O 36 31.18 -35.29 0.45
C UNK O 36 32.65 -35.70 0.44
N UNK O 37 33.00 -36.56 -0.51
CA UNK O 37 34.38 -37.00 -0.69
C UNK O 37 34.70 -37.06 -2.19
N UNK O 38 33.77 -36.56 -3.00
CA UNK O 38 33.94 -36.55 -4.45
C UNK O 38 34.33 -35.16 -4.93
N UNK O 39 35.49 -34.69 -4.51
CA UNK O 39 36.01 -33.40 -4.94
C UNK O 39 37.21 -33.60 -5.85
N UNK O 40 37.29 -32.81 -6.92
CA UNK O 40 38.38 -32.93 -7.89
C UNK O 40 39.42 -31.85 -7.67
N UNK O 41 40.65 -32.13 -8.11
CA UNK O 41 41.74 -31.17 -7.99
C UNK O 41 41.69 -30.18 -9.15
N UNK O 42 42.23 -28.99 -8.94
CA UNK O 42 42.24 -27.96 -9.97
C UNK O 42 43.11 -28.38 -11.15
N UNK O 43 44.14 -29.18 -10.86
CA UNK O 43 45.04 -29.68 -11.90
C UNK O 43 44.32 -30.61 -12.86
N UNK O 44 43.53 -31.53 -12.31
CA UNK O 44 42.80 -32.51 -13.11
C UNK O 44 41.70 -31.83 -13.92
N UNK O 45 41.05 -30.84 -13.32
CA UNK O 45 39.97 -30.11 -13.99
C UNK O 45 40.51 -29.24 -15.12
N UNK O 46 41.62 -28.55 -14.85
CA UNK O 46 42.22 -27.66 -15.85
C UNK O 46 42.80 -28.45 -17.02
N UNK O 47 43.11 -29.73 -16.78
CA UNK O 47 43.68 -30.58 -17.82
C UNK O 47 42.62 -31.05 -18.80
N UNK O 48 41.51 -31.58 -18.27
CA UNK O 48 40.41 -32.05 -19.09
C UNK O 48 39.79 -30.92 -19.90
N UNK O 49 39.88 -29.73 -19.34
CA UNK O 49 39.30 -28.53 -19.95
C UNK O 49 40.02 -28.13 -21.24
N UNK O 50 41.32 -27.87 -21.12
CA UNK O 50 42.11 -27.48 -22.28
C UNK O 50 42.13 -28.57 -23.34
N UNK O 51 41.89 -29.81 -22.90
CA UNK O 51 41.78 -30.94 -23.82
C UNK O 51 40.53 -30.79 -24.68
N UNK O 52 39.38 -30.69 -24.02
CA UNK O 52 38.10 -30.53 -24.72
C UNK O 52 38.02 -29.18 -25.42
N UNK O 53 38.91 -28.27 -25.03
CA UNK O 53 38.98 -26.95 -25.65
C UNK O 53 39.43 -27.04 -27.09
N UNK O 54 40.73 -27.18 -27.30
CA UNK O 54 41.32 -27.18 -28.63
C UNK O 54 40.80 -28.32 -29.52
N UNK O 55 40.47 -29.45 -28.90
CA UNK O 55 39.99 -30.60 -29.66
C UNK O 55 38.61 -30.33 -30.26
N SER P 2 12.75 -31.22 -21.41
CA SER P 2 13.54 -30.03 -21.70
C SER P 2 12.84 -29.16 -22.74
N HIS P 3 13.02 -27.85 -22.64
CA HIS P 3 12.39 -26.93 -23.56
C HIS P 3 13.05 -27.02 -24.94
N THR P 4 12.35 -26.48 -25.94
CA THR P 4 12.81 -26.50 -27.32
C THR P 4 13.13 -25.08 -27.77
N VAL P 5 14.31 -24.91 -28.34
CA VAL P 5 14.78 -23.61 -28.83
C VAL P 5 15.10 -23.77 -30.31
N LYS P 6 14.48 -22.92 -31.14
CA LYS P 6 14.69 -22.94 -32.58
C LYS P 6 15.25 -21.61 -33.04
N ILE P 7 16.12 -21.67 -34.05
CA ILE P 7 16.73 -20.48 -34.65
C ILE P 7 16.23 -20.39 -36.08
N TYR P 8 15.90 -19.17 -36.50
CA TYR P 8 15.32 -18.92 -37.81
C TYR P 8 16.27 -18.04 -38.63
N ASP P 9 16.22 -18.20 -39.95
CA ASP P 9 17.19 -17.55 -40.83
C ASP P 9 17.08 -16.04 -40.84
N THR P 10 16.12 -15.45 -40.12
CA THR P 10 16.08 -14.01 -39.94
C THR P 10 17.19 -13.52 -39.02
N CYS P 11 17.92 -14.44 -38.39
CA CYS P 11 19.11 -14.13 -37.60
C CYS P 11 20.03 -13.18 -38.32
N ILE P 12 20.42 -12.11 -37.63
CA ILE P 12 21.40 -11.16 -38.15
C ILE P 12 22.75 -11.33 -37.47
N GLY P 13 22.89 -12.31 -36.60
CA GLY P 13 24.17 -12.59 -35.96
C GLY P 13 24.68 -11.48 -35.07
N CYS P 14 23.78 -10.83 -34.31
CA CYS P 14 24.18 -9.75 -33.43
C CYS P 14 24.64 -10.23 -32.06
N THR P 15 24.58 -11.53 -31.80
CA THR P 15 25.11 -12.21 -30.62
C THR P 15 24.40 -11.83 -29.32
N GLN P 16 23.39 -10.97 -29.36
CA GLN P 16 22.77 -10.52 -28.12
C GLN P 16 22.04 -11.66 -27.41
N CYS P 17 21.56 -12.66 -28.15
CA CYS P 17 20.91 -13.80 -27.52
C CYS P 17 21.91 -14.65 -26.75
N VAL P 18 23.07 -14.91 -27.35
CA VAL P 18 24.05 -15.79 -26.73
C VAL P 18 24.58 -15.19 -25.43
N ARG P 19 24.89 -13.90 -25.45
CA ARG P 19 25.43 -13.24 -24.27
C ARG P 19 24.36 -12.90 -23.23
N ALA P 20 23.10 -13.26 -23.49
CA ALA P 20 22.04 -13.09 -22.52
C ALA P 20 21.57 -14.39 -21.90
N CYS P 21 21.96 -15.53 -22.46
CA CYS P 21 21.55 -16.83 -21.93
C CYS P 21 22.20 -17.05 -20.57
N PRO P 22 21.44 -17.30 -19.51
CA PRO P 22 22.04 -17.51 -18.19
C PRO P 22 22.57 -18.92 -17.97
N THR P 23 22.29 -19.87 -18.85
CA THR P 23 22.67 -21.27 -18.64
C THR P 23 23.53 -21.83 -19.78
N ASP P 24 24.07 -20.95 -20.63
CA ASP P 24 24.94 -21.36 -21.74
C ASP P 24 24.26 -22.40 -22.62
N VAL P 25 23.15 -21.99 -23.22
CA VAL P 25 22.42 -22.83 -24.15
C VAL P 25 22.72 -22.46 -25.60
N LEU P 26 22.84 -21.17 -25.88
CA LEU P 26 23.05 -20.69 -27.23
C LEU P 26 24.52 -20.39 -27.48
N GLU P 27 24.92 -20.52 -28.75
CA GLU P 27 26.27 -20.22 -29.17
C GLU P 27 26.23 -19.73 -30.61
N MET P 28 27.28 -19.02 -31.01
CA MET P 28 27.37 -18.45 -32.34
C MET P 28 28.18 -19.38 -33.23
N VAL P 29 27.63 -19.71 -34.40
CA VAL P 29 28.27 -20.66 -35.31
C VAL P 29 28.39 -19.99 -36.67
N PRO P 30 29.35 -20.42 -37.50
CA PRO P 30 29.52 -19.80 -38.82
C PRO P 30 28.29 -19.98 -39.70
N TRP P 31 28.06 -19.00 -40.55
CA TRP P 31 26.91 -18.99 -41.45
C TRP P 31 27.23 -18.09 -42.63
N ASP P 32 26.41 -18.20 -43.68
CA ASP P 32 26.57 -17.37 -44.87
C ASP P 32 25.27 -16.73 -45.31
N GLY P 33 24.30 -16.62 -44.40
CA GLY P 33 23.02 -16.02 -44.70
C GLY P 33 22.85 -14.59 -44.23
N CYS P 34 23.88 -13.97 -43.67
CA CYS P 34 23.78 -12.60 -43.19
C CYS P 34 25.14 -11.93 -43.28
N LYS P 35 25.14 -10.62 -43.05
CA LYS P 35 26.36 -9.83 -43.18
C LYS P 35 27.42 -10.29 -42.18
N ALA P 36 27.01 -10.55 -40.93
CA ALA P 36 27.96 -10.93 -39.90
C ALA P 36 28.57 -12.30 -40.14
N GLY P 37 27.98 -13.11 -41.01
CA GLY P 37 28.51 -14.44 -41.27
C GLY P 37 28.38 -15.39 -40.12
N GLN P 38 27.42 -15.14 -39.21
CA GLN P 38 27.24 -15.96 -38.02
C GLN P 38 25.75 -16.13 -37.76
N ILE P 39 25.39 -17.25 -37.15
CA ILE P 39 24.02 -17.52 -36.76
C ILE P 39 24.03 -18.19 -35.39
N ALA P 40 23.00 -17.89 -34.60
CA ALA P 40 22.86 -18.51 -33.30
C ALA P 40 22.51 -19.98 -33.44
N SER P 41 22.97 -20.78 -32.48
CA SER P 41 22.67 -22.20 -32.42
C SER P 41 22.25 -22.55 -31.00
N ALA P 42 21.52 -23.65 -30.87
CA ALA P 42 21.03 -24.13 -29.57
C ALA P 42 21.43 -25.59 -29.39
N PRO P 43 22.71 -25.84 -29.14
CA PRO P 43 23.18 -27.22 -28.98
C PRO P 43 23.07 -27.79 -27.58
N ARG P 44 22.69 -26.98 -26.59
CA ARG P 44 22.65 -27.41 -25.19
C ARG P 44 21.29 -27.07 -24.59
N THR P 45 20.22 -27.42 -25.30
CA THR P 45 18.87 -27.15 -24.81
C THR P 45 18.53 -27.93 -23.55
N GLU P 46 19.30 -28.96 -23.19
CA GLU P 46 19.07 -29.66 -21.93
C GLU P 46 19.30 -28.75 -20.74
N ASP P 47 20.08 -27.69 -20.90
CA ASP P 47 20.28 -26.69 -19.86
C ASP P 47 19.31 -25.52 -20.00
N CYS P 48 18.48 -25.49 -21.03
CA CYS P 48 17.52 -24.40 -21.20
C CYS P 48 16.56 -24.35 -20.03
N VAL P 49 16.42 -23.17 -19.45
CA VAL P 49 15.53 -23.00 -18.30
C VAL P 49 14.19 -22.38 -18.68
N GLY P 50 14.09 -21.78 -19.86
CA GLY P 50 12.86 -21.16 -20.29
C GLY P 50 12.67 -19.73 -19.85
N CYS P 51 13.72 -19.08 -19.33
CA CYS P 51 13.57 -17.71 -18.86
C CYS P 51 13.30 -16.73 -19.99
N LYS P 52 13.59 -17.12 -21.24
CA LYS P 52 13.32 -16.31 -22.43
C LYS P 52 14.08 -15.00 -22.44
N ARG P 53 15.20 -14.91 -21.71
CA ARG P 53 16.09 -13.77 -21.89
C ARG P 53 16.66 -13.73 -23.29
N CYS P 54 16.76 -14.89 -23.95
CA CYS P 54 17.35 -14.94 -25.27
C CYS P 54 16.55 -14.12 -26.28
N GLU P 55 15.23 -14.24 -26.23
CA GLU P 55 14.38 -13.54 -27.18
C GLU P 55 13.95 -12.16 -26.71
N THR P 56 14.28 -11.78 -25.47
CA THR P 56 14.15 -10.40 -25.05
C THR P 56 15.25 -9.52 -25.63
N ALA P 57 16.38 -10.12 -25.99
CA ALA P 57 17.50 -9.40 -26.59
C ALA P 57 17.53 -9.52 -28.11
N CYS P 58 16.51 -10.12 -28.71
CA CYS P 58 16.48 -10.31 -30.15
C CYS P 58 16.00 -9.04 -30.84
N PRO P 59 16.78 -8.46 -31.76
CA PRO P 59 16.35 -7.22 -32.42
C PRO P 59 15.53 -7.45 -33.68
N THR P 60 15.57 -8.66 -34.24
CA THR P 60 14.81 -8.93 -35.46
C THR P 60 13.31 -8.77 -35.19
N ASP P 61 12.54 -8.64 -36.28
CA ASP P 61 11.17 -8.13 -36.15
C ASP P 61 10.30 -9.02 -35.28
N PHE P 62 9.94 -10.21 -35.76
CA PHE P 62 9.38 -11.17 -34.82
C PHE P 62 10.38 -12.26 -34.49
N LEU P 63 11.50 -11.89 -33.87
CA LEU P 63 12.41 -12.85 -33.27
C LEU P 63 13.10 -13.75 -34.29
N SER P 64 14.32 -14.17 -33.98
CA SER P 64 14.97 -15.24 -34.71
C SER P 64 15.27 -16.43 -33.82
N VAL P 65 15.21 -16.28 -32.51
CA VAL P 65 15.28 -17.37 -31.55
C VAL P 65 13.93 -17.49 -30.87
N ARG P 66 13.38 -18.70 -30.87
CA ARG P 66 12.06 -18.96 -30.30
C ARG P 66 12.18 -20.10 -29.30
N VAL P 67 11.62 -19.88 -28.10
CA VAL P 67 11.67 -20.86 -27.03
C VAL P 67 10.28 -21.44 -26.85
N TYR P 68 10.15 -22.74 -27.05
CA TYR P 68 8.89 -23.46 -26.86
C TYR P 68 9.01 -24.29 -25.59
N LEU P 69 8.25 -23.92 -24.57
CA LEU P 69 8.29 -24.65 -23.31
C LEU P 69 7.70 -26.05 -23.50
N GLY P 70 8.38 -27.03 -22.90
CA GLY P 70 7.95 -28.41 -23.04
C GLY P 70 8.05 -29.19 -21.74
N GLY P 71 8.55 -30.42 -21.81
CA GLY P 71 8.69 -31.22 -20.62
C GLY P 71 9.66 -30.60 -19.62
N GLU P 72 9.37 -30.79 -18.35
CA GLU P 72 10.15 -30.18 -17.29
C GLU P 72 11.19 -31.15 -16.75
N THR P 73 12.31 -30.59 -16.31
CA THR P 73 13.41 -31.35 -15.72
C THR P 73 13.97 -30.53 -14.58
N THR P 74 14.69 -31.20 -13.67
CA THR P 74 15.30 -30.49 -12.54
C THR P 74 16.24 -29.40 -13.03
N ARG P 75 16.85 -29.57 -14.20
CA ARG P 75 17.64 -28.50 -14.78
C ARG P 75 16.76 -27.39 -15.35
N SER P 76 15.68 -27.77 -16.06
CA SER P 76 14.80 -26.78 -16.66
C SER P 76 13.92 -26.09 -15.64
N LEU P 77 13.65 -26.71 -14.50
CA LEU P 77 12.87 -26.09 -13.44
C LEU P 77 13.71 -25.20 -12.54
N GLY P 78 15.02 -25.13 -12.75
CA GLY P 78 15.88 -24.31 -11.92
C GLY P 78 15.89 -24.73 -10.46
N LEU P 79 15.93 -26.03 -10.21
CA LEU P 79 15.88 -26.56 -8.85
C LEU P 79 17.29 -26.75 -8.33
N ALA P 80 17.66 -25.96 -7.33
CA ALA P 80 18.92 -26.17 -6.63
C ALA P 80 18.84 -27.32 -5.62
N TYR P 81 17.64 -27.85 -5.40
CA TYR P 81 17.44 -28.97 -4.48
C TYR P 81 16.92 -30.19 -5.21
#